data_4YWE
#
_entry.id   4YWE
#
_cell.length_a   85.320
_cell.length_b   93.070
_cell.length_c   139.430
_cell.angle_alpha   89.120
_cell.angle_beta   78.550
_cell.angle_gamma   89.850
#
_symmetry.space_group_name_H-M   'P 1'
#
loop_
_entity.id
_entity.type
_entity.pdbx_description
1 polymer 'Putative aldehyde dehydrogenase'
2 non-polymer 1,2-ETHANEDIOL
3 non-polymer 'MAGNESIUM ION'
4 non-polymer 'CALCIUM ION'
5 water water
#
_entity_poly.entity_id   1
_entity_poly.type   'polypeptide(L)'
_entity_poly.pdbx_seq_one_letter_code
;MAHHHHHHMEEAKHFIAGEWTLPAQLETIPVVDPSDGQPFATIARGTAPDIERAVAAARDAFAGPWGAASAAERGRVLMR
LSARVTDSIEELAAIEARDTGKPLKQARADAAALARYFEFYAGAADKLHGETLPYQAGYTVLTVREPHGVTGHIVPWNYP
MQIFGRSVGAALAAGNACVVKPAEDACLSVLRVAELAAEAGLPAGALNIVTGYGHEAGAALARHPGIDHISFTGSPATGK
LVTQMAAENHVPVTLELGGKSPQIVFADADLDAALPVLVSAIVQNGGQTCSAGSRVLIERAVYEPLVERLATAFNGLRVG
PSRADLDCGPLINAKQQQRVWDFLSDAQHDGIPMAAHGQVVADAPESGFYQAPALLRDVPPSHRLAQEEVFGPVLAAMRF
VDEDEAVALANGTPYGLVAGIWTRDGARQMRLARRLRAGQVFINNYGAGGGVELPFGGVGHSGHGREKGFEALYGFTALK
TIAIRHG
;
_entity_poly.pdbx_strand_id   A,B,C,D,E,F,G,H
#
loop_
_chem_comp.id
_chem_comp.type
_chem_comp.name
_chem_comp.formula
CA non-polymer 'CALCIUM ION' 'Ca 2'
EDO non-polymer 1,2-ETHANEDIOL 'C2 H6 O2'
MG non-polymer 'MAGNESIUM ION' 'Mg 2'
#
# COMPACT_ATOMS: atom_id res chain seq x y z
N ALA A 12 62.62 -38.60 -12.88
CA ALA A 12 61.85 -39.58 -12.13
C ALA A 12 62.35 -39.69 -10.69
N LYS A 13 62.42 -38.55 -10.00
CA LYS A 13 62.90 -38.52 -8.63
C LYS A 13 61.98 -37.68 -7.75
N HIS A 14 62.06 -37.89 -6.44
CA HIS A 14 61.35 -37.07 -5.47
C HIS A 14 62.15 -35.79 -5.22
N PHE A 15 61.52 -34.81 -4.58
CA PHE A 15 62.22 -33.60 -4.17
C PHE A 15 62.21 -33.49 -2.66
N ILE A 16 63.23 -34.05 -2.02
CA ILE A 16 63.31 -34.09 -0.57
C ILE A 16 64.54 -33.35 -0.07
N ALA A 17 64.33 -32.48 0.93
CA ALA A 17 65.41 -31.71 1.55
C ALA A 17 66.19 -30.88 0.54
N GLY A 18 65.48 -30.33 -0.44
CA GLY A 18 66.08 -29.44 -1.42
C GLY A 18 66.91 -30.13 -2.49
N GLU A 19 66.80 -31.45 -2.56
CA GLU A 19 67.54 -32.21 -3.55
C GLU A 19 66.66 -33.26 -4.22
N TRP A 20 67.01 -33.62 -5.46
CA TRP A 20 66.27 -34.64 -6.18
C TRP A 20 66.74 -36.02 -5.76
N THR A 21 65.82 -36.80 -5.19
CA THR A 21 66.16 -38.08 -4.58
C THR A 21 65.45 -39.25 -5.25
N LEU A 22 66.20 -40.31 -5.53
CA LEU A 22 65.63 -41.54 -6.06
C LEU A 22 64.67 -42.16 -5.03
N PRO A 23 63.61 -42.81 -5.53
CA PRO A 23 62.69 -43.52 -4.62
C PRO A 23 63.42 -44.63 -3.87
N ALA A 24 62.99 -44.92 -2.64
CA ALA A 24 63.67 -45.90 -1.80
C ALA A 24 63.67 -47.29 -2.42
N GLN A 25 62.64 -47.59 -3.20
CA GLN A 25 62.49 -48.91 -3.80
C GLN A 25 62.79 -48.91 -5.30
N LEU A 26 63.20 -47.75 -5.80
CA LEU A 26 63.72 -47.61 -7.16
C LEU A 26 62.77 -48.07 -8.26
N GLU A 27 61.49 -47.74 -8.13
CA GLU A 27 60.52 -48.06 -9.17
C GLU A 27 59.87 -46.78 -9.71
N THR A 28 59.30 -46.87 -10.91
CA THR A 28 58.78 -45.69 -11.59
C THR A 28 57.31 -45.84 -12.02
N ILE A 29 56.70 -44.70 -12.35
CA ILE A 29 55.34 -44.66 -12.87
C ILE A 29 55.33 -43.91 -14.18
N PRO A 30 54.72 -44.48 -15.23
CA PRO A 30 54.67 -43.84 -16.55
C PRO A 30 53.85 -42.54 -16.57
N VAL A 31 54.36 -41.53 -17.25
CA VAL A 31 53.63 -40.28 -17.45
C VAL A 31 53.04 -40.27 -18.85
N VAL A 32 51.73 -40.10 -18.94
CA VAL A 32 51.03 -40.27 -20.22
C VAL A 32 50.41 -38.96 -20.72
N ASP A 33 50.67 -38.64 -21.99
CA ASP A 33 50.02 -37.52 -22.65
C ASP A 33 48.65 -37.97 -23.13
N PRO A 34 47.58 -37.45 -22.50
CA PRO A 34 46.21 -37.88 -22.81
C PRO A 34 45.74 -37.44 -24.20
N SER A 35 46.50 -36.60 -24.87
CA SER A 35 46.15 -36.15 -26.21
C SER A 35 46.37 -37.28 -27.22
N ASP A 36 47.34 -38.13 -26.96
CA ASP A 36 47.62 -39.27 -27.84
C ASP A 36 47.64 -40.59 -27.05
N GLY A 37 47.56 -40.48 -25.73
CA GLY A 37 47.53 -41.64 -24.86
C GLY A 37 48.86 -42.38 -24.78
N GLN A 38 49.94 -41.67 -25.08
CA GLN A 38 51.27 -42.28 -25.12
C GLN A 38 52.17 -41.78 -23.99
N PRO A 39 52.95 -42.69 -23.40
CA PRO A 39 53.94 -42.35 -22.37
C PRO A 39 55.08 -41.51 -22.93
N PHE A 40 55.46 -40.45 -22.21
CA PHE A 40 56.55 -39.59 -22.66
C PHE A 40 57.52 -39.27 -21.53
N ALA A 41 57.18 -39.70 -20.32
CA ALA A 41 58.02 -39.45 -19.15
C ALA A 41 57.72 -40.44 -18.04
N THR A 42 58.51 -40.37 -16.97
CA THR A 42 58.30 -41.23 -15.80
C THR A 42 58.45 -40.44 -14.51
N ILE A 43 57.72 -40.85 -13.49
CA ILE A 43 57.86 -40.27 -12.16
C ILE A 43 58.25 -41.36 -11.16
N ALA A 44 58.84 -40.95 -10.04
CA ALA A 44 59.22 -41.87 -8.99
C ALA A 44 57.99 -42.47 -8.33
N ARG A 45 57.98 -43.79 -8.18
CA ARG A 45 56.90 -44.48 -7.50
C ARG A 45 57.13 -44.42 -5.99
N GLY A 46 56.65 -43.35 -5.37
CA GLY A 46 56.88 -43.11 -3.96
C GLY A 46 56.21 -44.08 -3.02
N THR A 47 56.93 -44.49 -1.98
CA THR A 47 56.41 -45.38 -0.97
C THR A 47 56.59 -44.78 0.42
N ALA A 48 56.24 -45.56 1.44
CA ALA A 48 56.32 -45.11 2.83
C ALA A 48 57.69 -44.57 3.26
N PRO A 49 58.79 -45.24 2.87
CA PRO A 49 60.09 -44.66 3.27
C PRO A 49 60.34 -43.27 2.69
N ASP A 50 59.86 -43.03 1.47
CA ASP A 50 60.01 -41.73 0.83
C ASP A 50 59.24 -40.65 1.58
N ILE A 51 58.04 -41.01 2.04
CA ILE A 51 57.23 -40.09 2.83
C ILE A 51 57.92 -39.79 4.15
N GLU A 52 58.53 -40.81 4.75
CA GLU A 52 59.24 -40.66 6.01
C GLU A 52 60.35 -39.62 5.90
N ARG A 53 61.11 -39.68 4.81
CA ARG A 53 62.20 -38.74 4.58
C ARG A 53 61.67 -37.33 4.32
N ALA A 54 60.54 -37.24 3.63
CA ALA A 54 59.93 -35.96 3.31
C ALA A 54 59.45 -35.25 4.58
N VAL A 55 58.84 -36.00 5.48
CA VAL A 55 58.35 -35.44 6.73
C VAL A 55 59.52 -35.07 7.62
N ALA A 56 60.55 -35.91 7.62
CA ALA A 56 61.77 -35.64 8.37
C ALA A 56 62.39 -34.31 7.94
N ALA A 57 62.49 -34.12 6.63
CA ALA A 57 63.06 -32.89 6.08
C ALA A 57 62.21 -31.69 6.44
N ALA A 58 60.90 -31.83 6.34
CA ALA A 58 59.97 -30.76 6.66
C ALA A 58 60.08 -30.35 8.13
N ARG A 59 60.17 -31.34 9.01
CA ARG A 59 60.27 -31.07 10.44
C ARG A 59 61.54 -30.31 10.79
N ASP A 60 62.66 -30.73 10.21
CA ASP A 60 63.94 -30.07 10.44
C ASP A 60 63.89 -28.63 9.92
N ALA A 61 63.31 -28.46 8.73
CA ALA A 61 63.19 -27.13 8.14
C ALA A 61 62.31 -26.22 8.98
N PHE A 62 61.21 -26.77 9.48
CA PHE A 62 60.30 -26.00 10.32
C PHE A 62 60.96 -25.63 11.64
N ALA A 63 61.73 -26.55 12.20
CA ALA A 63 62.39 -26.32 13.47
C ALA A 63 63.65 -25.47 13.29
N GLY A 64 64.08 -25.32 12.04
CA GLY A 64 65.30 -24.61 11.74
C GLY A 64 65.13 -23.31 10.95
N PRO A 65 65.83 -23.22 9.80
CA PRO A 65 65.90 -22.02 8.95
C PRO A 65 64.54 -21.44 8.56
N TRP A 66 63.62 -22.28 8.08
CA TRP A 66 62.33 -21.79 7.61
C TRP A 66 61.47 -21.28 8.76
N GLY A 67 61.52 -21.99 9.89
CA GLY A 67 60.78 -21.57 11.07
C GLY A 67 61.37 -20.37 11.77
N ALA A 68 62.68 -20.16 11.57
CA ALA A 68 63.37 -19.02 12.16
C ALA A 68 63.04 -17.75 11.38
N ALA A 69 62.57 -17.92 10.14
CA ALA A 69 62.23 -16.79 9.28
C ALA A 69 61.01 -16.04 9.79
N SER A 70 61.07 -14.71 9.72
CA SER A 70 59.93 -13.89 10.09
C SER A 70 58.86 -13.96 9.01
N ALA A 71 57.68 -13.46 9.33
CA ALA A 71 56.57 -13.46 8.37
C ALA A 71 56.92 -12.67 7.12
N ALA A 72 57.46 -11.46 7.32
CA ALA A 72 57.84 -10.59 6.21
C ALA A 72 58.90 -11.26 5.33
N GLU A 73 59.81 -11.99 5.96
CA GLU A 73 60.85 -12.72 5.22
C GLU A 73 60.25 -13.83 4.38
N ARG A 74 59.24 -14.51 4.93
CA ARG A 74 58.54 -15.56 4.19
C ARG A 74 57.80 -14.96 3.00
N GLY A 75 57.23 -13.78 3.20
CA GLY A 75 56.51 -13.08 2.16
C GLY A 75 57.36 -12.76 0.94
N ARG A 76 58.56 -12.25 1.18
CA ARG A 76 59.47 -11.90 0.10
C ARG A 76 59.86 -13.13 -0.71
N VAL A 77 60.00 -14.26 -0.04
CA VAL A 77 60.32 -15.52 -0.70
C VAL A 77 59.20 -15.90 -1.66
N LEU A 78 57.96 -15.79 -1.19
CA LEU A 78 56.81 -16.09 -2.02
C LEU A 78 56.65 -15.09 -3.16
N MET A 79 57.03 -13.84 -2.91
CA MET A 79 56.96 -12.81 -3.93
C MET A 79 57.98 -13.08 -5.04
N ARG A 80 59.18 -13.45 -4.66
CA ARG A 80 60.22 -13.81 -5.63
C ARG A 80 59.76 -15.03 -6.44
N LEU A 81 59.16 -16.00 -5.76
CA LEU A 81 58.63 -17.18 -6.41
C LEU A 81 57.53 -16.80 -7.38
N SER A 82 56.69 -15.85 -6.97
CA SER A 82 55.62 -15.33 -7.82
C SER A 82 56.17 -14.79 -9.13
N ALA A 83 57.27 -14.04 -9.05
CA ALA A 83 57.90 -13.47 -10.24
C ALA A 83 58.53 -14.55 -11.11
N ARG A 84 59.12 -15.56 -10.48
CA ARG A 84 59.74 -16.66 -11.21
C ARG A 84 58.69 -17.43 -11.99
N VAL A 85 57.55 -17.68 -11.37
CA VAL A 85 56.44 -18.38 -12.02
C VAL A 85 55.92 -17.57 -13.21
N THR A 86 55.76 -16.27 -13.01
CA THR A 86 55.29 -15.37 -14.05
C THR A 86 56.22 -15.41 -15.26
N ASP A 87 57.52 -15.42 -15.00
CA ASP A 87 58.51 -15.52 -16.06
C ASP A 87 58.50 -16.89 -16.72
N SER A 88 58.05 -17.90 -15.99
CA SER A 88 58.08 -19.27 -16.49
C SER A 88 56.69 -19.76 -16.91
N ILE A 89 55.80 -18.83 -17.25
CA ILE A 89 54.43 -19.17 -17.62
C ILE A 89 54.38 -20.07 -18.85
N GLU A 90 55.10 -19.68 -19.91
CA GLU A 90 55.11 -20.45 -21.14
C GLU A 90 55.64 -21.87 -20.93
N GLU A 91 56.71 -21.97 -20.14
CA GLU A 91 57.32 -23.25 -19.82
C GLU A 91 56.40 -24.14 -19.01
N LEU A 92 55.79 -23.56 -17.98
CA LEU A 92 54.89 -24.32 -17.11
C LEU A 92 53.60 -24.70 -17.82
N ALA A 93 53.13 -23.82 -18.71
CA ALA A 93 51.91 -24.09 -19.46
C ALA A 93 52.10 -25.25 -20.42
N ALA A 94 53.27 -25.33 -21.03
CA ALA A 94 53.57 -26.42 -21.96
C ALA A 94 53.61 -27.76 -21.24
N ILE A 95 54.17 -27.77 -20.04
CA ILE A 95 54.27 -28.99 -19.24
C ILE A 95 52.89 -29.41 -18.74
N GLU A 96 52.16 -28.44 -18.20
CA GLU A 96 50.84 -28.69 -17.64
C GLU A 96 49.86 -29.21 -18.69
N ALA A 97 49.84 -28.55 -19.85
CA ALA A 97 48.93 -28.92 -20.93
C ALA A 97 49.24 -30.31 -21.48
N ARG A 98 50.53 -30.65 -21.54
CA ARG A 98 50.96 -31.94 -22.05
C ARG A 98 50.61 -33.07 -21.10
N ASP A 99 50.56 -32.75 -19.81
CA ASP A 99 50.39 -33.74 -18.76
C ASP A 99 48.92 -33.92 -18.38
N THR A 100 48.17 -32.83 -18.39
CA THR A 100 46.76 -32.86 -17.99
C THR A 100 45.84 -32.98 -19.19
N GLY A 101 46.27 -32.44 -20.33
CA GLY A 101 45.49 -32.52 -21.56
C GLY A 101 44.72 -31.28 -21.91
N LYS A 102 44.69 -30.31 -21.00
CA LYS A 102 43.94 -29.07 -21.22
C LYS A 102 44.56 -28.23 -22.32
N PRO A 103 43.74 -27.43 -23.03
CA PRO A 103 44.22 -26.52 -24.06
C PRO A 103 45.25 -25.53 -23.54
N LEU A 104 46.11 -25.04 -24.44
CA LEU A 104 47.20 -24.15 -24.07
C LEU A 104 46.71 -22.87 -23.40
N LYS A 105 45.56 -22.38 -23.85
CA LYS A 105 44.98 -21.15 -23.31
C LYS A 105 44.63 -21.33 -21.83
N GLN A 106 44.11 -22.49 -21.49
CA GLN A 106 43.74 -22.81 -20.11
C GLN A 106 44.97 -23.10 -19.26
N ALA A 107 45.94 -23.81 -19.86
CA ALA A 107 47.17 -24.14 -19.18
C ALA A 107 47.98 -22.89 -18.83
N ARG A 108 47.87 -21.87 -19.69
CA ARG A 108 48.53 -20.60 -19.44
C ARG A 108 47.84 -19.84 -18.32
N ALA A 109 46.52 -19.92 -18.28
CA ALA A 109 45.73 -19.26 -17.25
C ALA A 109 46.02 -19.86 -15.88
N ASP A 110 46.23 -21.17 -15.85
CA ASP A 110 46.56 -21.87 -14.61
C ASP A 110 47.87 -21.38 -14.02
N ALA A 111 48.87 -21.20 -14.89
CA ALA A 111 50.18 -20.73 -14.47
C ALA A 111 50.10 -19.29 -13.95
N ALA A 112 49.27 -18.48 -14.61
CA ALA A 112 49.07 -17.10 -14.19
C ALA A 112 48.38 -17.06 -12.84
N ALA A 113 47.44 -17.98 -12.62
CA ALA A 113 46.75 -18.11 -11.35
C ALA A 113 47.72 -18.54 -10.26
N LEU A 114 48.62 -19.46 -10.62
CA LEU A 114 49.65 -19.94 -9.70
C LEU A 114 50.51 -18.79 -9.21
N ALA A 115 50.89 -17.90 -10.12
CA ALA A 115 51.68 -16.74 -9.78
C ALA A 115 50.88 -15.76 -8.92
N ARG A 116 49.58 -15.70 -9.16
CA ARG A 116 48.71 -14.80 -8.42
C ARG A 116 48.53 -15.28 -6.98
N TYR A 117 48.44 -16.59 -6.81
CA TYR A 117 48.37 -17.18 -5.47
C TYR A 117 49.57 -16.79 -4.63
N PHE A 118 50.77 -16.96 -5.20
CA PHE A 118 52.00 -16.65 -4.49
C PHE A 118 52.15 -15.14 -4.25
N GLU A 119 51.71 -14.34 -5.21
CA GLU A 119 51.74 -12.89 -5.07
C GLU A 119 50.82 -12.42 -3.94
N PHE A 120 49.61 -12.96 -3.92
CA PHE A 120 48.61 -12.59 -2.91
C PHE A 120 49.07 -12.95 -1.51
N TYR A 121 49.50 -14.19 -1.34
CA TYR A 121 49.88 -14.69 -0.01
C TYR A 121 51.20 -14.07 0.46
N ALA A 122 52.02 -13.61 -0.47
CA ALA A 122 53.26 -12.94 -0.13
C ALA A 122 52.98 -11.69 0.68
N GLY A 123 51.91 -10.98 0.31
CA GLY A 123 51.53 -9.77 1.00
C GLY A 123 50.70 -10.02 2.26
N ALA A 124 50.23 -11.25 2.41
CA ALA A 124 49.36 -11.60 3.53
C ALA A 124 50.14 -12.13 4.73
N ALA A 125 51.36 -12.61 4.48
CA ALA A 125 52.16 -13.27 5.49
C ALA A 125 52.34 -12.45 6.77
N ASP A 126 52.77 -11.19 6.65
CA ASP A 126 53.03 -10.39 7.84
C ASP A 126 51.82 -9.54 8.25
N LYS A 127 50.64 -9.94 7.78
CA LYS A 127 49.41 -9.24 8.13
C LYS A 127 48.37 -10.21 8.67
N LEU A 128 48.83 -11.42 8.99
CA LEU A 128 48.00 -12.40 9.67
C LEU A 128 48.02 -12.10 11.16
N HIS A 129 46.98 -11.40 11.63
CA HIS A 129 46.96 -10.87 12.98
C HIS A 129 46.23 -11.77 13.97
N GLY A 130 46.75 -11.83 15.20
CA GLY A 130 46.02 -12.42 16.30
C GLY A 130 45.26 -11.31 17.02
N GLU A 131 44.86 -11.56 18.26
CA GLU A 131 44.07 -10.57 19.00
C GLU A 131 44.55 -10.37 20.43
N THR A 132 44.14 -9.25 21.01
CA THR A 132 44.20 -9.08 22.45
C THR A 132 42.77 -8.98 22.95
N LEU A 133 42.46 -9.72 24.02
CA LEU A 133 41.09 -9.87 24.46
C LEU A 133 40.85 -9.20 25.81
N PRO A 134 39.71 -8.49 25.93
CA PRO A 134 39.32 -7.90 27.22
C PRO A 134 39.15 -8.98 28.28
N TYR A 135 39.77 -8.78 29.44
CA TYR A 135 39.74 -9.77 30.50
C TYR A 135 39.81 -9.08 31.86
N GLN A 136 40.02 -9.88 32.90
CA GLN A 136 40.02 -9.35 34.27
C GLN A 136 41.08 -8.28 34.49
N ALA A 137 40.91 -7.52 35.57
CA ALA A 137 41.87 -6.49 35.94
C ALA A 137 43.19 -7.13 36.36
N GLY A 138 44.29 -6.48 36.01
CA GLY A 138 45.61 -7.01 36.30
C GLY A 138 46.01 -8.11 35.34
N TYR A 139 45.22 -8.28 34.29
CA TYR A 139 45.50 -9.30 33.27
C TYR A 139 45.69 -8.71 31.90
N THR A 140 46.55 -9.34 31.10
CA THR A 140 46.67 -9.02 29.69
C THR A 140 46.61 -10.31 28.88
N VAL A 141 45.62 -10.39 28.00
CA VAL A 141 45.40 -11.59 27.21
C VAL A 141 45.68 -11.31 25.74
N LEU A 142 46.58 -12.09 25.15
CA LEU A 142 46.87 -11.98 23.73
C LEU A 142 46.76 -13.34 23.05
N THR A 143 46.46 -13.33 21.76
CA THR A 143 46.38 -14.54 20.98
C THR A 143 47.33 -14.47 19.80
N VAL A 144 47.95 -15.60 19.47
CA VAL A 144 48.87 -15.67 18.35
C VAL A 144 48.47 -16.83 17.44
N ARG A 145 48.51 -16.58 16.14
CA ARG A 145 48.16 -17.61 15.17
C ARG A 145 49.41 -18.27 14.62
N GLU A 146 49.73 -19.44 15.16
CA GLU A 146 50.95 -20.15 14.83
C GLU A 146 50.71 -21.23 13.80
N PRO A 147 51.72 -21.49 12.94
CA PRO A 147 51.61 -22.58 11.97
C PRO A 147 51.40 -23.92 12.66
N HIS A 148 50.76 -24.87 11.97
CA HIS A 148 50.59 -26.21 12.51
C HIS A 148 51.95 -26.87 12.70
N GLY A 149 52.86 -26.60 11.78
CA GLY A 149 54.17 -27.22 11.77
C GLY A 149 54.47 -27.81 10.41
N VAL A 150 54.21 -29.10 10.27
CA VAL A 150 54.35 -29.76 8.98
C VAL A 150 52.97 -30.03 8.40
N THR A 151 52.72 -29.51 7.20
CA THR A 151 51.43 -29.70 6.54
C THR A 151 51.53 -30.67 5.38
N GLY A 152 50.59 -31.60 5.29
CA GLY A 152 50.52 -32.54 4.20
C GLY A 152 49.55 -32.06 3.13
N HIS A 153 49.92 -32.26 1.87
CA HIS A 153 49.12 -31.75 0.76
C HIS A 153 48.85 -32.82 -0.28
N ILE A 154 47.57 -33.15 -0.46
CA ILE A 154 47.16 -34.08 -1.50
C ILE A 154 46.61 -33.28 -2.68
N VAL A 155 47.33 -33.29 -3.78
CA VAL A 155 46.98 -32.48 -4.95
C VAL A 155 46.52 -33.38 -6.10
N PRO A 156 45.36 -33.08 -6.68
CA PRO A 156 44.81 -33.87 -7.78
C PRO A 156 45.38 -33.50 -9.14
N TRP A 157 44.87 -34.16 -10.19
CA TRP A 157 45.44 -34.06 -11.53
C TRP A 157 44.76 -33.00 -12.41
N ASN A 158 43.60 -32.52 -12.00
CA ASN A 158 42.81 -31.63 -12.85
C ASN A 158 43.33 -30.20 -12.87
N TYR A 159 43.82 -29.73 -11.73
CA TYR A 159 44.49 -28.42 -11.66
C TYR A 159 45.73 -28.50 -10.77
N PRO A 160 46.79 -29.17 -11.26
CA PRO A 160 48.02 -29.36 -10.47
C PRO A 160 48.60 -28.05 -9.94
N MET A 161 48.84 -27.08 -10.82
CA MET A 161 49.44 -25.81 -10.41
C MET A 161 48.52 -24.95 -9.55
N GLN A 162 47.26 -24.83 -9.97
CA GLN A 162 46.32 -23.94 -9.27
C GLN A 162 46.07 -24.40 -7.84
N ILE A 163 45.86 -25.69 -7.66
CA ILE A 163 45.56 -26.25 -6.35
C ILE A 163 46.82 -26.29 -5.48
N PHE A 164 47.96 -26.54 -6.12
CA PHE A 164 49.25 -26.43 -5.44
C PHE A 164 49.42 -25.02 -4.90
N GLY A 165 49.09 -24.04 -5.73
CA GLY A 165 49.23 -22.64 -5.38
C GLY A 165 48.38 -22.18 -4.21
N ARG A 166 47.13 -22.65 -4.16
CA ARG A 166 46.23 -22.25 -3.10
C ARG A 166 46.57 -22.97 -1.79
N SER A 167 47.02 -24.22 -1.91
CA SER A 167 47.27 -25.04 -0.72
C SER A 167 48.66 -24.78 -0.14
N VAL A 168 49.68 -24.98 -0.95
CA VAL A 168 51.06 -24.81 -0.50
C VAL A 168 51.38 -23.34 -0.29
N GLY A 169 50.82 -22.48 -1.15
CA GLY A 169 51.03 -21.05 -1.03
C GLY A 169 50.54 -20.46 0.28
N ALA A 170 49.38 -20.93 0.73
CA ALA A 170 48.82 -20.48 2.00
C ALA A 170 49.56 -21.09 3.18
N ALA A 171 49.92 -22.37 3.05
CA ALA A 171 50.63 -23.09 4.09
C ALA A 171 52.00 -22.47 4.35
N LEU A 172 52.71 -22.14 3.27
CA LEU A 172 54.02 -21.51 3.38
C LEU A 172 53.91 -20.13 4.00
N ALA A 173 52.92 -19.36 3.56
CA ALA A 173 52.72 -18.01 4.06
C ALA A 173 52.41 -18.04 5.56
N ALA A 174 51.73 -19.09 5.98
CA ALA A 174 51.37 -19.26 7.39
C ALA A 174 52.58 -19.68 8.23
N GLY A 175 53.63 -20.14 7.58
CA GLY A 175 54.86 -20.50 8.25
C GLY A 175 55.08 -22.00 8.42
N ASN A 176 54.30 -22.79 7.70
CA ASN A 176 54.41 -24.24 7.77
C ASN A 176 55.46 -24.76 6.79
N ALA A 177 55.98 -25.95 7.08
CA ALA A 177 56.81 -26.68 6.12
C ALA A 177 55.92 -27.73 5.44
N CYS A 178 56.13 -27.95 4.15
CA CYS A 178 55.15 -28.68 3.35
C CYS A 178 55.65 -30.02 2.83
N VAL A 179 54.77 -31.02 2.88
CA VAL A 179 55.00 -32.31 2.26
C VAL A 179 53.87 -32.54 1.25
N VAL A 180 54.23 -32.70 -0.02
CA VAL A 180 53.24 -32.75 -1.09
C VAL A 180 53.23 -34.10 -1.79
N LYS A 181 52.04 -34.68 -1.90
CA LYS A 181 51.82 -35.89 -2.69
C LYS A 181 50.89 -35.57 -3.85
N PRO A 182 51.47 -35.13 -4.99
CA PRO A 182 50.67 -34.77 -6.16
C PRO A 182 50.12 -36.00 -6.88
N ALA A 183 49.22 -35.78 -7.83
CA ALA A 183 48.51 -36.87 -8.50
C ALA A 183 49.39 -37.61 -9.49
N GLU A 184 49.24 -38.93 -9.54
CA GLU A 184 50.03 -39.78 -10.43
C GLU A 184 49.66 -39.59 -11.90
N ASP A 185 48.47 -39.04 -12.14
CA ASP A 185 47.99 -38.84 -13.51
C ASP A 185 48.51 -37.53 -14.10
N ALA A 186 48.90 -36.60 -13.24
CA ALA A 186 49.48 -35.32 -13.67
C ALA A 186 50.15 -34.60 -12.51
N CYS A 187 51.47 -34.45 -12.56
CA CYS A 187 52.20 -33.80 -11.50
C CYS A 187 53.54 -33.21 -11.94
N LEU A 188 53.82 -33.24 -13.24
CA LEU A 188 55.10 -32.78 -13.75
C LEU A 188 55.29 -31.28 -13.57
N SER A 189 54.20 -30.53 -13.63
CA SER A 189 54.27 -29.08 -13.47
C SER A 189 54.71 -28.72 -12.05
N VAL A 190 54.17 -29.44 -11.06
CA VAL A 190 54.46 -29.19 -9.65
C VAL A 190 55.94 -29.38 -9.35
N LEU A 191 56.55 -30.38 -9.96
CA LEU A 191 57.97 -30.65 -9.78
C LEU A 191 58.83 -29.48 -10.25
N ARG A 192 58.43 -28.84 -11.34
CA ARG A 192 59.15 -27.71 -11.89
C ARG A 192 58.98 -26.47 -11.00
N VAL A 193 57.81 -26.37 -10.38
CA VAL A 193 57.52 -25.25 -9.48
C VAL A 193 58.42 -25.31 -8.26
N ALA A 194 58.70 -26.53 -7.80
CA ALA A 194 59.57 -26.74 -6.64
C ALA A 194 60.97 -26.19 -6.91
N GLU A 195 61.44 -26.34 -8.15
CA GLU A 195 62.74 -25.81 -8.53
C GLU A 195 62.74 -24.29 -8.47
N LEU A 196 61.65 -23.68 -8.94
CA LEU A 196 61.49 -22.24 -8.90
C LEU A 196 61.51 -21.73 -7.47
N ALA A 197 60.91 -22.51 -6.56
CA ALA A 197 60.88 -22.16 -5.15
C ALA A 197 62.30 -22.15 -4.58
N ALA A 198 63.09 -23.15 -4.96
CA ALA A 198 64.49 -23.22 -4.53
C ALA A 198 65.27 -22.02 -5.07
N GLU A 199 65.01 -21.67 -6.32
CA GLU A 199 65.63 -20.49 -6.93
C GLU A 199 65.20 -19.22 -6.21
N ALA A 200 63.93 -19.18 -5.80
CA ALA A 200 63.37 -18.00 -5.13
C ALA A 200 63.97 -17.77 -3.76
N GLY A 201 64.58 -18.80 -3.19
CA GLY A 201 65.24 -18.67 -1.90
C GLY A 201 64.58 -19.45 -0.78
N LEU A 202 63.63 -20.31 -1.13
CA LEU A 202 62.97 -21.15 -0.15
C LEU A 202 63.96 -22.18 0.37
N PRO A 203 64.19 -22.20 1.69
CA PRO A 203 65.15 -23.11 2.32
C PRO A 203 64.84 -24.58 2.04
N ALA A 204 65.87 -25.41 1.99
CA ALA A 204 65.70 -26.84 1.74
C ALA A 204 64.88 -27.49 2.84
N GLY A 205 63.89 -28.28 2.45
CA GLY A 205 63.04 -28.98 3.40
C GLY A 205 61.70 -28.30 3.62
N ALA A 206 61.62 -27.01 3.31
CA ALA A 206 60.39 -26.25 3.49
C ALA A 206 59.31 -26.75 2.54
N LEU A 207 59.73 -27.19 1.35
CA LEU A 207 58.83 -27.78 0.38
C LEU A 207 59.38 -29.14 -0.06
N ASN A 208 58.55 -30.18 0.09
CA ASN A 208 58.95 -31.53 -0.29
C ASN A 208 57.89 -32.16 -1.18
N ILE A 209 58.34 -32.77 -2.28
CA ILE A 209 57.42 -33.39 -3.22
C ILE A 209 57.70 -34.89 -3.31
N VAL A 210 56.66 -35.69 -3.07
CA VAL A 210 56.77 -37.14 -3.22
C VAL A 210 55.72 -37.64 -4.19
N THR A 211 56.14 -37.98 -5.40
CA THR A 211 55.24 -38.52 -6.40
C THR A 211 54.91 -39.97 -6.07
N GLY A 212 53.84 -40.49 -6.66
CA GLY A 212 53.44 -41.87 -6.43
C GLY A 212 51.94 -42.10 -6.44
N TYR A 213 51.54 -43.35 -6.25
CA TYR A 213 50.12 -43.69 -6.24
C TYR A 213 49.46 -43.23 -4.97
N GLY A 214 48.17 -42.93 -5.05
CA GLY A 214 47.40 -42.51 -3.89
C GLY A 214 47.33 -43.58 -2.83
N HIS A 215 47.16 -44.82 -3.26
CA HIS A 215 47.02 -45.95 -2.33
C HIS A 215 48.37 -46.37 -1.76
N GLU A 216 49.44 -45.75 -2.23
CA GLU A 216 50.77 -46.02 -1.69
C GLU A 216 51.36 -44.79 -1.01
N ALA A 217 51.84 -43.85 -1.81
CA ALA A 217 52.45 -42.64 -1.28
C ALA A 217 51.42 -41.75 -0.58
N GLY A 218 50.26 -41.59 -1.20
CA GLY A 218 49.20 -40.77 -0.65
C GLY A 218 48.70 -41.28 0.69
N ALA A 219 48.55 -42.59 0.80
CA ALA A 219 48.11 -43.23 2.04
C ALA A 219 49.17 -43.07 3.12
N ALA A 220 50.44 -43.22 2.75
CA ALA A 220 51.54 -43.12 3.68
C ALA A 220 51.60 -41.72 4.32
N LEU A 221 51.23 -40.72 3.54
CA LEU A 221 51.17 -39.35 4.04
C LEU A 221 50.07 -39.22 5.08
N ALA A 222 48.88 -39.71 4.73
CA ALA A 222 47.71 -39.59 5.60
C ALA A 222 47.87 -40.36 6.91
N ARG A 223 48.69 -41.41 6.88
CA ARG A 223 48.92 -42.23 8.07
C ARG A 223 50.03 -41.68 8.95
N HIS A 224 50.89 -40.83 8.39
CA HIS A 224 52.10 -40.41 9.07
C HIS A 224 51.81 -39.52 10.28
N PRO A 225 52.33 -39.91 11.45
CA PRO A 225 52.13 -39.20 12.72
C PRO A 225 52.94 -37.91 12.84
N GLY A 226 53.86 -37.70 11.91
CA GLY A 226 54.72 -36.53 11.94
C GLY A 226 54.15 -35.31 11.21
N ILE A 227 52.96 -35.45 10.67
CA ILE A 227 52.27 -34.36 10.00
C ILE A 227 51.23 -33.78 10.94
N ASP A 228 51.02 -32.47 10.89
CA ASP A 228 50.15 -31.80 11.86
C ASP A 228 48.83 -31.35 11.26
N HIS A 229 48.77 -31.28 9.93
CA HIS A 229 47.54 -30.86 9.23
C HIS A 229 47.59 -31.32 7.78
N ILE A 230 46.44 -31.72 7.27
CA ILE A 230 46.37 -32.22 5.90
C ILE A 230 45.39 -31.40 5.07
N SER A 231 45.83 -30.98 3.89
CA SER A 231 44.97 -30.30 2.94
C SER A 231 44.65 -31.25 1.78
N PHE A 232 43.41 -31.74 1.74
CA PHE A 232 43.01 -32.71 0.73
C PHE A 232 42.09 -32.11 -0.32
N THR A 233 42.33 -32.49 -1.57
CA THR A 233 41.44 -32.14 -2.68
C THR A 233 41.30 -33.34 -3.61
N GLY A 234 40.09 -33.90 -3.67
CA GLY A 234 39.84 -35.05 -4.51
C GLY A 234 38.44 -35.61 -4.37
N SER A 235 38.28 -36.88 -4.72
CA SER A 235 36.97 -37.55 -4.64
C SER A 235 36.52 -37.68 -3.18
N PRO A 236 35.20 -37.65 -2.95
CA PRO A 236 34.65 -37.86 -1.60
C PRO A 236 35.06 -39.19 -0.98
N ALA A 237 35.08 -40.24 -1.80
CA ALA A 237 35.45 -41.57 -1.31
C ALA A 237 36.88 -41.58 -0.76
N THR A 238 37.79 -40.92 -1.48
CA THR A 238 39.19 -40.86 -1.06
C THR A 238 39.34 -39.93 0.13
N GLY A 239 38.60 -38.83 0.11
CA GLY A 239 38.62 -37.86 1.20
C GLY A 239 38.18 -38.45 2.52
N LYS A 240 37.20 -39.35 2.46
CA LYS A 240 36.72 -40.08 3.63
C LYS A 240 37.84 -40.92 4.23
N LEU A 241 38.52 -41.68 3.38
CA LEU A 241 39.62 -42.54 3.80
C LEU A 241 40.76 -41.74 4.44
N VAL A 242 41.13 -40.63 3.80
CA VAL A 242 42.21 -39.78 4.28
C VAL A 242 41.87 -39.22 5.66
N THR A 243 40.63 -38.79 5.84
CA THR A 243 40.17 -38.28 7.12
C THR A 243 40.28 -39.36 8.20
N GLN A 244 39.80 -40.55 7.89
CA GLN A 244 39.80 -41.66 8.84
C GLN A 244 41.23 -42.12 9.14
N MET A 245 42.09 -42.08 8.13
CA MET A 245 43.50 -42.45 8.34
C MET A 245 44.20 -41.46 9.24
N ALA A 246 43.95 -40.18 9.02
CA ALA A 246 44.60 -39.12 9.80
C ALA A 246 44.01 -39.02 11.20
N ALA A 247 42.81 -39.55 11.38
CA ALA A 247 42.15 -39.53 12.68
C ALA A 247 42.88 -40.40 13.70
N GLU A 248 43.68 -41.34 13.21
CA GLU A 248 44.47 -42.21 14.08
C GLU A 248 45.51 -41.41 14.86
N ASN A 249 45.97 -40.32 14.26
CA ASN A 249 46.95 -39.45 14.91
C ASN A 249 46.29 -38.13 15.32
N HIS A 250 44.97 -38.08 15.24
CA HIS A 250 44.18 -36.88 15.54
C HIS A 250 44.63 -35.69 14.70
N VAL A 251 44.93 -35.94 13.43
CA VAL A 251 45.35 -34.90 12.51
C VAL A 251 44.16 -34.33 11.76
N PRO A 252 43.95 -33.00 11.87
CA PRO A 252 42.85 -32.33 11.18
C PRO A 252 43.02 -32.36 9.66
N VAL A 253 41.92 -32.57 8.94
CA VAL A 253 41.97 -32.65 7.48
C VAL A 253 40.97 -31.69 6.86
N THR A 254 41.45 -30.88 5.92
CA THR A 254 40.57 -30.03 5.13
C THR A 254 40.14 -30.79 3.88
N LEU A 255 38.83 -30.85 3.63
CA LEU A 255 38.30 -31.60 2.51
C LEU A 255 37.74 -30.71 1.43
N GLU A 256 38.42 -30.67 0.29
CA GLU A 256 37.92 -29.98 -0.90
C GLU A 256 37.47 -31.01 -1.93
N LEU A 257 36.21 -31.41 -1.83
CA LEU A 257 35.71 -32.52 -2.64
C LEU A 257 34.99 -32.04 -3.90
N GLY A 258 34.25 -32.96 -4.53
CA GLY A 258 33.55 -32.64 -5.76
C GLY A 258 32.25 -31.89 -5.55
N GLY A 259 31.50 -31.70 -6.63
CA GLY A 259 30.24 -30.99 -6.55
C GLY A 259 29.29 -31.22 -7.70
N LYS A 260 28.08 -30.71 -7.56
CA LYS A 260 27.08 -30.72 -8.63
C LYS A 260 26.51 -29.32 -8.74
N SER A 261 27.40 -28.36 -8.98
CA SER A 261 27.07 -26.94 -8.93
C SER A 261 26.07 -26.52 -10.00
N PRO A 262 24.98 -25.85 -9.57
CA PRO A 262 23.90 -25.42 -10.45
C PRO A 262 24.03 -23.98 -10.96
N GLN A 263 23.61 -23.76 -12.20
CA GLN A 263 23.41 -22.42 -12.74
C GLN A 263 21.92 -22.11 -12.76
N ILE A 264 21.51 -21.07 -12.05
CA ILE A 264 20.10 -20.73 -11.93
C ILE A 264 19.76 -19.52 -12.80
N VAL A 265 18.95 -19.74 -13.83
CA VAL A 265 18.60 -18.70 -14.78
C VAL A 265 17.11 -18.34 -14.72
N PHE A 266 16.82 -17.07 -14.53
CA PHE A 266 15.44 -16.58 -14.51
C PHE A 266 15.06 -15.92 -15.82
N ALA A 267 13.77 -15.69 -16.02
CA ALA A 267 13.25 -15.15 -17.27
C ALA A 267 13.73 -13.72 -17.53
N ASP A 268 14.12 -13.02 -16.48
CA ASP A 268 14.54 -11.62 -16.62
C ASP A 268 16.05 -11.49 -16.73
N ALA A 269 16.74 -12.60 -16.97
CA ALA A 269 18.20 -12.59 -17.02
C ALA A 269 18.71 -12.17 -18.39
N ASP A 270 19.94 -11.66 -18.41
CA ASP A 270 20.61 -11.30 -19.65
C ASP A 270 21.20 -12.57 -20.28
N LEU A 271 20.44 -13.19 -21.17
CA LEU A 271 20.84 -14.45 -21.78
C LEU A 271 22.08 -14.31 -22.65
N ASP A 272 22.24 -13.15 -23.27
CA ASP A 272 23.41 -12.90 -24.11
C ASP A 272 24.69 -12.95 -23.29
N ALA A 273 24.64 -12.39 -22.09
CA ALA A 273 25.78 -12.38 -21.20
C ALA A 273 25.95 -13.72 -20.48
N ALA A 274 24.82 -14.38 -20.23
CA ALA A 274 24.82 -15.63 -19.50
C ALA A 274 25.31 -16.81 -20.36
N LEU A 275 24.89 -16.83 -21.61
CA LEU A 275 25.14 -17.95 -22.52
C LEU A 275 26.62 -18.39 -22.59
N PRO A 276 27.56 -17.46 -22.83
CA PRO A 276 28.94 -17.94 -22.92
C PRO A 276 29.49 -18.43 -21.58
N VAL A 277 29.04 -17.84 -20.49
CA VAL A 277 29.50 -18.23 -19.16
C VAL A 277 28.93 -19.59 -18.79
N LEU A 278 27.68 -19.85 -19.20
CA LEU A 278 27.05 -21.15 -18.96
C LEU A 278 27.83 -22.27 -19.65
N VAL A 279 28.40 -21.95 -20.80
CA VAL A 279 29.13 -22.94 -21.59
C VAL A 279 30.50 -23.21 -21.01
N SER A 280 31.30 -22.16 -20.85
CA SER A 280 32.67 -22.30 -20.38
C SER A 280 32.75 -22.88 -18.97
N ALA A 281 31.70 -22.70 -18.19
CA ALA A 281 31.66 -23.21 -16.82
C ALA A 281 31.66 -24.74 -16.78
N ILE A 282 31.28 -25.38 -17.88
CA ILE A 282 31.23 -26.83 -17.94
C ILE A 282 32.19 -27.36 -19.01
N VAL A 283 32.66 -26.46 -19.87
CA VAL A 283 33.56 -26.86 -20.95
C VAL A 283 35.01 -26.75 -20.48
N GLN A 284 35.28 -25.81 -19.59
CA GLN A 284 36.62 -25.59 -19.05
C GLN A 284 37.21 -26.87 -18.45
N ASN A 285 38.43 -27.20 -18.88
CA ASN A 285 39.15 -28.40 -18.42
C ASN A 285 38.33 -29.67 -18.66
N GLY A 286 37.56 -29.69 -19.75
CA GLY A 286 36.73 -30.83 -20.09
C GLY A 286 35.73 -31.21 -19.01
N GLY A 287 35.28 -30.22 -18.26
CA GLY A 287 34.33 -30.45 -17.18
C GLY A 287 34.96 -31.13 -15.96
N GLN A 288 36.27 -31.33 -16.02
CA GLN A 288 37.01 -31.94 -14.92
C GLN A 288 37.36 -30.89 -13.88
N THR A 289 36.33 -30.33 -13.26
CA THR A 289 36.48 -29.29 -12.26
C THR A 289 35.46 -29.52 -11.15
N CYS A 290 35.91 -29.45 -9.90
CA CYS A 290 35.03 -29.68 -8.75
C CYS A 290 33.81 -28.75 -8.76
N SER A 291 34.04 -27.49 -9.12
CA SER A 291 32.97 -26.49 -9.09
C SER A 291 32.36 -26.24 -10.47
N ALA A 292 32.46 -27.24 -11.34
CA ALA A 292 31.91 -27.11 -12.69
C ALA A 292 30.40 -26.91 -12.66
N GLY A 293 29.91 -26.01 -13.50
CA GLY A 293 28.48 -25.79 -13.62
C GLY A 293 27.82 -26.90 -14.40
N SER A 294 27.61 -28.04 -13.76
CA SER A 294 27.11 -29.24 -14.42
C SER A 294 25.59 -29.30 -14.44
N ARG A 295 24.95 -28.34 -13.79
CA ARG A 295 23.49 -28.23 -13.82
C ARG A 295 23.07 -26.81 -14.19
N VAL A 296 22.13 -26.70 -15.11
CA VAL A 296 21.54 -25.41 -15.41
C VAL A 296 20.03 -25.46 -15.15
N LEU A 297 19.59 -24.63 -14.22
CA LEU A 297 18.18 -24.57 -13.85
C LEU A 297 17.56 -23.32 -14.45
N ILE A 298 16.62 -23.52 -15.37
CA ILE A 298 16.04 -22.41 -16.12
C ILE A 298 14.56 -22.25 -15.80
N GLU A 299 14.15 -21.01 -15.56
CA GLU A 299 12.74 -20.70 -15.36
C GLU A 299 11.95 -21.13 -16.59
N ARG A 300 10.74 -21.62 -16.39
CA ARG A 300 9.94 -22.20 -17.46
C ARG A 300 9.75 -21.28 -18.66
N ALA A 301 9.58 -19.98 -18.39
CA ALA A 301 9.32 -19.01 -19.44
C ALA A 301 10.42 -18.95 -20.50
N VAL A 302 11.66 -19.19 -20.08
CA VAL A 302 12.79 -19.11 -21.01
C VAL A 302 13.54 -20.43 -21.09
N TYR A 303 12.91 -21.51 -20.64
CA TYR A 303 13.53 -22.83 -20.65
C TYR A 303 13.87 -23.28 -22.07
N GLU A 304 12.87 -23.38 -22.92
CA GLU A 304 13.06 -23.81 -24.31
C GLU A 304 13.94 -22.84 -25.13
N PRO A 305 13.75 -21.52 -25.00
CA PRO A 305 14.67 -20.65 -25.75
C PRO A 305 16.13 -20.78 -25.35
N LEU A 306 16.41 -20.90 -24.04
CA LEU A 306 17.78 -20.97 -23.58
C LEU A 306 18.42 -22.31 -23.93
N VAL A 307 17.63 -23.38 -23.90
CA VAL A 307 18.12 -24.70 -24.29
C VAL A 307 18.53 -24.71 -25.74
N GLU A 308 17.73 -24.07 -26.59
CA GLU A 308 18.04 -23.98 -28.02
C GLU A 308 19.33 -23.20 -28.27
N ARG A 309 19.55 -22.15 -27.47
CA ARG A 309 20.76 -21.37 -27.59
C ARG A 309 21.96 -22.13 -27.02
N LEU A 310 21.72 -22.92 -25.98
CA LEU A 310 22.76 -23.78 -25.42
C LEU A 310 23.08 -24.90 -26.40
N ALA A 311 22.05 -25.37 -27.10
CA ALA A 311 22.21 -26.44 -28.08
C ALA A 311 23.07 -25.97 -29.26
N THR A 312 22.75 -24.80 -29.79
CA THR A 312 23.51 -24.22 -30.90
C THR A 312 24.95 -24.01 -30.49
N ALA A 313 25.16 -23.53 -29.27
CA ALA A 313 26.50 -23.28 -28.75
C ALA A 313 27.30 -24.58 -28.62
N PHE A 314 26.65 -25.63 -28.12
CA PHE A 314 27.32 -26.91 -27.92
C PHE A 314 27.69 -27.59 -29.24
N ASN A 315 26.88 -27.37 -30.27
CA ASN A 315 27.16 -27.93 -31.58
C ASN A 315 28.43 -27.35 -32.20
N GLY A 316 28.79 -26.14 -31.76
CA GLY A 316 29.95 -25.46 -32.31
C GLY A 316 31.24 -25.70 -31.54
N LEU A 317 31.16 -26.52 -30.51
CA LEU A 317 32.33 -26.84 -29.70
C LEU A 317 33.19 -27.89 -30.38
N ARG A 318 34.50 -27.63 -30.43
CA ARG A 318 35.43 -28.56 -31.07
C ARG A 318 36.42 -29.12 -30.06
N VAL A 319 36.65 -30.43 -30.15
CA VAL A 319 37.58 -31.11 -29.25
C VAL A 319 38.75 -31.68 -30.03
N GLY A 320 39.96 -31.37 -29.58
CA GLY A 320 41.16 -31.86 -30.22
C GLY A 320 42.34 -31.95 -29.26
N PRO A 321 43.53 -32.21 -29.81
CA PRO A 321 44.76 -32.26 -29.01
C PRO A 321 45.00 -30.97 -28.23
N SER A 322 45.74 -31.05 -27.14
CA SER A 322 46.04 -29.90 -26.31
C SER A 322 46.80 -28.83 -27.09
N ARG A 323 47.68 -29.26 -27.98
CA ARG A 323 48.48 -28.32 -28.79
C ARG A 323 47.61 -27.59 -29.79
N ALA A 324 46.48 -28.18 -30.16
CA ALA A 324 45.55 -27.56 -31.10
C ALA A 324 44.86 -26.36 -30.47
N ASP A 325 44.82 -26.36 -29.13
CA ASP A 325 44.25 -25.25 -28.36
C ASP A 325 42.84 -24.90 -28.80
N LEU A 326 41.95 -25.89 -28.78
CA LEU A 326 40.57 -25.69 -29.19
C LEU A 326 39.69 -25.39 -27.97
N ASP A 327 38.39 -25.60 -28.11
CA ASP A 327 37.44 -25.35 -27.02
C ASP A 327 37.66 -26.32 -25.88
N CYS A 328 38.00 -27.56 -26.22
CA CYS A 328 38.15 -28.61 -25.23
C CYS A 328 39.23 -29.61 -25.65
N GLY A 329 39.90 -30.19 -24.66
CA GLY A 329 40.89 -31.22 -24.92
C GLY A 329 40.38 -32.58 -24.52
N PRO A 330 41.27 -33.59 -24.48
CA PRO A 330 40.90 -34.93 -24.04
C PRO A 330 40.73 -35.03 -22.53
N LEU A 331 40.14 -36.11 -22.06
CA LEU A 331 40.03 -36.35 -20.62
C LEU A 331 41.35 -36.95 -20.12
N ILE A 332 41.51 -37.02 -18.81
CA ILE A 332 42.80 -37.33 -18.21
C ILE A 332 43.27 -38.77 -18.51
N ASN A 333 42.34 -39.71 -18.61
CA ASN A 333 42.69 -41.10 -18.93
C ASN A 333 41.49 -41.92 -19.39
N ALA A 334 41.71 -43.21 -19.61
CA ALA A 334 40.67 -44.10 -20.10
C ALA A 334 39.64 -44.41 -19.03
N LYS A 335 40.07 -44.47 -17.78
CA LYS A 335 39.18 -44.78 -16.67
C LYS A 335 38.13 -43.68 -16.49
N GLN A 336 38.54 -42.44 -16.67
CA GLN A 336 37.63 -41.31 -16.55
C GLN A 336 36.75 -41.17 -17.79
N GLN A 337 37.31 -41.54 -18.94
CA GLN A 337 36.57 -41.49 -20.20
C GLN A 337 35.43 -42.51 -20.18
N GLN A 338 35.71 -43.69 -19.65
CA GLN A 338 34.71 -44.75 -19.54
C GLN A 338 33.61 -44.36 -18.56
N ARG A 339 33.99 -43.64 -17.50
CA ARG A 339 33.05 -43.19 -16.49
C ARG A 339 32.03 -42.22 -17.08
N VAL A 340 32.50 -41.32 -17.93
CA VAL A 340 31.62 -40.38 -18.61
C VAL A 340 30.71 -41.11 -19.57
N TRP A 341 31.26 -42.11 -20.27
CA TRP A 341 30.49 -42.94 -21.18
C TRP A 341 29.32 -43.64 -20.48
N ASP A 342 29.58 -44.10 -19.26
CA ASP A 342 28.56 -44.82 -18.49
C ASP A 342 27.41 -43.90 -18.09
N PHE A 343 27.74 -42.64 -17.75
CA PHE A 343 26.73 -41.65 -17.45
C PHE A 343 25.84 -41.38 -18.66
N LEU A 344 26.49 -41.14 -19.80
CA LEU A 344 25.77 -40.80 -21.03
C LEU A 344 24.94 -41.97 -21.55
N SER A 345 25.45 -43.18 -21.40
CA SER A 345 24.74 -44.37 -21.88
C SER A 345 23.53 -44.68 -21.00
N ASP A 346 23.68 -44.49 -19.70
CA ASP A 346 22.58 -44.69 -18.76
C ASP A 346 21.47 -43.67 -19.03
N ALA A 347 21.86 -42.44 -19.32
CA ALA A 347 20.92 -41.36 -19.57
C ALA A 347 20.14 -41.61 -20.86
N GLN A 348 20.84 -42.10 -21.88
CA GLN A 348 20.23 -42.39 -23.17
C GLN A 348 19.26 -43.57 -23.07
N HIS A 349 19.60 -44.52 -22.21
CA HIS A 349 18.76 -45.70 -22.01
C HIS A 349 17.47 -45.33 -21.26
N ASP A 350 17.58 -44.35 -20.38
CA ASP A 350 16.45 -43.92 -19.57
C ASP A 350 15.60 -42.88 -20.30
N GLY A 351 15.96 -42.57 -21.54
CA GLY A 351 15.18 -41.68 -22.36
C GLY A 351 15.44 -40.19 -22.16
N ILE A 352 16.61 -39.86 -21.63
CA ILE A 352 17.01 -38.47 -21.47
C ILE A 352 17.57 -37.97 -22.79
N PRO A 353 16.89 -37.00 -23.42
CA PRO A 353 17.30 -36.49 -24.73
C PRO A 353 18.60 -35.71 -24.68
N MET A 354 19.52 -36.02 -25.60
CA MET A 354 20.72 -35.21 -25.75
C MET A 354 20.44 -34.10 -26.75
N ALA A 355 20.25 -32.88 -26.23
CA ALA A 355 19.88 -31.74 -27.07
C ALA A 355 20.96 -31.44 -28.10
N ALA A 356 22.22 -31.52 -27.68
CA ALA A 356 23.34 -31.22 -28.58
C ALA A 356 24.64 -31.75 -28.02
N HIS A 357 25.66 -31.81 -28.87
CA HIS A 357 27.01 -32.18 -28.45
C HIS A 357 28.03 -31.61 -29.42
N GLY A 358 29.25 -31.42 -28.93
CA GLY A 358 30.34 -30.97 -29.78
C GLY A 358 30.84 -32.11 -30.64
N GLN A 359 31.93 -31.88 -31.37
CA GLN A 359 32.52 -32.93 -32.17
C GLN A 359 34.04 -32.91 -32.09
N VAL A 360 34.63 -34.08 -31.91
CA VAL A 360 36.08 -34.23 -31.93
C VAL A 360 36.56 -34.03 -33.36
N VAL A 361 37.61 -33.25 -33.52
CA VAL A 361 38.16 -32.97 -34.86
C VAL A 361 38.71 -34.26 -35.46
N ALA A 362 38.77 -34.30 -36.79
CA ALA A 362 39.12 -35.52 -37.51
C ALA A 362 40.54 -35.99 -37.21
N ASP A 363 41.50 -35.06 -37.21
CA ASP A 363 42.91 -35.42 -37.07
C ASP A 363 43.30 -35.69 -35.63
N ALA A 364 42.35 -35.57 -34.71
CA ALA A 364 42.61 -35.86 -33.30
C ALA A 364 42.87 -37.35 -33.13
N PRO A 365 43.99 -37.69 -32.46
CA PRO A 365 44.46 -39.07 -32.27
C PRO A 365 43.38 -40.02 -31.74
N GLU A 366 43.25 -41.18 -32.38
CA GLU A 366 42.25 -42.17 -32.00
C GLU A 366 42.58 -42.77 -30.64
N SER A 367 43.87 -42.89 -30.34
CA SER A 367 44.33 -43.47 -29.08
C SER A 367 44.13 -42.49 -27.92
N GLY A 368 43.82 -41.24 -28.24
CA GLY A 368 43.54 -40.25 -27.22
C GLY A 368 42.22 -40.49 -26.54
N PHE A 369 42.01 -39.84 -25.40
CA PHE A 369 40.79 -40.01 -24.62
C PHE A 369 39.87 -38.81 -24.79
N TYR A 370 39.29 -38.68 -25.98
CA TYR A 370 38.49 -37.51 -26.31
C TYR A 370 37.00 -37.72 -26.04
N GLN A 371 36.38 -36.69 -25.48
CA GLN A 371 34.95 -36.72 -25.19
C GLN A 371 34.33 -35.36 -25.47
N ALA A 372 33.44 -35.32 -26.45
CA ALA A 372 32.78 -34.07 -26.83
C ALA A 372 31.81 -33.62 -25.73
N PRO A 373 31.74 -32.31 -25.49
CA PRO A 373 30.79 -31.76 -24.52
C PRO A 373 29.35 -32.11 -24.89
N ALA A 374 28.54 -32.48 -23.90
CA ALA A 374 27.19 -32.95 -24.17
C ALA A 374 26.16 -32.13 -23.40
N LEU A 375 25.09 -31.76 -24.10
CA LEU A 375 23.98 -31.04 -23.48
C LEU A 375 22.73 -31.92 -23.45
N LEU A 376 22.30 -32.28 -22.24
CA LEU A 376 21.10 -33.09 -22.08
C LEU A 376 19.98 -32.27 -21.44
N ARG A 377 18.75 -32.54 -21.85
CA ARG A 377 17.61 -31.75 -21.40
C ARG A 377 16.56 -32.61 -20.70
N ASP A 378 15.65 -31.94 -20.00
CA ASP A 378 14.54 -32.60 -19.30
C ASP A 378 15.04 -33.64 -18.32
N VAL A 379 16.22 -33.38 -17.74
CA VAL A 379 16.83 -34.31 -16.79
C VAL A 379 16.04 -34.35 -15.50
N PRO A 380 15.55 -35.54 -15.13
CA PRO A 380 14.89 -35.71 -13.83
C PRO A 380 15.83 -35.36 -12.68
N PRO A 381 15.34 -34.55 -11.73
CA PRO A 381 16.17 -34.11 -10.58
C PRO A 381 16.74 -35.28 -9.80
N SER A 382 15.97 -36.37 -9.69
CA SER A 382 16.37 -37.51 -8.89
C SER A 382 17.24 -38.49 -9.67
N HIS A 383 17.42 -38.23 -10.97
CA HIS A 383 18.23 -39.09 -11.80
C HIS A 383 19.71 -38.95 -11.44
N ARG A 384 20.46 -40.04 -11.62
CA ARG A 384 21.89 -40.06 -11.28
C ARG A 384 22.68 -38.98 -12.01
N LEU A 385 22.23 -38.63 -13.22
CA LEU A 385 22.89 -37.60 -14.02
C LEU A 385 22.84 -36.24 -13.32
N ALA A 386 21.77 -36.01 -12.55
CA ALA A 386 21.57 -34.73 -11.90
C ALA A 386 21.93 -34.77 -10.41
N GLN A 387 22.38 -35.94 -9.95
CA GLN A 387 22.68 -36.13 -8.53
C GLN A 387 24.17 -36.40 -8.28
N GLU A 388 24.80 -37.13 -9.19
CA GLU A 388 26.19 -37.52 -9.01
C GLU A 388 27.14 -36.74 -9.93
N GLU A 389 28.37 -36.54 -9.47
CA GLU A 389 29.37 -35.81 -10.23
C GLU A 389 29.88 -36.65 -11.39
N VAL A 390 29.84 -36.07 -12.59
CA VAL A 390 30.29 -36.76 -13.79
C VAL A 390 31.78 -36.56 -14.02
N PHE A 391 32.25 -35.36 -13.70
CA PHE A 391 33.62 -34.93 -13.98
C PHE A 391 33.91 -35.07 -15.48
N GLY A 392 32.94 -34.64 -16.28
CA GLY A 392 33.08 -34.59 -17.72
C GLY A 392 32.35 -33.36 -18.25
N PRO A 393 32.47 -33.11 -19.56
CA PRO A 393 31.84 -31.92 -20.15
C PRO A 393 30.35 -32.13 -20.40
N VAL A 394 29.63 -32.53 -19.37
CA VAL A 394 28.21 -32.85 -19.51
C VAL A 394 27.35 -31.88 -18.71
N LEU A 395 26.44 -31.21 -19.41
CA LEU A 395 25.54 -30.25 -18.75
C LEU A 395 24.12 -30.80 -18.69
N ALA A 396 23.55 -30.82 -17.49
CA ALA A 396 22.18 -31.29 -17.30
C ALA A 396 21.23 -30.11 -17.18
N ALA A 397 20.22 -30.08 -18.05
CA ALA A 397 19.28 -28.98 -18.08
C ALA A 397 17.88 -29.42 -17.65
N MET A 398 17.22 -28.57 -16.88
CA MET A 398 15.86 -28.82 -16.42
C MET A 398 15.19 -27.50 -16.03
N ARG A 399 13.87 -27.49 -15.91
CA ARG A 399 13.15 -26.26 -15.63
C ARG A 399 12.68 -26.17 -14.18
N PHE A 400 12.32 -24.95 -13.76
CA PHE A 400 11.68 -24.72 -12.46
C PHE A 400 10.61 -23.65 -12.60
N VAL A 401 9.61 -23.70 -11.71
CA VAL A 401 8.47 -22.80 -11.81
C VAL A 401 8.70 -21.49 -11.04
N ASP A 402 9.31 -21.58 -9.87
CA ASP A 402 9.50 -20.40 -9.02
C ASP A 402 10.81 -20.45 -8.23
N GLU A 403 11.01 -19.46 -7.38
CA GLU A 403 12.21 -19.37 -6.55
C GLU A 403 12.32 -20.57 -5.61
N ASP A 404 11.19 -20.97 -5.03
CA ASP A 404 11.17 -22.08 -4.08
C ASP A 404 11.66 -23.39 -4.71
N GLU A 405 11.19 -23.69 -5.91
CA GLU A 405 11.62 -24.92 -6.57
C GLU A 405 13.07 -24.83 -7.00
N ALA A 406 13.50 -23.64 -7.41
CA ALA A 406 14.89 -23.41 -7.78
C ALA A 406 15.81 -23.75 -6.62
N VAL A 407 15.44 -23.28 -5.42
CA VAL A 407 16.20 -23.56 -4.21
C VAL A 407 16.16 -25.05 -3.89
N ALA A 408 14.97 -25.64 -3.99
CA ALA A 408 14.79 -27.06 -3.72
C ALA A 408 15.63 -27.92 -4.67
N LEU A 409 15.63 -27.56 -5.95
CA LEU A 409 16.43 -28.26 -6.94
C LEU A 409 17.92 -28.06 -6.69
N ALA A 410 18.31 -26.83 -6.42
CA ALA A 410 19.71 -26.48 -6.21
C ALA A 410 20.32 -27.18 -5.00
N ASN A 411 19.58 -27.21 -3.90
CA ASN A 411 20.06 -27.85 -2.67
C ASN A 411 19.67 -29.33 -2.63
N GLY A 412 19.13 -29.83 -3.73
CA GLY A 412 18.58 -31.18 -3.76
C GLY A 412 19.56 -32.32 -3.93
N THR A 413 20.83 -32.00 -4.12
CA THR A 413 21.87 -33.02 -4.26
C THR A 413 22.69 -33.09 -2.97
N PRO A 414 23.48 -34.17 -2.80
CA PRO A 414 24.34 -34.22 -1.60
C PRO A 414 25.43 -33.16 -1.59
N TYR A 415 25.73 -32.59 -2.76
CA TYR A 415 26.82 -31.65 -2.90
C TYR A 415 26.40 -30.21 -2.63
N GLY A 416 27.38 -29.36 -2.39
CA GLY A 416 27.14 -27.95 -2.14
C GLY A 416 28.46 -27.18 -2.14
N LEU A 417 28.90 -26.77 -3.33
CA LEU A 417 30.21 -26.16 -3.48
C LEU A 417 30.12 -24.73 -4.02
N VAL A 418 29.50 -24.58 -5.17
CA VAL A 418 29.37 -23.29 -5.84
C VAL A 418 27.97 -23.18 -6.45
N ALA A 419 27.43 -21.97 -6.52
CA ALA A 419 26.16 -21.75 -7.21
C ALA A 419 26.18 -20.43 -7.98
N GLY A 420 25.59 -20.43 -9.17
CA GLY A 420 25.48 -19.24 -9.98
C GLY A 420 24.05 -18.75 -10.12
N ILE A 421 23.85 -17.43 -9.97
CA ILE A 421 22.52 -16.84 -10.08
C ILE A 421 22.48 -15.86 -11.24
N TRP A 422 21.55 -16.08 -12.16
CA TRP A 422 21.38 -15.18 -13.30
C TRP A 422 19.99 -14.57 -13.31
N THR A 423 19.91 -13.30 -12.91
CA THR A 423 18.66 -12.55 -12.88
C THR A 423 18.94 -11.06 -12.71
N ARG A 424 18.02 -10.22 -13.15
CA ARG A 424 18.19 -8.77 -13.04
C ARG A 424 17.64 -8.24 -11.72
N ASP A 425 16.71 -8.99 -11.11
CA ASP A 425 16.09 -8.56 -9.87
C ASP A 425 17.07 -8.61 -8.71
N GLY A 426 17.40 -7.43 -8.16
CA GLY A 426 18.35 -7.32 -7.08
C GLY A 426 17.94 -8.01 -5.79
N ALA A 427 16.67 -7.83 -5.40
CA ALA A 427 16.15 -8.45 -4.20
C ALA A 427 16.24 -9.97 -4.31
N ARG A 428 15.87 -10.48 -5.48
CA ARG A 428 15.92 -11.91 -5.75
C ARG A 428 17.34 -12.47 -5.66
N GLN A 429 18.30 -11.69 -6.14
CA GLN A 429 19.70 -12.09 -6.10
C GLN A 429 20.18 -12.41 -4.69
N MET A 430 20.00 -11.45 -3.79
CA MET A 430 20.46 -11.60 -2.41
C MET A 430 19.62 -12.61 -1.64
N ARG A 431 18.32 -12.63 -1.93
CA ARG A 431 17.40 -13.55 -1.25
CA ARG A 431 17.40 -13.55 -1.25
C ARG A 431 17.78 -15.00 -1.53
N LEU A 432 18.12 -15.29 -2.78
CA LEU A 432 18.52 -16.65 -3.18
C LEU A 432 19.89 -17.00 -2.62
N ALA A 433 20.81 -16.04 -2.68
CA ALA A 433 22.18 -16.24 -2.21
C ALA A 433 22.21 -16.67 -0.74
N ARG A 434 21.26 -16.19 0.03
CA ARG A 434 21.16 -16.55 1.44
C ARG A 434 20.59 -17.96 1.60
N ARG A 435 19.72 -18.36 0.68
CA ARG A 435 19.04 -19.66 0.76
C ARG A 435 19.90 -20.80 0.23
N LEU A 436 20.69 -20.53 -0.80
CA LEU A 436 21.49 -21.56 -1.44
C LEU A 436 22.56 -22.11 -0.50
N ARG A 437 22.77 -23.43 -0.57
CA ARG A 437 23.82 -24.08 0.22
C ARG A 437 25.08 -24.23 -0.61
N ALA A 438 26.02 -23.32 -0.41
CA ALA A 438 27.28 -23.34 -1.15
C ALA A 438 28.33 -22.48 -0.47
N GLY A 439 29.60 -22.81 -0.69
CA GLY A 439 30.68 -21.99 -0.19
C GLY A 439 30.77 -20.68 -0.94
N GLN A 440 30.41 -20.71 -2.22
CA GLN A 440 30.43 -19.52 -3.06
C GLN A 440 29.13 -19.35 -3.83
N VAL A 441 28.64 -18.12 -3.92
CA VAL A 441 27.50 -17.79 -4.76
C VAL A 441 27.90 -16.66 -5.70
N PHE A 442 27.70 -16.87 -7.00
CA PHE A 442 28.06 -15.87 -7.99
C PHE A 442 26.80 -15.26 -8.60
N ILE A 443 26.75 -13.93 -8.60
CA ILE A 443 25.60 -13.21 -9.14
C ILE A 443 25.94 -12.63 -10.50
N ASN A 444 25.23 -13.10 -11.52
CA ASN A 444 25.42 -12.66 -12.90
C ASN A 444 26.87 -12.84 -13.37
N ASN A 445 27.49 -13.91 -12.86
CA ASN A 445 28.80 -14.35 -13.30
C ASN A 445 29.00 -15.77 -12.78
N TYR A 446 30.19 -16.31 -12.96
CA TYR A 446 30.50 -17.65 -12.45
C TYR A 446 32.01 -17.86 -12.37
N GLY A 447 32.58 -17.53 -11.22
CA GLY A 447 34.03 -17.58 -11.06
C GLY A 447 34.70 -16.53 -11.94
N ALA A 448 34.87 -15.33 -11.41
CA ALA A 448 35.42 -14.22 -12.18
C ALA A 448 36.85 -14.50 -12.63
N GLY A 449 37.55 -15.36 -11.89
CA GLY A 449 38.89 -15.75 -12.26
C GLY A 449 39.98 -14.85 -11.71
N GLY A 450 40.93 -15.43 -11.01
CA GLY A 450 40.94 -16.85 -10.74
C GLY A 450 40.26 -17.19 -9.42
N GLY A 451 39.66 -16.17 -8.81
CA GLY A 451 39.03 -16.35 -7.51
C GLY A 451 40.04 -16.63 -6.42
N VAL A 452 41.23 -16.09 -6.59
CA VAL A 452 42.32 -16.29 -5.63
C VAL A 452 41.94 -15.68 -4.27
N GLU A 453 41.28 -14.53 -4.31
CA GLU A 453 40.90 -13.83 -3.10
C GLU A 453 39.61 -14.37 -2.49
N LEU A 454 38.93 -15.24 -3.23
CA LEU A 454 37.62 -15.74 -2.80
C LEU A 454 37.74 -17.07 -2.08
N PRO A 455 37.42 -17.09 -0.77
CA PRO A 455 37.45 -18.32 0.02
C PRO A 455 36.60 -19.42 -0.61
N PHE A 456 37.19 -20.60 -0.78
CA PHE A 456 36.58 -21.68 -1.53
C PHE A 456 36.45 -22.92 -0.67
N GLY A 457 35.29 -23.58 -0.76
CA GLY A 457 35.03 -24.77 0.03
C GLY A 457 33.56 -25.17 -0.04
N GLY A 458 33.26 -26.39 0.40
CA GLY A 458 31.91 -26.89 0.28
C GLY A 458 31.20 -27.20 1.58
N VAL A 459 29.95 -27.63 1.46
CA VAL A 459 29.20 -28.20 2.57
C VAL A 459 28.73 -29.57 2.13
N GLY A 460 28.25 -30.37 3.06
CA GLY A 460 27.78 -31.71 2.75
C GLY A 460 28.88 -32.59 2.18
N HIS A 461 28.57 -33.29 1.09
CA HIS A 461 29.52 -34.20 0.48
C HIS A 461 30.53 -33.48 -0.41
N SER A 462 30.48 -32.15 -0.42
CA SER A 462 31.47 -31.35 -1.11
C SER A 462 32.67 -31.07 -0.21
N GLY A 463 32.59 -31.57 1.02
CA GLY A 463 33.67 -31.44 1.98
C GLY A 463 33.41 -30.43 3.08
N HIS A 464 34.49 -29.90 3.66
CA HIS A 464 34.39 -28.88 4.69
C HIS A 464 35.71 -28.13 4.81
N GLY A 465 35.65 -26.93 5.38
CA GLY A 465 36.82 -26.06 5.47
C GLY A 465 36.91 -25.12 4.29
N ARG A 466 37.79 -24.13 4.38
CA ARG A 466 37.91 -23.13 3.32
C ARG A 466 39.35 -22.93 2.92
N GLU A 467 39.58 -22.83 1.60
CA GLU A 467 40.90 -22.45 1.08
C GLU A 467 40.71 -21.31 0.08
N LYS A 468 41.83 -20.84 -0.48
CA LYS A 468 41.90 -19.59 -1.24
C LYS A 468 41.59 -18.39 -0.33
N GLY A 469 41.90 -17.19 -0.80
CA GLY A 469 41.66 -15.97 -0.05
C GLY A 469 42.44 -15.88 1.26
N PHE A 470 42.22 -14.80 1.99
CA PHE A 470 42.90 -14.59 3.26
C PHE A 470 42.43 -15.60 4.30
N GLU A 471 41.16 -16.00 4.20
CA GLU A 471 40.53 -16.92 5.13
C GLU A 471 41.28 -18.25 5.26
N ALA A 472 41.99 -18.62 4.20
CA ALA A 472 42.70 -19.91 4.16
C ALA A 472 43.79 -19.99 5.21
N LEU A 473 44.36 -18.84 5.56
CA LEU A 473 45.44 -18.78 6.54
C LEU A 473 45.00 -19.27 7.92
N TYR A 474 43.72 -19.12 8.22
CA TYR A 474 43.18 -19.55 9.52
C TYR A 474 43.12 -21.08 9.60
N GLY A 475 42.98 -21.73 8.45
CA GLY A 475 42.98 -23.17 8.40
C GLY A 475 44.38 -23.76 8.48
N PHE A 476 45.38 -22.94 8.16
CA PHE A 476 46.77 -23.38 8.17
C PHE A 476 47.51 -22.89 9.41
N THR A 477 46.78 -22.33 10.37
CA THR A 477 47.35 -21.97 11.66
C THR A 477 46.48 -22.49 12.78
N ALA A 478 47.00 -22.43 14.01
CA ALA A 478 46.25 -22.81 15.20
C ALA A 478 46.40 -21.73 16.26
N LEU A 479 45.28 -21.35 16.88
CA LEU A 479 45.28 -20.24 17.82
C LEU A 479 45.86 -20.65 19.18
N LYS A 480 46.81 -19.86 19.65
CA LYS A 480 47.34 -20.01 21.00
C LYS A 480 46.97 -18.79 21.84
N THR A 481 46.37 -19.01 23.00
CA THR A 481 45.99 -17.91 23.88
C THR A 481 46.97 -17.79 25.04
N ILE A 482 47.46 -16.57 25.27
CA ILE A 482 48.42 -16.31 26.33
C ILE A 482 47.83 -15.35 27.35
N ALA A 483 47.61 -15.84 28.56
CA ALA A 483 47.03 -15.04 29.63
C ALA A 483 48.07 -14.64 30.66
N ILE A 484 48.40 -13.34 30.70
CA ILE A 484 49.41 -12.84 31.60
C ILE A 484 48.79 -12.18 32.83
N ARG A 485 49.05 -12.75 34.00
CA ARG A 485 48.65 -12.12 35.26
C ARG A 485 49.79 -11.26 35.78
N HIS A 486 49.60 -9.94 35.74
CA HIS A 486 50.68 -9.02 36.08
C HIS A 486 50.27 -8.01 37.16
N GLY A 487 48.98 -7.92 37.44
CA GLY A 487 48.48 -6.99 38.44
C GLY A 487 48.33 -5.58 37.89
N ALA B 12 12.15 -40.82 33.15
CA ALA B 12 13.29 -40.99 32.24
C ALA B 12 12.86 -40.72 30.80
N LYS B 13 12.99 -39.46 30.38
CA LYS B 13 12.56 -39.05 29.04
C LYS B 13 13.60 -38.17 28.37
N HIS B 14 13.64 -38.21 27.04
CA HIS B 14 14.48 -37.31 26.27
C HIS B 14 13.76 -35.97 26.11
N PHE B 15 14.50 -34.94 25.71
CA PHE B 15 13.90 -33.65 25.42
C PHE B 15 13.96 -33.39 23.91
N ILE B 16 12.87 -33.72 23.23
CA ILE B 16 12.82 -33.63 21.77
C ILE B 16 11.63 -32.79 21.32
N ALA B 17 11.90 -31.82 20.45
CA ALA B 17 10.89 -30.91 19.91
C ALA B 17 10.13 -30.18 21.02
N GLY B 18 10.87 -29.75 22.04
CA GLY B 18 10.30 -28.96 23.12
C GLY B 18 9.44 -29.72 24.10
N GLU B 19 9.43 -31.04 24.00
CA GLU B 19 8.64 -31.87 24.89
C GLU B 19 9.47 -33.04 25.42
N TRP B 20 9.15 -33.47 26.64
CA TRP B 20 9.81 -34.64 27.21
C TRP B 20 9.16 -35.92 26.68
N THR B 21 9.93 -36.71 25.95
CA THR B 21 9.41 -37.88 25.28
C THR B 21 10.10 -39.17 25.72
N LEU B 22 9.34 -40.25 25.78
CA LEU B 22 9.86 -41.55 26.18
C LEU B 22 10.82 -42.11 25.12
N PRO B 23 11.83 -42.87 25.56
CA PRO B 23 12.72 -43.56 24.62
C PRO B 23 11.95 -44.54 23.76
N ALA B 24 12.32 -44.65 22.49
CA ALA B 24 11.60 -45.48 21.54
C ALA B 24 11.53 -46.95 21.99
N GLN B 25 12.64 -47.44 22.55
CA GLN B 25 12.71 -48.83 22.98
C GLN B 25 12.42 -48.96 24.47
N LEU B 26 12.03 -47.84 25.08
CA LEU B 26 11.47 -47.82 26.44
C LEU B 26 12.37 -48.39 27.53
N GLU B 27 13.68 -48.21 27.41
CA GLU B 27 14.60 -48.68 28.44
C GLU B 27 15.27 -47.52 29.16
N THR B 28 15.76 -47.77 30.37
CA THR B 28 16.34 -46.70 31.19
C THR B 28 17.75 -47.03 31.66
N ILE B 29 18.45 -46.00 32.15
CA ILE B 29 19.79 -46.14 32.69
C ILE B 29 19.83 -45.52 34.08
N PRO B 30 20.37 -46.27 35.07
CA PRO B 30 20.46 -45.77 36.45
C PRO B 30 21.34 -44.54 36.61
N VAL B 31 20.92 -43.61 37.47
CA VAL B 31 21.74 -42.45 37.81
C VAL B 31 22.31 -42.65 39.21
N VAL B 32 23.63 -42.64 39.32
CA VAL B 32 24.31 -43.00 40.56
C VAL B 32 24.97 -41.79 41.22
N ASP B 33 24.71 -41.62 42.50
CA ASP B 33 25.41 -40.63 43.32
C ASP B 33 26.74 -41.24 43.77
N PRO B 34 27.86 -40.75 43.18
CA PRO B 34 29.17 -41.35 43.44
C PRO B 34 29.66 -41.16 44.89
N SER B 35 28.95 -40.35 45.66
CA SER B 35 29.31 -40.13 47.06
C SER B 35 29.00 -41.36 47.91
N ASP B 36 27.94 -42.07 47.55
CA ASP B 36 27.60 -43.31 48.25
C ASP B 36 27.43 -44.48 47.27
N GLY B 37 27.60 -44.18 45.99
CA GLY B 37 27.51 -45.21 44.95
C GLY B 37 26.13 -45.80 44.78
N GLN B 38 25.11 -45.09 45.24
CA GLN B 38 23.75 -45.60 45.21
C GLN B 38 22.90 -44.88 44.16
N PRO B 39 22.09 -45.62 43.42
CA PRO B 39 21.16 -45.04 42.43
C PRO B 39 20.08 -44.20 43.10
N PHE B 40 19.71 -43.08 42.50
CA PHE B 40 18.67 -42.23 43.05
C PHE B 40 17.76 -41.70 41.96
N ALA B 41 18.11 -41.98 40.71
CA ALA B 41 17.31 -41.54 39.57
C ALA B 41 17.61 -42.39 38.34
N THR B 42 16.86 -42.15 37.26
CA THR B 42 17.08 -42.86 36.01
C THR B 42 17.08 -41.90 34.83
N ILE B 43 17.75 -42.30 33.75
CA ILE B 43 17.72 -41.55 32.50
C ILE B 43 17.32 -42.48 31.36
N ALA B 44 16.71 -41.93 30.33
CA ALA B 44 16.28 -42.71 29.17
C ALA B 44 17.47 -43.32 28.44
N ARG B 45 17.34 -44.59 28.06
CA ARG B 45 18.37 -45.26 27.28
C ARG B 45 18.17 -44.95 25.81
N GLY B 46 18.80 -43.87 25.35
CA GLY B 46 18.65 -43.43 23.98
C GLY B 46 19.24 -44.38 22.95
N THR B 47 18.53 -44.55 21.85
CA THR B 47 18.97 -45.42 20.77
C THR B 47 18.86 -44.68 19.43
N ALA B 48 19.18 -45.37 18.35
CA ALA B 48 19.17 -44.78 17.01
C ALA B 48 17.84 -44.11 16.62
N PRO B 49 16.68 -44.73 16.95
CA PRO B 49 15.44 -44.01 16.65
C PRO B 49 15.25 -42.72 17.45
N ASP B 50 15.85 -42.65 18.63
CA ASP B 50 15.76 -41.44 19.46
C ASP B 50 16.56 -40.29 18.85
N ILE B 51 17.76 -40.61 18.38
CA ILE B 51 18.62 -39.63 17.71
C ILE B 51 17.91 -39.13 16.45
N GLU B 52 17.30 -40.05 15.71
CA GLU B 52 16.58 -39.71 14.48
C GLU B 52 15.49 -38.67 14.74
N ARG B 53 14.73 -38.86 15.81
CA ARG B 53 13.67 -37.94 16.18
C ARG B 53 14.23 -36.58 16.60
N ALA B 54 15.40 -36.61 17.24
CA ALA B 54 16.04 -35.37 17.70
C ALA B 54 16.55 -34.54 16.53
N VAL B 55 17.22 -35.21 15.60
CA VAL B 55 17.76 -34.52 14.42
C VAL B 55 16.62 -33.95 13.58
N ALA B 56 15.54 -34.72 13.46
CA ALA B 56 14.36 -34.28 12.74
C ALA B 56 13.78 -33.01 13.35
N ALA B 57 13.72 -32.98 14.68
CA ALA B 57 13.21 -31.82 15.40
C ALA B 57 14.15 -30.62 15.26
N ALA B 58 15.45 -30.88 15.33
CA ALA B 58 16.44 -29.83 15.17
C ALA B 58 16.39 -29.25 13.76
N ARG B 59 16.22 -30.12 12.78
CA ARG B 59 16.13 -29.71 11.38
C ARG B 59 14.91 -28.82 11.15
N ASP B 60 13.79 -29.17 11.77
CA ASP B 60 12.56 -28.39 11.64
C ASP B 60 12.71 -27.01 12.27
N ALA B 61 13.35 -26.95 13.43
CA ALA B 61 13.54 -25.69 14.14
C ALA B 61 14.49 -24.76 13.41
N PHE B 62 15.56 -25.32 12.84
CA PHE B 62 16.54 -24.53 12.10
C PHE B 62 15.92 -23.97 10.82
N ALA B 63 15.14 -24.81 10.12
CA ALA B 63 14.48 -24.38 8.90
C ALA B 63 13.20 -23.62 9.23
N GLY B 64 12.88 -23.55 10.52
CA GLY B 64 11.67 -22.88 10.96
C GLY B 64 11.92 -21.61 11.77
N PRO B 65 11.22 -21.47 12.90
CA PRO B 65 11.23 -20.27 13.76
C PRO B 65 12.61 -19.84 14.22
N TRP B 66 13.40 -20.77 14.76
CA TRP B 66 14.71 -20.44 15.31
C TRP B 66 15.66 -19.90 14.24
N GLY B 67 15.63 -20.52 13.07
CA GLY B 67 16.43 -20.06 11.95
C GLY B 67 15.91 -18.77 11.37
N ALA B 68 14.62 -18.50 11.58
CA ALA B 68 14.00 -17.27 11.10
C ALA B 68 14.34 -16.09 12.00
N ALA B 69 14.85 -16.41 13.20
CA ALA B 69 15.20 -15.37 14.16
C ALA B 69 16.47 -14.64 13.75
N SER B 70 16.53 -13.36 14.04
CA SER B 70 17.74 -12.59 13.79
C SER B 70 18.76 -12.88 14.89
N ALA B 71 20.00 -12.48 14.66
CA ALA B 71 21.07 -12.71 15.63
C ALA B 71 20.76 -11.99 16.95
N ALA B 72 20.27 -10.76 16.85
CA ALA B 72 19.90 -9.99 18.03
C ALA B 72 18.80 -10.69 18.81
N GLU B 73 17.87 -11.32 18.10
CA GLU B 73 16.78 -12.05 18.73
C GLU B 73 17.30 -13.31 19.42
N ARG B 74 18.28 -13.97 18.81
CA ARG B 74 18.90 -15.14 19.42
C ARG B 74 19.64 -14.73 20.69
N GLY B 75 20.29 -13.57 20.63
CA GLY B 75 21.02 -13.05 21.77
C GLY B 75 20.15 -12.81 22.99
N ARG B 76 18.97 -12.25 22.77
CA ARG B 76 18.05 -11.95 23.86
C ARG B 76 17.55 -13.23 24.54
N VAL B 77 17.32 -14.27 23.74
CA VAL B 77 16.94 -15.57 24.28
C VAL B 77 18.07 -16.10 25.15
N LEU B 78 19.30 -15.99 24.65
CA LEU B 78 20.48 -16.44 25.38
C LEU B 78 20.69 -15.63 26.66
N MET B 79 20.40 -14.34 26.59
CA MET B 79 20.56 -13.48 27.76
C MET B 79 19.51 -13.81 28.82
N ARG B 80 18.28 -14.06 28.39
CA ARG B 80 17.23 -14.47 29.31
C ARG B 80 17.56 -15.81 29.95
N LEU B 81 18.16 -16.70 29.16
CA LEU B 81 18.57 -18.01 29.67
C LEU B 81 19.68 -17.85 30.71
N SER B 82 20.58 -16.92 30.47
CA SER B 82 21.65 -16.62 31.41
C SER B 82 21.08 -16.19 32.76
N ALA B 83 20.04 -15.36 32.72
CA ALA B 83 19.38 -14.89 33.92
C ALA B 83 18.69 -16.04 34.66
N ARG B 84 18.09 -16.95 33.89
CA ARG B 84 17.43 -18.11 34.47
C ARG B 84 18.41 -18.99 35.23
N VAL B 85 19.59 -19.20 34.63
CA VAL B 85 20.64 -19.99 35.26
C VAL B 85 21.12 -19.32 36.54
N THR B 86 21.28 -17.99 36.48
CA THR B 86 21.73 -17.22 37.64
C THR B 86 20.72 -17.32 38.78
N ASP B 87 19.43 -17.27 38.44
CA ASP B 87 18.37 -17.37 39.43
C ASP B 87 18.24 -18.79 39.97
N SER B 88 18.73 -19.76 39.20
CA SER B 88 18.61 -21.16 39.57
C SER B 88 19.95 -21.79 39.91
N ILE B 89 20.88 -20.98 40.41
CA ILE B 89 22.23 -21.45 40.69
C ILE B 89 22.24 -22.56 41.73
N GLU B 90 21.58 -22.33 42.87
CA GLU B 90 21.58 -23.30 43.96
C GLU B 90 20.91 -24.62 43.55
N GLU B 91 19.83 -24.53 42.80
CA GLU B 91 19.12 -25.72 42.33
C GLU B 91 20.00 -26.53 41.37
N LEU B 92 20.67 -25.83 40.46
CA LEU B 92 21.54 -26.49 39.49
C LEU B 92 22.80 -27.03 40.15
N ALA B 93 23.29 -26.31 41.15
CA ALA B 93 24.50 -26.72 41.86
C ALA B 93 24.25 -28.00 42.66
N ALA B 94 23.03 -28.15 43.19
CA ALA B 94 22.66 -29.33 43.95
C ALA B 94 22.60 -30.55 43.05
N ILE B 95 21.98 -30.39 41.88
CA ILE B 95 21.84 -31.47 40.91
C ILE B 95 23.20 -31.91 40.39
N GLU B 96 24.05 -30.95 40.05
CA GLU B 96 25.35 -31.25 39.48
C GLU B 96 26.27 -31.95 40.48
N ALA B 97 26.26 -31.46 41.73
CA ALA B 97 27.12 -32.02 42.78
C ALA B 97 26.72 -33.45 43.13
N ARG B 98 25.41 -33.68 43.22
CA ARG B 98 24.88 -35.00 43.54
C ARG B 98 25.18 -36.00 42.43
N ASP B 99 25.27 -35.48 41.20
CA ASP B 99 25.40 -36.32 40.01
C ASP B 99 26.85 -36.56 39.63
N THR B 100 27.69 -35.53 39.78
CA THR B 100 29.09 -35.62 39.41
C THR B 100 29.98 -36.03 40.58
N GLY B 101 29.63 -35.57 41.77
CA GLY B 101 30.39 -35.88 42.97
C GLY B 101 31.24 -34.74 43.48
N LYS B 102 31.41 -33.71 42.67
CA LYS B 102 32.24 -32.57 43.05
C LYS B 102 31.65 -31.84 44.25
N PRO B 103 32.52 -31.20 45.06
CA PRO B 103 32.07 -30.38 46.19
C PRO B 103 31.09 -29.30 45.74
N LEU B 104 30.15 -28.93 46.60
CA LEU B 104 29.10 -27.98 46.26
C LEU B 104 29.69 -26.62 45.84
N LYS B 105 30.84 -26.29 46.41
CA LYS B 105 31.51 -25.03 46.12
C LYS B 105 31.92 -24.97 44.64
N GLN B 106 32.32 -26.10 44.09
CA GLN B 106 32.73 -26.17 42.68
C GLN B 106 31.51 -26.28 41.77
N ALA B 107 30.47 -26.96 42.25
CA ALA B 107 29.24 -27.12 41.48
C ALA B 107 28.49 -25.81 41.37
N ARG B 108 28.65 -24.96 42.38
CA ARG B 108 28.07 -23.63 42.36
C ARG B 108 28.83 -22.75 41.37
N ALA B 109 30.15 -22.94 41.32
CA ALA B 109 31.00 -22.18 40.41
C ALA B 109 30.71 -22.58 38.96
N ASP B 110 30.42 -23.85 38.74
CA ASP B 110 30.08 -24.36 37.41
C ASP B 110 28.78 -23.73 36.90
N ALA B 111 27.82 -23.60 37.81
CA ALA B 111 26.53 -23.01 37.46
C ALA B 111 26.70 -21.53 37.14
N ALA B 112 27.53 -20.85 37.93
CA ALA B 112 27.84 -19.45 37.69
C ALA B 112 28.57 -19.27 36.36
N ALA B 113 29.45 -20.23 36.04
CA ALA B 113 30.19 -20.19 34.79
C ALA B 113 29.26 -20.47 33.61
N LEU B 114 28.27 -21.33 33.84
CA LEU B 114 27.27 -21.66 32.83
C LEU B 114 26.49 -20.42 32.40
N ALA B 115 26.08 -19.63 33.39
CA ALA B 115 25.35 -18.40 33.12
C ALA B 115 26.26 -17.38 32.44
N ARG B 116 27.56 -17.47 32.73
CA ARG B 116 28.53 -16.56 32.14
C ARG B 116 28.73 -16.87 30.65
N TYR B 117 28.73 -18.15 30.32
CA TYR B 117 28.82 -18.57 28.91
C TYR B 117 27.66 -18.01 28.10
N PHE B 118 26.45 -18.17 28.63
CA PHE B 118 25.25 -17.71 27.94
C PHE B 118 25.21 -16.19 27.85
N GLU B 119 25.70 -15.52 28.89
CA GLU B 119 25.73 -14.06 28.92
C GLU B 119 26.68 -13.52 27.87
N PHE B 120 27.87 -14.12 27.80
CA PHE B 120 28.90 -13.69 26.87
C PHE B 120 28.45 -13.84 25.41
N TYR B 121 27.95 -15.03 25.08
CA TYR B 121 27.56 -15.33 23.71
C TYR B 121 26.28 -14.59 23.31
N ALA B 122 25.49 -14.21 24.30
CA ALA B 122 24.27 -13.43 24.06
C ALA B 122 24.62 -12.09 23.42
N GLY B 123 25.76 -11.52 23.81
CA GLY B 123 26.22 -10.28 23.24
C GLY B 123 27.05 -10.48 21.99
N ALA B 124 27.40 -11.73 21.70
CA ALA B 124 28.26 -12.04 20.57
C ALA B 124 27.49 -12.30 19.29
N ALA B 125 26.23 -12.70 19.44
CA ALA B 125 25.40 -13.15 18.32
C ALA B 125 25.32 -12.13 17.17
N ASP B 126 24.96 -10.89 17.48
CA ASP B 126 24.76 -9.90 16.43
C ASP B 126 26.06 -9.15 16.11
N LYS B 127 27.18 -9.66 16.60
CA LYS B 127 28.47 -9.04 16.36
C LYS B 127 29.43 -10.01 15.69
N LEU B 128 28.90 -11.12 15.21
CA LEU B 128 29.67 -12.07 14.42
C LEU B 128 29.71 -11.59 12.96
N HIS B 129 30.79 -10.92 12.59
CA HIS B 129 30.85 -10.24 11.30
C HIS B 129 31.54 -11.06 10.22
N GLY B 130 31.05 -10.92 8.99
CA GLY B 130 31.74 -11.43 7.82
C GLY B 130 32.58 -10.31 7.25
N GLU B 131 32.97 -10.42 5.99
CA GLU B 131 33.84 -9.43 5.39
C GLU B 131 33.35 -8.95 4.02
N THR B 132 33.92 -7.84 3.56
CA THR B 132 33.82 -7.44 2.17
C THR B 132 35.24 -7.42 1.61
N LEU B 133 35.45 -8.11 0.49
CA LEU B 133 36.80 -8.31 -0.03
C LEU B 133 37.07 -7.48 -1.29
N PRO B 134 38.24 -6.83 -1.34
CA PRO B 134 38.67 -6.10 -2.54
C PRO B 134 38.83 -7.05 -3.72
N TYR B 135 38.27 -6.68 -4.87
CA TYR B 135 38.29 -7.56 -6.03
C TYR B 135 38.40 -6.76 -7.32
N GLN B 136 38.10 -7.40 -8.44
CA GLN B 136 38.18 -6.75 -9.74
C GLN B 136 37.20 -5.59 -9.85
N ALA B 137 37.43 -4.73 -10.84
CA ALA B 137 36.53 -3.61 -11.11
C ALA B 137 35.16 -4.11 -11.52
N GLY B 138 34.12 -3.42 -11.09
CA GLY B 138 32.75 -3.80 -11.41
C GLY B 138 32.28 -4.99 -10.60
N TYR B 139 33.00 -5.30 -9.53
CA TYR B 139 32.66 -6.43 -8.67
C TYR B 139 32.51 -6.01 -7.21
N THR B 140 31.53 -6.61 -6.53
CA THR B 140 31.37 -6.46 -5.10
C THR B 140 31.40 -7.83 -4.44
N VAL B 141 32.41 -8.06 -3.60
CA VAL B 141 32.55 -9.35 -2.92
C VAL B 141 32.29 -9.19 -1.43
N LEU B 142 31.35 -9.99 -0.92
CA LEU B 142 31.06 -10.02 0.50
C LEU B 142 31.03 -11.46 1.01
N THR B 143 31.28 -11.62 2.31
CA THR B 143 31.24 -12.94 2.92
C THR B 143 30.30 -12.94 4.13
N VAL B 144 29.62 -14.05 4.35
CA VAL B 144 28.73 -14.17 5.48
C VAL B 144 29.05 -15.45 6.25
N ARG B 145 29.00 -15.35 7.57
CA ARG B 145 29.24 -16.52 8.43
C ARG B 145 27.92 -17.14 8.86
N GLU B 146 27.54 -18.20 8.16
CA GLU B 146 26.25 -18.85 8.39
C GLU B 146 26.42 -20.07 9.28
N PRO B 147 25.40 -20.37 10.10
CA PRO B 147 25.43 -21.59 10.91
C PRO B 147 25.52 -22.84 10.04
N HIS B 148 26.12 -23.89 10.57
CA HIS B 148 26.21 -25.16 9.85
C HIS B 148 24.82 -25.72 9.59
N GLY B 149 23.92 -25.48 10.53
CA GLY B 149 22.58 -26.02 10.48
C GLY B 149 22.24 -26.76 11.76
N VAL B 150 22.36 -28.08 11.72
CA VAL B 150 22.17 -28.89 12.92
C VAL B 150 23.52 -29.33 13.47
N THR B 151 23.82 -28.91 14.69
CA THR B 151 25.08 -29.28 15.33
C THR B 151 24.88 -30.40 16.35
N GLY B 152 25.83 -31.32 16.39
CA GLY B 152 25.82 -32.40 17.36
C GLY B 152 26.80 -32.12 18.49
N HIS B 153 26.40 -32.46 19.71
CA HIS B 153 27.19 -32.14 20.89
C HIS B 153 27.36 -33.35 21.81
N ILE B 154 28.60 -33.78 21.98
CA ILE B 154 28.93 -34.84 22.93
C ILE B 154 29.54 -34.23 24.19
N VAL B 155 28.79 -34.25 25.28
CA VAL B 155 29.21 -33.63 26.54
C VAL B 155 29.55 -34.68 27.58
N PRO B 156 30.76 -34.60 28.16
CA PRO B 156 31.22 -35.57 29.16
C PRO B 156 30.66 -35.33 30.57
N TRP B 157 31.16 -36.11 31.53
CA TRP B 157 30.59 -36.17 32.86
C TRP B 157 31.29 -35.28 33.89
N ASN B 158 32.47 -34.80 33.56
CA ASN B 158 33.27 -34.07 34.54
C ASN B 158 32.85 -32.61 34.67
N TYR B 159 32.30 -32.04 33.61
CA TYR B 159 31.74 -30.70 33.66
C TYR B 159 30.48 -30.59 32.79
N PRO B 160 29.40 -31.27 33.19
CA PRO B 160 28.16 -31.27 32.39
C PRO B 160 27.65 -29.88 32.05
N MET B 161 27.59 -28.98 33.03
CA MET B 161 27.07 -27.63 32.78
C MET B 161 28.06 -26.74 32.02
N GLN B 162 29.31 -26.73 32.45
CA GLN B 162 30.30 -25.83 31.87
C GLN B 162 30.56 -26.11 30.38
N ILE B 163 30.73 -27.39 30.06
N ILE B 163 30.70 -27.39 30.04
CA ILE B 163 30.97 -27.80 28.68
CA ILE B 163 30.98 -27.77 28.67
C ILE B 163 29.73 -27.57 27.83
C ILE B 163 29.72 -27.63 27.82
N PHE B 164 28.56 -27.79 28.43
CA PHE B 164 27.29 -27.56 27.77
C PHE B 164 27.15 -26.10 27.34
N GLY B 165 27.35 -25.19 28.29
CA GLY B 165 27.27 -23.77 28.01
C GLY B 165 28.34 -23.34 27.03
N ARG B 166 29.49 -24.00 27.09
CA ARG B 166 30.59 -23.75 26.17
C ARG B 166 30.19 -24.13 24.75
N SER B 167 29.67 -25.34 24.59
CA SER B 167 29.38 -25.88 23.27
C SER B 167 28.06 -25.37 22.70
N VAL B 168 26.98 -25.60 23.44
CA VAL B 168 25.63 -25.27 22.97
C VAL B 168 25.44 -23.76 22.93
N GLY B 169 25.98 -23.06 23.92
CA GLY B 169 25.89 -21.61 23.99
C GLY B 169 26.47 -20.91 22.77
N ALA B 170 27.60 -21.41 22.29
CA ALA B 170 28.24 -20.85 21.10
C ALA B 170 27.50 -21.27 19.83
N ALA B 171 27.09 -22.53 19.78
CA ALA B 171 26.37 -23.06 18.63
C ALA B 171 25.03 -22.35 18.44
N LEU B 172 24.32 -22.14 19.53
CA LEU B 172 23.04 -21.42 19.49
C LEU B 172 23.24 -19.97 19.08
N ALA B 173 24.30 -19.34 19.58
CA ALA B 173 24.59 -17.95 19.25
C ALA B 173 24.92 -17.83 17.76
N ALA B 174 25.53 -18.88 17.22
CA ALA B 174 25.89 -18.91 15.80
C ALA B 174 24.66 -19.08 14.92
N GLY B 175 23.57 -19.57 15.51
CA GLY B 175 22.32 -19.75 14.80
C GLY B 175 22.00 -21.19 14.47
N ASN B 176 22.70 -22.12 15.10
CA ASN B 176 22.45 -23.55 14.88
C ASN B 176 21.32 -24.05 15.78
N ALA B 177 20.68 -25.14 15.35
CA ALA B 177 19.82 -25.91 16.23
C ALA B 177 20.64 -27.11 16.71
N CYS B 178 20.41 -27.53 17.95
CA CYS B 178 21.35 -28.45 18.60
C CYS B 178 20.76 -29.81 18.98
N VAL B 179 21.59 -30.84 18.84
CA VAL B 179 21.26 -32.17 19.34
C VAL B 179 22.36 -32.58 20.32
N VAL B 180 21.98 -32.86 21.56
CA VAL B 180 22.96 -33.08 22.60
C VAL B 180 22.89 -34.51 23.16
N LYS B 181 24.05 -35.16 23.22
CA LYS B 181 24.17 -36.46 23.86
C LYS B 181 25.12 -36.33 25.05
N PRO B 182 24.58 -35.97 26.23
CA PRO B 182 25.37 -35.80 27.45
C PRO B 182 25.81 -37.14 28.03
N ALA B 183 26.73 -37.11 28.99
CA ALA B 183 27.34 -38.33 29.52
C ALA B 183 26.39 -39.14 30.39
N GLU B 184 26.47 -40.46 30.26
CA GLU B 184 25.58 -41.36 30.99
C GLU B 184 25.95 -41.47 32.47
N ASP B 185 27.10 -40.92 32.84
CA ASP B 185 27.52 -40.94 34.24
C ASP B 185 27.13 -39.66 34.96
N ALA B 186 26.75 -38.63 34.19
CA ALA B 186 26.28 -37.37 34.74
C ALA B 186 25.65 -36.50 33.65
N CYS B 187 24.35 -36.27 33.75
CA CYS B 187 23.65 -35.47 32.75
C CYS B 187 22.34 -34.87 33.25
N LEU B 188 22.07 -35.01 34.54
CA LEU B 188 20.82 -34.51 35.12
C LEU B 188 20.74 -32.99 35.12
N SER B 189 21.90 -32.33 35.22
CA SER B 189 21.93 -30.87 35.22
C SER B 189 21.57 -30.34 33.83
N VAL B 190 22.06 -31.01 32.80
CA VAL B 190 21.80 -30.62 31.43
C VAL B 190 20.31 -30.65 31.11
N LEU B 191 19.62 -31.67 31.63
CA LEU B 191 18.19 -31.82 31.41
C LEU B 191 17.41 -30.62 31.97
N ARG B 192 17.79 -30.19 33.18
CA ARG B 192 17.13 -29.07 33.83
C ARG B 192 17.40 -27.76 33.10
N VAL B 193 18.61 -27.63 32.56
CA VAL B 193 18.98 -26.44 31.81
C VAL B 193 18.12 -26.32 30.55
N ALA B 194 17.79 -27.46 29.95
CA ALA B 194 16.93 -27.48 28.78
C ALA B 194 15.55 -26.91 29.09
N GLU B 195 15.07 -27.18 30.31
CA GLU B 195 13.81 -26.60 30.76
C GLU B 195 13.92 -25.09 30.89
N LEU B 196 15.06 -24.63 31.42
CA LEU B 196 15.31 -23.21 31.58
C LEU B 196 15.36 -22.51 30.23
N ALA B 197 15.91 -23.20 29.23
CA ALA B 197 16.00 -22.65 27.88
C ALA B 197 14.61 -22.46 27.28
N ALA B 198 13.73 -23.43 27.51
CA ALA B 198 12.35 -23.33 27.03
C ALA B 198 11.65 -22.14 27.67
N GLU B 199 11.90 -21.95 28.97
CA GLU B 199 11.33 -20.82 29.70
C GLU B 199 11.89 -19.50 29.21
N ALA B 200 13.13 -19.53 28.72
CA ALA B 200 13.80 -18.33 28.24
C ALA B 200 13.22 -17.86 26.91
N GLY B 201 12.50 -18.73 26.23
CA GLY B 201 11.88 -18.40 24.96
C GLY B 201 12.52 -19.07 23.76
N LEU B 202 13.37 -20.06 24.03
CA LEU B 202 14.00 -20.83 22.97
C LEU B 202 12.97 -21.72 22.29
N PRO B 203 12.77 -21.52 20.97
CA PRO B 203 11.78 -22.27 20.18
C PRO B 203 11.98 -23.77 20.31
N ALA B 204 10.86 -24.51 20.35
CA ALA B 204 10.89 -25.96 20.47
C ALA B 204 11.66 -26.60 19.31
N GLY B 205 12.63 -27.42 19.63
CA GLY B 205 13.43 -28.09 18.60
C GLY B 205 14.82 -27.51 18.46
N ALA B 206 15.01 -26.27 18.90
CA ALA B 206 16.30 -25.60 18.80
C ALA B 206 17.33 -26.30 19.68
N LEU B 207 16.86 -26.91 20.76
CA LEU B 207 17.73 -27.65 21.67
C LEU B 207 17.12 -28.99 22.02
N ASN B 208 17.79 -30.07 21.62
CA ASN B 208 17.32 -31.42 21.88
C ASN B 208 18.33 -32.20 22.72
N ILE B 209 17.83 -32.97 23.68
CA ILE B 209 18.69 -33.76 24.55
C ILE B 209 18.31 -35.22 24.46
N VAL B 210 19.27 -36.05 24.06
CA VAL B 210 19.08 -37.51 24.04
C VAL B 210 20.08 -38.16 24.97
N THR B 211 19.61 -38.65 26.12
CA THR B 211 20.47 -39.34 27.07
C THR B 211 20.74 -40.76 26.60
N GLY B 212 21.76 -41.39 27.16
CA GLY B 212 22.09 -42.76 26.80
C GLY B 212 23.58 -43.08 26.75
N TYR B 213 23.89 -44.35 26.51
CA TYR B 213 25.28 -44.79 26.43
C TYR B 213 25.99 -44.23 25.22
N GLY B 214 27.30 -44.07 25.32
CA GLY B 214 28.11 -43.58 24.23
C GLY B 214 28.11 -44.46 23.00
N HIS B 215 28.12 -45.77 23.22
CA HIS B 215 28.17 -46.72 22.10
C HIS B 215 26.80 -46.89 21.45
N GLU B 216 25.77 -46.37 22.10
CA GLU B 216 24.42 -46.41 21.54
C GLU B 216 23.99 -45.04 21.01
N ALA B 217 23.57 -44.17 21.91
CA ALA B 217 23.09 -42.84 21.54
C ALA B 217 24.21 -41.99 20.94
N GLY B 218 25.41 -42.07 21.54
CA GLY B 218 26.55 -41.30 21.07
C GLY B 218 27.01 -41.71 19.69
N ALA B 219 27.11 -43.01 19.45
CA ALA B 219 27.51 -43.52 18.14
C ALA B 219 26.45 -43.21 17.09
N ALA B 220 25.18 -43.27 17.47
CA ALA B 220 24.09 -42.98 16.54
C ALA B 220 24.12 -41.54 16.07
N LEU B 221 24.53 -40.64 16.98
CA LEU B 221 24.62 -39.23 16.65
C LEU B 221 25.76 -38.96 15.67
N ALA B 222 26.90 -39.57 15.93
CA ALA B 222 28.10 -39.34 15.12
C ALA B 222 27.94 -39.89 13.70
N ARG B 223 27.11 -40.93 13.56
N ARG B 223 27.12 -40.93 13.55
CA ARG B 223 26.90 -41.56 12.27
CA ARG B 223 26.91 -41.56 12.26
C ARG B 223 25.77 -40.92 11.48
C ARG B 223 25.71 -40.99 11.51
N HIS B 224 25.00 -40.06 12.14
CA HIS B 224 23.81 -39.47 11.53
C HIS B 224 24.15 -38.46 10.43
N PRO B 225 23.62 -38.69 9.22
CA PRO B 225 23.81 -37.83 8.05
C PRO B 225 23.08 -36.50 8.14
N GLY B 226 22.19 -36.37 9.13
CA GLY B 226 21.42 -35.16 9.32
C GLY B 226 22.15 -34.10 10.13
N ILE B 227 23.33 -34.45 10.61
CA ILE B 227 24.16 -33.52 11.38
C ILE B 227 25.11 -32.81 10.42
N ASP B 228 25.40 -31.55 10.73
CA ASP B 228 26.24 -30.73 9.84
C ASP B 228 27.59 -30.44 10.48
N HIS B 229 27.67 -30.59 11.80
CA HIS B 229 28.89 -30.32 12.55
C HIS B 229 28.81 -30.95 13.92
N ILE B 230 29.93 -31.50 14.40
CA ILE B 230 29.94 -32.19 15.69
C ILE B 230 30.98 -31.58 16.63
N SER B 231 30.54 -31.25 17.83
CA SER B 231 31.43 -30.76 18.88
C SER B 231 31.67 -31.88 19.89
N PHE B 232 32.89 -32.40 19.92
CA PHE B 232 33.18 -33.52 20.82
C PHE B 232 34.16 -33.16 21.93
N THR B 233 33.81 -33.57 23.15
CA THR B 233 34.71 -33.48 24.28
C THR B 233 34.76 -34.83 24.99
N GLY B 234 35.95 -35.42 25.09
CA GLY B 234 36.11 -36.70 25.74
C GLY B 234 37.47 -37.33 25.54
N SER B 235 37.54 -38.65 25.62
CA SER B 235 38.79 -39.38 25.48
C SER B 235 39.26 -39.38 24.03
N PRO B 236 40.59 -39.44 23.83
CA PRO B 236 41.17 -39.53 22.49
C PRO B 236 40.67 -40.73 21.70
N ALA B 237 40.52 -41.87 22.37
CA ALA B 237 40.04 -43.08 21.71
C ALA B 237 38.65 -42.89 21.13
N THR B 238 37.77 -42.27 21.92
CA THR B 238 36.40 -42.04 21.49
C THR B 238 36.35 -40.92 20.45
N GLY B 239 37.20 -39.92 20.61
CA GLY B 239 37.30 -38.84 19.64
C GLY B 239 37.70 -39.34 18.27
N LYS B 240 38.61 -40.31 18.26
CA LYS B 240 39.04 -40.97 17.03
C LYS B 240 37.85 -41.65 16.34
N LEU B 241 37.08 -42.40 17.13
CA LEU B 241 35.92 -43.11 16.60
C LEU B 241 34.87 -42.15 16.04
N VAL B 242 34.59 -41.09 16.79
CA VAL B 242 33.57 -40.11 16.40
C VAL B 242 33.96 -39.44 15.08
N THR B 243 35.24 -39.08 14.96
CA THR B 243 35.76 -38.48 13.74
C THR B 243 35.55 -39.42 12.55
N GLN B 244 35.97 -40.67 12.72
CA GLN B 244 35.90 -41.67 11.67
C GLN B 244 34.46 -42.00 11.31
N MET B 245 33.58 -42.00 12.30
CA MET B 245 32.16 -42.21 12.05
C MET B 245 31.56 -41.06 11.24
N ALA B 246 31.87 -39.84 11.67
CA ALA B 246 31.33 -38.64 11.03
C ALA B 246 31.91 -38.45 9.63
N ALA B 247 33.07 -39.04 9.38
CA ALA B 247 33.73 -38.93 8.08
C ALA B 247 32.90 -39.59 7.00
N GLU B 248 32.07 -40.56 7.40
CA GLU B 248 31.19 -41.26 6.47
C GLU B 248 30.20 -40.31 5.82
N ASN B 249 29.90 -39.21 6.52
CA ASN B 249 28.98 -38.20 6.01
C ASN B 249 29.72 -36.90 5.70
N HIS B 250 31.06 -36.95 5.78
CA HIS B 250 31.90 -35.79 5.58
C HIS B 250 31.52 -34.66 6.55
N VAL B 251 31.27 -35.03 7.80
CA VAL B 251 30.88 -34.07 8.82
C VAL B 251 32.08 -33.70 9.68
N PRO B 252 32.40 -32.39 9.74
CA PRO B 252 33.53 -31.88 10.52
C PRO B 252 33.34 -32.06 12.02
N VAL B 253 34.40 -32.42 12.72
CA VAL B 253 34.33 -32.68 14.15
C VAL B 253 35.40 -31.90 14.92
N THR B 254 34.97 -31.17 15.94
CA THR B 254 35.89 -30.51 16.85
C THR B 254 36.28 -31.48 17.97
N LEU B 255 37.57 -31.65 18.21
CA LEU B 255 38.03 -32.58 19.24
C LEU B 255 38.64 -31.85 20.44
N GLU B 256 37.92 -31.87 21.55
CA GLU B 256 38.45 -31.40 22.83
C GLU B 256 38.82 -32.61 23.68
N LEU B 257 40.05 -33.08 23.53
CA LEU B 257 40.47 -34.33 24.17
C LEU B 257 41.26 -34.08 25.45
N GLY B 258 41.93 -35.11 25.93
CA GLY B 258 42.66 -35.02 27.19
C GLY B 258 43.95 -34.24 27.10
N GLY B 259 44.75 -34.31 28.17
CA GLY B 259 46.02 -33.60 28.22
C GLY B 259 46.91 -34.02 29.36
N LYS B 260 48.18 -33.61 29.27
CA LYS B 260 49.15 -33.85 30.34
C LYS B 260 49.86 -32.52 30.61
N SER B 261 49.07 -31.53 31.03
CA SER B 261 49.52 -30.14 31.08
C SER B 261 50.52 -29.87 32.19
N PRO B 262 51.67 -29.31 31.82
CA PRO B 262 52.77 -29.06 32.76
C PRO B 262 52.71 -27.70 33.44
N GLN B 263 53.16 -27.66 34.69
CA GLN B 263 53.43 -26.40 35.38
C GLN B 263 54.94 -26.21 35.41
N ILE B 264 55.43 -25.14 34.79
CA ILE B 264 56.86 -24.91 34.69
C ILE B 264 57.31 -23.83 35.68
N VAL B 265 58.07 -24.22 36.69
CA VAL B 265 58.46 -23.32 37.76
C VAL B 265 59.97 -23.09 37.77
N PHE B 266 60.38 -21.83 37.65
CA PHE B 266 61.79 -21.47 37.71
C PHE B 266 62.18 -20.99 39.10
N ALA B 267 63.49 -20.84 39.33
CA ALA B 267 64.02 -20.52 40.65
C ALA B 267 63.69 -19.09 41.10
N ASP B 268 63.35 -18.23 40.14
CA ASP B 268 63.06 -16.83 40.47
C ASP B 268 61.57 -16.59 40.64
N ALA B 269 60.81 -17.67 40.74
CA ALA B 269 59.36 -17.58 40.85
C ALA B 269 58.92 -17.33 42.29
N ASP B 270 57.79 -16.64 42.44
CA ASP B 270 57.18 -16.44 43.75
C ASP B 270 56.45 -17.72 44.16
N LEU B 271 57.12 -18.57 44.94
CA LEU B 271 56.57 -19.86 45.32
C LEU B 271 55.37 -19.72 46.25
N ASP B 272 55.31 -18.62 46.98
CA ASP B 272 54.19 -18.36 47.91
C ASP B 272 52.89 -18.19 47.14
N ALA B 273 52.94 -17.48 46.03
CA ALA B 273 51.76 -17.20 45.23
C ALA B 273 51.50 -18.33 44.24
N ALA B 274 52.52 -19.13 43.97
CA ALA B 274 52.40 -20.24 43.02
C ALA B 274 51.82 -21.48 43.68
N LEU B 275 52.16 -21.69 44.95
CA LEU B 275 51.78 -22.90 45.69
C LEU B 275 50.26 -23.18 45.66
N PRO B 276 49.41 -22.20 46.03
CA PRO B 276 47.98 -22.53 46.04
C PRO B 276 47.42 -22.86 44.66
N VAL B 277 47.94 -22.23 43.62
CA VAL B 277 47.46 -22.44 42.27
C VAL B 277 47.88 -23.83 41.77
N LEU B 278 49.11 -24.22 42.06
CA LEU B 278 49.61 -25.54 41.68
C LEU B 278 48.75 -26.65 42.29
N VAL B 279 48.28 -26.43 43.52
CA VAL B 279 47.47 -27.42 44.21
C VAL B 279 46.08 -27.49 43.62
N SER B 280 45.43 -26.34 43.49
N SER B 280 45.43 -26.34 43.48
CA SER B 280 44.06 -26.27 42.99
CA SER B 280 44.06 -26.29 42.99
C SER B 280 43.95 -26.75 41.55
C SER B 280 43.94 -26.76 41.55
N ALA B 281 45.02 -26.59 40.78
CA ALA B 281 45.02 -26.97 39.36
C ALA B 281 44.90 -28.48 39.16
N ILE B 282 45.21 -29.25 40.20
CA ILE B 282 45.19 -30.70 40.09
C ILE B 282 44.18 -31.31 41.06
N VAL B 283 43.74 -30.52 42.03
CA VAL B 283 42.81 -31.00 43.05
C VAL B 283 41.36 -30.72 42.64
N GLN B 284 41.15 -29.66 41.90
CA GLN B 284 39.81 -29.28 41.41
C GLN B 284 39.15 -30.42 40.65
N ASN B 285 37.90 -30.70 41.00
CA ASN B 285 37.11 -31.76 40.38
C ASN B 285 37.83 -33.12 40.49
N GLY B 286 38.61 -33.28 41.55
CA GLY B 286 39.37 -34.50 41.77
C GLY B 286 40.34 -34.83 40.64
N GLY B 287 40.88 -33.79 40.00
CA GLY B 287 41.81 -33.97 38.90
C GLY B 287 41.15 -34.47 37.63
N GLN B 288 39.83 -34.59 37.65
CA GLN B 288 39.07 -35.04 36.49
C GLN B 288 38.80 -33.86 35.57
N THR B 289 39.87 -33.31 35.01
CA THR B 289 39.81 -32.16 34.12
C THR B 289 40.83 -32.34 33.01
N CYS B 290 40.42 -32.10 31.77
CA CYS B 290 41.31 -32.25 30.63
C CYS B 290 42.57 -31.39 30.77
N SER B 291 42.38 -30.16 31.24
CA SER B 291 43.47 -29.20 31.34
C SER B 291 44.12 -29.18 32.71
N ALA B 292 43.98 -30.28 33.46
CA ALA B 292 44.54 -30.37 34.80
C ALA B 292 46.06 -30.25 34.78
N GLY B 293 46.60 -29.52 35.76
CA GLY B 293 48.04 -29.41 35.91
C GLY B 293 48.61 -30.66 36.55
N SER B 294 48.75 -31.71 35.75
CA SER B 294 49.16 -33.02 36.26
C SER B 294 50.67 -33.18 36.35
N ARG B 295 51.40 -32.24 35.77
CA ARG B 295 52.85 -32.24 35.86
C ARG B 295 53.37 -30.90 36.37
N VAL B 296 54.30 -30.95 37.32
CA VAL B 296 54.98 -29.73 37.75
C VAL B 296 56.47 -29.88 37.49
N LEU B 297 57.00 -29.04 36.60
CA LEU B 297 58.41 -29.08 36.24
C LEU B 297 59.15 -27.97 36.98
N ILE B 298 60.09 -28.36 37.83
CA ILE B 298 60.75 -27.40 38.70
C ILE B 298 62.25 -27.28 38.41
N GLU B 299 62.72 -26.06 38.24
CA GLU B 299 64.15 -25.80 38.07
C GLU B 299 64.89 -26.35 39.29
N ARG B 300 66.05 -26.95 39.05
CA ARG B 300 66.79 -27.70 40.07
C ARG B 300 67.02 -26.94 41.38
N ALA B 301 67.23 -25.63 41.29
CA ALA B 301 67.53 -24.82 42.47
C ALA B 301 66.39 -24.82 43.48
N VAL B 302 65.15 -24.89 42.99
CA VAL B 302 64.00 -24.84 43.87
C VAL B 302 63.17 -26.12 43.81
N TYR B 303 63.76 -27.19 43.28
CA TYR B 303 63.05 -28.47 43.18
C TYR B 303 62.63 -28.98 44.55
N GLU B 304 63.60 -29.21 45.42
CA GLU B 304 63.31 -29.69 46.77
C GLU B 304 62.46 -28.73 47.61
N PRO B 305 62.79 -27.42 47.61
CA PRO B 305 61.93 -26.50 48.38
C PRO B 305 60.47 -26.48 47.93
N LEU B 306 60.22 -26.58 46.63
CA LEU B 306 58.84 -26.53 46.13
C LEU B 306 58.11 -27.83 46.41
N VAL B 307 58.82 -28.96 46.31
CA VAL B 307 58.22 -30.26 46.58
C VAL B 307 57.77 -30.32 48.04
N GLU B 308 58.60 -29.78 48.93
CA GLU B 308 58.28 -29.74 50.37
C GLU B 308 56.99 -28.97 50.61
N ARG B 309 56.86 -27.81 49.98
CA ARG B 309 55.65 -27.00 50.11
C ARG B 309 54.44 -27.73 49.54
N LEU B 310 54.65 -28.39 48.40
CA LEU B 310 53.60 -29.18 47.79
C LEU B 310 53.21 -30.33 48.70
N ALA B 311 54.21 -30.92 49.35
CA ALA B 311 53.99 -32.01 50.30
C ALA B 311 53.18 -31.53 51.50
N THR B 312 53.51 -30.33 51.97
CA THR B 312 52.78 -29.70 53.08
C THR B 312 51.30 -29.54 52.76
N ALA B 313 51.02 -28.99 51.59
CA ALA B 313 49.64 -28.74 51.16
C ALA B 313 48.86 -30.04 50.98
N PHE B 314 49.47 -30.99 50.26
CA PHE B 314 48.80 -32.25 49.96
C PHE B 314 48.46 -33.05 51.22
N ASN B 315 49.31 -32.95 52.23
CA ASN B 315 49.09 -33.69 53.48
C ASN B 315 47.84 -33.19 54.23
N GLY B 316 47.48 -31.93 53.99
CA GLY B 316 46.32 -31.35 54.64
C GLY B 316 45.02 -31.54 53.89
N LEU B 317 45.11 -31.99 52.65
CA LEU B 317 43.93 -32.17 51.81
C LEU B 317 43.06 -33.32 52.30
N ARG B 318 41.74 -33.14 52.22
CA ARG B 318 40.79 -34.14 52.69
C ARG B 318 39.74 -34.47 51.63
N VAL B 319 39.32 -35.73 51.57
CA VAL B 319 38.33 -36.18 50.62
C VAL B 319 37.10 -36.69 51.36
N GLY B 320 35.92 -36.31 50.87
CA GLY B 320 34.68 -36.77 51.47
C GLY B 320 33.50 -36.60 50.54
N PRO B 321 32.28 -36.89 51.04
CA PRO B 321 31.04 -36.73 50.26
C PRO B 321 30.89 -35.33 49.70
N SER B 322 30.20 -35.22 48.57
CA SER B 322 30.00 -33.93 47.89
C SER B 322 29.40 -32.87 48.81
N ARG B 323 28.45 -33.29 49.65
CA ARG B 323 27.76 -32.35 50.53
C ARG B 323 28.68 -31.85 51.64
N ALA B 324 29.71 -32.61 51.97
CA ALA B 324 30.66 -32.22 53.00
C ALA B 324 31.49 -31.02 52.55
N ASP B 325 31.53 -30.80 51.24
CA ASP B 325 32.22 -29.66 50.63
C ASP B 325 33.66 -29.54 51.10
N LEU B 326 34.44 -30.59 50.88
CA LEU B 326 35.85 -30.59 51.28
C LEU B 326 36.74 -30.26 50.09
N ASP B 327 37.99 -30.69 50.15
CA ASP B 327 38.94 -30.43 49.07
C ASP B 327 38.58 -31.22 47.83
N CYS B 328 38.19 -32.47 48.03
CA CYS B 328 37.76 -33.33 46.92
C CYS B 328 36.48 -34.08 47.26
N GLY B 329 35.69 -34.36 46.24
CA GLY B 329 34.60 -35.30 46.37
C GLY B 329 35.10 -36.65 45.91
N PRO B 330 34.18 -37.61 45.69
CA PRO B 330 34.59 -38.89 45.12
C PRO B 330 34.84 -38.77 43.62
N LEU B 331 35.38 -39.82 43.01
CA LEU B 331 35.51 -39.86 41.56
C LEU B 331 34.17 -40.30 40.98
N ILE B 332 34.03 -40.17 39.66
CA ILE B 332 32.72 -40.34 39.02
C ILE B 332 32.18 -41.77 39.14
N ASN B 333 33.06 -42.77 39.10
CA ASN B 333 32.62 -44.17 39.25
C ASN B 333 33.78 -45.09 39.61
N ALA B 334 33.48 -46.38 39.76
CA ALA B 334 34.45 -47.37 40.20
C ALA B 334 35.52 -47.63 39.14
N LYS B 335 35.12 -47.59 37.87
CA LYS B 335 36.05 -47.83 36.77
C LYS B 335 37.17 -46.78 36.76
N GLN B 336 36.79 -45.53 36.95
CA GLN B 336 37.78 -44.45 37.00
C GLN B 336 38.64 -44.55 38.25
N GLN B 337 38.02 -44.97 39.35
CA GLN B 337 38.73 -45.17 40.61
C GLN B 337 39.80 -46.23 40.46
N GLN B 338 39.47 -47.31 39.74
CA GLN B 338 40.40 -48.39 39.48
C GLN B 338 41.53 -47.92 38.57
N ARG B 339 41.21 -47.03 37.64
CA ARG B 339 42.20 -46.50 36.71
C ARG B 339 43.26 -45.69 37.45
N VAL B 340 42.82 -44.90 38.43
CA VAL B 340 43.75 -44.10 39.23
C VAL B 340 44.58 -45.02 40.11
N TRP B 341 43.94 -46.03 40.68
CA TRP B 341 44.62 -47.02 41.51
C TRP B 341 45.75 -47.70 40.74
N ASP B 342 45.48 -48.02 39.48
CA ASP B 342 46.45 -48.71 38.63
C ASP B 342 47.68 -47.86 38.36
N PHE B 343 47.47 -46.56 38.14
CA PHE B 343 48.57 -45.63 37.93
C PHE B 343 49.45 -45.56 39.18
N LEU B 344 48.83 -45.35 40.33
CA LEU B 344 49.56 -45.26 41.60
C LEU B 344 50.27 -46.57 41.93
N SER B 345 49.59 -47.68 41.69
CA SER B 345 50.16 -48.99 41.98
C SER B 345 51.37 -49.30 41.11
N ASP B 346 51.26 -48.96 39.82
CA ASP B 346 52.38 -49.13 38.90
C ASP B 346 53.58 -48.29 39.35
N ALA B 347 53.30 -47.04 39.68
CA ALA B 347 54.34 -46.11 40.10
C ALA B 347 55.05 -46.58 41.36
N GLN B 348 54.28 -47.12 42.30
CA GLN B 348 54.83 -47.67 43.53
C GLN B 348 55.77 -48.84 43.23
N HIS B 349 55.39 -49.67 42.27
CA HIS B 349 56.19 -50.82 41.87
C HIS B 349 57.51 -50.40 41.25
N ASP B 350 57.49 -49.30 40.51
CA ASP B 350 58.68 -48.83 39.80
C ASP B 350 59.57 -47.97 40.69
N GLY B 351 59.23 -47.90 41.97
CA GLY B 351 60.04 -47.16 42.93
C GLY B 351 59.91 -45.65 42.84
N ILE B 352 58.79 -45.19 42.29
CA ILE B 352 58.51 -43.76 42.24
C ILE B 352 57.97 -43.34 43.61
N PRO B 353 58.73 -42.48 44.31
CA PRO B 353 58.37 -42.08 45.68
C PRO B 353 57.12 -41.22 45.74
N MET B 354 56.20 -41.59 46.64
CA MET B 354 55.06 -40.73 46.94
C MET B 354 55.46 -39.70 47.98
N ALA B 355 55.66 -38.46 47.55
CA ALA B 355 56.11 -37.40 48.45
C ALA B 355 55.06 -37.12 49.52
N ALA B 356 53.80 -37.06 49.10
CA ALA B 356 52.71 -36.78 50.03
C ALA B 356 51.37 -37.24 49.46
N HIS B 357 50.36 -37.29 50.32
CA HIS B 357 49.01 -37.66 49.88
C HIS B 357 47.96 -37.15 50.87
N GLY B 358 46.76 -36.89 50.37
CA GLY B 358 45.67 -36.46 51.22
C GLY B 358 45.06 -37.63 51.97
N GLN B 359 43.90 -37.39 52.58
CA GLN B 359 43.21 -38.45 53.32
C GLN B 359 41.71 -38.46 53.01
N VAL B 360 41.14 -39.67 52.96
CA VAL B 360 39.70 -39.83 52.90
C VAL B 360 39.18 -39.79 54.32
N VAL B 361 38.15 -38.96 54.56
CA VAL B 361 37.60 -38.81 55.91
C VAL B 361 37.02 -40.15 56.37
N ALA B 362 37.07 -40.39 57.68
CA ALA B 362 36.69 -41.67 58.25
C ALA B 362 35.22 -41.99 58.03
N ASP B 363 34.38 -40.97 58.02
CA ASP B 363 32.94 -41.16 57.91
C ASP B 363 32.46 -41.18 56.46
N ALA B 364 33.41 -41.25 55.53
CA ALA B 364 33.07 -41.32 54.11
C ALA B 364 32.53 -42.70 53.77
N PRO B 365 31.39 -42.75 53.06
CA PRO B 365 30.73 -43.99 52.66
C PRO B 365 31.67 -44.96 51.93
N GLU B 366 31.69 -46.22 52.39
CA GLU B 366 32.57 -47.22 51.81
C GLU B 366 32.19 -47.56 50.38
N SER B 367 30.90 -47.44 50.07
CA SER B 367 30.40 -47.73 48.73
C SER B 367 30.73 -46.60 47.75
N GLY B 368 31.23 -45.50 48.29
CA GLY B 368 31.64 -44.38 47.46
C GLY B 368 32.98 -44.61 46.80
N PHE B 369 33.28 -43.83 45.77
CA PHE B 369 34.51 -44.00 45.01
C PHE B 369 35.51 -42.89 45.31
N TYR B 370 36.09 -42.93 46.50
CA TYR B 370 36.96 -41.86 46.97
C TYR B 370 38.43 -42.15 46.71
N GLN B 371 39.16 -41.12 46.28
CA GLN B 371 40.60 -41.20 46.09
C GLN B 371 41.25 -39.93 46.61
N ALA B 372 42.24 -40.09 47.48
CA ALA B 372 42.94 -38.96 48.05
C ALA B 372 43.96 -38.40 47.07
N PRO B 373 44.15 -37.07 47.09
CA PRO B 373 45.17 -36.44 46.24
C PRO B 373 46.56 -36.99 46.53
N ALA B 374 47.34 -37.25 45.49
CA ALA B 374 48.66 -37.86 45.67
C ALA B 374 49.75 -37.07 44.95
N LEU B 375 50.85 -36.85 45.65
CA LEU B 375 51.98 -36.13 45.09
C LEU B 375 53.20 -37.05 44.98
N LEU B 376 53.58 -37.37 43.74
CA LEU B 376 54.74 -38.22 43.52
C LEU B 376 55.91 -37.41 42.97
N ARG B 377 57.11 -37.79 43.37
CA ARG B 377 58.32 -37.04 43.04
C ARG B 377 59.31 -37.88 42.25
N ASP B 378 60.31 -37.22 41.68
CA ASP B 378 61.38 -37.88 40.94
C ASP B 378 60.82 -38.76 39.82
N VAL B 379 59.73 -38.32 39.21
CA VAL B 379 59.06 -39.08 38.17
C VAL B 379 59.86 -39.03 36.87
N PRO B 380 60.21 -40.19 36.33
CA PRO B 380 60.89 -40.27 35.03
C PRO B 380 60.00 -39.73 33.91
N PRO B 381 60.58 -38.88 33.03
CA PRO B 381 59.84 -38.25 31.93
C PRO B 381 59.17 -39.26 31.00
N SER B 382 59.81 -40.40 30.78
CA SER B 382 59.27 -41.39 29.85
C SER B 382 58.26 -42.32 30.51
N HIS B 383 58.19 -42.27 31.83
CA HIS B 383 57.29 -43.15 32.59
C HIS B 383 55.83 -42.86 32.25
N ARG B 384 55.02 -43.91 32.21
CA ARG B 384 53.61 -43.82 31.86
C ARG B 384 52.86 -42.78 32.71
N LEU B 385 53.29 -42.64 33.95
CA LEU B 385 52.67 -41.68 34.87
C LEU B 385 52.85 -40.24 34.39
N ALA B 386 53.95 -39.99 33.69
CA ALA B 386 54.26 -38.64 33.22
C ALA B 386 53.92 -38.46 31.74
N GLN B 387 53.36 -39.51 31.13
CA GLN B 387 53.05 -39.49 29.71
C GLN B 387 51.54 -39.61 29.46
N GLU B 388 50.85 -40.36 30.31
CA GLU B 388 49.43 -40.63 30.11
C GLU B 388 48.55 -39.89 31.10
N GLU B 389 47.35 -39.53 30.67
CA GLU B 389 46.40 -38.81 31.51
C GLU B 389 45.79 -39.73 32.57
N VAL B 390 45.92 -39.34 33.83
CA VAL B 390 45.44 -40.16 34.94
C VAL B 390 43.97 -39.87 35.23
N PHE B 391 43.58 -38.61 35.07
CA PHE B 391 42.24 -38.13 35.40
C PHE B 391 41.92 -38.42 36.86
N GLY B 392 42.88 -38.12 37.72
CA GLY B 392 42.71 -38.20 39.16
C GLY B 392 43.52 -37.11 39.82
N PRO B 393 43.40 -36.97 41.15
CA PRO B 393 44.15 -35.93 41.86
C PRO B 393 45.60 -36.34 42.11
N VAL B 394 46.32 -36.67 41.04
CA VAL B 394 47.69 -37.13 41.15
C VAL B 394 48.62 -36.17 40.44
N LEU B 395 49.58 -35.62 41.18
CA LEU B 395 50.54 -34.67 40.63
C LEU B 395 51.92 -35.30 40.51
N ALA B 396 52.52 -35.17 39.33
CA ALA B 396 53.86 -35.71 39.09
C ALA B 396 54.89 -34.58 39.08
N ALA B 397 55.89 -34.71 39.93
CA ALA B 397 56.93 -33.70 40.05
C ALA B 397 58.28 -34.21 39.54
N MET B 398 58.98 -33.36 38.80
CA MET B 398 60.31 -33.69 38.28
C MET B 398 61.08 -32.41 38.04
N ARG B 399 62.40 -32.53 37.88
CA ARG B 399 63.26 -31.35 37.75
C ARG B 399 63.76 -31.14 36.33
N PHE B 400 64.20 -29.91 36.04
CA PHE B 400 64.91 -29.60 34.81
C PHE B 400 66.08 -28.68 35.12
N VAL B 401 67.02 -28.55 34.18
CA VAL B 401 68.23 -27.78 34.43
C VAL B 401 68.16 -26.38 33.82
N ASP B 402 67.48 -26.24 32.69
CA ASP B 402 67.35 -24.94 32.03
C ASP B 402 66.09 -24.84 31.18
N GLU B 403 65.98 -23.75 30.42
CA GLU B 403 64.81 -23.51 29.58
C GLU B 403 64.64 -24.58 28.51
N ASP B 404 65.75 -24.98 27.89
CA ASP B 404 65.72 -25.97 26.81
C ASP B 404 65.15 -27.30 27.27
N GLU B 405 65.56 -27.75 28.46
CA GLU B 405 65.04 -29.02 28.99
C GLU B 405 63.60 -28.84 29.46
N ALA B 406 63.27 -27.64 29.94
CA ALA B 406 61.90 -27.33 30.33
C ALA B 406 60.98 -27.48 29.13
N VAL B 407 61.42 -26.96 28.00
CA VAL B 407 60.65 -27.04 26.75
C VAL B 407 60.55 -28.48 26.27
N ALA B 408 61.68 -29.18 26.29
CA ALA B 408 61.74 -30.57 25.83
C ALA B 408 60.84 -31.49 26.66
N LEU B 409 60.81 -31.27 27.97
CA LEU B 409 59.96 -32.05 28.85
C LEU B 409 58.48 -31.72 28.66
N ALA B 410 58.18 -30.42 28.61
CA ALA B 410 56.81 -29.95 28.45
C ALA B 410 56.16 -30.45 27.16
N ASN B 411 56.90 -30.42 26.06
CA ASN B 411 56.37 -30.89 24.78
C ASN B 411 56.70 -32.36 24.53
N GLY B 412 57.22 -33.03 25.55
CA GLY B 412 57.67 -34.41 25.42
C GLY B 412 56.61 -35.48 25.50
N THR B 413 55.35 -35.07 25.62
CA THR B 413 54.24 -36.02 25.65
C THR B 413 53.38 -35.81 24.40
N PRO B 414 52.51 -36.78 24.07
CA PRO B 414 51.68 -36.57 22.87
C PRO B 414 50.60 -35.50 23.04
N TYR B 415 50.44 -35.01 24.27
CA TYR B 415 49.39 -34.01 24.54
C TYR B 415 49.91 -32.58 24.40
N GLY B 416 48.99 -31.65 24.23
CA GLY B 416 49.32 -30.24 24.16
C GLY B 416 48.08 -29.38 24.31
N LEU B 417 47.63 -29.20 25.54
CA LEU B 417 46.40 -28.49 25.82
C LEU B 417 46.65 -27.12 26.46
N VAL B 418 47.17 -27.14 27.68
CA VAL B 418 47.44 -25.93 28.45
CA VAL B 418 47.50 -25.89 28.36
C VAL B 418 48.86 -26.03 29.05
N ALA B 419 49.49 -24.90 29.33
CA ALA B 419 50.76 -24.89 30.04
C ALA B 419 50.83 -23.69 30.99
N GLY B 420 51.48 -23.89 32.14
CA GLY B 420 51.64 -22.81 33.10
C GLY B 420 53.10 -22.43 33.27
N ILE B 421 53.37 -21.13 33.21
CA ILE B 421 54.73 -20.62 33.37
C ILE B 421 54.83 -19.77 34.64
N TRP B 422 55.73 -20.16 35.54
CA TRP B 422 55.94 -19.41 36.77
C TRP B 422 57.38 -18.93 36.84
N THR B 423 57.58 -17.65 36.55
CA THR B 423 58.90 -17.03 36.62
C THR B 423 58.77 -15.52 36.70
N ARG B 424 59.81 -14.86 37.19
CA ARG B 424 59.80 -13.41 37.33
C ARG B 424 60.29 -12.73 36.05
N ASP B 425 61.18 -13.40 35.33
CA ASP B 425 61.78 -12.83 34.13
C ASP B 425 60.78 -12.72 32.98
N GLY B 426 60.54 -11.49 32.54
CA GLY B 426 59.58 -11.23 31.48
C GLY B 426 59.98 -11.74 30.11
N ALA B 427 61.26 -11.63 29.79
CA ALA B 427 61.77 -12.11 28.52
C ALA B 427 61.59 -13.62 28.43
N ARG B 428 61.84 -14.31 29.53
CA ARG B 428 61.65 -15.76 29.59
C ARG B 428 60.18 -16.14 29.45
N GLN B 429 59.30 -15.34 30.06
CA GLN B 429 57.86 -15.58 30.00
C GLN B 429 57.35 -15.71 28.58
N MET B 430 57.61 -14.70 27.76
CA MET B 430 57.10 -14.67 26.39
C MET B 430 57.87 -15.64 25.50
N ARG B 431 59.15 -15.84 25.80
CA ARG B 431 59.99 -16.72 25.00
C ARG B 431 59.52 -18.17 25.09
N LEU B 432 59.28 -18.65 26.30
CA LEU B 432 58.77 -20.00 26.51
C LEU B 432 57.40 -20.20 25.89
N ALA B 433 56.54 -19.20 26.10
CA ALA B 433 55.16 -19.26 25.62
C ALA B 433 55.07 -19.52 24.13
N ARG B 434 56.07 -19.04 23.39
CA ARG B 434 56.14 -19.28 21.95
C ARG B 434 56.59 -20.71 21.64
N ARG B 435 57.50 -21.23 22.45
CA ARG B 435 58.07 -22.55 22.23
C ARG B 435 57.15 -23.68 22.68
N LEU B 436 56.33 -23.41 23.69
CA LEU B 436 55.44 -24.43 24.26
C LEU B 436 54.31 -24.78 23.30
N ARG B 437 54.05 -26.08 23.17
CA ARG B 437 52.94 -26.56 22.35
C ARG B 437 51.67 -26.70 23.19
N ALA B 438 50.80 -25.69 23.11
CA ALA B 438 49.56 -25.68 23.87
C ALA B 438 48.59 -24.67 23.28
N GLY B 439 47.30 -24.92 23.46
CA GLY B 439 46.29 -23.98 23.02
C GLY B 439 46.26 -22.74 23.91
N GLN B 440 46.53 -22.95 25.19
CA GLN B 440 46.58 -21.86 26.16
C GLN B 440 47.87 -21.88 26.95
N VAL B 441 48.48 -20.70 27.10
CA VAL B 441 49.66 -20.57 27.96
C VAL B 441 49.37 -19.54 29.04
N PHE B 442 49.50 -19.94 30.30
CA PHE B 442 49.27 -19.04 31.41
C PHE B 442 50.57 -18.60 32.05
N ILE B 443 50.70 -17.30 32.30
CA ILE B 443 51.92 -16.76 32.89
C ILE B 443 51.65 -16.30 34.31
N ASN B 444 52.35 -16.93 35.26
CA ASN B 444 52.18 -16.67 36.69
C ASN B 444 50.74 -16.81 37.14
N ASN B 445 50.02 -17.73 36.50
CA ASN B 445 48.68 -18.12 36.89
C ASN B 445 48.33 -19.42 36.20
N TYR B 446 47.06 -19.83 36.27
CA TYR B 446 46.62 -21.06 35.63
C TYR B 446 45.10 -21.08 35.52
N GLY B 447 44.56 -20.20 34.68
CA GLY B 447 43.13 -20.10 34.49
C GLY B 447 42.39 -19.72 35.75
N ALA B 448 42.75 -18.57 36.33
CA ALA B 448 42.13 -18.08 37.55
C ALA B 448 40.63 -17.85 37.34
N GLY B 449 40.31 -17.09 36.31
CA GLY B 449 38.92 -16.84 35.97
C GLY B 449 38.28 -18.03 35.29
N GLY B 450 37.01 -17.88 34.90
CA GLY B 450 36.29 -18.94 34.24
C GLY B 450 36.88 -19.32 32.89
N GLY B 451 37.58 -18.36 32.28
CA GLY B 451 38.19 -18.59 30.99
C GLY B 451 37.18 -18.66 29.86
N VAL B 452 35.99 -18.12 30.12
CA VAL B 452 34.93 -18.09 29.12
C VAL B 452 35.39 -17.34 27.87
N GLU B 453 36.12 -16.24 28.09
CA GLU B 453 36.59 -15.39 26.99
C GLU B 453 37.82 -15.96 26.31
N LEU B 454 38.43 -16.98 26.91
CA LEU B 454 39.70 -17.51 26.41
C LEU B 454 39.50 -18.74 25.54
N PRO B 455 39.80 -18.62 24.23
CA PRO B 455 39.70 -19.75 23.30
C PRO B 455 40.50 -20.96 23.79
N PHE B 456 39.84 -22.11 23.82
CA PHE B 456 40.40 -23.31 24.44
C PHE B 456 40.42 -24.46 23.45
N GLY B 457 41.53 -25.20 23.44
CA GLY B 457 41.71 -26.31 22.53
C GLY B 457 43.14 -26.81 22.54
N GLY B 458 43.35 -28.00 22.00
CA GLY B 458 44.67 -28.59 22.03
C GLY B 458 45.35 -28.80 20.70
N VAL B 459 46.55 -29.37 20.75
CA VAL B 459 47.25 -29.83 19.56
C VAL B 459 47.60 -31.28 19.80
N GLY B 460 48.01 -31.98 18.73
CA GLY B 460 48.34 -33.39 18.84
C GLY B 460 47.20 -34.23 19.36
N HIS B 461 47.48 -35.07 20.36
CA HIS B 461 46.47 -35.97 20.91
C HIS B 461 45.56 -35.28 21.92
N SER B 462 45.69 -33.97 22.04
CA SER B 462 44.75 -33.20 22.85
C SER B 462 43.58 -32.76 21.97
N GLY B 463 43.64 -33.13 20.69
CA GLY B 463 42.58 -32.81 19.75
C GLY B 463 42.90 -31.63 18.85
N HIS B 464 41.87 -31.06 18.25
CA HIS B 464 42.03 -29.88 17.40
C HIS B 464 40.75 -29.05 17.37
N GLY B 465 40.90 -27.79 16.99
CA GLY B 465 39.79 -26.86 17.03
C GLY B 465 39.79 -26.03 18.30
N ARG B 466 38.95 -25.00 18.35
CA ARG B 466 38.90 -24.12 19.50
C ARG B 466 37.46 -23.80 19.89
N GLU B 467 37.16 -23.97 21.18
CA GLU B 467 35.89 -23.50 21.73
C GLU B 467 36.20 -22.51 22.85
N LYS B 468 35.16 -22.00 23.50
CA LYS B 468 35.26 -20.84 24.40
C LYS B 468 35.66 -19.60 23.62
N GLY B 469 35.51 -18.44 24.27
CA GLY B 469 35.87 -17.18 23.65
C GLY B 469 35.02 -16.84 22.44
N PHE B 470 35.36 -15.73 21.78
CA PHE B 470 34.68 -15.32 20.57
C PHE B 470 35.05 -16.26 19.43
N GLU B 471 36.26 -16.80 19.49
CA GLU B 471 36.81 -17.69 18.47
C GLU B 471 35.91 -18.89 18.19
N ALA B 472 35.18 -19.34 19.21
CA ALA B 472 34.35 -20.53 19.11
C ALA B 472 33.28 -20.41 18.02
N LEU B 473 32.80 -19.18 17.81
CA LEU B 473 31.74 -18.92 16.84
C LEU B 473 32.17 -19.26 15.41
N TYR B 474 33.48 -19.20 15.14
CA TYR B 474 33.99 -19.51 13.82
C TYR B 474 33.90 -21.00 13.52
N GLY B 475 34.04 -21.82 14.57
CA GLY B 475 33.94 -23.25 14.42
C GLY B 475 32.50 -23.72 14.27
N PHE B 476 31.56 -22.87 14.69
CA PHE B 476 30.14 -23.21 14.61
C PHE B 476 29.47 -22.51 13.44
N THR B 477 30.26 -21.88 12.58
CA THR B 477 29.75 -21.29 11.35
C THR B 477 30.59 -21.70 10.16
N ALA B 478 30.02 -21.58 8.97
CA ALA B 478 30.75 -21.83 7.72
C ALA B 478 30.67 -20.60 6.83
N LEU B 479 31.79 -20.24 6.22
CA LEU B 479 31.85 -19.03 5.41
C LEU B 479 31.26 -19.21 4.01
N LYS B 480 30.38 -18.31 3.63
CA LYS B 480 29.88 -18.24 2.26
C LYS B 480 30.35 -16.96 1.60
N THR B 481 30.89 -17.07 0.40
CA THR B 481 31.38 -15.91 -0.34
C THR B 481 30.46 -15.57 -1.50
N ILE B 482 29.97 -14.34 -1.53
CA ILE B 482 29.08 -13.89 -2.59
C ILE B 482 29.78 -12.88 -3.49
N ALA B 483 29.86 -13.18 -4.78
CA ALA B 483 30.53 -12.31 -5.74
C ALA B 483 29.53 -11.71 -6.72
N ILE B 484 29.39 -10.39 -6.69
CA ILE B 484 28.42 -9.70 -7.53
C ILE B 484 29.10 -8.95 -8.67
N ARG B 485 28.69 -9.24 -9.90
CA ARG B 485 29.17 -8.47 -11.05
C ARG B 485 28.12 -7.43 -11.42
N HIS B 486 28.48 -6.16 -11.29
CA HIS B 486 27.53 -5.07 -11.49
C HIS B 486 28.07 -3.98 -12.40
N GLY B 487 29.34 -4.10 -12.77
CA GLY B 487 29.96 -3.15 -13.68
C GLY B 487 30.13 -1.76 -13.08
N ALA C 12 15.90 22.18 38.94
CA ALA C 12 16.84 22.80 38.01
C ALA C 12 18.27 22.63 38.49
N LYS C 13 18.80 21.41 38.34
CA LYS C 13 20.15 21.09 38.80
C LYS C 13 20.92 20.28 37.78
N HIS C 14 22.25 20.32 37.88
CA HIS C 14 23.11 19.47 37.07
C HIS C 14 23.21 18.09 37.72
N PHE C 15 23.76 17.13 36.99
CA PHE C 15 24.05 15.82 37.55
C PHE C 15 25.55 15.59 37.56
N ILE C 16 26.17 15.82 38.72
CA ILE C 16 27.61 15.74 38.83
C ILE C 16 28.01 14.86 40.00
N ALA C 17 28.97 13.97 39.76
CA ALA C 17 29.53 13.08 40.78
C ALA C 17 28.46 12.21 41.44
N GLY C 18 27.44 11.85 40.68
CA GLY C 18 26.40 10.94 41.16
C GLY C 18 25.25 11.59 41.88
N GLU C 19 25.35 12.89 42.14
CA GLU C 19 24.27 13.61 42.83
C GLU C 19 23.88 14.88 42.08
N TRP C 20 22.67 15.35 42.34
CA TRP C 20 22.15 16.53 41.67
C TRP C 20 22.52 17.80 42.43
N THR C 21 23.40 18.60 41.83
CA THR C 21 23.92 19.79 42.48
C THR C 21 23.43 21.08 41.81
N LEU C 22 23.35 22.14 42.60
CA LEU C 22 22.90 23.45 42.11
C LEU C 22 23.94 24.11 41.20
N PRO C 23 23.48 24.99 40.30
CA PRO C 23 24.40 25.77 39.46
C PRO C 23 25.27 26.71 40.28
N ALA C 24 26.41 27.10 39.73
CA ALA C 24 27.32 28.00 40.42
C ALA C 24 26.71 29.39 40.58
N GLN C 25 26.04 29.86 39.53
CA GLN C 25 25.45 31.20 39.55
C GLN C 25 23.96 31.15 39.90
N LEU C 26 23.43 29.93 40.05
CA LEU C 26 22.05 29.71 40.47
C LEU C 26 21.01 30.33 39.54
N GLU C 27 21.36 30.49 38.26
CA GLU C 27 20.42 30.99 37.26
C GLU C 27 19.87 29.81 36.45
N THR C 28 18.72 30.01 35.82
CA THR C 28 18.06 28.92 35.10
C THR C 28 17.66 29.28 33.67
N ILE C 29 17.23 28.27 32.92
CA ILE C 29 16.78 28.44 31.55
C ILE C 29 15.37 27.87 31.42
N PRO C 30 14.46 28.62 30.78
CA PRO C 30 13.08 28.15 30.58
C PRO C 30 12.97 26.92 29.67
N VAL C 31 12.17 25.94 30.10
CA VAL C 31 11.87 24.80 29.27
C VAL C 31 10.52 25.02 28.60
N VAL C 32 10.51 25.02 27.27
CA VAL C 32 9.31 25.40 26.52
C VAL C 32 8.72 24.22 25.75
N ASP C 33 7.40 24.07 25.87
CA ASP C 33 6.66 23.10 25.06
C ASP C 33 6.32 23.74 23.72
N PRO C 34 6.98 23.28 22.64
CA PRO C 34 6.80 23.88 21.31
C PRO C 34 5.40 23.71 20.76
N SER C 35 4.59 22.86 21.37
CA SER C 35 3.21 22.66 20.95
C SER C 35 2.37 23.91 21.22
N ASP C 36 2.66 24.60 22.33
CA ASP C 36 1.94 25.81 22.68
C ASP C 36 2.88 26.99 22.95
N GLY C 37 4.18 26.73 22.84
CA GLY C 37 5.18 27.77 23.05
C GLY C 37 5.22 28.32 24.45
N GLN C 38 4.72 27.56 25.41
CA GLN C 38 4.64 28.00 26.80
C GLN C 38 5.67 27.29 27.68
N PRO C 39 6.29 28.03 28.60
CA PRO C 39 7.20 27.46 29.59
C PRO C 39 6.48 26.55 30.57
N PHE C 40 7.10 25.45 30.98
CA PHE C 40 6.48 24.53 31.93
C PHE C 40 7.50 23.97 32.92
N ALA C 41 8.78 24.25 32.68
CA ALA C 41 9.83 23.78 33.56
C ALA C 41 11.09 24.61 33.39
N THR C 42 12.13 24.29 34.17
CA THR C 42 13.40 24.99 34.09
C THR C 42 14.57 24.03 34.14
N ILE C 43 15.66 24.39 33.45
CA ILE C 43 16.91 23.64 33.54
C ILE C 43 17.98 24.55 34.11
N ALA C 44 19.06 23.96 34.60
CA ALA C 44 20.17 24.71 35.18
C ALA C 44 20.97 25.42 34.10
N ARG C 45 21.25 26.71 34.33
CA ARG C 45 22.07 27.47 33.41
C ARG C 45 23.55 27.27 33.72
N GLY C 46 24.12 26.19 33.17
CA GLY C 46 25.48 25.82 33.46
C GLY C 46 26.54 26.73 32.88
N THR C 47 27.55 27.04 33.69
CA THR C 47 28.67 27.87 33.24
C THR C 47 29.98 27.11 33.42
N ALA C 48 31.09 27.82 33.26
CA ALA C 48 32.42 27.22 33.32
C ALA C 48 32.73 26.48 34.63
N PRO C 49 32.41 27.07 35.80
CA PRO C 49 32.70 26.32 37.04
C PRO C 49 31.95 25.00 37.13
N ASP C 50 30.74 24.95 36.60
CA ASP C 50 29.95 23.72 36.59
C ASP C 50 30.64 22.65 35.73
N ILE C 51 31.18 23.09 34.59
CA ILE C 51 31.90 22.20 33.70
C ILE C 51 33.15 21.68 34.39
N GLU C 52 33.83 22.56 35.12
CA GLU C 52 35.05 22.20 35.84
C GLU C 52 34.80 21.08 36.84
N ARG C 53 33.66 21.16 37.54
CA ARG C 53 33.31 20.14 38.52
C ARG C 53 32.88 18.84 37.84
N ALA C 54 32.35 18.97 36.63
CA ALA C 54 31.89 17.81 35.87
C ALA C 54 33.07 17.01 35.32
N VAL C 55 34.07 17.72 34.81
CA VAL C 55 35.26 17.09 34.25
C VAL C 55 36.07 16.43 35.36
N ALA C 56 36.24 17.15 36.47
CA ALA C 56 36.99 16.63 37.61
C ALA C 56 36.34 15.37 38.16
N ALA C 57 35.02 15.35 38.18
CA ALA C 57 34.28 14.18 38.66
C ALA C 57 34.48 13.00 37.72
N ALA C 58 34.44 13.28 36.42
CA ALA C 58 34.63 12.25 35.41
C ALA C 58 36.05 11.70 35.46
N ARG C 59 37.02 12.58 35.69
CA ARG C 59 38.42 12.18 35.82
C ARG C 59 38.61 11.24 37.00
N ASP C 60 37.93 11.55 38.11
CA ASP C 60 38.02 10.73 39.31
C ASP C 60 37.42 9.35 39.10
N ALA C 61 36.27 9.31 38.44
CA ALA C 61 35.60 8.04 38.15
C ALA C 61 36.45 7.17 37.23
N PHE C 62 37.06 7.81 36.23
CA PHE C 62 37.91 7.08 35.28
C PHE C 62 39.20 6.60 35.94
N ALA C 63 39.76 7.41 36.83
CA ALA C 63 40.98 7.05 37.53
C ALA C 63 40.68 6.09 38.69
N GLY C 64 39.41 5.97 39.03
CA GLY C 64 38.99 5.14 40.15
C GLY C 64 38.09 3.98 39.78
N PRO C 65 36.89 3.95 40.39
CA PRO C 65 35.91 2.85 40.28
C PRO C 65 35.54 2.46 38.84
N TRP C 66 35.09 3.41 38.04
CA TRP C 66 34.64 3.11 36.68
C TRP C 66 35.78 2.59 35.82
N GLY C 67 36.95 3.20 35.96
CA GLY C 67 38.13 2.76 35.23
C GLY C 67 38.65 1.42 35.70
N ALA C 68 38.36 1.07 36.94
CA ALA C 68 38.82 -0.19 37.52
C ALA C 68 37.93 -1.35 37.09
N ALA C 69 36.77 -1.02 36.53
CA ALA C 69 35.82 -2.04 36.10
C ALA C 69 36.33 -2.75 34.84
N SER C 70 36.16 -4.06 34.81
CA SER C 70 36.48 -4.84 33.61
C SER C 70 35.44 -4.54 32.54
N ALA C 71 35.78 -4.85 31.29
CA ALA C 71 34.88 -4.59 30.17
C ALA C 71 33.55 -5.33 30.35
N ALA C 72 33.62 -6.55 30.86
CA ALA C 72 32.43 -7.35 31.11
C ALA C 72 31.53 -6.69 32.16
N GLU C 73 32.15 -6.10 33.18
CA GLU C 73 31.41 -5.43 34.24
C GLU C 73 30.71 -4.19 33.72
N ARG C 74 31.36 -3.46 32.83
CA ARG C 74 30.78 -2.28 32.22
C ARG C 74 29.53 -2.65 31.42
N GLY C 75 29.61 -3.80 30.73
CA GLY C 75 28.50 -4.29 29.94
C GLY C 75 27.26 -4.60 30.76
N ARG C 76 27.46 -5.18 31.94
CA ARG C 76 26.35 -5.54 32.81
C ARG C 76 25.59 -4.30 33.29
N VAL C 77 26.33 -3.22 33.53
CA VAL C 77 25.72 -1.96 33.93
C VAL C 77 24.90 -1.42 32.77
N LEU C 78 25.46 -1.51 31.56
CA LEU C 78 24.80 -1.01 30.37
C LEU C 78 23.51 -1.77 30.07
N MET C 79 23.56 -3.09 30.28
CA MET C 79 22.39 -3.93 30.05
C MET C 79 21.29 -3.64 31.08
N ARG C 80 21.70 -3.42 32.32
CA ARG C 80 20.75 -3.06 33.38
C ARG C 80 20.09 -1.73 33.08
N LEU C 81 20.88 -0.79 32.56
CA LEU C 81 20.36 0.51 32.15
C LEU C 81 19.41 0.35 30.97
N SER C 82 19.75 -0.57 30.06
CA SER C 82 18.88 -0.87 28.92
C SER C 82 17.52 -1.35 29.40
N ALA C 83 17.53 -2.17 30.46
CA ALA C 83 16.30 -2.70 31.04
C ALA C 83 15.52 -1.60 31.74
N ARG C 84 16.22 -0.64 32.34
CA ARG C 84 15.57 0.46 33.04
C ARG C 84 14.88 1.39 32.05
N VAL C 85 15.48 1.58 30.89
CA VAL C 85 14.90 2.44 29.86
C VAL C 85 13.64 1.78 29.30
N THR C 86 13.71 0.48 29.11
CA THR C 86 12.56 -0.29 28.62
C THR C 86 11.41 -0.24 29.63
N ASP C 87 11.77 -0.30 30.91
CA ASP C 87 10.79 -0.23 31.99
C ASP C 87 10.12 1.13 32.08
N SER C 88 10.77 2.15 31.53
CA SER C 88 10.32 3.53 31.71
C SER C 88 10.00 4.22 30.39
N ILE C 89 9.71 3.43 29.36
CA ILE C 89 9.47 3.94 28.01
C ILE C 89 8.38 5.00 28.00
N GLU C 90 7.25 4.72 28.66
CA GLU C 90 6.11 5.63 28.67
C GLU C 90 6.46 6.97 29.30
N GLU C 91 7.15 6.93 30.44
CA GLU C 91 7.57 8.15 31.12
C GLU C 91 8.54 8.95 30.25
N LEU C 92 9.48 8.24 29.64
CA LEU C 92 10.49 8.86 28.80
C LEU C 92 9.89 9.43 27.51
N ALA C 93 8.93 8.70 26.94
CA ALA C 93 8.27 9.14 25.72
C ALA C 93 7.46 10.41 25.96
N ALA C 94 6.79 10.48 27.12
CA ALA C 94 5.97 11.64 27.46
C ALA C 94 6.85 12.87 27.65
N ILE C 95 7.97 12.69 28.33
CA ILE C 95 8.91 13.78 28.58
C ILE C 95 9.50 14.28 27.26
N GLU C 96 9.87 13.34 26.38
CA GLU C 96 10.51 13.68 25.12
C GLU C 96 9.56 14.40 24.18
N ALA C 97 8.32 13.92 24.10
CA ALA C 97 7.33 14.51 23.19
C ALA C 97 6.99 15.93 23.61
N ARG C 98 6.85 16.15 24.92
CA ARG C 98 6.48 17.46 25.45
C ARG C 98 7.62 18.47 25.29
N ASP C 99 8.85 17.96 25.23
CA ASP C 99 10.03 18.79 25.22
C ASP C 99 10.53 19.08 23.81
N THR C 100 10.37 18.11 22.91
CA THR C 100 10.83 18.26 21.53
C THR C 100 9.71 18.68 20.59
N GLY C 101 8.49 18.20 20.87
CA GLY C 101 7.35 18.52 20.04
C GLY C 101 6.91 17.38 19.14
N LYS C 102 7.76 16.36 19.03
CA LYS C 102 7.46 15.21 18.19
C LYS C 102 6.25 14.45 18.72
N PRO C 103 5.47 13.83 17.82
CA PRO C 103 4.35 12.97 18.22
C PRO C 103 4.78 11.89 19.22
N LEU C 104 3.85 11.51 20.10
CA LEU C 104 4.13 10.54 21.14
C LEU C 104 4.59 9.20 20.56
N LYS C 105 4.09 8.87 19.37
CA LYS C 105 4.46 7.65 18.69
C LYS C 105 5.95 7.62 18.37
N GLN C 106 6.47 8.75 17.91
CA GLN C 106 7.88 8.84 17.55
C GLN C 106 8.76 8.93 18.80
N ALA C 107 8.25 9.61 19.83
CA ALA C 107 8.98 9.75 21.09
C ALA C 107 9.13 8.39 21.77
N ARG C 108 8.11 7.56 21.62
CA ARG C 108 8.16 6.20 22.15
C ARG C 108 9.21 5.38 21.41
N ALA C 109 9.24 5.52 20.09
CA ALA C 109 10.22 4.83 19.26
C ALA C 109 11.63 5.25 19.63
N ASP C 110 11.79 6.53 19.97
CA ASP C 110 13.07 7.07 20.42
C ASP C 110 13.51 6.40 21.72
N ALA C 111 12.55 6.13 22.59
CA ALA C 111 12.84 5.50 23.87
C ALA C 111 13.30 4.07 23.67
N ALA C 112 12.61 3.34 22.80
CA ALA C 112 12.96 1.96 22.49
C ALA C 112 14.33 1.89 21.82
N ALA C 113 14.63 2.90 20.99
CA ALA C 113 15.91 2.98 20.33
C ALA C 113 17.03 3.18 21.34
N LEU C 114 16.74 3.98 22.36
CA LEU C 114 17.69 4.26 23.43
C LEU C 114 18.04 2.97 24.19
N ALA C 115 17.02 2.17 24.48
CA ALA C 115 17.22 0.90 25.17
C ALA C 115 18.02 -0.06 24.30
N ARG C 116 17.79 0.00 22.99
CA ARG C 116 18.48 -0.87 22.04
C ARG C 116 19.97 -0.52 21.93
N TYR C 117 20.29 0.77 22.03
CA TYR C 117 21.68 1.21 22.02
C TYR C 117 22.45 0.64 23.20
N PHE C 118 21.87 0.77 24.40
CA PHE C 118 22.50 0.26 25.61
C PHE C 118 22.63 -1.25 25.58
N GLU C 119 21.62 -1.92 25.04
CA GLU C 119 21.62 -3.37 24.92
C GLU C 119 22.72 -3.83 23.96
N PHE C 120 22.85 -3.14 22.83
CA PHE C 120 23.85 -3.48 21.83
C PHE C 120 25.27 -3.32 22.36
N TYR C 121 25.56 -2.15 22.93
CA TYR C 121 26.90 -1.85 23.41
C TYR C 121 27.24 -2.60 24.69
N ALA C 122 26.22 -3.07 25.39
CA ALA C 122 26.43 -3.89 26.59
C ALA C 122 27.15 -5.18 26.21
N GLY C 123 26.83 -5.70 25.02
CA GLY C 123 27.42 -6.93 24.56
C GLY C 123 28.72 -6.76 23.79
N ALA C 124 28.99 -5.52 23.38
CA ALA C 124 30.19 -5.21 22.60
C ALA C 124 31.37 -4.88 23.51
N ALA C 125 31.07 -4.61 24.77
CA ALA C 125 32.06 -4.14 25.74
C ALA C 125 33.29 -5.05 25.86
N ASP C 126 33.06 -6.32 26.18
CA ASP C 126 34.17 -7.25 26.37
C ASP C 126 34.57 -7.95 25.08
N LYS C 127 34.18 -7.38 23.95
CA LYS C 127 34.49 -7.96 22.65
C LYS C 127 35.20 -6.97 21.73
N LEU C 128 35.63 -5.85 22.29
CA LEU C 128 36.45 -4.91 21.56
C LEU C 128 37.91 -5.37 21.61
N HIS C 129 38.35 -6.01 20.54
CA HIS C 129 39.66 -6.67 20.53
C HIS C 129 40.76 -5.77 19.99
N GLY C 130 41.95 -5.95 20.53
CA GLY C 130 43.15 -5.39 19.93
C GLY C 130 43.75 -6.46 19.03
N GLU C 131 45.04 -6.35 18.73
CA GLU C 131 45.69 -7.28 17.82
C GLU C 131 47.09 -7.68 18.26
N THR C 132 47.59 -8.76 17.66
CA THR C 132 49.01 -9.08 17.74
C THR C 132 49.55 -9.05 16.32
N LEU C 133 50.65 -8.33 16.12
CA LEU C 133 51.17 -8.10 14.78
C LEU C 133 52.45 -8.89 14.54
N PRO C 134 52.55 -9.54 13.36
CA PRO C 134 53.79 -10.23 12.98
C PRO C 134 54.96 -9.26 12.91
N TYR C 135 56.07 -9.60 13.55
CA TYR C 135 57.23 -8.72 13.58
C TYR C 135 58.52 -9.52 13.48
N GLN C 136 59.61 -8.92 13.96
CA GLN C 136 60.93 -9.53 13.85
C GLN C 136 61.08 -10.70 14.81
N ALA C 137 62.12 -11.51 14.59
CA ALA C 137 62.42 -12.62 15.46
C ALA C 137 62.79 -12.14 16.86
N GLY C 138 62.32 -12.85 17.88
CA GLY C 138 62.60 -12.47 19.25
C GLY C 138 61.69 -11.34 19.73
N TYR C 139 60.62 -11.09 19.00
CA TYR C 139 59.69 -10.02 19.33
C TYR C 139 58.25 -10.52 19.44
N THR C 140 57.50 -9.89 20.33
CA THR C 140 56.06 -10.09 20.40
C THR C 140 55.38 -8.73 20.45
N VAL C 141 54.58 -8.42 19.44
CA VAL C 141 53.92 -7.13 19.35
C VAL C 141 52.42 -7.29 19.56
N LEU C 142 51.87 -6.53 20.50
CA LEU C 142 50.43 -6.55 20.74
C LEU C 142 49.88 -5.12 20.76
N THR C 143 48.63 -4.98 20.34
CA THR C 143 47.97 -3.68 20.33
C THR C 143 46.78 -3.70 21.29
N VAL C 144 46.63 -2.64 22.06
CA VAL C 144 45.54 -2.54 23.02
C VAL C 144 44.72 -1.28 22.74
N ARG C 145 43.41 -1.45 22.61
CA ARG C 145 42.52 -0.31 22.37
C ARG C 145 42.03 0.25 23.71
N GLU C 146 42.62 1.37 24.11
CA GLU C 146 42.31 1.98 25.39
C GLU C 146 41.34 3.15 25.23
N PRO C 147 40.44 3.33 26.20
CA PRO C 147 39.55 4.51 26.20
C PRO C 147 40.35 5.80 26.23
N HIS C 148 39.77 6.86 25.69
CA HIS C 148 40.43 8.17 25.68
C HIS C 148 40.64 8.68 27.11
N GLY C 149 39.69 8.34 27.98
CA GLY C 149 39.70 8.83 29.35
C GLY C 149 38.40 9.52 29.69
N VAL C 150 38.38 10.84 29.52
CA VAL C 150 37.17 11.62 29.72
C VAL C 150 36.68 12.13 28.37
N THR C 151 35.47 11.73 28.00
CA THR C 151 34.90 12.16 26.72
C THR C 151 33.81 13.21 26.91
N GLY C 152 33.76 14.16 25.98
CA GLY C 152 32.74 15.19 26.01
C GLY C 152 31.66 14.91 24.98
N HIS C 153 30.41 15.22 25.34
CA HIS C 153 29.28 14.91 24.48
C HIS C 153 28.35 16.10 24.34
N ILE C 154 28.29 16.65 23.12
CA ILE C 154 27.33 17.70 22.81
C ILE C 154 26.12 17.04 22.13
N VAL C 155 24.97 17.11 22.78
CA VAL C 155 23.76 16.46 22.29
C VAL C 155 22.69 17.49 21.92
N PRO C 156 22.20 17.44 20.67
CA PRO C 156 21.22 18.41 20.17
C PRO C 156 19.79 18.18 20.65
N TRP C 157 18.85 18.94 20.10
CA TRP C 157 17.48 18.97 20.60
C TRP C 157 16.51 18.06 19.84
N ASN C 158 16.90 17.61 18.64
CA ASN C 158 15.97 16.88 17.78
C ASN C 158 15.80 15.43 18.20
N TYR C 159 16.90 14.79 18.61
CA TYR C 159 16.82 13.41 19.13
C TYR C 159 17.64 13.26 20.41
N PRO C 160 17.21 13.92 21.50
CA PRO C 160 17.98 13.92 22.74
C PRO C 160 18.31 12.52 23.27
N MET C 161 17.35 11.61 23.24
CA MET C 161 17.56 10.27 23.76
C MET C 161 18.40 9.40 22.83
N GLN C 162 18.02 9.36 21.56
CA GLN C 162 18.71 8.51 20.58
C GLN C 162 20.17 8.89 20.41
N ILE C 163 20.46 10.19 20.37
CA ILE C 163 21.82 10.65 20.16
C ILE C 163 22.64 10.51 21.45
N PHE C 164 21.98 10.66 22.60
CA PHE C 164 22.60 10.36 23.88
C PHE C 164 22.98 8.88 23.93
N GLY C 165 22.08 8.04 23.42
CA GLY C 165 22.30 6.60 23.40
C GLY C 165 23.50 6.17 22.58
N ARG C 166 23.61 6.69 21.37
CA ARG C 166 24.70 6.29 20.47
C ARG C 166 26.05 6.85 20.92
N SER C 167 26.02 8.03 21.55
CA SER C 167 27.26 8.72 21.91
C SER C 167 27.77 8.28 23.27
N VAL C 168 26.92 8.33 24.28
CA VAL C 168 27.29 7.98 25.63
C VAL C 168 27.39 6.46 25.79
N GLY C 169 26.45 5.74 25.16
CA GLY C 169 26.45 4.29 25.21
C GLY C 169 27.74 3.68 24.70
N ALA C 170 28.24 4.20 23.59
CA ALA C 170 29.49 3.72 23.01
C ALA C 170 30.67 4.10 23.88
N ALA C 171 30.69 5.36 24.34
CA ALA C 171 31.78 5.87 25.16
C ALA C 171 31.90 5.09 26.47
N LEU C 172 30.77 4.78 27.09
CA LEU C 172 30.76 4.01 28.32
C LEU C 172 31.24 2.59 28.07
N ALA C 173 30.78 2.00 26.97
CA ALA C 173 31.18 0.65 26.59
C ALA C 173 32.68 0.60 26.33
N ALA C 174 33.22 1.68 25.78
CA ALA C 174 34.64 1.76 25.46
C ALA C 174 35.49 1.95 26.72
N GLY C 175 34.86 2.40 27.80
CA GLY C 175 35.54 2.55 29.08
C GLY C 175 35.84 3.97 29.49
N ASN C 176 35.19 4.93 28.82
CA ASN C 176 35.41 6.34 29.13
C ASN C 176 34.47 6.82 30.24
N ALA C 177 34.79 7.99 30.79
CA ALA C 177 33.87 8.71 31.66
C ALA C 177 33.32 9.89 30.87
N CYS C 178 32.04 10.20 31.05
CA CYS C 178 31.37 11.12 30.14
C CYS C 178 30.91 12.42 30.79
N VAL C 179 31.14 13.52 30.07
CA VAL C 179 30.61 14.82 30.44
C VAL C 179 29.71 15.29 29.30
N VAL C 180 28.42 15.43 29.58
CA VAL C 180 27.43 15.71 28.54
C VAL C 180 26.87 17.13 28.66
N LYS C 181 26.85 17.83 27.53
CA LYS C 181 26.19 19.13 27.44
C LYS C 181 25.03 19.03 26.45
N PRO C 182 23.84 18.67 26.94
CA PRO C 182 22.66 18.52 26.08
C PRO C 182 22.07 19.87 25.67
N ALA C 183 21.19 19.87 24.69
CA ALA C 183 20.65 21.10 24.12
C ALA C 183 19.70 21.82 25.09
N GLU C 184 19.80 23.15 25.12
CA GLU C 184 18.97 23.96 26.01
C GLU C 184 17.50 23.97 25.55
N ASP C 185 17.26 23.57 24.31
CA ASP C 185 15.90 23.53 23.78
C ASP C 185 15.18 22.22 24.12
N ALA C 186 15.95 21.16 24.36
CA ALA C 186 15.37 19.87 24.72
C ALA C 186 16.41 18.96 25.38
N CYS C 187 16.29 18.77 26.69
CA CYS C 187 17.24 17.94 27.41
C CYS C 187 16.68 17.32 28.68
N LEU C 188 15.36 17.42 28.87
CA LEU C 188 14.73 16.87 30.07
C LEU C 188 14.85 15.35 30.14
N SER C 189 14.64 14.67 29.02
CA SER C 189 14.70 13.21 28.98
C SER C 189 16.10 12.73 29.33
N VAL C 190 17.12 13.45 28.86
CA VAL C 190 18.51 13.11 29.13
C VAL C 190 18.78 13.13 30.63
N LEU C 191 18.17 14.09 31.32
CA LEU C 191 18.31 14.20 32.77
C LEU C 191 17.75 12.96 33.46
N ARG C 192 16.59 12.49 33.00
CA ARG C 192 15.94 11.34 33.60
C ARG C 192 16.74 10.06 33.38
N VAL C 193 17.32 9.93 32.19
CA VAL C 193 18.14 8.76 31.86
C VAL C 193 19.34 8.68 32.79
N ALA C 194 19.90 9.83 33.14
CA ALA C 194 21.03 9.91 34.05
C ALA C 194 20.70 9.25 35.38
N GLU C 195 19.48 9.47 35.87
CA GLU C 195 19.02 8.85 37.10
C GLU C 195 18.96 7.33 36.96
N LEU C 196 18.42 6.88 35.83
CA LEU C 196 18.27 5.46 35.55
C LEU C 196 19.64 4.78 35.48
N ALA C 197 20.65 5.53 35.04
CA ALA C 197 22.01 5.02 35.00
C ALA C 197 22.52 4.78 36.42
N ALA C 198 22.26 5.72 37.31
CA ALA C 198 22.62 5.58 38.71
C ALA C 198 21.91 4.38 39.33
N GLU C 199 20.63 4.22 39.01
CA GLU C 199 19.86 3.08 39.46
C GLU C 199 20.41 1.77 38.89
N ALA C 200 20.98 1.85 37.69
CA ALA C 200 21.51 0.68 37.00
C ALA C 200 22.81 0.19 37.64
N GLY C 201 23.41 1.04 38.48
CA GLY C 201 24.64 0.69 39.17
C GLY C 201 25.88 1.36 38.60
N LEU C 202 25.67 2.37 37.77
CA LEU C 202 26.78 3.12 37.19
C LEU C 202 27.44 3.99 38.25
N PRO C 203 28.74 3.78 38.48
CA PRO C 203 29.52 4.52 39.49
C PRO C 203 29.38 6.03 39.36
N ALA C 204 29.45 6.73 40.48
CA ALA C 204 29.30 8.19 40.49
C ALA C 204 30.44 8.85 39.73
N GLY C 205 30.09 9.81 38.88
CA GLY C 205 31.07 10.54 38.10
C GLY C 205 31.32 9.97 36.71
N ALA C 206 30.91 8.72 36.51
CA ALA C 206 31.08 8.07 35.22
C ALA C 206 30.22 8.74 34.15
N LEU C 207 29.11 9.32 34.58
CA LEU C 207 28.22 10.06 33.68
C LEU C 207 27.82 11.38 34.32
N ASN C 208 28.15 12.48 33.65
CA ASN C 208 27.81 13.81 34.15
C ASN C 208 27.02 14.60 33.11
N ILE C 209 25.95 15.25 33.57
CA ILE C 209 25.12 16.07 32.71
C ILE C 209 25.17 17.52 33.15
N VAL C 210 25.55 18.41 32.24
CA VAL C 210 25.56 19.84 32.54
C VAL C 210 24.72 20.59 31.52
N THR C 211 23.54 21.03 31.94
CA THR C 211 22.64 21.77 31.07
C THR C 211 23.09 23.22 30.93
N GLY C 212 22.63 23.89 29.89
CA GLY C 212 22.96 25.29 29.68
C GLY C 212 23.10 25.69 28.22
N TYR C 213 23.31 26.98 27.98
CA TYR C 213 23.50 27.49 26.63
C TYR C 213 24.83 27.01 26.05
N GLY C 214 24.86 26.83 24.73
CA GLY C 214 26.05 26.38 24.05
C GLY C 214 27.23 27.34 24.17
N HIS C 215 26.92 28.63 24.27
CA HIS C 215 27.95 29.66 24.35
C HIS C 215 28.46 29.82 25.79
N GLU C 216 27.90 29.04 26.70
CA GLU C 216 28.35 29.05 28.09
C GLU C 216 28.85 27.66 28.50
N ALA C 217 27.91 26.74 28.75
CA ALA C 217 28.26 25.40 29.16
C ALA C 217 28.94 24.62 28.04
N GLY C 218 28.39 24.75 26.83
CA GLY C 218 28.93 24.05 25.68
C GLY C 218 30.34 24.50 25.32
N ALA C 219 30.53 25.82 25.26
CA ALA C 219 31.83 26.39 24.93
C ALA C 219 32.87 26.04 25.99
N ALA C 220 32.45 26.01 27.25
CA ALA C 220 33.36 25.67 28.34
C ALA C 220 33.82 24.22 28.22
N LEU C 221 32.91 23.36 27.74
CA LEU C 221 33.22 21.95 27.55
C LEU C 221 34.21 21.76 26.40
N ALA C 222 33.98 22.46 25.29
CA ALA C 222 34.80 22.32 24.10
C ALA C 222 36.21 22.87 24.30
N ARG C 223 36.35 23.82 25.22
CA ARG C 223 37.64 24.46 25.45
C ARG C 223 38.43 23.78 26.57
N HIS C 224 37.78 22.90 27.32
CA HIS C 224 38.38 22.34 28.53
C HIS C 224 39.49 21.35 28.19
N PRO C 225 40.69 21.57 28.78
CA PRO C 225 41.86 20.72 28.55
C PRO C 225 41.77 19.38 29.27
N GLY C 226 40.79 19.23 30.15
CA GLY C 226 40.60 17.99 30.88
C GLY C 226 39.85 16.94 30.10
N ILE C 227 39.31 17.33 28.95
CA ILE C 227 38.60 16.41 28.07
C ILE C 227 39.58 15.76 27.11
N ASP C 228 39.37 14.49 26.79
CA ASP C 228 40.28 13.76 25.92
C ASP C 228 39.70 13.52 24.53
N HIS C 229 38.38 13.64 24.40
CA HIS C 229 37.71 13.41 23.13
C HIS C 229 36.31 14.03 23.11
N ILE C 230 35.95 14.64 21.99
CA ILE C 230 34.66 15.30 21.85
C ILE C 230 33.77 14.61 20.83
N SER C 231 32.56 14.27 21.24
CA SER C 231 31.54 13.76 20.33
C SER C 231 30.51 14.85 20.09
N PHE C 232 30.52 15.42 18.89
CA PHE C 232 29.60 16.52 18.59
C PHE C 232 28.55 16.14 17.55
N THR C 233 27.31 16.55 17.82
CA THR C 233 26.23 16.45 16.86
C THR C 233 25.46 17.77 16.82
N GLY C 234 25.50 18.44 15.67
CA GLY C 234 24.80 19.71 15.52
C GLY C 234 25.07 20.41 14.21
N SER C 235 24.85 21.72 14.18
CA SER C 235 25.04 22.52 12.97
C SER C 235 26.50 22.56 12.56
N PRO C 236 26.77 22.66 11.24
CA PRO C 236 28.13 22.79 10.72
C PRO C 236 28.89 24.00 11.28
N ALA C 237 28.18 25.12 11.45
CA ALA C 237 28.79 26.33 11.97
C ALA C 237 29.29 26.12 13.40
N THR C 238 28.44 25.54 14.24
CA THR C 238 28.82 25.25 15.62
C THR C 238 29.87 24.15 15.67
N GLY C 239 29.73 23.18 14.77
CA GLY C 239 30.71 22.09 14.67
C GLY C 239 32.09 22.59 14.31
N LYS C 240 32.14 23.67 13.54
CA LYS C 240 33.40 24.30 13.17
C LYS C 240 34.05 24.95 14.37
N LEU C 241 33.23 25.63 15.18
CA LEU C 241 33.73 26.29 16.39
C LEU C 241 34.28 25.29 17.39
N VAL C 242 33.50 24.25 17.66
CA VAL C 242 33.89 23.22 18.63
C VAL C 242 35.24 22.61 18.27
N THR C 243 35.42 22.32 16.98
CA THR C 243 36.67 21.76 16.48
C THR C 243 37.84 22.71 16.75
N GLN C 244 37.64 23.98 16.43
CA GLN C 244 38.69 24.99 16.61
C GLN C 244 38.92 25.29 18.09
N MET C 245 37.87 25.17 18.90
CA MET C 245 38.00 25.35 20.35
C MET C 245 38.84 24.23 20.96
N ALA C 246 38.54 23.00 20.56
CA ALA C 246 39.23 21.83 21.11
C ALA C 246 40.62 21.65 20.51
N ALA C 247 40.86 22.30 19.37
CA ALA C 247 42.16 22.21 18.70
C ALA C 247 43.24 22.86 19.56
N GLU C 248 42.83 23.77 20.43
CA GLU C 248 43.75 24.45 21.35
CA GLU C 248 43.76 24.43 21.34
C GLU C 248 44.39 23.43 22.30
N ASN C 249 43.65 22.38 22.63
CA ASN C 249 44.13 21.35 23.52
C ASN C 249 44.46 20.07 22.77
N HIS C 250 44.45 20.16 21.44
CA HIS C 250 44.70 19.03 20.55
C HIS C 250 43.74 17.88 20.83
N VAL C 251 42.49 18.22 21.15
CA VAL C 251 41.46 17.23 21.44
C VAL C 251 40.72 16.88 20.15
N PRO C 252 40.65 15.57 19.84
CA PRO C 252 39.93 15.09 18.65
C PRO C 252 38.43 15.35 18.76
N VAL C 253 37.80 15.71 17.64
CA VAL C 253 36.37 15.98 17.64
C VAL C 253 35.69 15.19 16.52
N THR C 254 34.69 14.40 16.89
CA THR C 254 33.85 13.73 15.92
C THR C 254 32.68 14.63 15.53
N LEU C 255 32.55 14.91 14.24
CA LEU C 255 31.52 15.83 13.78
C LEU C 255 30.36 15.12 13.07
N GLU C 256 29.24 15.03 13.76
CA GLU C 256 28.00 14.54 13.15
C GLU C 256 27.14 15.74 12.79
N LEU C 257 27.19 16.14 11.52
CA LEU C 257 26.52 17.35 11.09
C LEU C 257 25.31 17.03 10.21
N GLY C 258 24.73 18.07 9.62
CA GLY C 258 23.53 17.91 8.81
C GLY C 258 23.80 17.39 7.42
N GLY C 259 22.76 17.36 6.59
CA GLY C 259 22.90 16.88 5.23
C GLY C 259 21.77 17.27 4.29
N LYS C 260 21.90 16.83 3.04
CA LYS C 260 20.86 17.03 2.03
C LYS C 260 20.63 15.70 1.32
N SER C 261 20.34 14.68 2.12
CA SER C 261 20.26 13.30 1.65
C SER C 261 19.20 13.08 0.58
N PRO C 262 19.62 12.55 -0.59
CA PRO C 262 18.73 12.32 -1.72
C PRO C 262 18.09 10.93 -1.75
N GLN C 263 16.91 10.85 -2.35
CA GLN C 263 16.29 9.57 -2.66
C GLN C 263 16.25 9.41 -4.17
N ILE C 264 16.96 8.41 -4.68
CA ILE C 264 17.06 8.22 -6.12
C ILE C 264 16.09 7.15 -6.58
N VAL C 265 15.07 7.56 -7.35
CA VAL C 265 14.04 6.65 -7.81
C VAL C 265 14.11 6.48 -9.33
N PHE C 266 14.16 5.23 -9.77
CA PHE C 266 14.19 4.92 -11.20
C PHE C 266 12.83 4.45 -11.69
N ALA C 267 12.70 4.29 -13.01
CA ALA C 267 11.42 3.95 -13.62
C ALA C 267 10.99 2.51 -13.33
N ASP C 268 11.96 1.66 -12.99
CA ASP C 268 11.67 0.26 -12.71
C ASP C 268 11.43 0.01 -11.23
N ALA C 269 11.34 1.09 -10.45
CA ALA C 269 11.22 0.97 -9.00
C ALA C 269 9.81 0.61 -8.56
N ASP C 270 9.72 -0.04 -7.41
CA ASP C 270 8.43 -0.36 -6.79
C ASP C 270 7.91 0.89 -6.09
N LEU C 271 7.08 1.65 -6.80
CA LEU C 271 6.57 2.92 -6.26
C LEU C 271 5.61 2.70 -5.10
N ASP C 272 4.95 1.55 -5.08
CA ASP C 272 4.02 1.22 -4.00
C ASP C 272 4.73 1.08 -2.67
N ALA C 273 5.94 0.52 -2.70
CA ALA C 273 6.72 0.33 -1.49
C ALA C 273 7.54 1.59 -1.17
N ALA C 274 7.91 2.33 -2.21
CA ALA C 274 8.75 3.51 -2.06
C ALA C 274 7.99 4.69 -1.49
N LEU C 275 6.76 4.89 -1.95
CA LEU C 275 5.95 6.07 -1.62
C LEU C 275 5.86 6.39 -0.13
N PRO C 276 5.47 5.41 0.73
CA PRO C 276 5.36 5.80 2.14
C PRO C 276 6.71 6.07 2.80
N VAL C 277 7.77 5.47 2.25
CA VAL C 277 9.10 5.66 2.80
C VAL C 277 9.62 7.04 2.43
N LEU C 278 9.40 7.44 1.18
CA LEU C 278 9.79 8.77 0.70
C LEU C 278 9.18 9.86 1.58
N VAL C 279 7.93 9.66 1.99
CA VAL C 279 7.21 10.63 2.79
C VAL C 279 7.70 10.61 4.24
N SER C 280 7.76 9.41 4.83
CA SER C 280 8.16 9.27 6.22
CA SER C 280 8.16 9.26 6.22
C SER C 280 9.57 9.77 6.46
N ALA C 281 10.43 9.60 5.47
CA ALA C 281 11.83 10.00 5.58
C ALA C 281 12.01 11.51 5.73
N ILE C 282 11.03 12.28 5.27
CA ILE C 282 11.12 13.73 5.34
C ILE C 282 10.14 14.30 6.36
N VAL C 283 9.10 13.53 6.68
CA VAL C 283 8.07 13.98 7.60
C VAL C 283 8.44 13.70 9.05
N GLN C 284 9.12 12.58 9.28
CA GLN C 284 9.53 12.18 10.64
C GLN C 284 10.24 13.32 11.38
N ASN C 285 9.76 13.60 12.58
CA ASN C 285 10.32 14.65 13.44
C ASN C 285 10.28 16.02 12.76
N GLY C 286 9.31 16.22 11.89
CA GLY C 286 9.14 17.49 11.20
C GLY C 286 10.31 17.88 10.32
N GLY C 287 10.98 16.88 9.74
CA GLY C 287 12.12 17.12 8.89
C GLY C 287 13.35 17.59 9.63
N GLN C 288 13.26 17.61 10.96
CA GLN C 288 14.37 18.05 11.80
C GLN C 288 15.31 16.89 12.08
N THR C 289 15.83 16.30 11.01
CA THR C 289 16.73 15.17 11.09
C THR C 289 17.90 15.40 10.15
N CYS C 290 19.12 15.17 10.65
CA CYS C 290 20.32 15.37 9.86
C CYS C 290 20.29 14.53 8.58
N SER C 291 19.78 13.31 8.71
CA SER C 291 19.77 12.37 7.59
C SER C 291 18.42 12.31 6.88
N ALA C 292 17.60 13.34 7.07
CA ALA C 292 16.29 13.40 6.44
C ALA C 292 16.41 13.43 4.91
N GLY C 293 15.51 12.71 4.24
CA GLY C 293 15.49 12.70 2.78
C GLY C 293 14.83 13.93 2.22
N SER C 294 15.60 15.01 2.10
CA SER C 294 15.07 16.30 1.68
C SER C 294 15.05 16.46 0.17
N ARG C 295 15.60 15.48 -0.54
CA ARG C 295 15.61 15.50 -2.00
C ARG C 295 15.16 14.16 -2.57
N VAL C 296 14.36 14.22 -3.63
CA VAL C 296 14.00 13.01 -4.36
C VAL C 296 14.34 13.20 -5.84
N LEU C 297 15.20 12.32 -6.34
CA LEU C 297 15.62 12.35 -7.74
C LEU C 297 14.88 11.26 -8.50
N ILE C 298 14.05 11.67 -9.46
CA ILE C 298 13.19 10.72 -10.17
C ILE C 298 13.55 10.63 -11.64
N GLU C 299 13.68 9.41 -12.15
CA GLU C 299 13.90 9.20 -13.57
C GLU C 299 12.75 9.81 -14.36
N ARG C 300 13.07 10.38 -15.52
CA ARG C 300 12.11 11.17 -16.29
C ARG C 300 10.83 10.39 -16.63
N ALA C 301 10.97 9.08 -16.85
CA ALA C 301 9.84 8.25 -17.25
C ALA C 301 8.75 8.19 -16.17
N VAL C 302 9.16 8.33 -14.91
CA VAL C 302 8.22 8.26 -13.80
C VAL C 302 8.24 9.52 -12.94
N TYR C 303 8.76 10.61 -13.49
CA TYR C 303 8.83 11.87 -12.76
C TYR C 303 7.43 12.40 -12.43
N GLU C 304 6.65 12.67 -13.47
CA GLU C 304 5.29 13.18 -13.29
C GLU C 304 4.36 12.22 -12.54
N PRO C 305 4.39 10.91 -12.86
CA PRO C 305 3.51 10.03 -12.08
C PRO C 305 3.86 9.96 -10.59
N LEU C 306 5.13 10.01 -10.25
CA LEU C 306 5.55 9.90 -8.85
C LEU C 306 5.33 11.21 -8.11
N VAL C 307 5.52 12.34 -8.79
CA VAL C 307 5.28 13.64 -8.18
C VAL C 307 3.81 13.76 -7.78
N GLU C 308 2.92 13.41 -8.69
CA GLU C 308 1.49 13.41 -8.40
C GLU C 308 1.17 12.42 -7.29
N ARG C 309 1.86 11.29 -7.31
CA ARG C 309 1.73 10.26 -6.28
C ARG C 309 2.12 10.84 -4.91
N LEU C 310 3.27 11.51 -4.87
CA LEU C 310 3.75 12.13 -3.65
C LEU C 310 2.87 13.31 -3.24
N ALA C 311 2.27 13.96 -4.23
CA ALA C 311 1.41 15.11 -3.99
C ALA C 311 0.18 14.71 -3.19
N THR C 312 -0.43 13.59 -3.57
CA THR C 312 -1.60 13.07 -2.88
C THR C 312 -1.28 12.73 -1.43
N ALA C 313 -0.13 12.09 -1.21
CA ALA C 313 0.29 11.68 0.11
C ALA C 313 0.52 12.90 1.02
N PHE C 314 1.20 13.91 0.49
CA PHE C 314 1.48 15.12 1.26
C PHE C 314 0.21 15.87 1.60
N ASN C 315 -0.74 15.91 0.67
CA ASN C 315 -2.00 16.60 0.89
C ASN C 315 -2.83 15.94 1.99
N GLY C 316 -2.55 14.67 2.26
CA GLY C 316 -3.26 13.94 3.29
C GLY C 316 -2.64 14.04 4.67
N LEU C 317 -1.48 14.68 4.74
CA LEU C 317 -0.77 14.83 6.00
C LEU C 317 -1.45 15.84 6.92
N ARG C 318 -1.39 15.59 8.22
CA ARG C 318 -2.02 16.46 9.20
C ARG C 318 -1.01 16.87 10.29
N VAL C 319 -1.00 18.16 10.62
CA VAL C 319 -0.09 18.68 11.64
C VAL C 319 -0.88 19.27 12.80
N GLY C 320 -0.50 18.89 14.01
CA GLY C 320 -1.13 19.41 15.21
C GLY C 320 -0.24 19.25 16.43
N PRO C 321 -0.79 19.48 17.62
CA PRO C 321 -0.06 19.31 18.88
C PRO C 321 0.54 17.91 19.01
N SER C 322 1.61 17.79 19.79
CA SER C 322 2.29 16.51 19.98
C SER C 322 1.35 15.46 20.56
N ARG C 323 0.52 15.88 21.52
CA ARG C 323 -0.42 14.98 22.18
C ARG C 323 -1.47 14.46 21.21
N ALA C 324 -1.77 15.25 20.18
CA ALA C 324 -2.73 14.84 19.15
C ALA C 324 -2.18 13.65 18.36
N ASP C 325 -0.86 13.51 18.36
CA ASP C 325 -0.18 12.36 17.77
C ASP C 325 -0.54 12.18 16.30
N LEU C 326 -0.42 13.25 15.52
CA LEU C 326 -0.71 13.19 14.09
C LEU C 326 0.56 12.85 13.31
N ASP C 327 0.56 13.17 12.02
CA ASP C 327 1.70 12.85 11.15
C ASP C 327 2.93 13.65 11.54
N CYS C 328 2.72 14.85 12.07
CA CYS C 328 3.81 15.74 12.39
C CYS C 328 3.43 16.70 13.50
N GLY C 329 4.41 17.06 14.33
CA GLY C 329 4.20 18.01 15.40
C GLY C 329 4.70 19.40 15.01
N PRO C 330 4.87 20.28 16.01
CA PRO C 330 5.42 21.61 15.75
C PRO C 330 6.93 21.57 15.60
N LEU C 331 7.54 22.67 15.15
CA LEU C 331 8.99 22.76 15.11
C LEU C 331 9.48 23.14 16.51
N ILE C 332 10.80 23.10 16.70
CA ILE C 332 11.36 23.23 18.05
C ILE C 332 11.17 24.65 18.61
N ASN C 333 11.31 25.67 17.76
CA ASN C 333 11.16 27.05 18.21
C ASN C 333 10.87 28.01 17.05
N ALA C 334 10.76 29.29 17.38
CA ALA C 334 10.43 30.32 16.40
C ALA C 334 11.59 30.53 15.42
N LYS C 335 12.81 30.40 15.91
CA LYS C 335 14.00 30.59 15.08
C LYS C 335 14.03 29.62 13.90
N GLN C 336 13.81 28.34 14.20
CA GLN C 336 13.81 27.31 13.16
C GLN C 336 12.59 27.46 12.26
N GLN C 337 11.47 27.88 12.84
CA GLN C 337 10.25 28.10 12.07
C GLN C 337 10.44 29.20 11.05
N GLN C 338 11.10 30.28 11.48
CA GLN C 338 11.39 31.40 10.60
C GLN C 338 12.34 30.98 9.49
N ARG C 339 13.29 30.13 9.84
CA ARG C 339 14.27 29.61 8.89
C ARG C 339 13.59 28.85 7.75
N VAL C 340 12.66 27.98 8.11
CA VAL C 340 11.93 27.19 7.12
C VAL C 340 11.04 28.10 6.28
N TRP C 341 10.44 29.10 6.93
CA TRP C 341 9.61 30.08 6.24
C TRP C 341 10.42 30.85 5.18
N ASP C 342 11.66 31.18 5.53
CA ASP C 342 12.54 31.90 4.62
C ASP C 342 12.83 31.05 3.38
N PHE C 343 13.06 29.76 3.59
CA PHE C 343 13.28 28.83 2.48
C PHE C 343 12.08 28.81 1.54
N LEU C 344 10.89 28.65 2.11
CA LEU C 344 9.67 28.55 1.32
C LEU C 344 9.37 29.85 0.58
N SER C 345 9.69 30.98 1.21
CA SER C 345 9.46 32.29 0.60
C SER C 345 10.34 32.50 -0.63
N ASP C 346 11.63 32.20 -0.47
CA ASP C 346 12.59 32.34 -1.58
C ASP C 346 12.21 31.44 -2.76
N ALA C 347 11.85 30.20 -2.45
CA ALA C 347 11.46 29.25 -3.49
C ALA C 347 10.22 29.74 -4.23
N GLN C 348 9.24 30.24 -3.48
CA GLN C 348 8.02 30.77 -4.08
C GLN C 348 8.31 32.01 -4.89
N HIS C 349 9.23 32.84 -4.39
CA HIS C 349 9.59 34.08 -5.07
C HIS C 349 10.38 33.82 -6.34
N ASP C 350 11.11 32.70 -6.36
CA ASP C 350 11.92 32.34 -7.52
C ASP C 350 11.13 31.47 -8.49
N GLY C 351 9.83 31.31 -8.24
CA GLY C 351 8.95 30.63 -9.16
C GLY C 351 8.95 29.11 -9.06
N ILE C 352 9.46 28.58 -7.95
CA ILE C 352 9.45 27.14 -7.74
C ILE C 352 8.05 26.70 -7.29
N PRO C 353 7.37 25.91 -8.12
CA PRO C 353 5.98 25.51 -7.86
C PRO C 353 5.86 24.50 -6.72
N MET C 354 4.92 24.73 -5.83
CA MET C 354 4.64 23.78 -4.77
C MET C 354 3.54 22.82 -5.21
N ALA C 355 3.93 21.57 -5.49
CA ALA C 355 3.00 20.56 -5.97
C ALA C 355 1.90 20.27 -4.95
N ALA C 356 2.29 20.20 -3.68
CA ALA C 356 1.35 19.92 -2.61
C ALA C 356 1.94 20.27 -1.26
N HIS C 357 1.08 20.32 -0.24
CA HIS C 357 1.54 20.58 1.12
C HIS C 357 0.60 19.94 2.13
N GLY C 358 1.09 19.75 3.35
CA GLY C 358 0.29 19.15 4.41
C GLY C 358 -0.78 20.07 4.94
N GLN C 359 -1.34 19.72 6.09
CA GLN C 359 -2.39 20.52 6.70
C GLN C 359 -2.17 20.71 8.19
N VAL C 360 -2.05 21.97 8.60
CA VAL C 360 -2.05 22.30 10.02
C VAL C 360 -3.49 22.48 10.45
N VAL C 361 -3.88 21.82 11.54
CA VAL C 361 -5.24 21.94 12.04
C VAL C 361 -5.54 23.39 12.39
N ALA C 362 -6.74 23.85 12.05
CA ALA C 362 -7.09 25.25 12.20
C ALA C 362 -7.10 25.70 13.67
N ASP C 363 -7.24 24.74 14.58
CA ASP C 363 -7.33 25.04 16.00
C ASP C 363 -5.99 24.83 16.72
N ALA C 364 -4.93 24.64 15.94
CA ALA C 364 -3.59 24.49 16.51
C ALA C 364 -3.17 25.77 17.24
N PRO C 365 -2.61 25.60 18.45
CA PRO C 365 -2.17 26.72 19.30
C PRO C 365 -1.36 27.78 18.54
N GLU C 366 -1.85 29.02 18.57
CA GLU C 366 -1.25 30.11 17.83
C GLU C 366 0.18 30.40 18.30
N SER C 367 0.43 30.16 19.58
CA SER C 367 1.75 30.41 20.14
C SER C 367 2.69 29.22 19.90
N GLY C 368 2.19 28.22 19.19
CA GLY C 368 3.00 27.08 18.79
C GLY C 368 3.77 27.37 17.52
N PHE C 369 4.77 26.55 17.24
CA PHE C 369 5.60 26.74 16.05
C PHE C 369 5.34 25.65 15.03
N TYR C 370 4.22 25.78 14.33
CA TYR C 370 3.78 24.73 13.41
C TYR C 370 4.14 25.03 11.96
N GLN C 371 4.45 23.97 11.23
CA GLN C 371 4.78 24.07 9.81
C GLN C 371 4.30 22.82 9.07
N ALA C 372 3.43 23.01 8.09
CA ALA C 372 2.93 21.90 7.29
C ALA C 372 4.00 21.43 6.32
N PRO C 373 4.12 20.10 6.15
CA PRO C 373 5.04 19.53 5.16
C PRO C 373 4.78 20.05 3.77
N ALA C 374 5.82 20.32 3.00
CA ALA C 374 5.66 20.89 1.68
C ALA C 374 6.44 20.11 0.62
N LEU C 375 5.78 19.87 -0.51
CA LEU C 375 6.42 19.21 -1.64
C LEU C 375 6.59 20.19 -2.80
N LEU C 376 7.84 20.52 -3.13
CA LEU C 376 8.11 21.42 -4.23
C LEU C 376 8.69 20.64 -5.42
N ARG C 377 8.27 21.02 -6.62
CA ARG C 377 8.68 20.33 -7.83
C ARG C 377 9.50 21.22 -8.75
N ASP C 378 10.16 20.61 -9.74
CA ASP C 378 10.98 21.31 -10.72
C ASP C 378 12.04 22.17 -10.06
N VAL C 379 12.53 21.72 -8.91
CA VAL C 379 13.52 22.47 -8.14
C VAL C 379 14.88 22.44 -8.83
N PRO C 380 15.42 23.62 -9.15
CA PRO C 380 16.75 23.72 -9.75
C PRO C 380 17.83 23.16 -8.82
N PRO C 381 18.73 22.33 -9.34
CA PRO C 381 19.79 21.69 -8.56
C PRO C 381 20.73 22.68 -7.89
N SER C 382 20.88 23.86 -8.51
CA SER C 382 21.80 24.87 -7.99
C SER C 382 21.09 25.83 -7.04
N HIS C 383 19.77 25.68 -6.90
CA HIS C 383 19.00 26.55 -6.03
C HIS C 383 19.28 26.23 -4.57
N ARG C 384 19.18 27.24 -3.72
CA ARG C 384 19.47 27.10 -2.29
C ARG C 384 18.65 26.00 -1.62
N LEU C 385 17.41 25.85 -2.08
CA LEU C 385 16.50 24.85 -1.52
C LEU C 385 17.01 23.42 -1.79
N ALA C 386 17.80 23.27 -2.84
CA ALA C 386 18.33 21.97 -3.21
C ALA C 386 19.77 21.80 -2.77
N GLN C 387 20.33 22.84 -2.15
CA GLN C 387 21.73 22.83 -1.73
C GLN C 387 21.87 22.95 -0.21
N GLU C 388 20.97 23.70 0.42
CA GLU C 388 21.06 23.96 1.85
C GLU C 388 20.08 23.11 2.65
N GLU C 389 20.47 22.77 3.88
CA GLU C 389 19.63 22.00 4.77
C GLU C 389 18.56 22.87 5.42
N VAL C 390 17.30 22.53 5.18
CA VAL C 390 16.17 23.33 5.67
C VAL C 390 15.86 23.00 7.12
N PHE C 391 16.03 21.73 7.49
CA PHE C 391 15.63 21.22 8.80
C PHE C 391 14.14 21.46 9.04
N GLY C 392 13.35 21.17 8.01
CA GLY C 392 11.91 21.22 8.09
C GLY C 392 11.32 20.13 7.23
N PRO C 393 9.99 19.97 7.25
CA PRO C 393 9.36 18.92 6.44
C PRO C 393 9.21 19.34 4.97
N VAL C 394 10.32 19.68 4.34
CA VAL C 394 10.30 20.15 2.95
C VAL C 394 11.04 19.17 2.05
N LEU C 395 10.37 18.73 0.99
CA LEU C 395 10.97 17.79 0.05
C LEU C 395 11.11 18.43 -1.34
N ALA C 396 12.33 18.41 -1.86
CA ALA C 396 12.61 19.00 -3.17
C ALA C 396 12.68 17.92 -4.24
N ALA C 397 11.81 18.01 -5.24
CA ALA C 397 11.72 17.02 -6.30
C ALA C 397 12.26 17.54 -7.62
N MET C 398 13.05 16.71 -8.30
CA MET C 398 13.58 17.04 -9.62
C MET C 398 13.81 15.75 -10.40
N ARG C 399 14.10 15.89 -11.69
CA ARG C 399 14.26 14.72 -12.55
C ARG C 399 15.69 14.56 -13.06
N PHE C 400 16.02 13.34 -13.47
CA PHE C 400 17.31 13.06 -14.09
C PHE C 400 17.14 12.15 -15.31
N VAL C 401 18.08 12.22 -16.25
CA VAL C 401 18.00 11.46 -17.49
C VAL C 401 18.54 10.05 -17.32
N ASP C 402 19.77 9.93 -16.84
CA ASP C 402 20.40 8.63 -16.65
C ASP C 402 21.11 8.53 -15.31
N GLU C 403 21.80 7.42 -15.09
CA GLU C 403 22.51 7.17 -13.83
C GLU C 403 23.58 8.23 -13.57
N ASP C 404 24.24 8.67 -14.62
CA ASP C 404 25.30 9.67 -14.51
C ASP C 404 24.78 10.97 -13.91
N GLU C 405 23.64 11.45 -14.41
CA GLU C 405 23.04 12.67 -13.88
C GLU C 405 22.52 12.45 -12.46
N ALA C 406 22.02 11.24 -12.21
CA ALA C 406 21.56 10.89 -10.88
C ALA C 406 22.69 10.99 -9.86
N VAL C 407 23.85 10.46 -10.24
CA VAL C 407 25.04 10.51 -9.40
C VAL C 407 25.52 11.95 -9.26
N ALA C 408 25.49 12.68 -10.37
CA ALA C 408 25.95 14.07 -10.39
C ALA C 408 25.09 14.96 -9.49
N LEU C 409 23.79 14.73 -9.52
CA LEU C 409 22.87 15.50 -8.69
C LEU C 409 22.97 15.12 -7.22
N ALA C 410 23.09 13.81 -6.96
CA ALA C 410 23.16 13.32 -5.59
C ALA C 410 24.42 13.81 -4.87
N ASN C 411 25.53 13.86 -5.59
CA ASN C 411 26.80 14.30 -5.02
C ASN C 411 27.05 15.78 -5.28
N GLY C 412 26.04 16.47 -5.82
CA GLY C 412 26.20 17.85 -6.23
C GLY C 412 26.08 18.89 -5.12
N THR C 413 25.76 18.44 -3.91
CA THR C 413 25.66 19.34 -2.77
C THR C 413 26.90 19.18 -1.89
N PRO C 414 27.20 20.19 -1.06
CA PRO C 414 28.35 20.06 -0.15
C PRO C 414 28.16 18.99 0.92
N TYR C 415 26.95 18.44 1.02
CA TYR C 415 26.66 17.41 2.01
C TYR C 415 26.87 16.01 1.45
N GLY C 416 26.85 15.03 2.35
CA GLY C 416 27.05 13.64 1.98
C GLY C 416 26.92 12.74 3.20
N LEU C 417 25.69 12.46 3.59
CA LEU C 417 25.42 11.71 4.82
C LEU C 417 24.78 10.36 4.52
N VAL C 418 23.58 10.40 3.95
CA VAL C 418 22.83 9.19 3.62
C VAL C 418 22.29 9.33 2.20
N ALA C 419 22.06 8.19 1.53
CA ALA C 419 21.45 8.20 0.20
C ALA C 419 20.55 6.99 0.02
N GLY C 420 19.41 7.20 -0.63
CA GLY C 420 18.47 6.13 -0.91
C GLY C 420 18.39 5.77 -2.37
N ILE C 421 18.40 4.47 -2.67
CA ILE C 421 18.32 3.99 -4.03
C ILE C 421 17.10 3.10 -4.22
N TRP C 422 16.19 3.52 -5.10
CA TRP C 422 14.99 2.75 -5.36
C TRP C 422 14.97 2.25 -6.81
N THR C 423 15.23 0.96 -6.97
CA THR C 423 15.24 0.31 -8.28
C THR C 423 15.25 -1.19 -8.11
N ARG C 424 14.73 -1.91 -9.11
CA ARG C 424 14.69 -3.37 -9.04
C ARG C 424 15.95 -3.98 -9.63
N ASP C 425 16.64 -3.22 -10.48
CA ASP C 425 17.84 -3.71 -11.15
C ASP C 425 19.00 -3.84 -10.16
N GLY C 426 19.44 -5.07 -9.94
CA GLY C 426 20.47 -5.36 -8.96
C GLY C 426 21.84 -4.77 -9.24
N ALA C 427 22.28 -4.86 -10.49
CA ALA C 427 23.58 -4.32 -10.88
C ALA C 427 23.62 -2.81 -10.62
N ARG C 428 22.56 -2.11 -11.02
CA ARG C 428 22.44 -0.67 -10.81
C ARG C 428 22.51 -0.30 -9.33
N GLN C 429 21.91 -1.14 -8.49
CA GLN C 429 21.89 -0.93 -7.04
C GLN C 429 23.31 -0.79 -6.48
N MET C 430 24.12 -1.82 -6.70
CA MET C 430 25.49 -1.83 -6.16
C MET C 430 26.39 -0.86 -6.91
N ARG C 431 26.13 -0.68 -8.20
CA ARG C 431 26.92 0.23 -9.03
C ARG C 431 26.79 1.66 -8.52
N LEU C 432 25.56 2.08 -8.24
CA LEU C 432 25.29 3.41 -7.72
C LEU C 432 25.78 3.55 -6.29
N ALA C 433 25.66 2.49 -5.51
CA ALA C 433 26.04 2.51 -4.10
C ALA C 433 27.51 2.87 -3.92
N ARG C 434 28.33 2.42 -4.85
CA ARG C 434 29.76 2.74 -4.83
C ARG C 434 30.03 4.18 -5.25
N ARG C 435 29.21 4.69 -6.17
CA ARG C 435 29.43 6.02 -6.74
C ARG C 435 28.94 7.14 -5.84
N LEU C 436 27.97 6.85 -4.98
CA LEU C 436 27.38 7.86 -4.12
C LEU C 436 28.32 8.23 -2.97
N ARG C 437 28.40 9.52 -2.69
CA ARG C 437 29.21 10.01 -1.57
C ARG C 437 28.36 10.12 -0.31
N ALA C 438 28.38 9.07 0.50
CA ALA C 438 27.58 9.04 1.72
C ALA C 438 28.13 8.01 2.70
N GLY C 439 27.86 8.22 3.99
CA GLY C 439 28.25 7.27 5.01
C GLY C 439 27.37 6.03 4.98
N GLN C 440 26.10 6.22 4.61
CA GLN C 440 25.17 5.10 4.51
C GLN C 440 24.38 5.13 3.21
N VAL C 441 24.30 3.99 2.54
CA VAL C 441 23.49 3.86 1.35
C VAL C 441 22.42 2.79 1.56
N PHE C 442 21.17 3.17 1.40
CA PHE C 442 20.06 2.24 1.59
C PHE C 442 19.45 1.84 0.25
N ILE C 443 19.25 0.54 0.07
CA ILE C 443 18.73 0.01 -1.18
C ILE C 443 17.31 -0.52 -1.00
N ASN C 444 16.37 0.12 -1.69
CA ASN C 444 14.95 -0.20 -1.60
C ASN C 444 14.44 -0.11 -0.16
N ASN C 445 15.04 0.79 0.60
CA ASN C 445 14.57 1.18 1.92
C ASN C 445 15.25 2.50 2.28
N TYR C 446 15.04 2.97 3.50
CA TYR C 446 15.69 4.21 3.93
C TYR C 446 15.74 4.30 5.45
N GLY C 447 16.92 4.07 6.02
CA GLY C 447 17.10 4.16 7.45
C GLY C 447 16.70 2.90 8.19
N ALA C 448 15.90 2.07 7.53
CA ALA C 448 15.37 0.84 8.11
C ALA C 448 14.69 1.12 9.44
N GLY C 449 15.11 0.40 10.48
CA GLY C 449 14.57 0.61 11.82
C GLY C 449 15.65 0.79 12.86
N GLY C 450 15.67 1.95 13.50
CA GLY C 450 16.65 2.26 14.51
C GLY C 450 18.04 2.52 13.95
N GLY C 451 18.59 1.53 13.25
CA GLY C 451 19.91 1.65 12.66
C GLY C 451 21.02 1.71 13.69
N VAL C 452 20.79 1.07 14.84
CA VAL C 452 21.76 1.05 15.92
C VAL C 452 23.03 0.32 15.49
N GLU C 453 22.85 -0.78 14.75
CA GLU C 453 23.98 -1.59 14.31
C GLU C 453 24.67 -1.01 13.09
N LEU C 454 24.09 0.03 12.51
CA LEU C 454 24.61 0.63 11.28
C LEU C 454 25.47 1.87 11.55
N PRO C 455 26.79 1.76 11.35
CA PRO C 455 27.71 2.89 11.52
C PRO C 455 27.26 4.12 10.75
N PHE C 456 27.16 5.25 11.45
CA PHE C 456 26.60 6.47 10.88
C PHE C 456 27.62 7.60 10.89
N GLY C 457 27.68 8.34 9.79
CA GLY C 457 28.61 9.45 9.67
C GLY C 457 28.58 10.05 8.27
N GLY C 458 29.17 11.23 8.13
CA GLY C 458 29.12 11.93 6.86
C GLY C 458 30.47 12.24 6.23
N VAL C 459 30.43 12.74 5.01
CA VAL C 459 31.60 13.27 4.33
C VAL C 459 31.28 14.70 3.93
N GLY C 460 32.31 15.47 3.58
CA GLY C 460 32.11 16.86 3.22
C GLY C 460 31.62 17.69 4.40
N HIS C 461 30.56 18.47 4.18
CA HIS C 461 30.01 19.32 5.22
C HIS C 461 29.04 18.55 6.12
N SER C 462 28.95 17.24 5.94
CA SER C 462 28.17 16.39 6.82
C SER C 462 29.02 15.97 8.02
N GLY C 463 30.30 16.37 7.98
CA GLY C 463 31.21 16.07 9.08
C GLY C 463 32.17 14.94 8.78
N HIS C 464 32.68 14.32 9.84
CA HIS C 464 33.59 13.20 9.72
C HIS C 464 33.55 12.34 10.98
N GLY C 465 34.02 11.11 10.87
CA GLY C 465 33.97 10.17 11.97
C GLY C 465 32.71 9.33 11.90
N ARG C 466 32.73 8.18 12.56
CA ARG C 466 31.58 7.28 12.53
C ARG C 466 31.09 6.94 13.93
N GLU C 467 29.78 7.04 14.13
CA GLU C 467 29.14 6.58 15.35
C GLU C 467 28.03 5.59 14.99
N LYS C 468 27.35 5.07 16.01
CA LYS C 468 26.48 3.89 15.88
C LYS C 468 27.29 2.66 15.48
N GLY C 469 26.68 1.49 15.62
CA GLY C 469 27.33 0.25 15.25
C GLY C 469 28.54 -0.09 16.11
N PHE C 470 29.21 -1.20 15.79
CA PHE C 470 30.41 -1.59 16.50
C PHE C 470 31.55 -0.64 16.17
N GLU C 471 31.51 -0.07 14.97
CA GLU C 471 32.55 0.83 14.48
C GLU C 471 32.80 2.02 15.41
N ALA C 472 31.76 2.44 16.12
CA ALA C 472 31.83 3.61 17.00
C ALA C 472 32.86 3.43 18.11
N LEU C 473 33.05 2.19 18.55
CA LEU C 473 33.99 1.90 19.64
C LEU C 473 35.41 2.30 19.30
N TYR C 474 35.77 2.26 18.02
CA TYR C 474 37.11 2.64 17.60
C TYR C 474 37.30 4.15 17.71
N GLY C 475 36.22 4.89 17.56
CA GLY C 475 36.26 6.33 17.69
C GLY C 475 36.38 6.78 19.13
N PHE C 476 35.94 5.93 20.05
CA PHE C 476 35.98 6.25 21.48
C PHE C 476 37.15 5.55 22.18
N THR C 477 38.06 5.00 21.38
CA THR C 477 39.27 4.40 21.93
C THR C 477 40.50 4.88 21.15
N ALA C 478 41.67 4.68 21.74
CA ALA C 478 42.92 5.02 21.10
C ALA C 478 43.86 3.82 21.16
N LEU C 479 44.58 3.58 20.07
CA LEU C 479 45.40 2.39 19.95
C LEU C 479 46.79 2.56 20.57
N LYS C 480 47.12 1.69 21.51
CA LYS C 480 48.47 1.62 22.06
C LYS C 480 49.13 0.34 21.56
N THR C 481 50.37 0.46 21.10
CA THR C 481 51.13 -0.69 20.62
C THR C 481 52.27 -1.01 21.58
N ILE C 482 52.39 -2.28 21.95
CA ILE C 482 53.44 -2.72 22.85
C ILE C 482 54.38 -3.68 22.12
N ALA C 483 55.64 -3.28 22.00
CA ALA C 483 56.65 -4.12 21.34
C ALA C 483 57.60 -4.71 22.36
N ILE C 484 57.53 -6.03 22.53
CA ILE C 484 58.35 -6.72 23.52
C ILE C 484 59.54 -7.41 22.87
N ARG C 485 60.74 -7.08 23.32
CA ARG C 485 61.93 -7.81 22.91
C ARG C 485 62.28 -8.85 23.97
N HIS C 486 62.17 -10.13 23.61
CA HIS C 486 62.36 -11.20 24.56
C HIS C 486 63.36 -12.25 24.07
N GLY C 487 63.72 -12.17 22.80
CA GLY C 487 64.65 -13.12 22.21
C GLY C 487 64.02 -14.47 21.97
N ALA D 12 63.79 23.41 -10.16
CA ALA D 12 63.03 24.53 -9.62
C ALA D 12 61.59 24.52 -10.10
N LYS D 13 60.97 23.34 -10.03
CA LYS D 13 59.60 23.18 -10.51
C LYS D 13 58.80 22.21 -9.65
N HIS D 14 57.49 22.36 -9.66
CA HIS D 14 56.60 21.47 -8.93
C HIS D 14 56.34 20.21 -9.74
N PHE D 15 55.81 19.18 -9.10
CA PHE D 15 55.40 17.97 -9.80
C PHE D 15 53.89 17.85 -9.81
N ILE D 16 53.27 18.27 -10.91
CA ILE D 16 51.82 18.29 -11.01
C ILE D 16 51.34 17.58 -12.28
N ALA D 17 50.38 16.68 -12.11
CA ALA D 17 49.76 15.94 -13.21
C ALA D 17 50.78 15.17 -14.03
N GLY D 18 51.76 14.57 -13.35
CA GLY D 18 52.75 13.73 -14.01
C GLY D 18 53.84 14.49 -14.75
N GLU D 19 53.77 15.82 -14.70
CA GLU D 19 54.80 16.65 -15.35
C GLU D 19 55.39 17.65 -14.36
N TRP D 20 56.64 18.04 -14.61
CA TRP D 20 57.29 19.06 -13.81
C TRP D 20 56.96 20.44 -14.35
N THR D 21 56.15 21.18 -13.61
CA THR D 21 55.67 22.49 -14.05
C THR D 21 56.26 23.62 -13.21
N LEU D 22 56.48 24.77 -13.85
CA LEU D 22 57.03 25.94 -13.17
C LEU D 22 55.99 26.57 -12.25
N PRO D 23 56.44 27.22 -11.17
CA PRO D 23 55.52 27.90 -10.24
C PRO D 23 54.88 29.13 -10.88
N ALA D 24 53.91 29.72 -10.18
CA ALA D 24 53.21 30.89 -10.71
C ALA D 24 53.92 32.18 -10.36
N GLN D 25 54.90 32.10 -9.46
CA GLN D 25 55.63 33.28 -9.02
C GLN D 25 57.07 33.29 -9.53
N LEU D 26 57.57 32.12 -9.90
CA LEU D 26 58.90 31.95 -10.51
C LEU D 26 60.06 32.37 -9.60
N GLU D 27 59.76 32.81 -8.39
CA GLU D 27 60.79 33.19 -7.43
C GLU D 27 61.11 32.02 -6.52
N THR D 28 62.23 31.34 -6.79
CA THR D 28 62.54 30.07 -6.12
C THR D 28 63.00 30.22 -4.66
N ILE D 29 63.15 29.08 -4.00
CA ILE D 29 63.65 29.01 -2.63
C ILE D 29 64.98 28.27 -2.60
N PRO D 30 65.98 28.83 -1.93
CA PRO D 30 67.30 28.18 -1.84
C PRO D 30 67.27 26.87 -1.06
N VAL D 31 68.09 25.92 -1.50
CA VAL D 31 68.25 24.65 -0.79
C VAL D 31 69.62 24.62 -0.12
N VAL D 32 69.63 24.59 1.20
CA VAL D 32 70.87 24.74 1.97
C VAL D 32 71.39 23.40 2.49
N ASP D 33 72.70 23.20 2.35
CA ASP D 33 73.38 22.08 2.99
C ASP D 33 73.80 22.51 4.39
N PRO D 34 73.14 21.96 5.43
CA PRO D 34 73.42 22.35 6.82
C PRO D 34 74.83 21.99 7.28
N SER D 35 75.54 21.17 6.51
CA SER D 35 76.91 20.81 6.86
C SER D 35 77.87 21.99 6.68
N ASP D 36 77.56 22.87 5.75
CA ASP D 36 78.37 24.07 5.54
C ASP D 36 77.51 25.34 5.48
N GLY D 37 76.20 25.16 5.59
CA GLY D 37 75.28 26.28 5.56
C GLY D 37 75.20 27.00 4.22
N GLN D 38 75.68 26.35 3.17
CA GLN D 38 75.74 26.95 1.85
C GLN D 38 74.69 26.35 0.91
N PRO D 39 73.99 27.21 0.16
CA PRO D 39 72.99 26.77 -0.83
C PRO D 39 73.65 26.06 -2.02
N PHE D 40 73.01 25.00 -2.52
CA PHE D 40 73.55 24.27 -3.65
C PHE D 40 72.48 23.99 -4.70
N ALA D 41 71.22 24.24 -4.35
CA ALA D 41 70.12 24.03 -5.28
C ALA D 41 68.96 24.96 -4.97
N THR D 42 67.88 24.84 -5.74
CA THR D 42 66.68 25.65 -5.53
C THR D 42 65.42 24.81 -5.66
N ILE D 43 64.37 25.25 -4.96
CA ILE D 43 63.05 24.62 -5.08
C ILE D 43 62.03 25.71 -5.40
N ALA D 44 60.93 25.31 -6.03
CA ALA D 44 59.89 26.25 -6.41
C ALA D 44 59.13 26.74 -5.18
N ARG D 45 58.88 28.04 -5.13
CA ARG D 45 58.13 28.64 -4.04
C ARG D 45 56.64 28.58 -4.33
N GLY D 46 56.01 27.47 -3.93
CA GLY D 46 54.60 27.25 -4.20
C GLY D 46 53.68 28.21 -3.47
N THR D 47 52.65 28.66 -4.17
CA THR D 47 51.63 29.51 -3.58
C THR D 47 50.26 28.90 -3.79
N ALA D 48 49.22 29.68 -3.54
CA ALA D 48 47.85 29.21 -3.69
C ALA D 48 47.50 28.68 -5.10
N PRO D 49 47.91 29.39 -6.18
CA PRO D 49 47.57 28.85 -7.50
C PRO D 49 48.22 27.51 -7.81
N ASP D 50 49.41 27.27 -7.27
CA ASP D 50 50.10 25.99 -7.46
C ASP D 50 49.37 24.86 -6.75
N ILE D 51 48.81 25.18 -5.58
CA ILE D 51 48.05 24.21 -4.80
C ILE D 51 46.76 23.86 -5.54
N GLU D 52 46.13 24.87 -6.14
CA GLU D 52 44.87 24.69 -6.86
C GLU D 52 45.01 23.69 -8.00
N ARG D 53 46.09 23.82 -8.78
CA ARG D 53 46.34 22.91 -9.90
C ARG D 53 46.65 21.51 -9.41
N ALA D 54 47.33 21.41 -8.28
CA ALA D 54 47.72 20.11 -7.71
C ALA D 54 46.52 19.34 -7.20
N VAL D 55 45.63 20.03 -6.50
CA VAL D 55 44.41 19.43 -5.97
C VAL D 55 43.52 19.01 -7.13
N ALA D 56 43.41 19.87 -8.13
CA ALA D 56 42.59 19.60 -9.31
C ALA D 56 43.15 18.42 -10.10
N ALA D 57 44.48 18.31 -10.14
CA ALA D 57 45.13 17.20 -10.82
C ALA D 57 44.84 15.89 -10.09
N ALA D 58 44.93 15.93 -8.77
CA ALA D 58 44.67 14.76 -7.94
C ALA D 58 43.21 14.35 -8.01
N ARG D 59 42.32 15.33 -8.13
CA ARG D 59 40.89 15.07 -8.22
C ARG D 59 40.58 14.32 -9.51
N ASP D 60 41.22 14.73 -10.61
CA ASP D 60 41.05 14.06 -11.89
C ASP D 60 41.62 12.65 -11.86
N ALA D 61 42.72 12.48 -11.14
CA ALA D 61 43.35 11.17 -11.02
C ALA D 61 42.47 10.22 -10.22
N PHE D 62 41.91 10.70 -9.12
CA PHE D 62 41.03 9.90 -8.28
C PHE D 62 39.73 9.56 -9.01
N ALA D 63 39.29 10.44 -9.90
CA ALA D 63 38.07 10.22 -10.66
C ALA D 63 38.36 9.48 -11.96
N GLY D 64 39.63 9.37 -12.30
CA GLY D 64 40.03 8.75 -13.55
C GLY D 64 40.77 7.43 -13.41
N PRO D 65 41.97 7.35 -14.01
CA PRO D 65 42.79 6.13 -14.07
C PRO D 65 43.12 5.53 -12.71
N TRP D 66 43.54 6.37 -11.76
CA TRP D 66 43.96 5.88 -10.45
C TRP D 66 42.78 5.33 -9.65
N GLY D 67 41.64 6.00 -9.74
CA GLY D 67 40.45 5.56 -9.05
C GLY D 67 39.79 4.34 -9.66
N ALA D 68 40.18 4.02 -10.90
CA ALA D 68 39.62 2.89 -11.61
C ALA D 68 40.43 1.61 -11.36
N ALA D 69 41.65 1.79 -10.87
CA ALA D 69 42.52 0.65 -10.59
C ALA D 69 42.00 -0.16 -9.43
N SER D 70 42.13 -1.48 -9.52
CA SER D 70 41.75 -2.35 -8.42
C SER D 70 42.77 -2.21 -7.29
N ALA D 71 42.40 -2.66 -6.10
CA ALA D 71 43.31 -2.60 -4.96
C ALA D 71 44.58 -3.40 -5.23
N ALA D 72 44.43 -4.52 -5.93
CA ALA D 72 45.58 -5.35 -6.28
C ALA D 72 46.50 -4.65 -7.27
N GLU D 73 45.90 -3.93 -8.22
CA GLU D 73 46.68 -3.19 -9.21
C GLU D 73 47.47 -2.05 -8.56
N ARG D 74 46.87 -1.42 -7.55
CA ARG D 74 47.55 -0.37 -6.81
C ARG D 74 48.74 -0.93 -6.05
N GLY D 75 48.58 -2.15 -5.54
CA GLY D 75 49.64 -2.81 -4.81
C GLY D 75 50.86 -3.11 -5.65
N ARG D 76 50.63 -3.50 -6.90
CA ARG D 76 51.72 -3.83 -7.80
C ARG D 76 52.52 -2.58 -8.16
N VAL D 77 51.84 -1.45 -8.25
CA VAL D 77 52.50 -0.18 -8.50
C VAL D 77 53.42 0.16 -7.32
N LEU D 78 52.89 0.01 -6.11
CA LEU D 78 53.65 0.29 -4.89
C LEU D 78 54.82 -0.66 -4.72
N MET D 79 54.63 -1.92 -5.12
CA MET D 79 55.69 -2.91 -5.02
C MET D 79 56.82 -2.59 -6.00
N ARG D 80 56.47 -2.16 -7.21
CA ARG D 80 57.47 -1.74 -8.18
C ARG D 80 58.20 -0.50 -7.70
N LEU D 81 57.46 0.42 -7.07
CA LEU D 81 58.05 1.62 -6.52
C LEU D 81 59.02 1.27 -5.40
N SER D 82 58.67 0.26 -4.62
CA SER D 82 59.55 -0.26 -3.57
C SER D 82 60.88 -0.72 -4.16
N ALA D 83 60.80 -1.40 -5.30
CA ALA D 83 61.98 -1.94 -5.96
C ALA D 83 62.86 -0.82 -6.54
N ARG D 84 62.23 0.23 -7.05
CA ARG D 84 62.96 1.35 -7.62
C ARG D 84 63.70 2.14 -6.54
N VAL D 85 63.09 2.21 -5.36
CA VAL D 85 63.71 2.89 -4.22
C VAL D 85 64.90 2.07 -3.73
N THR D 86 64.72 0.76 -3.67
CA THR D 86 65.79 -0.16 -3.28
C THR D 86 66.96 -0.09 -4.26
N ASP D 87 66.64 0.09 -5.54
CA ASP D 87 67.67 0.19 -6.57
C ASP D 87 68.37 1.54 -6.55
N SER D 88 67.80 2.49 -5.80
CA SER D 88 68.33 3.85 -5.77
C SER D 88 68.68 4.31 -4.37
N ILE D 89 69.01 3.36 -3.49
CA ILE D 89 69.33 3.68 -2.10
CA ILE D 89 69.31 3.68 -2.09
C ILE D 89 70.45 4.69 -2.00
N GLU D 90 71.55 4.43 -2.71
CA GLU D 90 72.72 5.30 -2.67
C GLU D 90 72.42 6.71 -3.14
N GLU D 91 71.70 6.83 -4.25
CA GLU D 91 71.34 8.14 -4.79
C GLU D 91 70.42 8.90 -3.84
N LEU D 92 69.39 8.23 -3.36
CA LEU D 92 68.42 8.84 -2.44
C LEU D 92 69.07 9.24 -1.12
N ALA D 93 69.94 8.37 -0.60
CA ALA D 93 70.62 8.63 0.66
C ALA D 93 71.57 9.81 0.52
N ALA D 94 72.19 9.93 -0.65
CA ALA D 94 73.12 11.03 -0.91
C ALA D 94 72.38 12.36 -0.86
N ILE D 95 71.20 12.39 -1.49
CA ILE D 95 70.38 13.59 -1.52
C ILE D 95 69.89 13.95 -0.12
N GLU D 96 69.37 12.95 0.58
CA GLU D 96 68.80 13.16 1.92
C GLU D 96 69.86 13.64 2.91
N ALA D 97 71.05 13.05 2.82
CA ALA D 97 72.14 13.41 3.73
C ALA D 97 72.60 14.84 3.49
N ARG D 98 72.70 15.22 2.23
CA ARG D 98 73.15 16.55 1.85
C ARG D 98 72.11 17.61 2.20
N ASP D 99 70.85 17.20 2.23
CA ASP D 99 69.74 18.12 2.42
C ASP D 99 69.37 18.30 3.89
N THR D 100 69.40 17.19 4.65
CA THR D 100 69.01 17.22 6.05
C THR D 100 70.20 17.37 6.99
N GLY D 101 71.35 16.84 6.57
CA GLY D 101 72.56 16.91 7.38
C GLY D 101 72.88 15.64 8.12
N LYS D 102 71.94 14.69 8.14
CA LYS D 102 72.15 13.44 8.86
C LYS D 102 73.30 12.64 8.24
N PRO D 103 74.04 11.90 9.07
CA PRO D 103 75.13 11.05 8.58
C PRO D 103 74.67 10.10 7.49
N LEU D 104 75.56 9.75 6.57
CA LEU D 104 75.22 8.94 5.40
C LEU D 104 74.62 7.59 5.79
N LYS D 105 75.07 7.04 6.90
CA LYS D 105 74.57 5.75 7.38
C LYS D 105 73.09 5.84 7.72
N GLN D 106 72.70 6.95 8.35
CA GLN D 106 71.31 7.17 8.71
C GLN D 106 70.46 7.49 7.49
N ALA D 107 71.08 8.14 6.50
CA ALA D 107 70.41 8.46 5.25
C ALA D 107 70.07 7.19 4.48
N ARG D 108 71.00 6.23 4.49
CA ARG D 108 70.77 4.95 3.84
C ARG D 108 69.61 4.19 4.49
N ALA D 109 69.58 4.20 5.82
CA ALA D 109 68.53 3.54 6.57
C ALA D 109 67.16 4.14 6.24
N ASP D 110 67.12 5.46 6.09
CA ASP D 110 65.90 6.16 5.73
C ASP D 110 65.37 5.69 4.38
N ALA D 111 66.28 5.55 3.42
CA ALA D 111 65.92 5.11 2.08
C ALA D 111 65.40 3.66 2.12
N ALA D 112 66.08 2.81 2.87
CA ALA D 112 65.67 1.42 3.02
C ALA D 112 64.31 1.31 3.69
N ALA D 113 64.08 2.18 4.67
CA ALA D 113 62.79 2.20 5.37
C ALA D 113 61.69 2.69 4.44
N LEU D 114 62.05 3.56 3.49
CA LEU D 114 61.12 4.04 2.49
C LEU D 114 60.67 2.90 1.59
N ALA D 115 61.61 2.08 1.17
CA ALA D 115 61.32 0.93 0.32
C ALA D 115 60.48 -0.10 1.06
N ARG D 116 60.69 -0.19 2.37
CA ARG D 116 59.97 -1.13 3.22
C ARG D 116 58.51 -0.70 3.39
N TYR D 117 58.29 0.61 3.56
CA TYR D 117 56.94 1.16 3.63
C TYR D 117 56.14 0.79 2.39
N PHE D 118 56.74 1.02 1.22
CA PHE D 118 56.08 0.72 -0.05
C PHE D 118 55.84 -0.77 -0.20
N GLU D 119 56.79 -1.57 0.27
CA GLU D 119 56.66 -3.03 0.21
C GLU D 119 55.53 -3.52 1.11
N PHE D 120 55.45 -2.97 2.31
CA PHE D 120 54.44 -3.38 3.28
C PHE D 120 53.04 -3.04 2.78
N TYR D 121 52.85 -1.80 2.35
CA TYR D 121 51.54 -1.34 1.92
C TYR D 121 51.15 -1.86 0.54
N ALA D 122 52.13 -2.32 -0.22
CA ALA D 122 51.86 -2.99 -1.49
C ALA D 122 51.09 -4.27 -1.25
N GLY D 123 51.38 -4.92 -0.13
CA GLY D 123 50.72 -6.17 0.22
C GLY D 123 49.46 -5.99 1.03
N ALA D 124 49.22 -4.78 1.52
CA ALA D 124 48.06 -4.50 2.37
C ALA D 124 46.86 -4.03 1.56
N ALA D 125 47.12 -3.54 0.35
CA ALA D 125 46.11 -2.88 -0.48
C ALA D 125 44.84 -3.69 -0.69
N ASP D 126 44.97 -4.91 -1.20
CA ASP D 126 43.80 -5.74 -1.49
C ASP D 126 43.41 -6.62 -0.32
N LYS D 127 43.88 -6.25 0.88
CA LYS D 127 43.58 -6.98 2.11
CA LYS D 127 43.53 -7.00 2.08
C LYS D 127 42.85 -6.10 3.11
N LEU D 128 42.51 -4.89 2.67
CA LEU D 128 41.75 -3.96 3.51
C LEU D 128 40.27 -4.32 3.44
N HIS D 129 39.81 -5.10 4.41
CA HIS D 129 38.45 -5.63 4.37
C HIS D 129 37.45 -4.75 5.11
N GLY D 130 36.23 -4.73 4.61
CA GLY D 130 35.11 -4.17 5.34
C GLY D 130 34.40 -5.30 6.05
N GLU D 131 33.13 -5.12 6.37
CA GLU D 131 32.39 -6.13 7.11
C GLU D 131 31.01 -6.40 6.54
N THR D 132 30.43 -7.53 6.91
CA THR D 132 29.00 -7.75 6.78
C THR D 132 28.43 -7.83 8.19
N LEU D 133 27.38 -7.05 8.45
CA LEU D 133 26.84 -6.91 9.78
C LEU D 133 25.50 -7.62 9.93
N PRO D 134 25.35 -8.41 11.01
CA PRO D 134 24.07 -9.03 11.32
C PRO D 134 22.99 -7.98 11.51
N TYR D 135 21.82 -8.19 10.92
CA TYR D 135 20.76 -7.20 10.98
C TYR D 135 19.40 -7.88 10.91
N GLN D 136 18.36 -7.10 10.63
CA GLN D 136 16.99 -7.59 10.63
C GLN D 136 16.75 -8.60 9.52
N ALA D 137 15.67 -9.39 9.66
CA ALA D 137 15.31 -10.38 8.66
C ALA D 137 14.96 -9.71 7.34
N GLY D 138 15.42 -10.30 6.24
CA GLY D 138 15.18 -9.75 4.92
C GLY D 138 16.17 -8.66 4.54
N TYR D 139 17.20 -8.50 5.37
CA TYR D 139 18.23 -7.48 5.12
C TYR D 139 19.61 -8.09 4.98
N THR D 140 20.47 -7.40 4.21
CA THR D 140 21.88 -7.73 4.12
C THR D 140 22.68 -6.44 4.25
N VAL D 141 23.51 -6.36 5.28
CA VAL D 141 24.28 -5.14 5.54
C VAL D 141 25.77 -5.39 5.33
N LEU D 142 26.35 -4.65 4.40
CA LEU D 142 27.78 -4.74 4.14
C LEU D 142 28.44 -3.37 4.29
N THR D 143 29.71 -3.36 4.70
CA THR D 143 30.45 -2.12 4.86
C THR D 143 31.66 -2.11 3.95
N VAL D 144 31.93 -0.96 3.35
CA VAL D 144 33.05 -0.80 2.43
C VAL D 144 33.97 0.30 2.93
N ARG D 145 35.27 0.06 2.89
CA ARG D 145 36.24 1.07 3.30
C ARG D 145 36.80 1.78 2.07
N GLU D 146 36.19 2.92 1.76
CA GLU D 146 36.55 3.69 0.57
C GLU D 146 37.52 4.82 0.91
N PRO D 147 38.43 5.12 -0.02
CA PRO D 147 39.37 6.23 0.15
C PRO D 147 38.65 7.58 0.32
N HIS D 148 39.26 8.51 1.04
CA HIS D 148 38.69 9.83 1.23
C HIS D 148 38.51 10.53 -0.11
N GLY D 149 39.46 10.31 -1.01
CA GLY D 149 39.48 10.98 -2.30
C GLY D 149 40.83 11.61 -2.55
N VAL D 150 40.96 12.88 -2.18
CA VAL D 150 42.23 13.59 -2.31
C VAL D 150 42.77 13.91 -0.92
N THR D 151 43.92 13.32 -0.59
CA THR D 151 44.52 13.52 0.72
C THR D 151 45.63 14.57 0.68
N GLY D 152 45.68 15.41 1.71
CA GLY D 152 46.74 16.38 1.86
C GLY D 152 47.83 15.87 2.78
N HIS D 153 49.08 16.11 2.41
CA HIS D 153 50.21 15.61 3.19
C HIS D 153 51.22 16.71 3.46
N ILE D 154 51.39 17.03 4.74
CA ILE D 154 52.44 17.96 5.16
C ILE D 154 53.60 17.16 5.73
N VAL D 155 54.73 17.17 5.02
CA VAL D 155 55.89 16.38 5.42
C VAL D 155 57.03 17.28 5.89
N PRO D 156 57.55 17.02 7.10
CA PRO D 156 58.61 17.83 7.72
C PRO D 156 60.01 17.53 7.18
N TRP D 157 61.01 18.17 7.78
CA TRP D 157 62.37 18.16 7.25
C TRP D 157 63.28 17.10 7.89
N ASN D 158 62.88 16.57 9.04
CA ASN D 158 63.76 15.67 9.79
C ASN D 158 63.80 14.28 9.17
N TYR D 159 62.67 13.81 8.68
CA TYR D 159 62.61 12.54 7.95
C TYR D 159 61.76 12.67 6.69
N PRO D 160 62.27 13.38 5.68
CA PRO D 160 61.52 13.58 4.43
C PRO D 160 61.05 12.28 3.79
N MET D 161 61.95 11.31 3.63
CA MET D 161 61.62 10.07 2.96
C MET D 161 60.74 9.13 3.79
N GLN D 162 61.13 8.89 5.03
CA GLN D 162 60.41 7.93 5.88
C GLN D 162 58.97 8.36 6.15
N ILE D 163 58.78 9.65 6.38
CA ILE D 163 57.45 10.17 6.69
C ILE D 163 56.62 10.24 5.41
N PHE D 164 57.27 10.51 4.29
CA PHE D 164 56.61 10.46 2.98
C PHE D 164 56.09 9.06 2.72
N GLY D 165 56.95 8.06 2.89
CA GLY D 165 56.57 6.67 2.70
C GLY D 165 55.47 6.24 3.66
N ARG D 166 55.60 6.71 4.90
CA ARG D 166 54.59 6.47 5.92
C ARG D 166 53.24 7.04 5.51
N SER D 167 53.22 8.33 5.18
CA SER D 167 51.97 9.04 4.90
C SER D 167 51.41 8.71 3.51
N VAL D 168 52.22 8.90 2.48
CA VAL D 168 51.74 8.76 1.10
C VAL D 168 51.59 7.28 0.74
N GLY D 169 52.51 6.45 1.19
CA GLY D 169 52.46 5.02 0.90
C GLY D 169 51.18 4.37 1.39
N ALA D 170 50.66 4.85 2.51
CA ALA D 170 49.43 4.34 3.07
C ALA D 170 48.22 4.91 2.33
N ALA D 171 48.30 6.17 1.95
CA ALA D 171 47.22 6.84 1.24
C ALA D 171 47.04 6.28 -0.16
N LEU D 172 48.15 5.89 -0.79
CA LEU D 172 48.10 5.31 -2.12
C LEU D 172 47.52 3.90 -2.08
N ALA D 173 47.91 3.14 -1.06
CA ALA D 173 47.40 1.78 -0.88
C ALA D 173 45.91 1.80 -0.60
N ALA D 174 45.46 2.82 0.12
CA ALA D 174 44.05 2.99 0.44
C ALA D 174 43.23 3.39 -0.78
N GLY D 175 43.90 3.94 -1.79
CA GLY D 175 43.24 4.29 -3.04
C GLY D 175 43.07 5.78 -3.29
N ASN D 176 43.73 6.59 -2.48
CA ASN D 176 43.62 8.05 -2.61
C ASN D 176 44.59 8.60 -3.65
N ALA D 177 44.31 9.82 -4.12
CA ALA D 177 45.28 10.60 -4.87
C ALA D 177 45.87 11.65 -3.92
N CYS D 178 47.15 11.93 -4.05
CA CYS D 178 47.86 12.70 -3.04
C CYS D 178 48.39 14.05 -3.50
N VAL D 179 48.22 15.06 -2.65
CA VAL D 179 48.84 16.36 -2.84
C VAL D 179 49.76 16.62 -1.65
N VAL D 180 51.06 16.69 -1.92
CA VAL D 180 52.04 16.77 -0.85
C VAL D 180 52.75 18.13 -0.80
N LYS D 181 52.81 18.70 0.39
CA LYS D 181 53.58 19.91 0.62
C LYS D 181 54.72 19.58 1.59
N PRO D 182 55.89 19.23 1.04
CA PRO D 182 57.05 18.86 1.85
C PRO D 182 57.75 20.09 2.45
N ALA D 183 58.67 19.86 3.39
CA ALA D 183 59.30 20.95 4.13
C ALA D 183 60.29 21.74 3.27
N GLU D 184 60.26 23.06 3.44
CA GLU D 184 61.14 23.95 2.67
C GLU D 184 62.61 23.82 3.09
N ASP D 185 62.86 23.15 4.21
CA ASP D 185 64.23 22.99 4.70
C ASP D 185 64.84 21.66 4.24
N ALA D 186 63.99 20.74 3.78
CA ALA D 186 64.45 19.44 3.29
C ALA D 186 63.34 18.72 2.53
N CYS D 187 63.41 18.74 1.20
CA CYS D 187 62.38 18.11 0.38
C CYS D 187 62.89 17.59 -0.96
N LEU D 188 64.20 17.68 -1.19
CA LEU D 188 64.78 17.27 -2.45
C LEU D 188 64.58 15.78 -2.73
N SER D 189 64.73 14.96 -1.69
CA SER D 189 64.58 13.51 -1.83
C SER D 189 63.17 13.12 -2.25
N VAL D 190 62.19 13.85 -1.73
CA VAL D 190 60.79 13.59 -2.03
C VAL D 190 60.51 13.83 -3.51
N LEU D 191 61.16 14.84 -4.07
CA LEU D 191 61.00 15.17 -5.49
C LEU D 191 61.50 14.04 -6.39
N ARG D 192 62.58 13.39 -5.95
CA ARG D 192 63.16 12.28 -6.71
C ARG D 192 62.28 11.05 -6.63
N VAL D 193 61.71 10.81 -5.46
CA VAL D 193 60.83 9.67 -5.24
C VAL D 193 59.61 9.78 -6.15
N ALA D 194 59.13 11.00 -6.34
CA ALA D 194 58.00 11.27 -7.22
C ALA D 194 58.30 10.80 -8.65
N GLU D 195 59.54 11.01 -9.09
CA GLU D 195 59.98 10.52 -10.39
C GLU D 195 59.95 9.00 -10.42
N LEU D 196 60.46 8.38 -9.36
CA LEU D 196 60.49 6.94 -9.24
C LEU D 196 59.09 6.35 -9.27
N ALA D 197 58.15 7.06 -8.64
CA ALA D 197 56.75 6.64 -8.63
C ALA D 197 56.19 6.62 -10.04
N ALA D 198 56.54 7.63 -10.83
CA ALA D 198 56.11 7.72 -12.21
C ALA D 198 56.67 6.56 -13.02
N GLU D 199 57.96 6.27 -12.83
CA GLU D 199 58.61 5.16 -13.51
C GLU D 199 57.99 3.83 -13.10
N ALA D 200 57.49 3.77 -11.87
CA ALA D 200 56.91 2.54 -11.33
C ALA D 200 55.55 2.24 -11.93
N GLY D 201 54.94 3.24 -12.56
CA GLY D 201 53.66 3.05 -13.22
C GLY D 201 52.49 3.75 -12.53
N LEU D 202 52.81 4.66 -11.62
CA LEU D 202 51.78 5.45 -10.95
C LEU D 202 51.22 6.49 -11.92
N PRO D 203 49.89 6.46 -12.13
CA PRO D 203 49.20 7.36 -13.06
C PRO D 203 49.48 8.83 -12.77
N ALA D 204 49.52 9.65 -13.81
CA ALA D 204 49.76 11.08 -13.66
C ALA D 204 48.69 11.73 -12.81
N GLY D 205 49.11 12.47 -11.79
CA GLY D 205 48.17 13.17 -10.93
C GLY D 205 47.87 12.47 -9.62
N ALA D 206 48.19 11.18 -9.55
CA ALA D 206 47.98 10.41 -8.32
C ALA D 206 48.91 10.92 -7.22
N LEU D 207 50.07 11.41 -7.60
CA LEU D 207 51.02 11.99 -6.66
C LEU D 207 51.47 13.36 -7.15
N ASN D 208 51.25 14.37 -6.31
CA ASN D 208 51.61 15.74 -6.68
C ASN D 208 52.42 16.39 -5.56
N ILE D 209 53.57 16.95 -5.92
CA ILE D 209 54.46 17.58 -4.95
C ILE D 209 54.52 19.08 -5.19
N VAL D 210 54.15 19.85 -4.18
CA VAL D 210 54.25 21.30 -4.26
C VAL D 210 55.17 21.82 -3.17
N THR D 211 56.36 22.26 -3.56
CA THR D 211 57.34 22.79 -2.63
C THR D 211 56.98 24.22 -2.25
N GLY D 212 57.53 24.69 -1.12
CA GLY D 212 57.28 26.06 -0.68
C GLY D 212 57.22 26.22 0.82
N TYR D 213 57.14 27.48 1.27
CA TYR D 213 57.05 27.79 2.69
C TYR D 213 55.72 27.31 3.27
N GLY D 214 55.73 26.96 4.54
CA GLY D 214 54.54 26.46 5.22
C GLY D 214 53.41 27.47 5.31
N HIS D 215 53.77 28.74 5.51
CA HIS D 215 52.76 29.78 5.66
C HIS D 215 52.19 30.22 4.32
N GLU D 216 52.69 29.63 3.25
CA GLU D 216 52.19 29.90 1.91
C GLU D 216 51.55 28.66 1.30
N ALA D 217 52.38 27.78 0.73
CA ALA D 217 51.88 26.56 0.08
C ALA D 217 51.23 25.62 1.09
N GLY D 218 51.79 25.55 2.29
CA GLY D 218 51.25 24.71 3.34
C GLY D 218 49.91 25.21 3.85
N ALA D 219 49.81 26.53 4.03
CA ALA D 219 48.56 27.14 4.47
C ALA D 219 47.49 27.02 3.40
N ALA D 220 47.89 27.17 2.14
CA ALA D 220 46.96 27.07 1.02
C ALA D 220 46.42 25.64 0.90
N LEU D 221 47.22 24.67 1.31
CA LEU D 221 46.83 23.27 1.26
C LEU D 221 45.83 22.94 2.35
N ALA D 222 46.09 23.44 3.56
CA ALA D 222 45.23 23.17 4.71
C ALA D 222 43.87 23.85 4.59
N ARG D 223 43.80 24.89 3.76
CA ARG D 223 42.58 25.67 3.59
C ARG D 223 41.73 25.19 2.41
N HIS D 224 42.35 24.43 1.50
CA HIS D 224 41.69 24.08 0.24
C HIS D 224 40.50 23.14 0.45
N PRO D 225 39.34 23.53 -0.10
CA PRO D 225 38.09 22.76 0.00
C PRO D 225 38.11 21.48 -0.82
N GLY D 226 39.10 21.34 -1.70
CA GLY D 226 39.22 20.17 -2.55
C GLY D 226 39.78 18.95 -1.86
N ILE D 227 40.41 19.17 -0.71
CA ILE D 227 41.03 18.09 0.07
C ILE D 227 39.97 17.41 0.95
N ASP D 228 40.09 16.10 1.11
CA ASP D 228 39.14 15.34 1.92
C ASP D 228 39.74 14.85 3.23
N HIS D 229 41.07 14.88 3.31
CA HIS D 229 41.76 14.42 4.52
C HIS D 229 43.18 14.98 4.57
N ILE D 230 43.60 15.41 5.76
CA ILE D 230 44.93 15.98 5.94
C ILE D 230 45.79 15.10 6.84
N SER D 231 47.00 14.79 6.38
CA SER D 231 47.98 14.09 7.19
C SER D 231 49.10 15.07 7.57
N PHE D 232 49.11 15.49 8.83
CA PHE D 232 50.09 16.47 9.27
C PHE D 232 51.12 15.88 10.22
N THR D 233 52.38 16.24 9.98
CA THR D 233 53.46 15.93 10.89
C THR D 233 54.32 17.17 11.10
N GLY D 234 54.39 17.64 12.34
CA GLY D 234 55.17 18.82 12.66
C GLY D 234 54.94 19.35 14.07
N SER D 235 55.15 20.65 14.24
CA SER D 235 55.02 21.28 15.55
C SER D 235 53.56 21.36 16.00
N PRO D 236 53.33 21.35 17.32
CA PRO D 236 51.97 21.48 17.87
C PRO D 236 51.29 22.80 17.48
N ALA D 237 52.07 23.88 17.41
CA ALA D 237 51.52 25.19 17.08
C ALA D 237 50.97 25.21 15.65
N THR D 238 51.70 24.59 14.73
CA THR D 238 51.28 24.56 13.33
C THR D 238 50.16 23.55 13.14
N GLY D 239 50.26 22.41 13.84
CA GLY D 239 49.23 21.39 13.78
C GLY D 239 47.89 21.90 14.26
N LYS D 240 47.94 22.75 15.28
CA LYS D 240 46.75 23.43 15.79
C LYS D 240 46.14 24.31 14.71
N LEU D 241 47.00 25.10 14.07
CA LEU D 241 46.58 26.03 13.03
C LEU D 241 46.00 25.28 11.82
N VAL D 242 46.65 24.20 11.42
CA VAL D 242 46.20 23.40 10.29
C VAL D 242 44.81 22.82 10.57
N THR D 243 44.64 22.30 11.79
CA THR D 243 43.36 21.73 12.21
C THR D 243 42.26 22.79 12.18
N GLN D 244 42.58 23.98 12.65
CA GLN D 244 41.63 25.08 12.69
C GLN D 244 41.33 25.60 11.29
N MET D 245 42.32 25.57 10.42
CA MET D 245 42.13 25.97 9.02
C MET D 245 41.28 24.95 8.27
N ALA D 246 41.56 23.66 8.49
CA ALA D 246 40.82 22.60 7.83
C ALA D 246 39.40 22.48 8.40
N ALA D 247 39.19 23.05 9.59
CA ALA D 247 37.88 23.03 10.22
C ALA D 247 36.88 23.87 9.42
N GLU D 248 37.39 24.80 8.62
CA GLU D 248 36.56 25.64 7.77
C GLU D 248 35.89 24.82 6.67
N ASN D 249 36.51 23.69 6.31
CA ASN D 249 35.98 22.83 5.28
C ASN D 249 35.54 21.49 5.86
N HIS D 250 35.53 21.41 7.19
CA HIS D 250 35.17 20.19 7.91
C HIS D 250 36.04 19.01 7.48
N VAL D 251 37.30 19.31 7.18
CA VAL D 251 38.25 18.29 6.76
C VAL D 251 38.99 17.72 7.97
N PRO D 252 38.95 16.38 8.12
CA PRO D 252 39.65 15.71 9.21
C PRO D 252 41.17 15.79 9.06
N VAL D 253 41.86 15.96 10.19
CA VAL D 253 43.32 16.04 10.18
C VAL D 253 43.92 15.06 11.18
N THR D 254 44.86 14.25 10.72
CA THR D 254 45.66 13.44 11.62
C THR D 254 46.87 14.26 12.08
N LEU D 255 47.05 14.36 13.39
CA LEU D 255 48.13 15.18 13.93
C LEU D 255 49.25 14.33 14.51
N GLU D 256 50.37 14.27 13.79
CA GLU D 256 51.58 13.64 14.30
C GLU D 256 52.52 14.72 14.79
N LEU D 257 52.51 14.98 16.09
CA LEU D 257 53.29 16.06 16.66
C LEU D 257 54.50 15.52 17.42
N GLY D 258 55.16 16.40 18.16
CA GLY D 258 56.35 16.03 18.91
C GLY D 258 56.04 15.34 20.23
N GLY D 259 57.09 15.05 21.00
CA GLY D 259 56.92 14.40 22.28
C GLY D 259 58.05 14.66 23.26
N LYS D 260 57.90 14.11 24.46
CA LYS D 260 58.96 14.12 25.46
C LYS D 260 59.10 12.70 25.98
N SER D 261 59.39 11.78 25.07
CA SER D 261 59.40 10.36 25.35
C SER D 261 60.46 9.95 26.37
N PRO D 262 60.03 9.32 27.47
CA PRO D 262 60.91 8.90 28.54
C PRO D 262 61.47 7.49 28.36
N GLN D 263 62.69 7.27 28.84
CA GLN D 263 63.25 5.93 28.99
C GLN D 263 63.25 5.58 30.47
N ILE D 264 62.51 4.53 30.84
CA ILE D 264 62.36 4.16 32.24
C ILE D 264 63.23 2.95 32.57
N VAL D 265 64.25 3.18 33.40
CA VAL D 265 65.21 2.13 33.73
C VAL D 265 65.13 1.77 35.22
N PHE D 266 64.97 0.49 35.51
CA PHE D 266 64.93 0.01 36.88
C PHE D 266 66.25 -0.64 37.27
N ALA D 267 66.43 -0.89 38.57
CA ALA D 267 67.69 -1.39 39.10
C ALA D 267 68.02 -2.81 38.62
N ASP D 268 67.02 -3.53 38.15
CA ASP D 268 67.21 -4.91 37.71
C ASP D 268 67.36 -5.01 36.20
N ALA D 269 67.45 -3.86 35.54
CA ALA D 269 67.55 -3.82 34.09
C ALA D 269 68.94 -4.23 33.61
N ASP D 270 69.04 -4.60 32.34
CA ASP D 270 70.31 -4.94 31.73
C ASP D 270 70.96 -3.66 31.20
N LEU D 271 71.80 -3.04 32.03
CA LEU D 271 72.40 -1.75 31.68
C LEU D 271 73.34 -1.87 30.48
N ASP D 272 73.92 -3.05 30.30
CA ASP D 272 74.81 -3.28 29.16
C ASP D 272 74.04 -3.24 27.85
N ALA D 273 72.83 -3.76 27.85
CA ALA D 273 71.99 -3.77 26.66
C ALA D 273 71.25 -2.44 26.49
N ALA D 274 70.99 -1.77 27.61
CA ALA D 274 70.21 -0.54 27.59
C ALA D 274 71.04 0.66 27.14
N LEU D 275 72.29 0.70 27.58
CA LEU D 275 73.17 1.87 27.40
C LEU D 275 73.31 2.35 25.94
N PRO D 276 73.62 1.44 24.99
CA PRO D 276 73.76 1.96 23.63
C PRO D 276 72.43 2.39 23.01
N VAL D 277 71.33 1.81 23.48
CA VAL D 277 70.02 2.19 22.98
C VAL D 277 69.60 3.53 23.57
N LEU D 278 69.90 3.74 24.85
CA LEU D 278 69.62 5.01 25.51
C LEU D 278 70.30 6.17 24.78
N VAL D 279 71.51 5.92 24.31
CA VAL D 279 72.29 6.93 23.61
C VAL D 279 71.76 7.16 22.19
N SER D 280 71.58 6.08 21.44
CA SER D 280 71.14 6.18 20.05
CA SER D 280 71.14 6.19 20.05
C SER D 280 69.76 6.83 19.94
N ALA D 281 68.90 6.58 20.92
CA ALA D 281 67.53 7.09 20.90
C ALA D 281 67.45 8.62 20.97
N ILE D 282 68.54 9.26 21.35
CA ILE D 282 68.57 10.72 21.43
C ILE D 282 69.60 11.30 20.46
N VAL D 283 70.60 10.49 20.11
CA VAL D 283 71.68 10.96 19.24
C VAL D 283 71.26 10.87 17.76
N GLN D 284 70.49 9.84 17.43
CA GLN D 284 70.01 9.64 16.07
C GLN D 284 69.37 10.90 15.51
N ASN D 285 69.78 11.28 14.30
CA ASN D 285 69.28 12.46 13.59
C ASN D 285 69.45 13.74 14.41
N GLY D 286 70.42 13.74 15.32
CA GLY D 286 70.69 14.90 16.15
C GLY D 286 69.55 15.28 17.07
N GLY D 287 68.84 14.27 17.56
CA GLY D 287 67.71 14.49 18.45
C GLY D 287 66.49 15.09 17.76
N GLN D 288 66.59 15.30 16.45
CA GLN D 288 65.51 15.90 15.69
C GLN D 288 64.48 14.84 15.30
N THR D 289 63.87 14.23 16.33
CA THR D 289 62.90 13.17 16.13
C THR D 289 61.77 13.35 17.14
N CYS D 290 60.53 13.27 16.67
CA CYS D 290 59.36 13.46 17.53
C CYS D 290 59.37 12.48 18.70
N SER D 291 59.80 11.24 18.42
CA SER D 291 59.76 10.17 19.42
C SER D 291 61.13 9.91 20.06
N ALA D 292 62.03 10.89 19.96
CA ALA D 292 63.36 10.76 20.55
C ALA D 292 63.28 10.58 22.06
N GLY D 293 64.11 9.70 22.60
CA GLY D 293 64.16 9.49 24.03
C GLY D 293 64.88 10.61 24.74
N SER D 294 64.15 11.69 25.01
CA SER D 294 64.74 12.92 25.54
C SER D 294 64.80 12.92 27.07
N ARG D 295 64.22 11.89 27.69
CA ARG D 295 64.27 11.74 29.13
C ARG D 295 64.66 10.33 29.51
N VAL D 296 65.51 10.21 30.52
CA VAL D 296 65.82 8.90 31.08
C VAL D 296 65.49 8.93 32.57
N LEU D 297 64.55 8.07 32.97
CA LEU D 297 64.13 7.98 34.37
C LEU D 297 64.75 6.74 35.00
N ILE D 298 65.58 6.94 36.01
CA ILE D 298 66.36 5.85 36.58
C ILE D 298 66.03 5.62 38.04
N GLU D 299 65.81 4.36 38.40
CA GLU D 299 65.64 3.98 39.80
C GLU D 299 66.86 4.43 40.60
N ARG D 300 66.63 4.90 41.82
CA ARG D 300 67.69 5.50 42.65
C ARG D 300 68.92 4.61 42.81
N ALA D 301 68.71 3.31 42.89
CA ALA D 301 69.78 2.36 43.12
C ALA D 301 70.83 2.37 42.01
N VAL D 302 70.40 2.62 40.78
CA VAL D 302 71.31 2.61 39.65
C VAL D 302 71.41 3.98 38.97
N TYR D 303 70.92 5.02 39.65
CA TYR D 303 70.94 6.36 39.10
C TYR D 303 72.36 6.84 38.82
N GLU D 304 73.18 6.93 39.86
CA GLU D 304 74.56 7.39 39.71
C GLU D 304 75.42 6.50 38.80
N PRO D 305 75.32 5.15 38.94
CA PRO D 305 76.13 4.35 38.01
C PRO D 305 75.75 4.49 36.54
N LEU D 306 74.46 4.62 36.25
CA LEU D 306 74.02 4.74 34.86
C LEU D 306 74.38 6.10 34.28
N VAL D 307 74.22 7.15 35.08
CA VAL D 307 74.56 8.51 34.65
C VAL D 307 76.05 8.58 34.33
N GLU D 308 76.86 7.89 35.12
CA GLU D 308 78.30 7.85 34.90
C GLU D 308 78.65 7.20 33.56
N ARG D 309 78.01 6.07 33.28
CA ARG D 309 78.24 5.37 32.02
C ARG D 309 77.68 6.17 30.84
N LEU D 310 76.55 6.83 31.07
CA LEU D 310 75.98 7.72 30.07
C LEU D 310 76.93 8.87 29.78
N ALA D 311 77.54 9.41 30.84
CA ALA D 311 78.48 10.51 30.71
C ALA D 311 79.69 10.11 29.89
N THR D 312 80.21 8.91 30.16
CA THR D 312 81.34 8.38 29.42
C THR D 312 80.97 8.17 27.95
N ALA D 313 79.77 7.66 27.72
CA ALA D 313 79.28 7.44 26.37
C ALA D 313 79.16 8.76 25.60
N PHE D 314 78.60 9.77 26.25
CA PHE D 314 78.38 11.07 25.63
C PHE D 314 79.69 11.79 25.33
N ASN D 315 80.67 11.69 26.23
CA ASN D 315 81.95 12.36 26.05
C ASN D 315 82.71 11.82 24.83
N GLY D 316 82.40 10.59 24.43
CA GLY D 316 83.07 9.96 23.31
C GLY D 316 82.38 10.15 21.98
N LEU D 317 81.24 10.84 21.99
CA LEU D 317 80.48 11.07 20.76
C LEU D 317 81.15 12.11 19.88
N ARG D 318 81.07 11.92 18.56
CA ARG D 318 81.70 12.82 17.61
C ARG D 318 80.69 13.39 16.63
N VAL D 319 80.75 14.72 16.44
CA VAL D 319 79.86 15.41 15.51
C VAL D 319 80.66 16.04 14.39
N GLY D 320 80.17 15.89 13.16
CA GLY D 320 80.82 16.48 12.01
C GLY D 320 79.92 16.51 10.79
N PRO D 321 80.47 16.91 9.65
CA PRO D 321 79.74 16.96 8.38
C PRO D 321 79.06 15.63 8.05
N SER D 322 77.98 15.69 7.27
CA SER D 322 77.21 14.51 6.93
C SER D 322 78.06 13.44 6.24
N ARG D 323 78.92 13.88 5.32
CA ARG D 323 79.76 12.96 4.56
C ARG D 323 80.80 12.27 5.43
N ALA D 324 81.13 12.89 6.57
CA ALA D 324 82.08 12.30 7.50
C ALA D 324 81.51 11.05 8.15
N ASP D 325 80.18 10.97 8.16
CA ASP D 325 79.46 9.79 8.64
C ASP D 325 79.85 9.41 10.07
N LEU D 326 79.79 10.39 10.96
CA LEU D 326 80.12 10.16 12.36
C LEU D 326 78.87 9.84 13.17
N ASP D 327 78.94 10.01 14.49
CA ASP D 327 77.82 9.73 15.37
C ASP D 327 76.65 10.64 15.07
N CYS D 328 76.95 11.90 14.76
CA CYS D 328 75.93 12.91 14.59
C CYS D 328 76.33 13.91 13.51
N GLY D 329 75.34 14.49 12.86
CA GLY D 329 75.59 15.54 11.88
C GLY D 329 75.21 16.91 12.43
N PRO D 330 75.11 17.91 11.56
CA PRO D 330 74.65 19.24 11.96
C PRO D 330 73.14 19.27 12.18
N LEU D 331 72.65 20.33 12.81
CA LEU D 331 71.21 20.54 12.90
C LEU D 331 70.72 21.13 11.59
N ILE D 332 69.40 21.26 11.42
CA ILE D 332 68.82 21.59 10.13
C ILE D 332 69.09 23.03 9.71
N ASN D 333 69.06 23.96 10.66
CA ASN D 333 69.31 25.37 10.35
C ASN D 333 69.71 26.17 11.58
N ALA D 334 69.96 27.46 11.38
CA ALA D 334 70.41 28.34 12.46
C ALA D 334 69.35 28.53 13.53
N LYS D 335 68.09 28.65 13.10
CA LYS D 335 66.98 28.86 14.01
C LYS D 335 66.86 27.70 15.02
N GLN D 336 67.00 26.48 14.52
CA GLN D 336 66.89 25.31 15.38
C GLN D 336 68.12 25.16 16.27
N GLN D 337 69.28 25.54 15.74
CA GLN D 337 70.51 25.54 16.53
C GLN D 337 70.36 26.50 17.71
N GLN D 338 69.87 27.70 17.42
CA GLN D 338 69.62 28.71 18.43
C GLN D 338 68.59 28.21 19.45
N ARG D 339 67.61 27.47 18.97
CA ARG D 339 66.58 26.90 19.84
C ARG D 339 67.20 25.97 20.87
N VAL D 340 68.12 25.12 20.41
CA VAL D 340 68.80 24.18 21.30
C VAL D 340 69.69 24.93 22.27
N TRP D 341 70.39 25.94 21.77
CA TRP D 341 71.24 26.79 22.61
C TRP D 341 70.42 27.43 23.74
N ASP D 342 69.24 27.90 23.40
CA ASP D 342 68.35 28.55 24.38
C ASP D 342 67.97 27.60 25.50
N PHE D 343 67.69 26.35 25.16
CA PHE D 343 67.35 25.34 26.16
C PHE D 343 68.52 25.09 27.10
N LEU D 344 69.70 24.85 26.52
CA LEU D 344 70.90 24.56 27.30
C LEU D 344 71.28 25.74 28.19
N SER D 345 71.20 26.94 27.63
CA SER D 345 71.52 28.16 28.38
C SER D 345 70.53 28.36 29.52
N ASP D 346 69.27 28.08 29.26
CA ASP D 346 68.22 28.20 30.27
C ASP D 346 68.46 27.21 31.41
N ALA D 347 68.82 25.98 31.05
CA ALA D 347 69.06 24.93 32.03
C ALA D 347 70.26 25.26 32.91
N GLN D 348 71.32 25.79 32.28
CA GLN D 348 72.54 26.13 32.99
C GLN D 348 72.29 27.19 34.06
N HIS D 349 71.56 28.24 33.70
CA HIS D 349 71.30 29.35 34.62
C HIS D 349 70.43 28.92 35.80
N ASP D 350 69.68 27.84 35.63
CA ASP D 350 68.82 27.33 36.70
C ASP D 350 69.57 26.33 37.58
N GLY D 351 70.87 26.20 37.35
CA GLY D 351 71.71 25.35 38.17
C GLY D 351 71.68 23.88 37.81
N ILE D 352 71.11 23.56 36.65
CA ILE D 352 71.07 22.18 36.18
C ILE D 352 72.45 21.80 35.63
N PRO D 353 73.09 20.79 36.25
CA PRO D 353 74.43 20.37 35.85
C PRO D 353 74.46 19.67 34.49
N MET D 354 75.51 19.91 33.71
CA MET D 354 75.75 19.14 32.51
C MET D 354 76.76 18.06 32.80
N ALA D 355 76.30 16.81 32.81
CA ALA D 355 77.14 15.67 33.14
C ALA D 355 78.24 15.49 32.09
N ALA D 356 77.86 15.57 30.83
CA ALA D 356 78.79 15.37 29.73
C ALA D 356 78.26 15.89 28.40
N HIS D 357 79.16 16.08 27.45
CA HIS D 357 78.78 16.51 26.11
C HIS D 357 79.70 15.91 25.05
N GLY D 358 79.21 15.85 23.82
CA GLY D 358 79.98 15.30 22.72
C GLY D 358 80.99 16.27 22.14
N GLN D 359 81.64 15.87 21.06
CA GLN D 359 82.68 16.68 20.43
C GLN D 359 82.35 16.99 18.98
N VAL D 360 82.46 18.26 18.61
CA VAL D 360 82.36 18.67 17.21
C VAL D 360 83.78 18.69 16.64
N VAL D 361 83.98 18.02 15.51
CA VAL D 361 85.30 17.94 14.90
C VAL D 361 85.76 19.34 14.50
N ALA D 362 87.05 19.59 14.66
CA ALA D 362 87.61 20.93 14.46
C ALA D 362 87.53 21.39 13.01
N ASP D 363 87.51 20.45 12.08
CA ASP D 363 87.49 20.79 10.66
C ASP D 363 86.06 20.91 10.12
N ALA D 364 85.09 20.76 11.02
CA ALA D 364 83.70 20.98 10.64
C ALA D 364 83.49 22.45 10.32
N PRO D 365 82.93 22.74 9.13
CA PRO D 365 82.71 24.10 8.62
C PRO D 365 82.00 25.00 9.64
N GLU D 366 82.54 26.21 9.83
CA GLU D 366 82.02 27.13 10.82
C GLU D 366 80.61 27.62 10.47
N SER D 367 80.34 27.73 9.18
CA SER D 367 79.04 28.23 8.72
C SER D 367 77.95 27.15 8.84
N GLY D 368 78.36 25.93 9.19
CA GLY D 368 77.43 24.86 9.44
C GLY D 368 76.70 25.03 10.76
N PHE D 369 75.66 24.23 10.98
CA PHE D 369 74.86 24.33 12.20
C PHE D 369 75.09 23.11 13.09
N TYR D 370 76.23 23.09 13.79
CA TYR D 370 76.60 21.94 14.58
C TYR D 370 76.28 22.11 16.06
N GLN D 371 75.81 21.03 16.67
CA GLN D 371 75.50 21.00 18.10
C GLN D 371 75.86 19.64 18.67
N ALA D 372 76.77 19.62 19.64
CA ALA D 372 77.20 18.38 20.26
C ALA D 372 76.13 17.88 21.23
N PRO D 373 75.90 16.56 21.26
CA PRO D 373 74.96 15.95 22.20
C PRO D 373 75.28 16.30 23.64
N ALA D 374 74.25 16.57 24.44
CA ALA D 374 74.45 17.01 25.80
C ALA D 374 73.66 16.17 26.80
N LEU D 375 74.33 15.76 27.87
CA LEU D 375 73.70 15.01 28.94
C LEU D 375 73.58 15.87 30.19
N LEU D 376 72.35 16.07 30.65
CA LEU D 376 72.12 16.86 31.86
C LEU D 376 71.49 15.99 32.94
N ARG D 377 71.93 16.20 34.18
CA ARG D 377 71.52 15.36 35.29
C ARG D 377 70.74 16.14 36.35
N ASP D 378 70.08 15.41 37.25
CA ASP D 378 69.34 16.01 38.36
C ASP D 378 68.30 17.01 37.88
N VAL D 379 67.75 16.77 36.70
CA VAL D 379 66.77 17.68 36.10
C VAL D 379 65.46 17.65 36.88
N PRO D 380 65.01 18.83 37.35
CA PRO D 380 63.70 18.91 37.98
C PRO D 380 62.60 18.51 37.01
N PRO D 381 61.62 17.71 37.47
CA PRO D 381 60.53 17.24 36.61
C PRO D 381 59.67 18.37 36.07
N SER D 382 59.52 19.44 36.87
CA SER D 382 58.67 20.56 36.51
C SER D 382 59.41 21.59 35.66
N HIS D 383 60.71 21.37 35.46
CA HIS D 383 61.53 22.33 34.72
C HIS D 383 61.22 22.29 33.21
N ARG D 384 61.44 23.41 32.54
CA ARG D 384 61.19 23.55 31.11
C ARG D 384 61.91 22.47 30.30
N LEU D 385 63.14 22.15 30.70
CA LEU D 385 63.93 21.15 30.00
C LEU D 385 63.28 19.76 30.02
N ALA D 386 62.62 19.44 31.14
CA ALA D 386 62.00 18.14 31.30
C ALA D 386 60.53 18.14 30.86
N GLN D 387 60.05 19.30 30.42
CA GLN D 387 58.64 19.44 30.04
C GLN D 387 58.45 19.73 28.56
N GLU D 388 59.41 20.43 27.96
CA GLU D 388 59.25 20.88 26.58
C GLU D 388 60.17 20.13 25.61
N GLU D 389 59.71 19.99 24.38
CA GLU D 389 60.48 19.32 23.34
C GLU D 389 61.62 20.22 22.86
N VAL D 390 62.84 19.69 22.90
CA VAL D 390 64.03 20.45 22.52
C VAL D 390 64.29 20.34 21.02
N PHE D 391 64.05 19.14 20.48
CA PHE D 391 64.38 18.81 19.10
C PHE D 391 65.88 19.01 18.86
N GLY D 392 66.67 18.55 19.82
CA GLY D 392 68.12 18.54 19.72
C GLY D 392 68.65 17.32 20.44
N PRO D 393 69.97 17.06 20.34
CA PRO D 393 70.55 15.87 20.97
C PRO D 393 70.76 16.07 22.47
N VAL D 394 69.69 16.42 23.18
CA VAL D 394 69.79 16.73 24.60
C VAL D 394 69.00 15.71 25.42
N LEU D 395 69.71 15.04 26.33
CA LEU D 395 69.09 14.06 27.21
C LEU D 395 69.03 14.58 28.64
N ALA D 396 67.85 14.49 29.25
CA ALA D 396 67.66 14.96 30.63
C ALA D 396 67.50 13.76 31.57
N ALA D 397 68.41 13.64 32.52
CA ALA D 397 68.43 12.50 33.44
C ALA D 397 67.91 12.87 34.83
N MET D 398 67.08 12.01 35.40
CA MET D 398 66.57 12.19 36.75
C MET D 398 66.25 10.84 37.38
N ARG D 399 65.94 10.84 38.68
CA ARG D 399 65.73 9.60 39.40
C ARG D 399 64.29 9.43 39.89
N PHE D 400 63.92 8.20 40.21
CA PHE D 400 62.63 7.92 40.84
C PHE D 400 62.80 6.83 41.89
N VAL D 401 61.87 6.78 42.85
CA VAL D 401 61.99 5.86 43.97
C VAL D 401 61.24 4.54 43.72
N ASP D 402 60.08 4.62 43.09
CA ASP D 402 59.29 3.41 42.82
C ASP D 402 58.51 3.52 41.51
N GLU D 403 57.75 2.47 41.19
CA GLU D 403 56.96 2.42 39.97
C GLU D 403 55.97 3.58 39.88
N ASP D 404 55.36 3.92 41.01
CA ASP D 404 54.37 5.00 41.07
C ASP D 404 54.95 6.33 40.61
N GLU D 405 56.12 6.70 41.13
CA GLU D 405 56.73 7.96 40.75
C GLU D 405 57.22 7.88 39.30
N ALA D 406 57.72 6.71 38.91
CA ALA D 406 58.15 6.48 37.54
C ALA D 406 57.00 6.73 36.55
N VAL D 407 55.81 6.26 36.91
CA VAL D 407 54.63 6.46 36.09
C VAL D 407 54.22 7.94 36.14
N ALA D 408 54.23 8.51 37.34
CA ALA D 408 53.87 9.91 37.55
C ALA D 408 54.77 10.84 36.75
N LEU D 409 56.07 10.57 36.77
CA LEU D 409 57.04 11.37 36.03
C LEU D 409 56.85 11.18 34.52
N ALA D 410 56.66 9.94 34.10
CA ALA D 410 56.54 9.62 32.68
C ALA D 410 55.31 10.28 32.05
N ASN D 411 54.20 10.27 32.79
CA ASN D 411 52.95 10.85 32.29
C ASN D 411 52.77 12.30 32.76
N GLY D 412 53.85 12.90 33.25
CA GLY D 412 53.78 14.23 33.83
C GLY D 412 54.09 15.39 32.90
N THR D 413 54.16 15.11 31.60
CA THR D 413 54.34 16.16 30.60
C THR D 413 53.13 16.20 29.68
N PRO D 414 52.92 17.31 28.95
CA PRO D 414 51.79 17.35 28.00
C PRO D 414 51.90 16.34 26.87
N TYR D 415 53.08 15.75 26.68
CA TYR D 415 53.33 14.83 25.57
C TYR D 415 53.06 13.38 25.93
N GLY D 416 52.63 12.61 24.95
CA GLY D 416 52.38 11.18 25.13
C GLY D 416 52.53 10.42 23.83
N LEU D 417 53.77 10.20 23.42
CA LEU D 417 54.05 9.61 22.13
C LEU D 417 54.61 8.20 22.25
N VAL D 418 55.82 8.09 22.79
CA VAL D 418 56.51 6.80 22.92
C VAL D 418 57.07 6.71 24.34
N ALA D 419 57.24 5.49 24.85
CA ALA D 419 57.90 5.28 26.12
C ALA D 419 58.71 3.99 26.10
N GLY D 420 59.86 4.01 26.77
CA GLY D 420 60.69 2.83 26.86
C GLY D 420 60.78 2.28 28.28
N ILE D 421 60.65 0.96 28.41
CA ILE D 421 60.71 0.30 29.71
C ILE D 421 61.88 -0.65 29.77
N TRP D 422 62.82 -0.39 30.67
CA TRP D 422 63.96 -1.26 30.86
C TRP D 422 63.94 -1.89 32.25
N THR D 423 63.62 -3.18 32.29
CA THR D 423 63.56 -3.96 33.52
C THR D 423 63.42 -5.44 33.17
N ARG D 424 63.73 -6.32 34.13
CA ARG D 424 63.62 -7.75 33.89
C ARG D 424 62.33 -8.32 34.47
N ASP D 425 61.69 -7.56 35.35
CA ASP D 425 60.47 -8.01 36.00
C ASP D 425 59.30 -7.98 35.01
N GLY D 426 58.83 -9.17 34.64
CA GLY D 426 57.77 -9.30 33.66
C GLY D 426 56.46 -8.62 34.00
N ALA D 427 55.98 -8.84 35.21
CA ALA D 427 54.74 -8.23 35.67
C ALA D 427 54.84 -6.71 35.62
N ARG D 428 55.98 -6.20 36.05
CA ARG D 428 56.25 -4.76 36.04
C ARG D 428 56.21 -4.21 34.62
N GLN D 429 56.75 -4.96 33.67
CA GLN D 429 56.76 -4.55 32.27
C GLN D 429 55.35 -4.32 31.75
N MET D 430 54.46 -5.28 31.98
CA MET D 430 53.09 -5.19 31.50
C MET D 430 52.27 -4.21 32.33
N ARG D 431 52.55 -4.13 33.63
CA ARG D 431 51.87 -3.18 34.51
C ARG D 431 52.08 -1.76 34.01
N LEU D 432 53.34 -1.40 33.82
CA LEU D 432 53.69 -0.06 33.37
C LEU D 432 53.17 0.23 31.97
N ALA D 433 53.28 -0.75 31.08
CA ALA D 433 52.87 -0.59 29.69
C ALA D 433 51.40 -0.15 29.60
N ARG D 434 50.56 -0.71 30.45
CA ARG D 434 49.15 -0.33 30.48
C ARG D 434 48.95 1.03 31.13
N ARG D 435 49.81 1.37 32.09
CA ARG D 435 49.67 2.63 32.83
C ARG D 435 50.24 3.82 32.06
N LEU D 436 51.29 3.58 31.27
CA LEU D 436 51.96 4.66 30.54
C LEU D 436 51.08 5.25 29.46
N ARG D 437 50.98 6.57 29.44
CA ARG D 437 50.22 7.26 28.41
C ARG D 437 51.10 7.51 27.18
N ALA D 438 50.95 6.63 26.19
CA ALA D 438 51.74 6.73 24.96
C ALA D 438 51.09 5.92 23.85
N GLY D 439 51.45 6.21 22.61
CA GLY D 439 50.96 5.45 21.47
C GLY D 439 51.72 4.15 21.29
N GLN D 440 53.00 4.18 21.69
CA GLN D 440 53.85 3.00 21.60
C GLN D 440 54.64 2.81 22.90
N VAL D 441 54.65 1.59 23.40
CA VAL D 441 55.44 1.25 24.57
C VAL D 441 56.42 0.14 24.21
N PHE D 442 57.70 0.38 24.45
CA PHE D 442 58.73 -0.61 24.13
C PHE D 442 59.33 -1.22 25.38
N ILE D 443 59.36 -2.55 25.41
CA ILE D 443 59.91 -3.29 26.55
C ILE D 443 61.28 -3.83 26.22
N ASN D 444 62.30 -3.33 26.93
CA ASN D 444 63.68 -3.74 26.74
C ASN D 444 64.16 -3.54 25.30
N ASN D 445 63.66 -2.48 24.69
CA ASN D 445 64.17 -1.97 23.41
C ASN D 445 63.62 -0.57 23.26
N TYR D 446 63.89 0.06 22.12
CA TYR D 446 63.33 1.38 21.86
C TYR D 446 63.21 1.64 20.37
N GLY D 447 61.98 1.57 19.88
CA GLY D 447 61.70 1.84 18.48
C GLY D 447 62.03 0.69 17.56
N ALA D 448 62.57 -0.40 18.12
CA ALA D 448 62.97 -1.55 17.33
C ALA D 448 64.06 -1.03 16.32
N GLY D 449 64.29 -1.54 15.10
CA GLY D 449 63.63 -2.60 14.37
C GLY D 449 62.77 -2.03 13.25
N GLY D 450 63.04 -0.79 12.88
CA GLY D 450 62.32 -0.11 11.82
C GLY D 450 61.00 0.48 12.25
N GLY D 451 60.05 -0.39 12.61
CA GLY D 451 58.77 0.05 13.12
C GLY D 451 57.75 0.41 12.05
N VAL D 452 57.93 -0.13 10.85
CA VAL D 452 57.00 0.13 9.75
C VAL D 452 55.64 -0.51 10.05
N GLU D 453 55.67 -1.71 10.62
CA GLU D 453 54.45 -2.46 10.91
C GLU D 453 53.80 -2.00 12.21
N LEU D 454 54.44 -1.07 12.90
CA LEU D 454 53.97 -0.63 14.22
C LEU D 454 53.20 0.68 14.15
N PRO D 455 51.89 0.63 14.44
CA PRO D 455 51.05 1.83 14.48
C PRO D 455 51.64 2.91 15.39
N PHE D 456 51.77 4.12 14.85
CA PHE D 456 52.49 5.19 15.51
C PHE D 456 51.62 6.43 15.63
N GLY D 457 51.60 7.02 16.83
CA GLY D 457 50.82 8.20 17.09
C GLY D 457 50.87 8.62 18.54
N GLY D 458 50.32 9.78 18.84
CA GLY D 458 50.39 10.31 20.19
C GLY D 458 49.05 10.56 20.87
N VAL D 459 49.12 10.91 22.15
CA VAL D 459 47.96 11.40 22.89
C VAL D 459 48.32 12.77 23.43
N GLY D 460 47.31 13.55 23.80
CA GLY D 460 47.53 14.88 24.32
C GLY D 460 48.15 15.81 23.30
N HIS D 461 49.26 16.45 23.68
CA HIS D 461 49.92 17.42 22.80
C HIS D 461 50.89 16.73 21.83
N SER D 462 50.90 15.41 21.85
CA SER D 462 51.65 14.64 20.86
C SER D 462 50.78 14.40 19.64
N GLY D 463 49.55 14.92 19.67
CA GLY D 463 48.62 14.80 18.57
C GLY D 463 47.62 13.68 18.75
N HIS D 464 46.94 13.32 17.68
CA HIS D 464 46.00 12.21 17.71
C HIS D 464 45.97 11.49 16.37
N GLY D 465 45.41 10.28 16.36
CA GLY D 465 45.38 9.46 15.17
C GLY D 465 46.60 8.57 15.07
N ARG D 466 46.54 7.59 14.17
CA ARG D 466 47.63 6.64 14.01
C ARG D 466 48.06 6.49 12.56
N GLU D 467 49.36 6.48 12.33
CA GLU D 467 49.92 6.10 11.03
C GLU D 467 50.99 5.03 11.26
N LYS D 468 51.59 4.55 10.17
CA LYS D 468 52.40 3.32 10.15
C LYS D 468 51.51 2.10 10.40
N GLY D 469 52.02 0.93 10.02
CA GLY D 469 51.30 -0.32 10.22
C GLY D 469 50.05 -0.44 9.40
N PHE D 470 49.31 -1.54 9.60
CA PHE D 470 48.06 -1.76 8.88
C PHE D 470 47.00 -0.78 9.33
N GLU D 471 47.07 -0.38 10.60
CA GLU D 471 46.11 0.53 11.22
C GLU D 471 45.97 1.85 10.44
N ALA D 472 47.05 2.24 9.78
CA ALA D 472 47.09 3.50 9.03
C ALA D 472 46.03 3.58 7.93
N LEU D 473 45.70 2.43 7.35
CA LEU D 473 44.73 2.40 6.25
C LEU D 473 43.34 2.84 6.68
N TYR D 474 43.04 2.68 7.96
CA TYR D 474 41.73 3.08 8.50
C TYR D 474 41.64 4.61 8.59
N GLY D 475 42.78 5.25 8.79
CA GLY D 475 42.83 6.70 8.86
C GLY D 475 42.75 7.36 7.51
N PHE D 476 43.05 6.58 6.46
CA PHE D 476 43.02 7.11 5.10
C PHE D 476 41.82 6.58 4.31
N THR D 477 40.87 5.99 5.02
CA THR D 477 39.61 5.56 4.40
C THR D 477 38.43 5.93 5.28
N ALA D 478 37.24 5.96 4.69
CA ALA D 478 36.01 6.23 5.43
C ALA D 478 35.00 5.12 5.19
N LEU D 479 34.29 4.74 6.24
CA LEU D 479 33.38 3.61 6.18
C LEU D 479 32.04 3.96 5.54
N LYS D 480 31.70 3.26 4.46
CA LYS D 480 30.37 3.37 3.87
C LYS D 480 29.58 2.10 4.20
N THR D 481 28.38 2.29 4.74
CA THR D 481 27.54 1.16 5.11
C THR D 481 26.36 1.03 4.14
N ILE D 482 26.27 -0.12 3.48
CA ILE D 482 25.22 -0.36 2.51
C ILE D 482 24.21 -1.35 3.09
N ALA D 483 22.97 -0.89 3.27
CA ALA D 483 21.91 -1.73 3.82
C ALA D 483 20.90 -2.09 2.74
N ILE D 484 20.87 -3.36 2.37
CA ILE D 484 20.01 -3.84 1.30
C ILE D 484 18.78 -4.54 1.86
N ARG D 485 17.59 -4.08 1.45
CA ARG D 485 16.36 -4.77 1.80
C ARG D 485 15.91 -5.64 0.63
N HIS D 486 15.92 -6.96 0.83
CA HIS D 486 15.62 -7.90 -0.24
C HIS D 486 14.54 -8.88 0.15
N GLY D 487 14.16 -8.87 1.44
CA GLY D 487 13.13 -9.76 1.93
C GLY D 487 13.56 -11.20 2.03
N ALA E 12 -5.91 -22.08 -1.32
CA ALA E 12 -6.96 -23.09 -1.48
C ALA E 12 -7.98 -22.98 -0.36
N LYS E 13 -8.50 -21.77 -0.16
CA LYS E 13 -9.47 -21.52 0.90
C LYS E 13 -10.65 -20.69 0.42
N HIS E 14 -11.77 -20.77 1.13
CA HIS E 14 -12.91 -19.92 0.86
C HIS E 14 -12.69 -18.56 1.53
N PHE E 15 -13.55 -17.60 1.20
CA PHE E 15 -13.53 -16.32 1.88
C PHE E 15 -14.85 -16.13 2.63
N ILE E 16 -14.85 -16.47 3.91
CA ILE E 16 -16.06 -16.41 4.72
C ILE E 16 -15.85 -15.54 5.95
N ALA E 17 -16.82 -14.66 6.22
CA ALA E 17 -16.80 -13.78 7.38
C ALA E 17 -15.52 -12.95 7.46
N GLY E 18 -15.02 -12.53 6.30
CA GLY E 18 -13.83 -11.70 6.24
C GLY E 18 -12.52 -12.45 6.36
N GLU E 19 -12.60 -13.75 6.61
CA GLU E 19 -11.40 -14.58 6.76
C GLU E 19 -11.27 -15.57 5.61
N TRP E 20 -10.03 -15.98 5.35
CA TRP E 20 -9.78 -17.06 4.39
C TRP E 20 -9.75 -18.38 5.14
N THR E 21 -10.81 -19.17 4.98
CA THR E 21 -10.98 -20.40 5.75
C THR E 21 -10.92 -21.65 4.88
N LEU E 22 -10.38 -22.72 5.46
CA LEU E 22 -10.29 -24.01 4.78
C LEU E 22 -11.67 -24.64 4.58
N PRO E 23 -11.83 -25.40 3.49
CA PRO E 23 -13.08 -26.13 3.25
C PRO E 23 -13.32 -27.22 4.29
N ALA E 24 -14.59 -27.55 4.52
CA ALA E 24 -14.96 -28.53 5.54
C ALA E 24 -14.40 -29.91 5.23
N GLN E 25 -14.42 -30.29 3.96
CA GLN E 25 -13.98 -31.62 3.54
C GLN E 25 -12.49 -31.66 3.21
N LEU E 26 -11.85 -30.49 3.26
CA LEU E 26 -10.41 -30.36 3.04
C LEU E 26 -9.95 -30.85 1.67
N GLU E 27 -10.86 -30.93 0.72
CA GLU E 27 -10.52 -31.37 -0.64
C GLU E 27 -10.35 -30.18 -1.56
N THR E 28 -9.67 -30.39 -2.68
CA THR E 28 -9.37 -29.30 -3.61
C THR E 28 -9.78 -29.61 -5.05
N ILE E 29 -9.77 -28.58 -5.88
CA ILE E 29 -10.04 -28.71 -7.30
C ILE E 29 -8.89 -28.09 -8.08
N PRO E 30 -8.35 -28.83 -9.07
CA PRO E 30 -7.25 -28.31 -9.89
C PRO E 30 -7.64 -27.09 -10.70
N VAL E 31 -6.77 -26.09 -10.73
CA VAL E 31 -6.98 -24.91 -11.58
C VAL E 31 -6.14 -25.05 -12.84
N VAL E 32 -6.81 -25.11 -13.99
CA VAL E 32 -6.15 -25.42 -15.25
C VAL E 32 -5.95 -24.20 -16.13
N ASP E 33 -4.74 -24.04 -16.64
CA ASP E 33 -4.45 -23.04 -17.66
C ASP E 33 -4.82 -23.62 -19.02
N PRO E 34 -5.89 -23.10 -19.64
CA PRO E 34 -6.40 -23.63 -20.90
C PRO E 34 -5.45 -23.45 -22.08
N SER E 35 -4.41 -22.63 -21.90
CA SER E 35 -3.41 -22.43 -22.94
C SER E 35 -2.56 -23.68 -23.16
N ASP E 36 -2.35 -24.45 -22.11
CA ASP E 36 -1.59 -25.70 -22.21
C ASP E 36 -2.34 -26.87 -21.56
N GLY E 37 -3.51 -26.58 -21.00
CA GLY E 37 -4.30 -27.60 -20.34
C GLY E 37 -3.65 -28.19 -19.11
N GLN E 38 -2.72 -27.44 -18.53
CA GLN E 38 -1.96 -27.92 -17.38
C GLN E 38 -2.32 -27.16 -16.11
N PRO E 39 -2.36 -27.87 -14.97
CA PRO E 39 -2.67 -27.28 -13.66
C PRO E 39 -1.58 -26.34 -13.16
N PHE E 40 -1.95 -25.34 -12.37
CA PHE E 40 -0.97 -24.40 -11.83
C PHE E 40 -1.40 -23.88 -10.46
N ALA E 41 -2.60 -24.27 -10.02
CA ALA E 41 -3.13 -23.85 -8.73
C ALA E 41 -4.30 -24.73 -8.31
N THR E 42 -4.79 -24.50 -7.09
CA THR E 42 -5.95 -25.23 -6.59
C THR E 42 -6.94 -24.30 -5.90
N ILE E 43 -8.21 -24.68 -5.93
CA ILE E 43 -9.24 -23.95 -5.20
C ILE E 43 -9.91 -24.90 -4.21
N ALA E 44 -10.55 -24.34 -3.19
CA ALA E 44 -11.23 -25.14 -2.18
C ALA E 44 -12.46 -25.82 -2.76
N ARG E 45 -12.60 -27.11 -2.51
CA ARG E 45 -13.79 -27.86 -2.95
C ARG E 45 -14.93 -27.61 -1.98
N GLY E 46 -15.72 -26.58 -2.26
CA GLY E 46 -16.82 -26.19 -1.39
C GLY E 46 -17.98 -27.16 -1.39
N THR E 47 -18.46 -27.48 -0.19
CA THR E 47 -19.61 -28.35 -0.03
C THR E 47 -20.73 -27.61 0.70
N ALA E 48 -21.74 -28.35 1.15
CA ALA E 48 -22.90 -27.76 1.82
C ALA E 48 -22.55 -27.00 3.12
N PRO E 49 -21.70 -27.59 4.00
CA PRO E 49 -21.39 -26.83 5.22
C PRO E 49 -20.66 -25.51 4.98
N ASP E 50 -19.88 -25.43 3.90
CA ASP E 50 -19.19 -24.19 3.55
C ASP E 50 -20.21 -23.12 3.15
N ILE E 51 -21.22 -23.54 2.39
CA ILE E 51 -22.29 -22.64 1.98
C ILE E 51 -23.05 -22.15 3.22
N GLU E 52 -23.28 -23.06 4.15
CA GLU E 52 -23.97 -22.75 5.39
C GLU E 52 -23.28 -21.63 6.17
N ARG E 53 -21.96 -21.72 6.28
CA ARG E 53 -21.18 -20.72 7.00
C ARG E 53 -21.18 -19.39 6.26
N ALA E 54 -21.20 -19.46 4.93
CA ALA E 54 -21.20 -18.25 4.10
C ALA E 54 -22.51 -17.47 4.23
N VAL E 55 -23.63 -18.19 4.20
CA VAL E 55 -24.93 -17.58 4.32
C VAL E 55 -25.10 -17.00 5.72
N ALA E 56 -24.62 -17.74 6.72
CA ALA E 56 -24.67 -17.29 8.10
C ALA E 56 -23.85 -16.03 8.29
N ALA E 57 -22.69 -15.98 7.65
CA ALA E 57 -21.81 -14.81 7.74
C ALA E 57 -22.47 -13.59 7.08
N ALA E 58 -23.12 -13.83 5.94
CA ALA E 58 -23.80 -12.76 5.21
C ALA E 58 -25.02 -12.26 5.98
N ARG E 59 -25.77 -13.20 6.56
CA ARG E 59 -26.94 -12.86 7.36
C ARG E 59 -26.57 -11.98 8.54
N ASP E 60 -25.46 -12.29 9.20
CA ASP E 60 -24.98 -11.49 10.32
C ASP E 60 -24.55 -10.11 9.85
N ALA E 61 -23.91 -10.06 8.68
CA ALA E 61 -23.44 -8.80 8.12
C ALA E 61 -24.62 -7.90 7.77
N PHE E 62 -25.62 -8.47 7.08
CA PHE E 62 -26.80 -7.70 6.68
C PHE E 62 -27.59 -7.25 7.89
N ALA E 63 -27.64 -8.09 8.92
CA ALA E 63 -28.35 -7.74 10.14
C ALA E 63 -27.48 -6.89 11.06
N GLY E 64 -26.22 -6.72 10.68
CA GLY E 64 -25.26 -5.98 11.49
C GLY E 64 -24.66 -4.76 10.81
N PRO E 65 -23.33 -4.65 10.87
CA PRO E 65 -22.56 -3.49 10.40
C PRO E 65 -22.88 -3.07 8.97
N TRP E 66 -22.98 -4.03 8.05
CA TRP E 66 -23.21 -3.73 6.65
C TRP E 66 -24.61 -3.16 6.42
N GLY E 67 -25.60 -3.77 7.05
CA GLY E 67 -26.97 -3.28 6.96
C GLY E 67 -27.18 -1.97 7.70
N ALA E 68 -26.30 -1.71 8.66
CA ALA E 68 -26.40 -0.50 9.46
C ALA E 68 -25.88 0.72 8.70
N ALA E 69 -25.06 0.47 7.68
CA ALA E 69 -24.46 1.54 6.90
C ALA E 69 -25.48 2.23 6.02
N SER E 70 -25.36 3.56 5.89
CA SER E 70 -26.21 4.33 5.00
C SER E 70 -25.85 4.00 3.55
N ALA E 71 -26.75 4.33 2.63
CA ALA E 71 -26.52 4.07 1.21
C ALA E 71 -25.29 4.82 0.72
N ALA E 72 -25.13 6.05 1.18
CA ALA E 72 -23.97 6.86 0.82
C ALA E 72 -22.68 6.20 1.31
N GLU E 73 -22.72 5.66 2.52
CA GLU E 73 -21.57 4.96 3.09
C GLU E 73 -21.20 3.73 2.27
N ARG E 74 -22.21 3.00 1.81
CA ARG E 74 -21.98 1.86 0.92
C ARG E 74 -21.34 2.31 -0.37
N GLY E 75 -21.78 3.47 -0.87
CA GLY E 75 -21.24 4.03 -2.08
C GLY E 75 -19.75 4.34 -2.00
N ARG E 76 -19.31 4.83 -0.85
CA ARG E 76 -17.91 5.17 -0.65
C ARG E 76 -17.04 3.93 -0.64
N VAL E 77 -17.56 2.84 -0.08
CA VAL E 77 -16.83 1.58 -0.05
C VAL E 77 -16.63 1.07 -1.47
N LEU E 78 -17.70 1.09 -2.26
CA LEU E 78 -17.66 0.64 -3.65
C LEU E 78 -16.73 1.50 -4.49
N MET E 79 -16.67 2.79 -4.19
CA MET E 79 -15.79 3.70 -4.91
C MET E 79 -14.33 3.40 -4.60
N ARG E 80 -14.04 3.14 -3.32
CA ARG E 80 -12.68 2.76 -2.91
C ARG E 80 -12.27 1.44 -3.57
N LEU E 81 -13.21 0.50 -3.62
CA LEU E 81 -12.97 -0.79 -4.24
C LEU E 81 -12.73 -0.62 -5.75
N SER E 82 -13.44 0.32 -6.34
CA SER E 82 -13.26 0.65 -7.75
C SER E 82 -11.82 1.11 -8.02
N ALA E 83 -11.31 1.95 -7.13
CA ALA E 83 -9.96 2.49 -7.26
C ALA E 83 -8.90 1.39 -7.06
N ARG E 84 -9.19 0.45 -6.16
CA ARG E 84 -8.27 -0.65 -5.88
C ARG E 84 -8.13 -1.55 -7.10
N VAL E 85 -9.24 -1.76 -7.80
CA VAL E 85 -9.23 -2.57 -9.02
C VAL E 85 -8.41 -1.85 -10.10
N THR E 86 -8.64 -0.54 -10.22
CA THR E 86 -7.91 0.28 -11.17
C THR E 86 -6.40 0.27 -10.88
N ASP E 87 -6.06 0.23 -9.60
CA ASP E 87 -4.65 0.15 -9.19
C ASP E 87 -4.08 -1.25 -9.44
N SER E 88 -4.98 -2.22 -9.64
CA SER E 88 -4.56 -3.62 -9.76
C SER E 88 -4.97 -4.24 -11.09
N ILE E 89 -5.04 -3.42 -12.13
N ILE E 89 -5.03 -3.42 -12.14
CA ILE E 89 -5.45 -3.88 -13.46
CA ILE E 89 -5.46 -3.89 -13.46
C ILE E 89 -4.52 -4.96 -13.99
C ILE E 89 -4.52 -4.96 -14.00
N GLU E 90 -3.22 -4.68 -13.95
CA GLU E 90 -2.22 -5.62 -14.49
C GLU E 90 -2.21 -6.96 -13.77
N GLU E 91 -2.29 -6.93 -12.44
CA GLU E 91 -2.32 -8.16 -11.66
C GLU E 91 -3.58 -8.97 -11.98
N LEU E 92 -4.72 -8.31 -11.94
CA LEU E 92 -6.01 -8.97 -12.19
C LEU E 92 -6.11 -9.51 -13.62
N ALA E 93 -5.59 -8.74 -14.58
CA ALA E 93 -5.62 -9.16 -15.98
C ALA E 93 -4.73 -10.38 -16.20
N ALA E 94 -3.59 -10.40 -15.51
CA ALA E 94 -2.67 -11.54 -15.62
C ALA E 94 -3.32 -12.80 -15.07
N ILE E 95 -3.97 -12.67 -13.92
CA ILE E 95 -4.65 -13.80 -13.29
C ILE E 95 -5.80 -14.28 -14.17
N GLU E 96 -6.60 -13.35 -14.66
CA GLU E 96 -7.78 -13.68 -15.46
C GLU E 96 -7.41 -14.34 -16.79
N ALA E 97 -6.41 -13.80 -17.46
CA ALA E 97 -5.97 -14.32 -18.75
C ALA E 97 -5.45 -15.75 -18.63
N ARG E 98 -4.73 -16.02 -17.55
CA ARG E 98 -4.14 -17.34 -17.33
C ARG E 98 -5.20 -18.37 -16.98
N ASP E 99 -6.26 -17.92 -16.34
CA ASP E 99 -7.29 -18.81 -15.82
C ASP E 99 -8.42 -19.03 -16.83
N THR E 100 -8.68 -18.02 -17.66
CA THR E 100 -9.77 -18.11 -18.63
C THR E 100 -9.25 -18.43 -20.03
N GLY E 101 -8.03 -18.00 -20.33
CA GLY E 101 -7.43 -18.25 -21.63
C GLY E 101 -7.49 -17.07 -22.57
N LYS E 102 -8.35 -16.11 -22.26
CA LYS E 102 -8.52 -14.93 -23.11
C LYS E 102 -7.21 -14.16 -23.24
N PRO E 103 -6.97 -13.55 -24.41
CA PRO E 103 -5.79 -12.70 -24.63
C PRO E 103 -5.67 -11.63 -23.55
N LEU E 104 -4.43 -11.26 -23.21
CA LEU E 104 -4.18 -10.32 -22.12
C LEU E 104 -4.85 -8.97 -22.36
N LYS E 105 -4.97 -8.59 -23.62
CA LYS E 105 -5.61 -7.34 -24.01
C LYS E 105 -7.08 -7.33 -23.57
N GLN E 106 -7.75 -8.46 -23.75
CA GLN E 106 -9.15 -8.58 -23.36
C GLN E 106 -9.28 -8.71 -21.84
N ALA E 107 -8.27 -9.31 -21.22
CA ALA E 107 -8.25 -9.46 -19.77
C ALA E 107 -8.13 -8.10 -19.08
N ARG E 108 -7.35 -7.21 -19.67
CA ARG E 108 -7.19 -5.86 -19.15
C ARG E 108 -8.52 -5.10 -19.22
N ALA E 109 -9.23 -5.28 -20.33
CA ALA E 109 -10.53 -4.63 -20.54
C ALA E 109 -11.53 -5.11 -19.50
N ASP E 110 -11.46 -6.39 -19.14
CA ASP E 110 -12.34 -6.97 -18.14
C ASP E 110 -12.14 -6.33 -16.77
N ALA E 111 -10.87 -6.18 -16.37
CA ALA E 111 -10.54 -5.56 -15.09
C ALA E 111 -10.96 -4.09 -15.11
N ALA E 112 -10.80 -3.45 -16.26
CA ALA E 112 -11.21 -2.05 -16.42
C ALA E 112 -12.72 -1.92 -16.33
N ALA E 113 -13.44 -2.87 -16.92
CA ALA E 113 -14.89 -2.89 -16.87
C ALA E 113 -15.37 -3.17 -15.44
N LEU E 114 -14.60 -3.98 -14.72
CA LEU E 114 -14.90 -4.31 -13.33
C LEU E 114 -14.85 -3.06 -12.46
N ALA E 115 -13.81 -2.25 -12.65
CA ALA E 115 -13.66 -1.01 -11.89
C ALA E 115 -14.77 -0.02 -12.23
N ARG E 116 -15.22 -0.05 -13.47
CA ARG E 116 -16.28 0.84 -13.94
C ARG E 116 -17.63 0.48 -13.32
N TYR E 117 -17.88 -0.82 -13.16
CA TYR E 117 -19.09 -1.28 -12.50
C TYR E 117 -19.17 -0.75 -11.07
N PHE E 118 -18.07 -0.90 -10.34
CA PHE E 118 -18.01 -0.42 -8.96
C PHE E 118 -18.13 1.10 -8.90
N GLU E 119 -17.50 1.77 -9.86
CA GLU E 119 -17.55 3.23 -9.94
C GLU E 119 -18.97 3.73 -10.18
N PHE E 120 -19.63 3.12 -11.16
CA PHE E 120 -20.99 3.48 -11.52
C PHE E 120 -21.95 3.27 -10.36
N TYR E 121 -21.92 2.06 -9.80
CA TYR E 121 -22.85 1.69 -8.74
C TYR E 121 -22.56 2.41 -7.42
N ALA E 122 -21.33 2.89 -7.26
CA ALA E 122 -20.96 3.67 -6.08
C ALA E 122 -21.79 4.95 -6.01
N GLY E 123 -22.09 5.52 -7.17
CA GLY E 123 -22.87 6.75 -7.24
C GLY E 123 -24.36 6.48 -7.33
N ALA E 124 -24.74 5.22 -7.51
CA ALA E 124 -26.14 4.86 -7.64
C ALA E 124 -26.75 4.53 -6.29
N ALA E 125 -25.89 4.28 -5.30
CA ALA E 125 -26.32 3.79 -3.99
C ALA E 125 -27.31 4.70 -3.30
N ASP E 126 -26.93 5.95 -3.05
CA ASP E 126 -27.80 6.87 -2.31
C ASP E 126 -28.78 7.61 -3.21
N LYS E 127 -29.02 7.07 -4.40
CA LYS E 127 -29.93 7.71 -5.35
C LYS E 127 -31.02 6.75 -5.82
N LEU E 128 -31.09 5.59 -5.19
CA LEU E 128 -32.18 4.66 -5.44
C LEU E 128 -33.41 5.13 -4.68
N HIS E 129 -34.35 5.75 -5.39
CA HIS E 129 -35.49 6.39 -4.74
C HIS E 129 -36.76 5.54 -4.76
N GLY E 130 -37.52 5.64 -3.68
CA GLY E 130 -38.87 5.10 -3.65
C GLY E 130 -39.83 6.17 -4.12
N GLU E 131 -41.10 6.02 -3.79
CA GLU E 131 -42.11 6.99 -4.24
CA GLU E 131 -42.12 6.97 -4.25
C GLU E 131 -43.11 7.32 -3.15
N THR E 132 -43.81 8.43 -3.33
CA THR E 132 -44.96 8.77 -2.50
C THR E 132 -46.15 8.76 -3.44
N LEU E 133 -47.20 8.05 -3.06
CA LEU E 133 -48.32 7.81 -3.95
C LEU E 133 -49.56 8.57 -3.53
N PRO E 134 -50.23 9.22 -4.49
CA PRO E 134 -51.50 9.91 -4.23
C PRO E 134 -52.55 8.91 -3.78
N TYR E 135 -53.22 9.20 -2.66
CA TYR E 135 -54.20 8.28 -2.10
C TYR E 135 -55.38 9.06 -1.55
N GLN E 136 -56.10 8.46 -0.61
CA GLN E 136 -57.30 9.08 -0.05
C GLN E 136 -56.94 10.24 0.88
N ALA E 137 -57.94 11.05 1.20
CA ALA E 137 -57.75 12.16 2.13
C ALA E 137 -57.37 11.64 3.51
N GLY E 138 -56.44 12.31 4.16
CA GLY E 138 -56.00 11.91 5.48
C GLY E 138 -54.99 10.78 5.44
N TYR E 139 -54.50 10.49 4.26
CA TYR E 139 -53.51 9.43 4.07
C TYR E 139 -52.20 9.94 3.48
N THR E 140 -51.11 9.31 3.88
CA THR E 140 -49.81 9.54 3.25
C THR E 140 -49.20 8.18 2.92
N VAL E 141 -48.98 7.93 1.64
CA VAL E 141 -48.44 6.67 1.19
C VAL E 141 -47.03 6.84 0.64
N LEU E 142 -46.09 6.06 1.18
CA LEU E 142 -44.72 6.09 0.70
C LEU E 142 -44.24 4.67 0.42
N THR E 143 -43.34 4.54 -0.55
CA THR E 143 -42.74 3.24 -0.85
C THR E 143 -41.24 3.33 -0.65
N VAL E 144 -40.65 2.26 -0.10
CA VAL E 144 -39.20 2.21 0.09
C VAL E 144 -38.66 0.97 -0.61
N ARG E 145 -37.51 1.11 -1.25
CA ARG E 145 -36.87 -0.01 -1.93
C ARG E 145 -35.79 -0.61 -1.03
N GLU E 146 -36.16 -1.67 -0.33
CA GLU E 146 -35.26 -2.34 0.60
C GLU E 146 -34.55 -3.51 -0.08
N PRO E 147 -33.31 -3.78 0.34
CA PRO E 147 -32.58 -4.94 -0.19
C PRO E 147 -33.26 -6.25 0.19
N HIS E 148 -33.03 -7.30 -0.59
CA HIS E 148 -33.59 -8.61 -0.29
C HIS E 148 -33.03 -9.15 1.02
N GLY E 149 -31.77 -8.81 1.29
CA GLY E 149 -31.07 -9.30 2.46
C GLY E 149 -29.77 -9.99 2.09
N VAL E 150 -29.82 -11.30 1.93
CA VAL E 150 -28.68 -12.07 1.47
C VAL E 150 -28.93 -12.57 0.05
N THR E 151 -28.12 -12.10 -0.88
CA THR E 151 -28.25 -12.50 -2.28
C THR E 151 -27.20 -13.54 -2.65
N GLY E 152 -27.61 -14.53 -3.44
CA GLY E 152 -26.70 -15.53 -3.95
C GLY E 152 -26.29 -15.22 -5.38
N HIS E 153 -25.04 -15.51 -5.72
CA HIS E 153 -24.52 -15.18 -7.04
C HIS E 153 -23.80 -16.35 -7.67
N ILE E 154 -24.29 -16.81 -8.81
CA ILE E 154 -23.63 -17.85 -9.57
C ILE E 154 -22.89 -17.20 -10.74
N VAL E 155 -21.56 -17.26 -10.71
CA VAL E 155 -20.74 -16.59 -11.72
C VAL E 155 -20.00 -17.62 -12.58
N PRO E 156 -20.20 -17.54 -13.90
CA PRO E 156 -19.58 -18.48 -14.85
C PRO E 156 -18.11 -18.20 -15.14
N TRP E 157 -17.53 -18.95 -16.06
CA TRP E 157 -16.09 -18.93 -16.30
C TRP E 157 -15.66 -18.00 -17.44
N ASN E 158 -16.61 -17.53 -18.23
CA ASN E 158 -16.27 -16.76 -19.44
C ASN E 158 -15.87 -15.32 -19.13
N TYR E 159 -16.57 -14.70 -18.19
CA TYR E 159 -16.23 -13.34 -17.76
C TYR E 159 -16.30 -13.21 -16.24
N PRO E 160 -15.38 -13.88 -15.52
CA PRO E 160 -15.39 -13.90 -14.05
C PRO E 160 -15.47 -12.51 -13.41
N MET E 161 -14.55 -11.62 -13.76
CA MET E 161 -14.52 -10.29 -13.17
C MET E 161 -15.71 -9.42 -13.57
N GLN E 162 -16.03 -9.41 -14.86
CA GLN E 162 -17.10 -8.57 -15.38
C GLN E 162 -18.47 -8.92 -14.79
N ILE E 163 -18.81 -10.20 -14.83
CA ILE E 163 -20.10 -10.67 -14.34
CA ILE E 163 -20.11 -10.65 -14.33
C ILE E 163 -20.17 -10.51 -12.82
N PHE E 164 -19.05 -10.71 -12.15
CA PHE E 164 -18.98 -10.50 -10.70
C PHE E 164 -19.26 -9.04 -10.40
N GLY E 165 -18.70 -8.16 -11.20
CA GLY E 165 -18.87 -6.72 -11.02
C GLY E 165 -20.31 -6.26 -11.17
N ARG E 166 -20.98 -6.73 -12.21
CA ARG E 166 -22.36 -6.30 -12.48
C ARG E 166 -23.31 -6.87 -11.44
N SER E 167 -23.01 -8.07 -10.96
CA SER E 167 -23.92 -8.80 -10.08
C SER E 167 -23.72 -8.43 -8.62
N VAL E 168 -22.48 -8.51 -8.16
CA VAL E 168 -22.17 -8.21 -6.76
C VAL E 168 -22.15 -6.70 -6.53
N GLY E 169 -21.59 -5.97 -7.49
CA GLY E 169 -21.52 -4.52 -7.40
C GLY E 169 -22.89 -3.88 -7.21
N ALA E 170 -23.87 -4.38 -7.95
CA ALA E 170 -25.23 -3.85 -7.87
C ALA E 170 -25.90 -4.29 -6.57
N ALA E 171 -25.64 -5.53 -6.16
CA ALA E 171 -26.25 -6.08 -4.94
C ALA E 171 -25.75 -5.34 -3.71
N LEU E 172 -24.44 -5.08 -3.65
CA LEU E 172 -23.86 -4.35 -2.54
C LEU E 172 -24.39 -2.92 -2.48
N ALA E 173 -24.51 -2.29 -3.65
CA ALA E 173 -25.05 -0.95 -3.74
C ALA E 173 -26.50 -0.90 -3.27
N ALA E 174 -27.23 -2.00 -3.50
CA ALA E 174 -28.62 -2.10 -3.09
C ALA E 174 -28.73 -2.35 -1.58
N GLY E 175 -27.62 -2.74 -0.97
CA GLY E 175 -27.59 -2.96 0.47
C GLY E 175 -27.71 -4.40 0.90
N ASN E 176 -27.43 -5.32 -0.02
CA ASN E 176 -27.45 -6.74 0.29
C ASN E 176 -26.09 -7.25 0.75
N ALA E 177 -26.09 -8.37 1.47
CA ALA E 177 -24.86 -9.11 1.73
C ALA E 177 -24.82 -10.27 0.75
N CYS E 178 -23.62 -10.57 0.23
CA CYS E 178 -23.52 -11.49 -0.90
C CYS E 178 -22.84 -12.81 -0.58
N VAL E 179 -23.41 -13.89 -1.12
CA VAL E 179 -22.77 -15.20 -1.11
C VAL E 179 -22.51 -15.59 -2.55
N VAL E 180 -21.24 -15.76 -2.91
CA VAL E 180 -20.87 -15.99 -4.30
C VAL E 180 -20.31 -17.39 -4.50
N LYS E 181 -20.82 -18.07 -5.53
CA LYS E 181 -20.28 -19.35 -5.96
C LYS E 181 -19.78 -19.22 -7.38
N PRO E 182 -18.48 -18.92 -7.54
CA PRO E 182 -17.88 -18.73 -8.87
C PRO E 182 -17.61 -20.04 -9.59
N ALA E 183 -17.23 -19.96 -10.86
CA ALA E 183 -17.06 -21.15 -11.69
C ALA E 183 -15.79 -21.93 -11.35
N GLU E 184 -15.87 -23.25 -11.40
CA GLU E 184 -14.74 -24.11 -11.08
C GLU E 184 -13.68 -24.07 -12.19
N ASP E 185 -14.07 -23.62 -13.37
CA ASP E 185 -13.17 -23.54 -14.52
C ASP E 185 -12.39 -22.22 -14.53
N ALA E 186 -12.90 -21.22 -13.83
CA ALA E 186 -12.24 -19.91 -13.75
C ALA E 186 -12.83 -19.06 -12.63
N CYS E 187 -12.04 -18.83 -11.58
CA CYS E 187 -12.52 -18.06 -10.45
C CYS E 187 -11.41 -17.44 -9.60
N LEU E 188 -10.17 -17.51 -10.08
CA LEU E 188 -9.04 -16.98 -9.31
C LEU E 188 -9.10 -15.46 -9.18
N SER E 189 -9.49 -14.78 -10.25
CA SER E 189 -9.57 -13.32 -10.23
C SER E 189 -10.60 -12.85 -9.22
N VAL E 190 -11.68 -13.61 -9.09
CA VAL E 190 -12.76 -13.29 -8.15
C VAL E 190 -12.24 -13.34 -6.71
N LEU E 191 -11.39 -14.33 -6.42
CA LEU E 191 -10.81 -14.48 -5.09
C LEU E 191 -9.95 -13.28 -4.72
N ARG E 192 -9.27 -12.71 -5.71
CA ARG E 192 -8.40 -11.56 -5.49
C ARG E 192 -9.21 -10.29 -5.27
N VAL E 193 -10.34 -10.19 -5.97
CA VAL E 193 -11.22 -9.03 -5.82
C VAL E 193 -11.77 -8.95 -4.40
N ALA E 194 -12.03 -10.12 -3.81
CA ALA E 194 -12.53 -10.20 -2.44
C ALA E 194 -11.56 -9.57 -1.45
N GLU E 195 -10.27 -9.79 -1.67
CA GLU E 195 -9.24 -9.19 -0.84
C GLU E 195 -9.26 -7.67 -0.96
N LEU E 196 -9.38 -7.19 -2.20
CA LEU E 196 -9.45 -5.76 -2.47
C LEU E 196 -10.66 -5.13 -1.79
N ALA E 197 -11.75 -5.89 -1.72
CA ALA E 197 -12.96 -5.43 -1.06
C ALA E 197 -12.71 -5.22 0.43
N ALA E 198 -11.98 -6.15 1.03
CA ALA E 198 -11.62 -6.04 2.45
C ALA E 198 -10.72 -4.82 2.70
N GLU E 199 -9.78 -4.60 1.80
CA GLU E 199 -8.88 -3.45 1.89
C GLU E 199 -9.66 -2.15 1.73
N ALA E 200 -10.72 -2.19 0.92
CA ALA E 200 -11.52 -1.00 0.63
C ALA E 200 -12.42 -0.63 1.81
N GLY E 201 -12.54 -1.52 2.77
CA GLY E 201 -13.34 -1.25 3.97
C GLY E 201 -14.69 -1.92 4.01
N LEU E 202 -14.89 -2.93 3.16
CA LEU E 202 -16.14 -3.68 3.17
C LEU E 202 -16.19 -4.56 4.42
N PRO E 203 -17.25 -4.41 5.23
CA PRO E 203 -17.43 -5.17 6.48
C PRO E 203 -17.32 -6.67 6.26
N ALA E 204 -16.77 -7.37 7.25
CA ALA E 204 -16.61 -8.82 7.16
C ALA E 204 -17.98 -9.49 7.07
N GLY E 205 -18.16 -10.32 6.06
CA GLY E 205 -19.42 -11.02 5.88
C GLY E 205 -20.28 -10.48 4.75
N ALA E 206 -20.03 -9.22 4.38
CA ALA E 206 -20.81 -8.57 3.31
C ALA E 206 -20.54 -9.24 1.97
N LEU E 207 -19.37 -9.88 1.85
CA LEU E 207 -19.00 -10.59 0.64
C LEU E 207 -18.35 -11.92 0.98
N ASN E 208 -18.94 -13.00 0.49
CA ASN E 208 -18.43 -14.34 0.78
C ASN E 208 -18.25 -15.14 -0.51
N ILE E 209 -17.07 -15.71 -0.69
CA ILE E 209 -16.76 -16.47 -1.89
C ILE E 209 -16.56 -17.94 -1.55
N VAL E 210 -17.44 -18.79 -2.06
CA VAL E 210 -17.31 -20.23 -1.86
C VAL E 210 -17.09 -20.92 -3.20
N THR E 211 -15.85 -21.34 -3.46
CA THR E 211 -15.52 -22.04 -4.69
C THR E 211 -15.93 -23.50 -4.60
N GLY E 212 -16.13 -24.13 -5.75
CA GLY E 212 -16.50 -25.53 -5.79
C GLY E 212 -17.29 -25.93 -7.03
N TYR E 213 -17.57 -27.22 -7.15
CA TYR E 213 -18.37 -27.72 -8.27
C TYR E 213 -19.80 -27.24 -8.16
N GLY E 214 -20.46 -27.07 -9.31
CA GLY E 214 -21.82 -26.59 -9.34
C GLY E 214 -22.82 -27.54 -8.70
N HIS E 215 -22.53 -28.83 -8.76
CA HIS E 215 -23.43 -29.84 -8.23
C HIS E 215 -23.21 -30.06 -6.72
N GLU E 216 -22.26 -29.34 -6.16
CA GLU E 216 -22.01 -29.39 -4.72
C GLU E 216 -22.26 -28.04 -4.07
N ALA E 217 -21.30 -27.13 -4.21
CA ALA E 217 -21.41 -25.80 -3.62
C ALA E 217 -22.51 -24.98 -4.30
N GLY E 218 -22.60 -25.10 -5.62
CA GLY E 218 -23.60 -24.38 -6.38
C GLY E 218 -25.02 -24.81 -6.06
N ALA E 219 -25.21 -26.11 -5.92
CA ALA E 219 -26.53 -26.66 -5.61
C ALA E 219 -26.94 -26.31 -4.18
N ALA E 220 -25.99 -26.39 -3.26
CA ALA E 220 -26.26 -26.08 -1.85
C ALA E 220 -26.66 -24.62 -1.70
N LEU E 221 -26.10 -23.77 -2.56
CA LEU E 221 -26.44 -22.34 -2.54
C LEU E 221 -27.88 -22.12 -3.00
N ALA E 222 -28.20 -22.64 -4.18
CA ALA E 222 -29.52 -22.44 -4.78
C ALA E 222 -30.65 -23.03 -3.94
N ARG E 223 -30.34 -24.08 -3.18
CA ARG E 223 -31.34 -24.75 -2.36
C ARG E 223 -31.43 -24.15 -0.95
N HIS E 224 -30.53 -23.24 -0.62
CA HIS E 224 -30.47 -22.72 0.74
C HIS E 224 -31.62 -21.76 1.04
N PRO E 225 -32.33 -21.99 2.16
CA PRO E 225 -33.46 -21.18 2.58
C PRO E 225 -33.05 -19.86 3.23
N GLY E 226 -31.75 -19.65 3.37
CA GLY E 226 -31.23 -18.43 3.96
C GLY E 226 -30.98 -17.34 2.93
N ILE E 227 -31.01 -17.72 1.65
CA ILE E 227 -30.83 -16.76 0.56
C ILE E 227 -32.18 -16.15 0.21
N ASP E 228 -32.18 -14.86 -0.13
CA ASP E 228 -33.42 -14.15 -0.43
C ASP E 228 -33.59 -13.86 -1.92
N HIS E 229 -32.49 -13.92 -2.66
CA HIS E 229 -32.52 -13.64 -4.10
C HIS E 229 -31.30 -14.26 -4.79
N ILE E 230 -31.53 -14.90 -5.92
CA ILE E 230 -30.46 -15.56 -6.67
C ILE E 230 -30.16 -14.82 -7.97
N SER E 231 -28.89 -14.47 -8.18
CA SER E 231 -28.45 -13.90 -9.44
C SER E 231 -27.66 -14.97 -10.22
N PHE E 232 -28.29 -15.53 -11.24
CA PHE E 232 -27.65 -16.60 -12.00
C PHE E 232 -27.21 -16.15 -13.38
N THR E 233 -26.03 -16.62 -13.78
CA THR E 233 -25.54 -16.43 -15.14
C THR E 233 -24.86 -17.72 -15.60
N GLY E 234 -25.38 -18.30 -16.68
CA GLY E 234 -24.84 -19.55 -17.19
C GLY E 234 -25.75 -20.24 -18.20
N SER E 235 -25.59 -21.55 -18.32
CA SER E 235 -26.34 -22.34 -19.30
C SER E 235 -27.83 -22.40 -18.98
N PRO E 236 -28.66 -22.54 -20.02
CA PRO E 236 -30.12 -22.68 -19.84
C PRO E 236 -30.51 -23.89 -19.00
N ALA E 237 -29.76 -24.98 -19.15
CA ALA E 237 -30.03 -26.21 -18.42
C ALA E 237 -29.81 -26.03 -16.92
N THR E 238 -28.68 -25.43 -16.55
CA THR E 238 -28.36 -25.18 -15.15
C THR E 238 -29.27 -24.10 -14.58
N GLY E 239 -29.58 -23.10 -15.41
CA GLY E 239 -30.49 -22.04 -15.01
C GLY E 239 -31.88 -22.55 -14.67
N LYS E 240 -32.28 -23.61 -15.35
CA LYS E 240 -33.56 -24.25 -15.09
C LYS E 240 -33.56 -24.92 -13.71
N LEU E 241 -32.50 -25.68 -13.43
CA LEU E 241 -32.36 -26.38 -12.16
C LEU E 241 -32.33 -25.41 -10.99
N VAL E 242 -31.50 -24.37 -11.10
CA VAL E 242 -31.37 -23.37 -10.05
C VAL E 242 -32.72 -22.75 -9.72
N THR E 243 -33.46 -22.39 -10.77
CA THR E 243 -34.79 -21.81 -10.61
C THR E 243 -35.71 -22.79 -9.87
N GLN E 244 -35.63 -24.06 -10.26
CA GLN E 244 -36.46 -25.09 -9.63
C GLN E 244 -35.98 -25.41 -8.21
N MET E 245 -34.67 -25.33 -8.00
CA MET E 245 -34.10 -25.54 -6.67
C MET E 245 -34.53 -24.46 -5.71
N ALA E 246 -34.47 -23.21 -6.17
CA ALA E 246 -34.80 -22.05 -5.33
C ALA E 246 -36.31 -21.92 -5.15
N ALA E 247 -37.07 -22.58 -6.01
CA ALA E 247 -38.53 -22.52 -5.95
C ALA E 247 -39.07 -23.18 -4.70
N GLU E 248 -38.26 -24.06 -4.09
CA GLU E 248 -38.66 -24.77 -2.88
C GLU E 248 -38.73 -23.83 -1.69
N ASN E 249 -38.00 -22.71 -1.77
CA ASN E 249 -38.00 -21.71 -0.71
C ASN E 249 -38.63 -20.41 -1.19
N HIS E 250 -39.23 -20.48 -2.39
CA HIS E 250 -39.87 -19.32 -3.02
C HIS E 250 -38.89 -18.17 -3.21
N VAL E 251 -37.64 -18.51 -3.52
CA VAL E 251 -36.61 -17.51 -3.78
C VAL E 251 -36.63 -17.16 -5.28
N PRO E 252 -36.74 -15.86 -5.59
CA PRO E 252 -36.69 -15.41 -6.99
C PRO E 252 -35.31 -15.55 -7.59
N VAL E 253 -35.24 -15.85 -8.89
CA VAL E 253 -33.97 -16.03 -9.57
C VAL E 253 -33.94 -15.23 -10.87
N THR E 254 -32.90 -14.42 -11.04
CA THR E 254 -32.66 -13.74 -12.31
C THR E 254 -31.86 -14.66 -13.21
N LEU E 255 -32.31 -14.81 -14.45
CA LEU E 255 -31.66 -15.73 -15.38
C LEU E 255 -30.98 -15.00 -16.54
N GLU E 256 -29.65 -14.95 -16.49
CA GLU E 256 -28.86 -14.45 -17.61
C GLU E 256 -28.26 -15.64 -18.34
N LEU E 257 -28.91 -16.06 -19.41
CA LEU E 257 -28.51 -17.27 -20.13
C LEU E 257 -27.85 -16.92 -21.46
N GLY E 258 -27.61 -17.95 -22.28
CA GLY E 258 -26.99 -17.75 -23.57
C GLY E 258 -27.91 -17.11 -24.59
N GLY E 259 -27.47 -17.08 -25.84
CA GLY E 259 -28.27 -16.50 -26.91
C GLY E 259 -27.82 -16.89 -28.31
N LYS E 260 -28.53 -16.39 -29.31
CA LYS E 260 -28.16 -16.58 -30.70
C LYS E 260 -28.27 -15.24 -31.41
N SER E 261 -27.52 -14.27 -30.92
CA SER E 261 -27.65 -12.87 -31.33
C SER E 261 -27.27 -12.65 -32.79
N PRO E 262 -28.20 -12.06 -33.56
CA PRO E 262 -28.00 -11.79 -34.99
C PRO E 262 -27.44 -10.39 -35.28
N GLN E 263 -26.68 -10.29 -36.36
CA GLN E 263 -26.28 -9.00 -36.90
C GLN E 263 -27.00 -8.79 -38.22
N ILE E 264 -27.80 -7.72 -38.29
CA ILE E 264 -28.63 -7.48 -39.47
C ILE E 264 -28.00 -6.40 -40.34
N VAL E 265 -27.52 -6.79 -41.51
CA VAL E 265 -26.82 -5.87 -42.40
C VAL E 265 -27.63 -5.61 -43.67
N PHE E 266 -27.85 -4.34 -43.98
CA PHE E 266 -28.57 -3.95 -45.19
C PHE E 266 -27.63 -3.44 -46.28
N ALA E 267 -28.17 -3.28 -47.48
CA ALA E 267 -27.37 -2.88 -48.63
C ALA E 267 -26.89 -1.43 -48.54
N ASP E 268 -27.58 -0.63 -47.74
CA ASP E 268 -27.24 0.77 -47.59
C ASP E 268 -26.34 1.01 -46.39
N ALA E 269 -25.83 -0.08 -45.81
CA ALA E 269 -25.01 0.02 -44.60
C ALA E 269 -23.56 0.36 -44.91
N ASP E 270 -22.85 0.86 -43.91
CA ASP E 270 -21.43 1.14 -44.04
C ASP E 270 -20.64 -0.13 -43.74
N LEU E 271 -20.32 -0.87 -44.80
CA LEU E 271 -19.61 -2.15 -44.66
C LEU E 271 -18.20 -1.96 -44.13
N ASP E 272 -17.60 -0.81 -44.43
CA ASP E 272 -16.25 -0.51 -43.93
C ASP E 272 -16.25 -0.40 -42.40
N ALA E 273 -17.33 0.17 -41.86
CA ALA E 273 -17.45 0.34 -40.42
C ALA E 273 -18.03 -0.92 -39.77
N ALA E 274 -18.84 -1.64 -40.53
CA ALA E 274 -19.52 -2.82 -40.00
C ALA E 274 -18.58 -4.03 -39.93
N LEU E 275 -17.74 -4.19 -40.94
CA LEU E 275 -16.87 -5.37 -41.08
C LEU E 275 -16.02 -5.69 -39.85
N PRO E 276 -15.30 -4.70 -39.28
CA PRO E 276 -14.48 -5.06 -38.12
C PRO E 276 -15.33 -5.45 -36.90
N VAL E 277 -16.50 -4.83 -36.77
CA VAL E 277 -17.37 -5.08 -35.63
C VAL E 277 -18.00 -6.46 -35.75
N LEU E 278 -18.38 -6.85 -36.97
CA LEU E 278 -18.94 -8.17 -37.21
C LEU E 278 -17.96 -9.26 -36.79
N VAL E 279 -16.69 -9.05 -37.10
CA VAL E 279 -15.65 -10.01 -36.76
C VAL E 279 -15.43 -10.06 -35.25
N SER E 280 -15.17 -8.90 -34.66
CA SER E 280 -14.84 -8.81 -33.24
C SER E 280 -15.97 -9.30 -32.35
N ALA E 281 -17.21 -9.18 -32.82
CA ALA E 281 -18.38 -9.56 -32.02
C ALA E 281 -18.46 -11.07 -31.79
N ILE E 282 -17.80 -11.84 -32.65
CA ILE E 282 -17.86 -13.29 -32.56
C ILE E 282 -16.47 -13.86 -32.22
N VAL E 283 -15.44 -13.07 -32.45
CA VAL E 283 -14.07 -13.51 -32.18
C VAL E 283 -13.71 -13.27 -30.71
N GLN E 284 -14.28 -12.23 -30.11
CA GLN E 284 -13.99 -11.85 -28.73
C GLN E 284 -14.22 -13.01 -27.75
N ASN E 285 -13.24 -13.21 -26.88
CA ASN E 285 -13.28 -14.27 -25.86
C ASN E 285 -13.50 -15.64 -26.47
N GLY E 286 -13.03 -15.82 -27.71
CA GLY E 286 -13.21 -17.07 -28.42
C GLY E 286 -14.66 -17.40 -28.70
N GLY E 287 -15.49 -16.37 -28.81
CA GLY E 287 -16.91 -16.55 -29.04
C GLY E 287 -17.68 -17.02 -27.83
N GLN E 288 -16.96 -17.21 -26.72
CA GLN E 288 -17.56 -17.69 -25.48
C GLN E 288 -18.25 -16.55 -24.74
N THR E 289 -19.22 -15.93 -25.41
CA THR E 289 -19.98 -14.83 -24.85
C THR E 289 -21.46 -15.09 -25.08
N CYS E 290 -22.27 -14.92 -24.05
CA CYS E 290 -23.71 -15.12 -24.16
C CYS E 290 -24.31 -14.23 -25.23
N SER E 291 -23.76 -13.03 -25.37
CA SER E 291 -24.29 -12.03 -26.31
C SER E 291 -23.45 -11.94 -27.58
N ALA E 292 -22.68 -12.98 -27.88
CA ALA E 292 -21.84 -12.99 -29.06
C ALA E 292 -22.67 -13.01 -30.33
N GLY E 293 -22.27 -12.21 -31.32
CA GLY E 293 -22.96 -12.18 -32.59
C GLY E 293 -22.67 -13.42 -33.43
N SER E 294 -23.40 -14.49 -33.16
CA SER E 294 -23.16 -15.77 -33.81
C SER E 294 -23.88 -15.88 -35.16
N ARG E 295 -24.69 -14.88 -35.48
CA ARG E 295 -25.40 -14.86 -36.75
C ARG E 295 -25.28 -13.51 -37.44
N VAL E 296 -25.03 -13.53 -38.74
CA VAL E 296 -25.02 -12.31 -39.53
C VAL E 296 -26.04 -12.42 -40.65
N LEU E 297 -27.04 -11.56 -40.62
CA LEU E 297 -28.10 -11.56 -41.62
C LEU E 297 -27.86 -10.45 -42.63
N ILE E 298 -27.64 -10.82 -43.88
CA ILE E 298 -27.23 -9.87 -44.90
C ILE E 298 -28.30 -9.72 -45.99
N GLU E 299 -28.59 -8.47 -46.36
CA GLU E 299 -29.49 -8.21 -47.48
C GLU E 299 -28.87 -8.79 -48.75
N ARG E 300 -29.73 -9.33 -49.62
CA ARG E 300 -29.27 -10.08 -50.79
C ARG E 300 -28.35 -9.30 -51.72
N ALA E 301 -28.56 -7.99 -51.80
CA ALA E 301 -27.77 -7.15 -52.70
C ALA E 301 -26.30 -7.12 -52.30
N VAL E 302 -26.03 -7.29 -51.01
CA VAL E 302 -24.65 -7.24 -50.52
C VAL E 302 -24.25 -8.53 -49.81
N TYR E 303 -24.99 -9.60 -50.08
CA TYR E 303 -24.70 -10.90 -49.45
C TYR E 303 -23.33 -11.42 -49.84
N GLU E 304 -23.16 -11.71 -51.13
CA GLU E 304 -21.89 -12.24 -51.64
C GLU E 304 -20.68 -11.33 -51.40
N PRO E 305 -20.82 -10.00 -51.62
CA PRO E 305 -19.64 -9.16 -51.35
C PRO E 305 -19.22 -9.15 -49.88
N LEU E 306 -20.18 -9.04 -48.96
CA LEU E 306 -19.86 -8.98 -47.53
C LEU E 306 -19.28 -10.30 -47.03
N VAL E 307 -19.79 -11.41 -47.56
CA VAL E 307 -19.31 -12.73 -47.17
C VAL E 307 -17.85 -12.90 -47.56
N GLU E 308 -17.49 -12.44 -48.76
CA GLU E 308 -16.10 -12.51 -49.21
C GLU E 308 -15.18 -11.69 -48.32
N ARG E 309 -15.63 -10.49 -47.98
CA ARG E 309 -14.85 -9.61 -47.10
C ARG E 309 -14.74 -10.22 -45.71
N LEU E 310 -15.81 -10.87 -45.25
CA LEU E 310 -15.78 -11.58 -43.99
C LEU E 310 -14.86 -12.80 -44.08
N ALA E 311 -14.84 -13.43 -45.26
CA ALA E 311 -14.00 -14.60 -45.49
C ALA E 311 -12.52 -14.21 -45.49
N THR E 312 -12.23 -13.03 -46.02
CA THR E 312 -10.86 -12.53 -46.04
C THR E 312 -10.38 -12.21 -44.63
N ALA E 313 -11.23 -11.52 -43.87
CA ALA E 313 -10.90 -11.15 -42.50
C ALA E 313 -10.71 -12.38 -41.62
N PHE E 314 -11.58 -13.37 -41.80
CA PHE E 314 -11.50 -14.59 -41.00
C PHE E 314 -10.25 -15.40 -41.32
N ASN E 315 -9.78 -15.32 -42.57
CA ASN E 315 -8.61 -16.06 -42.99
C ASN E 315 -7.36 -15.59 -42.27
N GLY E 316 -7.30 -14.29 -41.97
CA GLY E 316 -6.13 -13.70 -41.34
C GLY E 316 -6.10 -13.81 -39.83
N LEU E 317 -7.13 -14.41 -39.25
CA LEU E 317 -7.21 -14.54 -37.80
C LEU E 317 -6.25 -15.60 -37.30
N ARG E 318 -5.53 -15.28 -36.22
CA ARG E 318 -4.55 -16.20 -35.65
C ARG E 318 -4.87 -16.53 -34.20
N VAL E 319 -4.78 -17.81 -33.86
CA VAL E 319 -5.06 -18.28 -32.50
C VAL E 319 -3.78 -18.79 -31.85
N GLY E 320 -3.57 -18.41 -30.59
CA GLY E 320 -2.42 -18.88 -29.85
C GLY E 320 -2.61 -18.73 -28.35
N PRO E 321 -1.55 -18.98 -27.57
CA PRO E 321 -1.58 -18.82 -26.11
C PRO E 321 -2.01 -17.43 -25.68
N SER E 322 -2.53 -17.32 -24.47
CA SER E 322 -3.05 -16.04 -23.97
C SER E 322 -1.96 -14.98 -23.88
N ARG E 323 -0.75 -15.41 -23.53
CA ARG E 323 0.38 -14.49 -23.41
C ARG E 323 0.80 -13.93 -24.77
N ALA E 324 0.54 -14.70 -25.82
CA ALA E 324 0.87 -14.26 -27.18
C ALA E 324 0.02 -13.07 -27.58
N ASP E 325 -1.15 -12.95 -26.94
CA ASP E 325 -2.06 -11.82 -27.14
C ASP E 325 -2.43 -11.64 -28.61
N LEU E 326 -2.93 -12.72 -29.21
CA LEU E 326 -3.35 -12.69 -30.61
C LEU E 326 -4.85 -12.41 -30.71
N ASP E 327 -5.45 -12.82 -31.82
CA ASP E 327 -6.88 -12.59 -32.05
C ASP E 327 -7.74 -13.44 -31.12
N CYS E 328 -7.27 -14.65 -30.84
CA CYS E 328 -8.00 -15.57 -29.98
C CYS E 328 -7.07 -16.32 -29.04
N GLY E 329 -7.59 -16.65 -27.86
CA GLY E 329 -6.92 -17.57 -26.96
C GLY E 329 -7.50 -18.95 -27.15
N PRO E 330 -7.22 -19.87 -26.22
CA PRO E 330 -7.81 -21.20 -26.26
C PRO E 330 -9.23 -21.20 -25.70
N LEU E 331 -9.97 -22.29 -25.91
CA LEU E 331 -11.27 -22.45 -25.26
C LEU E 331 -11.02 -22.88 -23.82
N ILE E 332 -12.07 -22.86 -23.00
CA ILE E 332 -11.91 -23.05 -21.57
C ILE E 332 -11.50 -24.49 -21.21
N ASN E 333 -12.01 -25.47 -21.94
CA ASN E 333 -11.70 -26.87 -21.65
C ASN E 333 -11.98 -27.78 -22.84
N ALA E 334 -11.72 -29.08 -22.65
CA ALA E 334 -11.90 -30.06 -23.71
C ALA E 334 -13.37 -30.32 -24.00
N LYS E 335 -14.20 -30.28 -22.96
CA LYS E 335 -15.63 -30.51 -23.11
C LYS E 335 -16.26 -29.47 -24.03
N GLN E 336 -15.83 -28.22 -23.88
CA GLN E 336 -16.34 -27.14 -24.71
C GLN E 336 -15.74 -27.20 -26.11
N GLN E 337 -14.47 -27.56 -26.19
CA GLN E 337 -13.79 -27.71 -27.48
C GLN E 337 -14.47 -28.80 -28.31
N GLN E 338 -14.79 -29.91 -27.66
CA GLN E 338 -15.48 -31.02 -28.32
C GLN E 338 -16.85 -30.59 -28.80
N ARG E 339 -17.53 -29.79 -27.99
CA ARG E 339 -18.86 -29.28 -28.33
C ARG E 339 -18.82 -28.46 -29.62
N VAL E 340 -17.81 -27.60 -29.74
CA VAL E 340 -17.65 -26.78 -30.93
C VAL E 340 -17.35 -27.67 -32.14
N TRP E 341 -16.49 -28.66 -31.95
CA TRP E 341 -16.16 -29.61 -33.00
C TRP E 341 -17.41 -30.33 -33.50
N ASP E 342 -18.30 -30.66 -32.58
CA ASP E 342 -19.54 -31.36 -32.94
C ASP E 342 -20.41 -30.50 -33.85
N PHE E 343 -20.49 -29.21 -33.55
CA PHE E 343 -21.24 -28.29 -34.39
C PHE E 343 -20.66 -28.23 -35.79
N LEU E 344 -19.33 -28.13 -35.86
CA LEU E 344 -18.64 -28.02 -37.15
C LEU E 344 -18.73 -29.32 -37.93
N SER E 345 -18.62 -30.46 -37.24
CA SER E 345 -18.69 -31.75 -37.89
C SER E 345 -20.09 -32.02 -38.42
N ASP E 346 -21.10 -31.60 -37.68
CA ASP E 346 -22.48 -31.76 -38.12
C ASP E 346 -22.78 -30.85 -39.31
N ALA E 347 -22.21 -29.65 -39.28
CA ALA E 347 -22.43 -28.67 -40.33
C ALA E 347 -21.90 -29.16 -41.68
N GLN E 348 -20.64 -29.60 -41.69
CA GLN E 348 -20.01 -30.08 -42.92
C GLN E 348 -20.72 -31.33 -43.44
N HIS E 349 -21.09 -32.22 -42.53
CA HIS E 349 -21.78 -33.45 -42.91
C HIS E 349 -23.15 -33.16 -43.51
N ASP E 350 -23.78 -32.09 -43.03
CA ASP E 350 -25.08 -31.68 -43.55
C ASP E 350 -24.93 -30.87 -44.84
N GLY E 351 -23.69 -30.59 -45.21
CA GLY E 351 -23.40 -29.90 -46.45
C GLY E 351 -23.30 -28.39 -46.34
N ILE E 352 -23.02 -27.90 -45.13
CA ILE E 352 -22.85 -26.48 -44.92
C ILE E 352 -21.42 -26.07 -45.24
N PRO E 353 -21.25 -25.22 -46.25
CA PRO E 353 -19.92 -24.78 -46.70
C PRO E 353 -19.25 -23.84 -45.71
N MET E 354 -17.99 -24.11 -45.38
CA MET E 354 -17.21 -23.20 -44.55
C MET E 354 -16.48 -22.20 -45.44
N ALA E 355 -16.91 -20.95 -45.38
CA ALA E 355 -16.35 -19.91 -46.24
C ALA E 355 -14.89 -19.63 -45.92
N ALA E 356 -14.55 -19.61 -44.63
CA ALA E 356 -13.19 -19.35 -44.20
C ALA E 356 -12.98 -19.74 -42.74
N HIS E 357 -11.73 -19.83 -42.33
CA HIS E 357 -11.39 -20.11 -40.95
C HIS E 357 -10.01 -19.55 -40.61
N GLY E 358 -9.75 -19.38 -39.32
CA GLY E 358 -8.47 -18.86 -38.86
C GLY E 358 -7.37 -19.89 -38.82
N GLN E 359 -6.28 -19.57 -38.12
CA GLN E 359 -5.14 -20.47 -38.01
C GLN E 359 -4.66 -20.58 -36.57
N VAL E 360 -4.40 -21.81 -36.13
CA VAL E 360 -3.80 -22.04 -34.81
C VAL E 360 -2.28 -22.03 -34.97
N VAL E 361 -1.62 -21.17 -34.20
CA VAL E 361 -0.18 -20.99 -34.30
C VAL E 361 0.56 -22.30 -34.05
N ALA E 362 1.73 -22.44 -34.65
CA ALA E 362 2.53 -23.66 -34.53
C ALA E 362 3.11 -23.79 -33.12
N ASP E 363 3.31 -22.66 -32.46
CA ASP E 363 3.89 -22.64 -31.13
C ASP E 363 2.83 -22.91 -30.05
N ALA E 364 1.60 -23.14 -30.48
CA ALA E 364 0.51 -23.41 -29.55
C ALA E 364 0.57 -24.83 -29.03
N PRO E 365 0.63 -24.99 -27.69
CA PRO E 365 0.66 -26.29 -27.02
C PRO E 365 -0.47 -27.22 -27.45
N GLU E 366 -0.13 -28.44 -27.83
CA GLU E 366 -1.11 -29.41 -28.32
C GLU E 366 -2.09 -29.83 -27.24
N SER E 367 -1.66 -29.77 -25.98
CA SER E 367 -2.51 -30.13 -24.86
C SER E 367 -3.47 -28.99 -24.52
N GLY E 368 -3.25 -27.83 -25.14
CA GLY E 368 -4.15 -26.70 -24.98
C GLY E 368 -5.42 -26.88 -25.78
N PHE E 369 -6.47 -26.19 -25.37
CA PHE E 369 -7.78 -26.33 -26.01
C PHE E 369 -8.02 -25.21 -27.02
N TYR E 370 -7.37 -25.31 -28.18
CA TYR E 370 -7.43 -24.25 -29.18
C TYR E 370 -8.44 -24.53 -30.28
N GLN E 371 -9.09 -23.46 -30.73
CA GLN E 371 -10.08 -23.54 -31.81
C GLN E 371 -10.08 -22.25 -32.62
N ALA E 372 -9.76 -22.38 -33.90
CA ALA E 372 -9.72 -21.21 -34.79
C ALA E 372 -11.13 -20.77 -35.15
N PRO E 373 -11.32 -19.45 -35.35
CA PRO E 373 -12.62 -18.93 -35.78
C PRO E 373 -13.07 -19.53 -37.10
N ALA E 374 -14.38 -19.72 -37.27
CA ALA E 374 -14.90 -20.32 -38.48
C ALA E 374 -16.08 -19.52 -39.03
N LEU E 375 -16.08 -19.33 -40.35
CA LEU E 375 -17.15 -18.61 -41.02
C LEU E 375 -17.89 -19.53 -41.98
N LEU E 376 -19.15 -19.81 -41.68
CA LEU E 376 -19.96 -20.67 -42.53
C LEU E 376 -21.04 -19.86 -43.24
N ARG E 377 -21.30 -20.19 -44.50
CA ARG E 377 -22.28 -19.45 -45.30
C ARG E 377 -23.42 -20.36 -45.73
N ASP E 378 -24.49 -19.72 -46.23
CA ASP E 378 -25.66 -20.43 -46.74
C ASP E 378 -26.28 -21.34 -45.67
N VAL E 379 -26.08 -20.99 -44.42
CA VAL E 379 -26.58 -21.78 -43.30
C VAL E 379 -28.10 -21.74 -43.26
N PRO E 380 -28.74 -22.92 -43.26
CA PRO E 380 -30.20 -23.00 -43.13
C PRO E 380 -30.66 -22.45 -41.78
N PRO E 381 -31.69 -21.58 -41.80
CA PRO E 381 -32.20 -20.94 -40.58
C PRO E 381 -32.74 -21.93 -39.57
N SER E 382 -33.20 -23.09 -40.03
CA SER E 382 -33.76 -24.10 -39.16
C SER E 382 -32.69 -25.08 -38.65
N HIS E 383 -31.51 -25.02 -39.26
CA HIS E 383 -30.43 -25.92 -38.88
C HIS E 383 -29.92 -25.62 -37.48
N ARG E 384 -29.45 -26.66 -36.80
CA ARG E 384 -28.98 -26.57 -35.41
C ARG E 384 -27.92 -25.49 -35.22
N LEU E 385 -27.04 -25.35 -36.21
CA LEU E 385 -25.98 -24.35 -36.16
C LEU E 385 -26.55 -22.93 -36.10
N ALA E 386 -27.70 -22.73 -36.73
CA ALA E 386 -28.33 -21.42 -36.78
C ALA E 386 -29.41 -21.27 -35.70
N GLN E 387 -29.58 -22.30 -34.89
CA GLN E 387 -30.64 -22.30 -33.88
C GLN E 387 -30.09 -22.49 -32.46
N GLU E 388 -28.92 -23.11 -32.35
CA GLU E 388 -28.36 -23.44 -31.05
C GLU E 388 -27.06 -22.67 -30.78
N GLU E 389 -26.82 -22.36 -29.50
CA GLU E 389 -25.63 -21.62 -29.11
C GLU E 389 -24.39 -22.52 -29.14
N VAL E 390 -23.41 -22.11 -29.93
CA VAL E 390 -22.18 -22.88 -30.10
C VAL E 390 -21.20 -22.59 -28.97
N PHE E 391 -21.19 -21.34 -28.52
CA PHE E 391 -20.24 -20.85 -27.52
C PHE E 391 -18.80 -21.06 -28.00
N GLY E 392 -18.59 -20.76 -29.28
CA GLY E 392 -17.27 -20.79 -29.88
C GLY E 392 -17.15 -19.67 -30.89
N PRO E 393 -15.97 -19.53 -31.51
CA PRO E 393 -15.76 -18.46 -32.49
C PRO E 393 -16.35 -18.81 -33.86
N VAL E 394 -17.64 -19.15 -33.88
CA VAL E 394 -18.27 -19.60 -35.11
C VAL E 394 -19.34 -18.61 -35.57
N LEU E 395 -19.30 -18.24 -36.84
CA LEU E 395 -20.25 -17.28 -37.39
C LEU E 395 -21.05 -17.90 -38.53
N ALA E 396 -22.37 -17.81 -38.44
CA ALA E 396 -23.27 -18.35 -39.46
C ALA E 396 -23.84 -17.24 -40.33
N ALA E 397 -23.48 -17.27 -41.61
CA ALA E 397 -23.92 -16.23 -42.54
C ALA E 397 -25.06 -16.71 -43.42
N MET E 398 -26.05 -15.83 -43.60
CA MET E 398 -27.20 -16.14 -44.45
CA MET E 398 -27.19 -16.14 -44.46
C MET E 398 -27.80 -14.85 -45.01
N ARG E 399 -28.72 -14.98 -45.95
CA ARG E 399 -29.31 -13.82 -46.62
C ARG E 399 -30.79 -13.63 -46.32
N PHE E 400 -31.27 -12.40 -46.52
CA PHE E 400 -32.70 -12.10 -46.44
C PHE E 400 -33.08 -11.13 -47.56
N VAL E 401 -34.36 -11.12 -47.94
CA VAL E 401 -34.80 -10.33 -49.08
C VAL E 401 -35.36 -8.97 -48.64
N ASP E 402 -36.03 -8.94 -47.49
CA ASP E 402 -36.62 -7.70 -47.00
C ASP E 402 -36.65 -7.64 -45.48
N GLU E 403 -37.20 -6.55 -44.94
CA GLU E 403 -37.25 -6.33 -43.50
C GLU E 403 -38.05 -7.43 -42.80
N ASP E 404 -39.16 -7.82 -43.40
CA ASP E 404 -40.04 -8.85 -42.84
C ASP E 404 -39.30 -10.17 -42.61
N GLU E 405 -38.55 -10.60 -43.62
CA GLU E 405 -37.79 -11.83 -43.50
C GLU E 405 -36.65 -11.65 -42.51
N ALA E 406 -36.05 -10.46 -42.51
CA ALA E 406 -34.98 -10.13 -41.58
C ALA E 406 -35.46 -10.25 -40.14
N VAL E 407 -36.62 -9.69 -39.87
CA VAL E 407 -37.21 -9.74 -38.53
C VAL E 407 -37.60 -11.17 -38.19
N ALA E 408 -38.12 -11.89 -39.18
CA ALA E 408 -38.52 -13.28 -39.01
C ALA E 408 -37.32 -14.16 -38.67
N LEU E 409 -36.23 -13.97 -39.42
CA LEU E 409 -35.02 -14.75 -39.20
C LEU E 409 -34.35 -14.39 -37.88
N ALA E 410 -34.43 -13.11 -37.51
CA ALA E 410 -33.81 -12.64 -36.28
C ALA E 410 -34.53 -13.18 -35.04
N ASN E 411 -35.86 -13.24 -35.10
CA ASN E 411 -36.66 -13.68 -33.97
C ASN E 411 -37.04 -15.16 -34.10
N GLY E 412 -36.45 -15.85 -35.07
CA GLY E 412 -36.81 -17.22 -35.36
C GLY E 412 -36.13 -18.28 -34.51
N THR E 413 -35.36 -17.86 -33.52
CA THR E 413 -34.69 -18.78 -32.62
C THR E 413 -35.30 -18.69 -31.23
N PRO E 414 -35.09 -19.72 -30.39
CA PRO E 414 -35.59 -19.64 -29.01
C PRO E 414 -34.95 -18.53 -28.19
N TYR E 415 -33.81 -18.00 -28.66
CA TYR E 415 -33.08 -16.99 -27.92
C TYR E 415 -33.50 -15.57 -28.32
N GLY E 416 -33.20 -14.61 -27.45
CA GLY E 416 -33.51 -13.22 -27.69
C GLY E 416 -32.79 -12.31 -26.72
N LEU E 417 -31.48 -12.18 -26.90
CA LEU E 417 -30.64 -11.44 -25.96
C LEU E 417 -30.30 -10.05 -26.49
N VAL E 418 -29.44 -10.00 -27.50
CA VAL E 418 -29.07 -8.73 -28.12
CA VAL E 418 -28.98 -8.76 -28.11
C VAL E 418 -29.16 -8.84 -29.63
N ALA E 419 -29.32 -7.71 -30.30
CA ALA E 419 -29.39 -7.68 -31.75
C ALA E 419 -28.68 -6.45 -32.31
N GLY E 420 -28.05 -6.61 -33.47
CA GLY E 420 -27.35 -5.51 -34.11
C GLY E 420 -27.95 -5.12 -35.45
N ILE E 421 -28.15 -3.82 -35.64
CA ILE E 421 -28.74 -3.31 -36.87
C ILE E 421 -27.75 -2.41 -37.60
N TRP E 422 -27.48 -2.76 -38.85
CA TRP E 422 -26.55 -1.97 -39.67
C TRP E 422 -27.24 -1.45 -40.92
N THR E 423 -27.56 -0.16 -40.91
CA THR E 423 -28.21 0.50 -42.03
C THR E 423 -28.15 2.02 -41.83
N ARG E 424 -28.15 2.75 -42.94
CA ARG E 424 -28.10 4.22 -42.88
C ARG E 424 -29.49 4.83 -42.79
N ASP E 425 -30.50 4.08 -43.20
CA ASP E 425 -31.88 4.57 -43.20
C ASP E 425 -32.41 4.70 -41.78
N GLY E 426 -32.74 5.93 -41.39
CA GLY E 426 -33.20 6.22 -40.04
C GLY E 426 -34.50 5.56 -39.62
N ALA E 427 -35.50 5.63 -40.48
CA ALA E 427 -36.80 5.03 -40.19
C ALA E 427 -36.68 3.53 -39.97
N ARG E 428 -35.90 2.87 -40.82
CA ARG E 428 -35.68 1.44 -40.72
C ARG E 428 -35.04 1.05 -39.39
N GLN E 429 -34.12 1.87 -38.92
CA GLN E 429 -33.41 1.61 -37.66
C GLN E 429 -34.36 1.49 -36.48
N MET E 430 -35.25 2.46 -36.33
CA MET E 430 -36.20 2.47 -35.21
C MET E 430 -37.32 1.46 -35.41
N ARG E 431 -37.74 1.29 -36.67
CA ARG E 431 -38.81 0.36 -37.01
C ARG E 431 -38.42 -1.07 -36.65
N LEU E 432 -37.21 -1.45 -37.01
CA LEU E 432 -36.71 -2.79 -36.71
C LEU E 432 -36.41 -2.96 -35.22
N ALA E 433 -35.93 -1.89 -34.59
CA ALA E 433 -35.58 -1.91 -33.18
C ALA E 433 -36.77 -2.31 -32.32
N ARG E 434 -37.96 -1.94 -32.75
CA ARG E 434 -39.20 -2.27 -32.04
CA ARG E 434 -39.19 -2.28 -32.04
C ARG E 434 -39.63 -3.71 -32.31
N ARG E 435 -39.41 -4.17 -33.54
CA ARG E 435 -39.85 -5.50 -33.95
C ARG E 435 -38.92 -6.62 -33.48
N LEU E 436 -37.71 -6.27 -33.06
CA LEU E 436 -36.74 -7.26 -32.64
C LEU E 436 -36.97 -7.74 -31.21
N ARG E 437 -36.86 -9.05 -31.02
CA ARG E 437 -36.98 -9.64 -29.69
C ARG E 437 -35.61 -9.76 -29.05
N ALA E 438 -35.25 -8.76 -28.26
CA ALA E 438 -33.95 -8.73 -27.59
C ALA E 438 -33.97 -7.77 -26.41
N GLY E 439 -33.06 -7.98 -25.47
CA GLY E 439 -32.91 -7.09 -24.33
C GLY E 439 -32.22 -5.80 -24.72
N GLN E 440 -31.26 -5.90 -25.63
CA GLN E 440 -30.56 -4.74 -26.14
C GLN E 440 -30.54 -4.74 -27.67
N VAL E 441 -30.75 -3.56 -28.25
CA VAL E 441 -30.65 -3.42 -29.70
C VAL E 441 -29.62 -2.35 -30.03
N PHE E 442 -28.63 -2.71 -30.84
CA PHE E 442 -27.57 -1.78 -31.20
C PHE E 442 -27.67 -1.33 -32.65
N ILE E 443 -27.66 -0.02 -32.86
CA ILE E 443 -27.80 0.56 -34.19
C ILE E 443 -26.47 1.09 -34.68
N ASN E 444 -25.99 0.49 -35.78
CA ASN E 444 -24.70 0.82 -36.39
C ASN E 444 -23.55 0.70 -35.38
N ASN E 445 -23.67 -0.25 -34.48
CA ASN E 445 -22.61 -0.64 -33.56
C ASN E 445 -22.98 -1.97 -32.93
N TYR E 446 -22.19 -2.43 -31.98
CA TYR E 446 -22.48 -3.70 -31.29
C TYR E 446 -21.71 -3.79 -29.97
N GLY E 447 -22.46 -3.78 -28.87
CA GLY E 447 -21.86 -3.79 -27.55
C GLY E 447 -21.68 -2.37 -27.02
N ALA E 448 -21.49 -1.43 -27.94
CA ALA E 448 -21.33 -0.01 -27.61
C ALA E 448 -20.23 0.22 -26.59
N GLY E 449 -19.04 -0.30 -26.88
CA GLY E 449 -17.90 -0.14 -26.00
C GLY E 449 -17.99 -0.96 -24.73
N GLY E 450 -18.30 -0.29 -23.62
CA GLY E 450 -18.41 -0.96 -22.34
C GLY E 450 -19.81 -1.50 -22.07
N GLY E 451 -20.76 -0.60 -21.85
CA GLY E 451 -22.13 -1.00 -21.64
C GLY E 451 -22.48 -1.25 -20.18
N VAL E 452 -21.73 -0.65 -19.27
CA VAL E 452 -21.99 -0.78 -17.85
C VAL E 452 -23.32 -0.11 -17.51
N GLU E 453 -23.61 1.00 -18.19
CA GLU E 453 -24.83 1.75 -17.95
C GLU E 453 -26.03 1.17 -18.69
N LEU E 454 -25.79 0.18 -19.53
CA LEU E 454 -26.83 -0.38 -20.39
C LEU E 454 -27.44 -1.66 -19.82
N PRO E 455 -28.71 -1.58 -19.39
CA PRO E 455 -29.44 -2.73 -18.84
C PRO E 455 -29.38 -3.95 -19.75
N PHE E 456 -29.00 -5.09 -19.19
CA PHE E 456 -28.73 -6.28 -19.98
C PHE E 456 -29.57 -7.45 -19.51
N GLY E 457 -30.13 -8.19 -20.46
CA GLY E 457 -30.99 -9.33 -20.15
C GLY E 457 -31.63 -9.88 -21.41
N GLY E 458 -32.36 -10.99 -21.28
CA GLY E 458 -32.94 -11.63 -22.44
C GLY E 458 -34.43 -11.94 -22.34
N VAL E 459 -34.97 -12.44 -23.45
CA VAL E 459 -36.32 -12.95 -23.48
C VAL E 459 -36.26 -14.39 -23.98
N GLY E 460 -37.32 -15.16 -23.75
CA GLY E 460 -37.34 -16.55 -24.16
C GLY E 460 -36.31 -17.39 -23.44
N HIS E 461 -35.52 -18.14 -24.20
CA HIS E 461 -34.51 -19.01 -23.61
C HIS E 461 -33.20 -18.28 -23.32
N SER E 462 -33.21 -16.96 -23.49
CA SER E 462 -32.07 -16.13 -23.09
C SER E 462 -32.22 -15.76 -21.61
N GLY E 463 -33.31 -16.22 -20.99
CA GLY E 463 -33.56 -15.97 -19.59
C GLY E 463 -34.53 -14.84 -19.34
N HIS E 464 -34.47 -14.26 -18.15
CA HIS E 464 -35.33 -13.15 -17.79
C HIS E 464 -34.73 -12.32 -16.67
N GLY E 465 -35.23 -11.11 -16.50
CA GLY E 465 -34.66 -10.17 -15.55
C GLY E 465 -33.65 -9.29 -16.23
N ARG E 466 -33.28 -8.19 -15.59
CA ARG E 466 -32.31 -7.27 -16.18
C ARG E 466 -31.21 -6.90 -15.18
N GLU E 467 -29.97 -6.94 -15.66
CA GLU E 467 -28.83 -6.49 -14.88
C GLU E 467 -28.02 -5.48 -15.69
N LYS E 468 -26.91 -5.01 -15.11
CA LYS E 468 -26.18 -3.82 -15.59
C LYS E 468 -27.05 -2.58 -15.46
N GLY E 469 -26.40 -1.41 -15.50
CA GLY E 469 -27.11 -0.15 -15.42
C GLY E 469 -27.84 0.09 -14.12
N PHE E 470 -28.56 1.21 -14.05
CA PHE E 470 -29.32 1.56 -12.85
C PHE E 470 -30.47 0.59 -12.63
N GLU E 471 -31.07 0.14 -13.73
CA GLU E 471 -32.23 -0.75 -13.70
C GLU E 471 -31.99 -2.02 -12.87
N ALA E 472 -30.72 -2.44 -12.80
CA ALA E 472 -30.36 -3.66 -12.08
C ALA E 472 -30.69 -3.57 -10.59
N LEU E 473 -30.73 -2.36 -10.06
CA LEU E 473 -30.99 -2.14 -8.64
C LEU E 473 -32.42 -2.51 -8.24
N TYR E 474 -33.34 -2.47 -9.20
CA TYR E 474 -34.73 -2.82 -8.94
C TYR E 474 -34.88 -4.33 -8.82
N GLY E 475 -33.95 -5.06 -9.42
CA GLY E 475 -33.94 -6.51 -9.31
C GLY E 475 -33.32 -6.96 -8.01
N PHE E 476 -32.47 -6.11 -7.43
CA PHE E 476 -31.78 -6.44 -6.20
C PHE E 476 -32.43 -5.79 -4.98
N THR E 477 -33.62 -5.25 -5.18
CA THR E 477 -34.41 -4.72 -4.08
C THR E 477 -35.86 -5.16 -4.19
N ALA E 478 -36.58 -5.12 -3.07
CA ALA E 478 -38.01 -5.40 -3.05
C ALA E 478 -38.76 -4.18 -2.53
N LEU E 479 -39.95 -3.95 -3.07
CA LEU E 479 -40.72 -2.76 -2.75
C LEU E 479 -41.60 -2.96 -1.51
N LYS E 480 -41.45 -2.07 -0.54
CA LYS E 480 -42.33 -2.03 0.62
C LYS E 480 -43.18 -0.76 0.57
N THR E 481 -44.49 -0.91 0.70
CA THR E 481 -45.40 0.23 0.67
C THR E 481 -45.95 0.51 2.07
N ILE E 482 -45.80 1.75 2.52
CA ILE E 482 -46.26 2.14 3.84
C ILE E 482 -47.42 3.12 3.73
N ALA E 483 -48.57 2.74 4.28
CA ALA E 483 -49.75 3.59 4.23
C ALA E 483 -50.07 4.16 5.62
N ILE E 484 -49.93 5.46 5.75
CA ILE E 484 -50.20 6.14 7.03
C ILE E 484 -51.57 6.80 7.00
N ARG E 485 -52.40 6.46 7.98
CA ARG E 485 -53.67 7.16 8.18
C ARG E 485 -53.50 8.18 9.30
N HIS E 486 -53.60 9.47 8.95
CA HIS E 486 -53.32 10.53 9.92
C HIS E 486 -54.44 11.56 9.99
N GLY E 487 -55.35 11.52 9.02
CA GLY E 487 -56.46 12.46 8.99
C GLY E 487 -56.05 13.84 8.52
N ALA F 12 -71.87 -24.09 -21.02
CA ALA F 12 -70.54 -24.20 -20.44
C ALA F 12 -69.47 -24.19 -21.53
N LYS F 13 -69.01 -23.01 -21.90
CA LYS F 13 -68.00 -22.87 -22.94
C LYS F 13 -66.80 -22.06 -22.43
N HIS F 14 -65.70 -22.13 -23.18
CA HIS F 14 -64.55 -21.28 -22.92
C HIS F 14 -64.75 -19.96 -23.65
N PHE F 15 -63.83 -19.01 -23.46
CA PHE F 15 -63.86 -17.76 -24.19
C PHE F 15 -62.55 -17.58 -24.94
N ILE F 16 -62.53 -18.04 -26.19
CA ILE F 16 -61.32 -18.00 -27.00
C ILE F 16 -61.55 -17.21 -28.28
N ALA F 17 -60.61 -16.32 -28.59
CA ALA F 17 -60.64 -15.52 -29.81
C ALA F 17 -61.91 -14.70 -29.94
N GLY F 18 -62.38 -14.15 -28.82
CA GLY F 18 -63.54 -13.29 -28.82
C GLY F 18 -64.87 -14.01 -28.95
N GLU F 19 -64.83 -15.33 -28.95
CA GLU F 19 -66.05 -16.12 -29.07
C GLU F 19 -66.12 -17.22 -28.01
N TRP F 20 -67.33 -17.69 -27.72
CA TRP F 20 -67.52 -18.78 -26.78
C TRP F 20 -67.45 -20.12 -27.49
N THR F 21 -66.44 -20.92 -27.14
CA THR F 21 -66.20 -22.18 -27.83
C THR F 21 -66.29 -23.38 -26.88
N LEU F 22 -66.77 -24.50 -27.42
CA LEU F 22 -66.88 -25.75 -26.67
C LEU F 22 -65.50 -26.34 -26.41
N PRO F 23 -65.35 -27.07 -25.29
CA PRO F 23 -64.07 -27.71 -24.97
C PRO F 23 -63.75 -28.85 -25.93
N ALA F 24 -62.49 -29.29 -25.95
CA ALA F 24 -62.10 -30.45 -26.74
C ALA F 24 -62.81 -31.69 -26.23
N GLN F 25 -62.75 -31.88 -24.91
CA GLN F 25 -63.52 -32.93 -24.26
C GLN F 25 -64.77 -32.33 -23.65
N LEU F 26 -65.94 -32.86 -24.03
CA LEU F 26 -67.22 -32.26 -23.67
C LEU F 26 -67.57 -32.38 -22.18
N GLU F 27 -66.64 -32.86 -21.37
CA GLU F 27 -66.85 -32.96 -19.93
C GLU F 27 -66.96 -31.57 -19.32
N THR F 28 -67.73 -31.45 -18.25
CA THR F 28 -67.94 -30.15 -17.60
C THR F 28 -67.66 -30.22 -16.09
N ILE F 29 -67.63 -29.04 -15.46
CA ILE F 29 -67.44 -28.94 -14.02
C ILE F 29 -68.64 -28.20 -13.41
N PRO F 30 -69.25 -28.79 -12.37
CA PRO F 30 -70.39 -28.17 -11.71
C PRO F 30 -70.04 -26.87 -10.99
N VAL F 31 -70.97 -25.92 -10.98
CA VAL F 31 -70.81 -24.69 -10.24
C VAL F 31 -71.65 -24.76 -8.97
N VAL F 32 -70.98 -24.75 -7.81
CA VAL F 32 -71.65 -24.98 -6.54
C VAL F 32 -71.85 -23.67 -5.77
N ASP F 33 -73.05 -23.48 -5.23
CA ASP F 33 -73.35 -22.36 -4.34
C ASP F 33 -73.04 -22.79 -2.91
N PRO F 34 -71.97 -22.22 -2.33
CA PRO F 34 -71.50 -22.59 -0.98
C PRO F 34 -72.54 -22.34 0.11
N SER F 35 -73.54 -21.52 -0.16
CA SER F 35 -74.58 -21.21 0.82
C SER F 35 -75.44 -22.43 1.11
N ASP F 36 -75.73 -23.24 0.09
CA ASP F 36 -76.51 -24.46 0.28
C ASP F 36 -75.76 -25.70 -0.21
N GLY F 37 -74.57 -25.49 -0.77
CA GLY F 37 -73.76 -26.58 -1.28
C GLY F 37 -74.40 -27.32 -2.44
N GLN F 38 -75.26 -26.63 -3.18
CA GLN F 38 -75.97 -27.24 -4.30
C GLN F 38 -75.56 -26.64 -5.63
N PRO F 39 -75.34 -27.49 -6.64
CA PRO F 39 -74.99 -27.05 -8.00
C PRO F 39 -76.13 -26.29 -8.66
N PHE F 40 -75.80 -25.21 -9.36
CA PHE F 40 -76.82 -24.42 -10.06
C PHE F 40 -76.40 -24.09 -11.49
N ALA F 41 -75.15 -24.42 -11.83
CA ALA F 41 -74.63 -24.18 -13.18
C ALA F 41 -73.44 -25.07 -13.47
N THR F 42 -72.91 -24.96 -14.68
CA THR F 42 -71.73 -25.73 -15.07
C THR F 42 -70.72 -24.86 -15.82
N ILE F 43 -69.45 -25.24 -15.72
CA ILE F 43 -68.40 -24.58 -16.48
C ILE F 43 -67.64 -25.60 -17.32
N ALA F 44 -66.98 -25.12 -18.36
CA ALA F 44 -66.24 -25.99 -19.26
C ALA F 44 -65.02 -26.58 -18.56
N ARG F 45 -64.80 -27.88 -18.74
CA ARG F 45 -63.64 -28.55 -18.18
C ARG F 45 -62.46 -28.44 -19.14
N GLY F 46 -61.59 -27.47 -18.90
CA GLY F 46 -60.48 -27.19 -19.80
C GLY F 46 -59.30 -28.14 -19.67
N THR F 47 -58.72 -28.49 -20.80
CA THR F 47 -57.52 -29.32 -20.83
C THR F 47 -56.46 -28.69 -21.74
N ALA F 48 -55.45 -29.47 -22.10
CA ALA F 48 -54.35 -28.98 -22.91
C ALA F 48 -54.76 -28.41 -24.28
N PRO F 49 -55.63 -29.11 -25.03
CA PRO F 49 -56.00 -28.54 -26.33
C PRO F 49 -56.71 -27.19 -26.24
N ASP F 50 -57.47 -26.97 -25.18
CA ASP F 50 -58.18 -25.71 -24.99
C ASP F 50 -57.20 -24.57 -24.74
N ILE F 51 -56.18 -24.83 -23.94
CA ILE F 51 -55.14 -23.84 -23.66
C ILE F 51 -54.39 -23.50 -24.93
N GLU F 52 -54.17 -24.50 -25.78
CA GLU F 52 -53.45 -24.32 -27.03
C GLU F 52 -54.14 -23.29 -27.93
N ARG F 53 -55.46 -23.35 -27.99
CA ARG F 53 -56.23 -22.45 -28.82
C ARG F 53 -56.25 -21.03 -28.23
N ALA F 54 -56.31 -20.95 -26.91
CA ALA F 54 -56.34 -19.66 -26.22
C ALA F 54 -55.04 -18.91 -26.40
N VAL F 55 -53.93 -19.60 -26.19
CA VAL F 55 -52.61 -19.00 -26.33
C VAL F 55 -52.38 -18.55 -27.76
N ALA F 56 -52.77 -19.39 -28.72
CA ALA F 56 -52.63 -19.07 -30.14
C ALA F 56 -53.48 -17.86 -30.51
N ALA F 57 -54.69 -17.78 -29.96
CA ALA F 57 -55.57 -16.66 -30.19
C ALA F 57 -55.00 -15.37 -29.59
N ALA F 58 -54.37 -15.50 -28.44
CA ALA F 58 -53.73 -14.37 -27.77
C ALA F 58 -52.52 -13.89 -28.56
N ARG F 59 -51.73 -14.84 -29.06
CA ARG F 59 -50.56 -14.51 -29.87
C ARG F 59 -50.95 -13.78 -31.13
N ASP F 60 -52.04 -14.22 -31.76
CA ASP F 60 -52.57 -13.54 -32.94
C ASP F 60 -53.01 -12.13 -32.59
N ALA F 61 -53.74 -12.00 -31.49
CA ALA F 61 -54.22 -10.69 -31.04
C ALA F 61 -53.07 -9.76 -30.73
N PHE F 62 -52.02 -10.29 -30.10
CA PHE F 62 -50.85 -9.50 -29.74
C PHE F 62 -50.11 -9.06 -31.01
N ALA F 63 -50.02 -9.95 -31.98
CA ALA F 63 -49.31 -9.67 -33.22
C ALA F 63 -50.16 -8.80 -34.14
N GLY F 64 -51.46 -8.75 -33.88
CA GLY F 64 -52.39 -8.02 -34.72
C GLY F 64 -52.95 -6.74 -34.12
N PRO F 65 -54.29 -6.60 -34.17
CA PRO F 65 -55.04 -5.40 -33.76
C PRO F 65 -54.68 -4.86 -32.39
N TRP F 66 -54.67 -5.72 -31.37
CA TRP F 66 -54.42 -5.27 -30.00
C TRP F 66 -53.00 -4.74 -29.82
N GLY F 67 -52.04 -5.40 -30.46
CA GLY F 67 -50.65 -4.97 -30.40
C GLY F 67 -50.40 -3.73 -31.24
N ALA F 68 -51.25 -3.52 -32.24
CA ALA F 68 -51.12 -2.37 -33.13
C ALA F 68 -51.74 -1.13 -32.51
N ALA F 69 -52.52 -1.32 -31.45
CA ALA F 69 -53.15 -0.21 -30.76
C ALA F 69 -52.13 0.58 -29.96
N SER F 70 -52.36 1.89 -29.85
CA SER F 70 -51.50 2.75 -29.05
C SER F 70 -51.85 2.61 -27.57
N ALA F 71 -50.95 3.08 -26.71
CA ALA F 71 -51.16 3.00 -25.27
C ALA F 71 -52.40 3.81 -24.86
N ALA F 72 -52.58 4.97 -25.48
CA ALA F 72 -53.74 5.81 -25.20
C ALA F 72 -55.03 5.11 -25.61
N GLU F 73 -54.96 4.33 -26.69
CA GLU F 73 -56.11 3.59 -27.18
C GLU F 73 -56.46 2.43 -26.26
N ARG F 74 -55.44 1.81 -25.68
CA ARG F 74 -55.67 0.71 -24.74
C ARG F 74 -56.36 1.23 -23.48
N GLY F 75 -55.94 2.41 -23.04
CA GLY F 75 -56.54 3.05 -21.89
C GLY F 75 -58.01 3.35 -22.08
N ARG F 76 -58.37 3.80 -23.28
CA ARG F 76 -59.76 4.14 -23.59
C ARG F 76 -60.65 2.90 -23.56
N VAL F 77 -60.08 1.75 -23.93
CA VAL F 77 -60.79 0.48 -23.87
C VAL F 77 -61.02 0.13 -22.41
N LEU F 78 -59.99 0.30 -21.59
CA LEU F 78 -60.06 -0.01 -20.17
C LEU F 78 -61.05 0.90 -19.45
N MET F 79 -61.13 2.16 -19.88
CA MET F 79 -62.04 3.11 -19.26
CA MET F 79 -62.04 3.11 -19.28
C MET F 79 -63.49 2.78 -19.61
N ARG F 80 -63.72 2.38 -20.86
CA ARG F 80 -65.06 1.98 -21.27
C ARG F 80 -65.49 0.73 -20.51
N LEU F 81 -64.55 -0.19 -20.34
CA LEU F 81 -64.79 -1.41 -19.59
C LEU F 81 -65.07 -1.10 -18.12
N SER F 82 -64.35 -0.12 -17.59
CA SER F 82 -64.56 0.33 -16.21
C SER F 82 -66.00 0.79 -16.01
N ALA F 83 -66.48 1.61 -16.94
CA ALA F 83 -67.85 2.12 -16.88
C ALA F 83 -68.87 0.99 -17.00
N ARG F 84 -68.55 -0.03 -17.79
CA ARG F 84 -69.43 -1.17 -17.98
C ARG F 84 -69.55 -1.99 -16.69
N VAL F 85 -68.46 -2.06 -15.94
CA VAL F 85 -68.46 -2.77 -14.66
C VAL F 85 -69.30 -2.00 -13.65
N THR F 86 -69.12 -0.68 -13.63
CA THR F 86 -69.90 0.20 -12.75
C THR F 86 -71.39 0.11 -13.07
N ASP F 87 -71.73 0.04 -14.36
CA ASP F 87 -73.12 -0.07 -14.79
C ASP F 87 -73.73 -1.41 -14.41
N SER F 88 -72.90 -2.42 -14.22
CA SER F 88 -73.39 -3.77 -13.97
C SER F 88 -72.96 -4.29 -12.60
N ILE F 89 -72.80 -3.38 -11.65
CA ILE F 89 -72.36 -3.75 -10.30
C ILE F 89 -73.30 -4.76 -9.65
N GLU F 90 -74.60 -4.50 -9.75
CA GLU F 90 -75.61 -5.37 -9.15
C GLU F 90 -75.58 -6.77 -9.75
N GLU F 91 -75.49 -6.84 -11.07
CA GLU F 91 -75.45 -8.13 -11.77
C GLU F 91 -74.21 -8.92 -11.36
N LEU F 92 -73.05 -8.27 -11.42
CA LEU F 92 -71.79 -8.92 -11.08
C LEU F 92 -71.73 -9.35 -9.61
N ALA F 93 -72.26 -8.50 -8.73
CA ALA F 93 -72.24 -8.79 -7.30
C ALA F 93 -73.09 -10.02 -6.99
N ALA F 94 -74.26 -10.11 -7.62
CA ALA F 94 -75.14 -11.25 -7.42
C ALA F 94 -74.47 -12.54 -7.89
N ILE F 95 -73.72 -12.45 -8.98
CA ILE F 95 -73.01 -13.60 -9.52
C ILE F 95 -71.91 -14.02 -8.56
N GLU F 96 -71.10 -13.06 -8.14
CA GLU F 96 -69.95 -13.32 -7.27
C GLU F 96 -70.40 -13.86 -5.91
N ALA F 97 -71.46 -13.29 -5.38
CA ALA F 97 -71.97 -13.68 -4.06
C ALA F 97 -72.45 -15.13 -4.08
N ARG F 98 -73.24 -15.47 -5.09
CA ARG F 98 -73.80 -16.81 -5.22
C ARG F 98 -72.72 -17.84 -5.51
N ASP F 99 -71.64 -17.40 -6.16
CA ASP F 99 -70.58 -18.29 -6.60
C ASP F 99 -69.52 -18.50 -5.52
N THR F 100 -69.17 -17.44 -4.82
CA THR F 100 -68.12 -17.49 -3.81
C THR F 100 -68.67 -17.72 -2.41
N GLY F 101 -69.86 -17.21 -2.15
CA GLY F 101 -70.49 -17.35 -0.85
C GLY F 101 -70.44 -16.11 0.01
N LYS F 102 -69.60 -15.14 -0.37
CA LYS F 102 -69.43 -13.93 0.43
C LYS F 102 -70.73 -13.12 0.45
N PRO F 103 -70.98 -12.41 1.57
CA PRO F 103 -72.15 -11.54 1.70
C PRO F 103 -72.29 -10.55 0.54
N LEU F 104 -73.52 -10.17 0.22
CA LEU F 104 -73.80 -9.35 -0.96
C LEU F 104 -73.09 -7.99 -0.90
N LYS F 105 -72.92 -7.46 0.30
CA LYS F 105 -72.27 -6.17 0.49
C LYS F 105 -70.81 -6.23 0.05
N GLN F 106 -70.16 -7.33 0.33
CA GLN F 106 -68.75 -7.51 -0.03
C GLN F 106 -68.61 -7.77 -1.53
N ALA F 107 -69.57 -8.47 -2.11
CA ALA F 107 -69.58 -8.72 -3.54
C ALA F 107 -69.75 -7.43 -4.32
N ARG F 108 -70.57 -6.53 -3.78
CA ARG F 108 -70.75 -5.20 -4.36
C ARG F 108 -69.43 -4.43 -4.33
N ALA F 109 -68.73 -4.52 -3.21
CA ALA F 109 -67.46 -3.84 -3.04
C ALA F 109 -66.40 -4.41 -3.98
N ASP F 110 -66.45 -5.72 -4.18
CA ASP F 110 -65.52 -6.39 -5.11
C ASP F 110 -65.73 -5.91 -6.53
N ALA F 111 -66.99 -5.70 -6.91
CA ALA F 111 -67.32 -5.22 -8.25
C ALA F 111 -66.88 -3.77 -8.42
N ALA F 112 -67.06 -2.98 -7.37
CA ALA F 112 -66.64 -1.58 -7.40
C ALA F 112 -65.12 -1.47 -7.50
N ALA F 113 -64.43 -2.39 -6.84
CA ALA F 113 -62.97 -2.43 -6.89
C ALA F 113 -62.49 -2.82 -8.28
N LEU F 114 -63.26 -3.69 -8.94
CA LEU F 114 -62.94 -4.12 -10.29
C LEU F 114 -62.98 -2.94 -11.26
N ALA F 115 -64.03 -2.13 -11.14
CA ALA F 115 -64.18 -0.93 -11.96
C ALA F 115 -63.06 0.07 -11.68
N ARG F 116 -62.63 0.13 -10.41
CA ARG F 116 -61.58 1.04 -10.00
C ARG F 116 -60.21 0.60 -10.56
N TYR F 117 -60.00 -0.71 -10.64
CA TYR F 117 -58.78 -1.23 -11.26
C TYR F 117 -58.70 -0.82 -12.72
N PHE F 118 -59.80 -1.01 -13.43
CA PHE F 118 -59.85 -0.67 -14.85
C PHE F 118 -59.75 0.83 -15.08
N GLU F 119 -60.32 1.61 -14.18
CA GLU F 119 -60.25 3.07 -14.25
C GLU F 119 -58.81 3.56 -14.04
N PHE F 120 -58.18 3.03 -13.00
CA PHE F 120 -56.82 3.42 -12.64
C PHE F 120 -55.83 3.10 -13.76
N TYR F 121 -55.87 1.87 -14.26
CA TYR F 121 -54.94 1.44 -15.30
C TYR F 121 -55.28 2.02 -16.67
N ALA F 122 -56.51 2.50 -16.82
CA ALA F 122 -56.89 3.19 -18.05
C ALA F 122 -56.09 4.48 -18.19
N GLY F 123 -55.81 5.11 -17.06
CA GLY F 123 -55.08 6.37 -17.04
C GLY F 123 -53.57 6.20 -16.99
N ALA F 124 -53.11 4.97 -16.73
CA ALA F 124 -51.69 4.69 -16.57
C ALA F 124 -51.04 4.23 -17.86
N ALA F 125 -51.86 3.80 -18.81
CA ALA F 125 -51.38 3.16 -20.04
C ALA F 125 -50.36 4.00 -20.80
N ASP F 126 -50.72 5.22 -21.18
CA ASP F 126 -49.81 6.08 -21.94
C ASP F 126 -48.89 6.89 -21.03
N LYS F 127 -48.76 6.47 -19.78
CA LYS F 127 -47.90 7.16 -18.81
C LYS F 127 -46.73 6.30 -18.39
N LEU F 128 -46.67 5.07 -18.91
CA LEU F 128 -45.58 4.17 -18.60
C LEU F 128 -44.34 4.55 -19.42
N HIS F 129 -43.45 5.32 -18.81
CA HIS F 129 -42.31 5.88 -19.53
C HIS F 129 -41.05 5.01 -19.39
N GLY F 130 -40.27 4.97 -20.46
CA GLY F 130 -38.92 4.43 -20.39
C GLY F 130 -37.98 5.59 -20.10
N GLU F 131 -36.70 5.39 -20.35
CA GLU F 131 -35.71 6.43 -20.05
C GLU F 131 -34.72 6.65 -21.19
N THR F 132 -33.97 7.75 -21.10
CA THR F 132 -32.79 7.94 -21.94
C THR F 132 -31.59 8.02 -21.01
N LEU F 133 -30.54 7.27 -21.32
CA LEU F 133 -29.40 7.11 -20.43
C LEU F 133 -28.17 7.85 -20.96
N PRO F 134 -27.55 8.67 -20.09
CA PRO F 134 -26.28 9.34 -20.42
C PRO F 134 -25.19 8.35 -20.77
N TYR F 135 -24.60 8.48 -21.95
CA TYR F 135 -23.63 7.50 -22.42
C TYR F 135 -22.44 8.20 -23.10
N GLN F 136 -21.68 7.44 -23.87
CA GLN F 136 -20.50 7.95 -24.55
C GLN F 136 -20.85 9.03 -25.59
N ALA F 137 -19.87 9.84 -25.94
CA ALA F 137 -20.06 10.88 -26.96
C ALA F 137 -20.39 10.23 -28.30
N GLY F 138 -21.31 10.86 -29.02
CA GLY F 138 -21.72 10.33 -30.32
C GLY F 138 -22.73 9.21 -30.19
N TYR F 139 -23.29 9.04 -28.99
CA TYR F 139 -24.27 8.00 -28.73
C TYR F 139 -25.59 8.57 -28.21
N THR F 140 -26.67 7.85 -28.48
CA THR F 140 -27.96 8.14 -27.87
C THR F 140 -28.58 6.83 -27.39
N VAL F 141 -28.77 6.72 -26.09
CA VAL F 141 -29.31 5.50 -25.50
C VAL F 141 -30.70 5.76 -24.95
N LEU F 142 -31.66 4.94 -25.36
CA LEU F 142 -33.02 5.03 -24.87
C LEU F 142 -33.53 3.65 -24.47
N THR F 143 -34.39 3.63 -23.46
CA THR F 143 -35.01 2.37 -23.03
C THR F 143 -36.51 2.42 -23.28
N VAL F 144 -37.06 1.27 -23.66
CA VAL F 144 -38.50 1.16 -23.91
CA VAL F 144 -38.50 1.18 -23.89
C VAL F 144 -39.07 -0.01 -23.12
N ARG F 145 -40.20 0.21 -22.47
CA ARG F 145 -40.85 -0.83 -21.69
C ARG F 145 -41.95 -1.48 -22.52
N GLU F 146 -41.64 -2.66 -23.06
CA GLU F 146 -42.55 -3.37 -23.94
C GLU F 146 -43.27 -4.48 -23.20
N PRO F 147 -44.51 -4.80 -23.62
CA PRO F 147 -45.22 -5.92 -23.00
C PRO F 147 -44.49 -7.24 -23.26
N HIS F 148 -44.65 -8.21 -22.36
CA HIS F 148 -44.02 -9.51 -22.53
C HIS F 148 -44.53 -10.17 -23.81
N GLY F 149 -45.80 -9.96 -24.10
CA GLY F 149 -46.44 -10.58 -25.25
C GLY F 149 -47.74 -11.25 -24.86
N VAL F 150 -47.67 -12.55 -24.57
CA VAL F 150 -48.82 -13.30 -24.11
C VAL F 150 -48.64 -13.66 -22.64
N THR F 151 -49.50 -13.11 -21.79
CA THR F 151 -49.39 -13.35 -20.35
C THR F 151 -50.42 -14.37 -19.86
N GLY F 152 -49.97 -15.25 -18.98
CA GLY F 152 -50.85 -16.22 -18.34
C GLY F 152 -51.33 -15.69 -17.01
N HIS F 153 -52.58 -16.00 -16.66
CA HIS F 153 -53.16 -15.50 -15.43
C HIS F 153 -53.92 -16.60 -14.70
N ILE F 154 -53.43 -16.95 -13.51
CA ILE F 154 -54.12 -17.91 -12.65
C ILE F 154 -54.86 -17.15 -11.56
N VAL F 155 -56.18 -17.19 -11.61
CA VAL F 155 -57.02 -16.43 -10.70
C VAL F 155 -57.73 -17.38 -9.74
N PRO F 156 -57.56 -17.15 -8.42
CA PRO F 156 -58.16 -17.99 -7.38
C PRO F 156 -59.66 -17.74 -7.19
N TRP F 157 -60.24 -18.38 -6.17
CA TRP F 157 -61.69 -18.38 -5.97
C TRP F 157 -62.17 -17.36 -4.95
N ASN F 158 -61.26 -16.84 -4.12
CA ASN F 158 -61.67 -15.99 -3.00
C ASN F 158 -61.99 -14.56 -3.43
N TYR F 159 -61.25 -14.05 -4.42
CA TYR F 159 -61.56 -12.75 -5.01
C TYR F 159 -61.44 -12.80 -6.52
N PRO F 160 -62.39 -13.48 -7.19
CA PRO F 160 -62.32 -13.64 -8.65
C PRO F 160 -62.25 -12.31 -9.40
N MET F 161 -63.10 -11.36 -9.06
CA MET F 161 -63.14 -10.09 -9.78
C MET F 161 -61.98 -9.15 -9.44
N GLN F 162 -61.68 -9.01 -8.14
CA GLN F 162 -60.64 -8.09 -7.71
C GLN F 162 -59.26 -8.50 -8.24
N ILE F 163 -58.99 -9.79 -8.20
CA ILE F 163 -57.70 -10.30 -8.63
C ILE F 163 -57.63 -10.34 -10.16
N PHE F 164 -58.76 -10.60 -10.81
CA PHE F 164 -58.83 -10.50 -12.27
C PHE F 164 -58.45 -9.09 -12.71
N GLY F 165 -59.10 -8.10 -12.11
CA GLY F 165 -58.82 -6.70 -12.44
C GLY F 165 -57.39 -6.32 -12.15
N ARG F 166 -56.87 -6.77 -11.02
CA ARG F 166 -55.50 -6.49 -10.61
CA ARG F 166 -55.50 -6.42 -10.64
C ARG F 166 -54.48 -7.09 -11.58
N SER F 167 -54.77 -8.31 -12.02
CA SER F 167 -53.84 -9.04 -12.88
C SER F 167 -54.02 -8.70 -14.36
N VAL F 168 -55.23 -8.86 -14.86
CA VAL F 168 -55.50 -8.67 -16.28
C VAL F 168 -55.48 -7.18 -16.63
N GLY F 169 -56.02 -6.36 -15.73
CA GLY F 169 -56.08 -4.92 -15.95
C GLY F 169 -54.73 -4.27 -16.17
N ALA F 170 -53.73 -4.69 -15.41
CA ALA F 170 -52.40 -4.15 -15.56
C ALA F 170 -51.75 -4.71 -16.82
N ALA F 171 -51.95 -6.00 -17.05
CA ALA F 171 -51.39 -6.67 -18.22
C ALA F 171 -51.90 -6.05 -19.51
N LEU F 172 -53.20 -5.76 -19.56
CA LEU F 172 -53.79 -5.14 -20.73
C LEU F 172 -53.29 -3.72 -20.91
N ALA F 173 -53.19 -2.98 -19.82
CA ALA F 173 -52.66 -1.61 -19.85
C ALA F 173 -51.24 -1.61 -20.39
N ALA F 174 -50.47 -2.61 -19.96
CA ALA F 174 -49.08 -2.75 -20.40
C ALA F 174 -49.00 -3.15 -21.88
N GLY F 175 -50.08 -3.71 -22.40
CA GLY F 175 -50.16 -4.04 -23.81
C GLY F 175 -50.09 -5.53 -24.15
N ASN F 176 -50.27 -6.38 -23.14
CA ASN F 176 -50.21 -7.82 -23.35
C ASN F 176 -51.57 -8.38 -23.78
N ALA F 177 -51.53 -9.55 -24.42
CA ALA F 177 -52.73 -10.35 -24.64
C ALA F 177 -52.80 -11.39 -23.54
N CYS F 178 -54.01 -11.67 -23.04
CA CYS F 178 -54.16 -12.47 -21.83
C CYS F 178 -54.82 -13.83 -22.03
N VAL F 179 -54.25 -14.84 -21.38
CA VAL F 179 -54.89 -16.15 -21.25
C VAL F 179 -55.13 -16.39 -19.77
N VAL F 180 -56.39 -16.47 -19.37
CA VAL F 180 -56.74 -16.57 -17.97
C VAL F 180 -57.34 -17.93 -17.62
N LYS F 181 -56.78 -18.55 -16.58
CA LYS F 181 -57.35 -19.79 -16.05
C LYS F 181 -57.88 -19.53 -14.64
N PRO F 182 -59.16 -19.16 -14.55
CA PRO F 182 -59.79 -18.85 -13.25
C PRO F 182 -60.08 -20.11 -12.43
N ALA F 183 -60.48 -19.93 -11.17
CA ALA F 183 -60.65 -21.05 -10.25
C ALA F 183 -61.89 -21.88 -10.55
N GLU F 184 -61.76 -23.20 -10.38
CA GLU F 184 -62.87 -24.11 -10.64
C GLU F 184 -63.98 -24.00 -9.60
N ASP F 185 -63.67 -23.41 -8.45
CA ASP F 185 -64.65 -23.27 -7.38
C ASP F 185 -65.41 -21.95 -7.47
N ALA F 186 -64.88 -21.00 -8.23
CA ALA F 186 -65.53 -19.70 -8.42
C ALA F 186 -64.92 -18.95 -9.59
N CYS F 187 -65.67 -18.86 -10.70
CA CYS F 187 -65.17 -18.18 -11.88
C CYS F 187 -66.28 -17.66 -12.80
N LEU F 188 -67.52 -17.70 -12.33
CA LEU F 188 -68.64 -17.24 -13.15
C LEU F 188 -68.55 -15.75 -13.43
N SER F 189 -68.13 -14.97 -12.44
CA SER F 189 -68.04 -13.53 -12.59
C SER F 189 -67.03 -13.15 -13.67
N VAL F 190 -65.92 -13.89 -13.70
CA VAL F 190 -64.86 -13.63 -14.67
C VAL F 190 -65.36 -13.83 -16.10
N LEU F 191 -66.20 -14.84 -16.31
CA LEU F 191 -66.76 -15.11 -17.62
C LEU F 191 -67.63 -13.95 -18.10
N ARG F 192 -68.33 -13.32 -17.17
CA ARG F 192 -69.20 -12.20 -17.48
C ARG F 192 -68.40 -10.94 -17.80
N VAL F 193 -67.31 -10.74 -17.06
CA VAL F 193 -66.45 -9.58 -17.26
C VAL F 193 -65.84 -9.63 -18.66
N ALA F 194 -65.54 -10.84 -19.12
CA ALA F 194 -64.99 -11.05 -20.46
C ALA F 194 -65.96 -10.52 -21.52
N GLU F 195 -67.25 -10.74 -21.29
CA GLU F 195 -68.28 -10.21 -22.18
C GLU F 195 -68.26 -8.68 -22.18
N LEU F 196 -68.19 -8.10 -20.99
CA LEU F 196 -68.17 -6.65 -20.84
C LEU F 196 -66.96 -6.03 -21.52
N ALA F 197 -65.86 -6.78 -21.54
CA ALA F 197 -64.64 -6.34 -22.20
C ALA F 197 -64.83 -6.27 -23.71
N ALA F 198 -65.49 -7.29 -24.25
CA ALA F 198 -65.79 -7.33 -25.68
C ALA F 198 -66.69 -6.16 -26.07
N GLU F 199 -67.66 -5.86 -25.23
CA GLU F 199 -68.57 -4.74 -25.45
C GLU F 199 -67.82 -3.41 -25.34
N ALA F 200 -66.73 -3.40 -24.59
CA ALA F 200 -65.93 -2.20 -24.40
C ALA F 200 -65.06 -1.89 -25.61
N GLY F 201 -65.00 -2.84 -26.55
CA GLY F 201 -64.23 -2.65 -27.76
C GLY F 201 -62.87 -3.33 -27.74
N LEU F 202 -62.68 -4.23 -26.79
CA LEU F 202 -61.45 -5.01 -26.71
C LEU F 202 -61.41 -6.02 -27.84
N PRO F 203 -60.38 -5.93 -28.71
CA PRO F 203 -60.23 -6.80 -29.88
C PRO F 203 -60.28 -8.28 -29.52
N ALA F 204 -60.82 -9.09 -30.43
CA ALA F 204 -60.96 -10.52 -30.21
C ALA F 204 -59.61 -11.20 -30.00
N GLY F 205 -59.50 -11.96 -28.92
CA GLY F 205 -58.27 -12.66 -28.63
C GLY F 205 -57.40 -12.00 -27.57
N ALA F 206 -57.64 -10.71 -27.33
CA ALA F 206 -56.88 -9.96 -26.33
C ALA F 206 -57.14 -10.50 -24.92
N LEU F 207 -58.33 -11.06 -24.73
CA LEU F 207 -58.70 -11.66 -23.45
C LEU F 207 -59.28 -13.05 -23.66
N ASN F 208 -58.64 -14.05 -23.08
CA ASN F 208 -59.07 -15.43 -23.25
C ASN F 208 -59.27 -16.12 -21.90
N ILE F 209 -60.40 -16.78 -21.74
CA ILE F 209 -60.73 -17.46 -20.48
C ILE F 209 -60.88 -18.95 -20.72
N VAL F 210 -60.11 -19.75 -19.99
CA VAL F 210 -60.22 -21.21 -20.08
C VAL F 210 -60.50 -21.79 -18.70
N THR F 211 -61.76 -22.11 -18.44
CA THR F 211 -62.15 -22.70 -17.16
C THR F 211 -61.65 -24.14 -17.07
N GLY F 212 -61.44 -24.62 -15.85
CA GLY F 212 -60.97 -25.98 -15.64
C GLY F 212 -60.29 -26.21 -14.32
N TYR F 213 -59.87 -27.45 -14.07
CA TYR F 213 -59.18 -27.80 -12.85
C TYR F 213 -57.74 -27.30 -12.89
N GLY F 214 -57.14 -27.07 -11.72
CA GLY F 214 -55.78 -26.61 -11.63
C GLY F 214 -54.76 -27.59 -12.18
N HIS F 215 -54.98 -28.87 -11.94
CA HIS F 215 -54.05 -29.90 -12.37
C HIS F 215 -54.23 -30.23 -13.85
N GLU F 216 -55.24 -29.63 -14.48
CA GLU F 216 -55.48 -29.84 -15.91
C GLU F 216 -55.23 -28.56 -16.71
N ALA F 217 -56.24 -27.69 -16.75
CA ALA F 217 -56.13 -26.45 -17.52
C ALA F 217 -55.07 -25.53 -16.93
N GLY F 218 -54.94 -25.53 -15.61
CA GLY F 218 -53.96 -24.70 -14.93
C GLY F 218 -52.53 -25.11 -15.22
N ALA F 219 -52.26 -26.41 -15.09
CA ALA F 219 -50.91 -26.94 -15.32
C ALA F 219 -50.56 -26.85 -16.81
N ALA F 220 -51.56 -26.92 -17.67
CA ALA F 220 -51.35 -26.80 -19.11
C ALA F 220 -50.94 -25.38 -19.46
N LEU F 221 -51.40 -24.41 -18.68
CA LEU F 221 -51.04 -23.03 -18.88
C LEU F 221 -49.59 -22.80 -18.47
N ALA F 222 -49.25 -23.25 -17.27
CA ALA F 222 -47.94 -23.02 -16.69
C ALA F 222 -46.81 -23.68 -17.48
N ARG F 223 -47.15 -24.72 -18.24
CA ARG F 223 -46.15 -25.47 -18.98
C ARG F 223 -46.06 -25.04 -20.44
N HIS F 224 -46.99 -24.19 -20.88
CA HIS F 224 -47.06 -23.81 -22.28
C HIS F 224 -45.91 -22.89 -22.69
N PRO F 225 -45.22 -23.25 -23.77
CA PRO F 225 -44.07 -22.48 -24.26
C PRO F 225 -44.47 -21.18 -24.97
N GLY F 226 -45.77 -21.02 -25.24
CA GLY F 226 -46.28 -19.84 -25.91
C GLY F 226 -46.57 -18.68 -24.97
N ILE F 227 -46.35 -18.91 -23.67
CA ILE F 227 -46.57 -17.89 -22.65
C ILE F 227 -45.25 -17.16 -22.38
N ASP F 228 -45.34 -15.84 -22.15
CA ASP F 228 -44.13 -15.04 -21.91
C ASP F 228 -44.00 -14.62 -20.46
N HIS F 229 -45.11 -14.65 -19.72
CA HIS F 229 -45.13 -14.25 -18.32
C HIS F 229 -46.38 -14.78 -17.63
N ILE F 230 -46.23 -15.20 -16.38
CA ILE F 230 -47.35 -15.75 -15.64
C ILE F 230 -47.61 -14.98 -14.36
N SER F 231 -48.87 -14.63 -14.13
CA SER F 231 -49.30 -14.03 -12.88
C SER F 231 -50.07 -15.06 -12.06
N PHE F 232 -49.45 -15.54 -10.98
CA PHE F 232 -50.08 -16.57 -10.16
C PHE F 232 -50.49 -16.04 -8.79
N THR F 233 -51.69 -16.46 -8.37
CA THR F 233 -52.16 -16.18 -7.02
C THR F 233 -52.82 -17.43 -6.44
N GLY F 234 -52.30 -17.90 -5.32
CA GLY F 234 -52.81 -19.10 -4.68
C GLY F 234 -51.92 -19.65 -3.60
N SER F 235 -52.02 -20.95 -3.35
CA SER F 235 -51.26 -21.61 -2.29
C SER F 235 -49.77 -21.66 -2.64
N PRO F 236 -48.91 -21.68 -1.61
CA PRO F 236 -47.46 -21.79 -1.81
C PRO F 236 -47.07 -23.09 -2.53
N ALA F 237 -47.78 -24.18 -2.22
CA ALA F 237 -47.49 -25.47 -2.82
C ALA F 237 -47.69 -25.46 -4.33
N THR F 238 -48.75 -24.81 -4.77
CA THR F 238 -49.07 -24.76 -6.20
C THR F 238 -48.20 -23.71 -6.91
N GLY F 239 -47.95 -22.59 -6.22
CA GLY F 239 -47.09 -21.57 -6.76
C GLY F 239 -45.69 -22.08 -7.03
N LYS F 240 -45.23 -22.96 -6.14
CA LYS F 240 -43.96 -23.66 -6.31
C LYS F 240 -43.99 -24.50 -7.59
N LEU F 241 -45.06 -25.28 -7.75
CA LEU F 241 -45.22 -26.16 -8.90
C LEU F 241 -45.27 -25.36 -10.21
N VAL F 242 -46.05 -24.28 -10.20
CA VAL F 242 -46.19 -23.42 -11.38
C VAL F 242 -44.83 -22.86 -11.78
N THR F 243 -44.08 -22.40 -10.78
CA THR F 243 -42.76 -21.83 -11.00
C THR F 243 -41.82 -22.86 -11.65
N GLN F 244 -41.88 -24.10 -11.15
CA GLN F 244 -41.03 -25.16 -11.65
C GLN F 244 -41.47 -25.60 -13.05
N MET F 245 -42.78 -25.55 -13.29
CA MET F 245 -43.31 -25.89 -14.61
C MET F 245 -42.92 -24.85 -15.65
N ALA F 246 -43.05 -23.58 -15.28
CA ALA F 246 -42.72 -22.47 -16.18
C ALA F 246 -41.21 -22.35 -16.39
N ALA F 247 -40.44 -22.92 -15.47
CA ALA F 247 -38.99 -22.89 -15.56
C ALA F 247 -38.50 -23.69 -16.77
N GLU F 248 -39.33 -24.62 -17.24
CA GLU F 248 -39.00 -25.43 -18.41
C GLU F 248 -38.90 -24.58 -19.66
N ASN F 249 -39.68 -23.50 -19.70
CA ASN F 249 -39.68 -22.59 -20.84
C ASN F 249 -38.99 -21.28 -20.49
N HIS F 250 -38.36 -21.25 -19.31
CA HIS F 250 -37.69 -20.05 -18.80
C HIS F 250 -38.66 -18.88 -18.72
N VAL F 251 -39.89 -19.16 -18.29
CA VAL F 251 -40.92 -18.13 -18.19
C VAL F 251 -40.97 -17.55 -16.78
N PRO F 252 -40.92 -16.22 -16.69
CA PRO F 252 -41.02 -15.50 -15.40
C PRO F 252 -42.39 -15.71 -14.76
N VAL F 253 -42.42 -15.86 -13.44
CA VAL F 253 -43.67 -16.04 -12.72
C VAL F 253 -43.72 -15.14 -11.50
N THR F 254 -44.80 -14.36 -11.39
CA THR F 254 -45.06 -13.58 -10.19
C THR F 254 -45.88 -14.45 -9.23
N LEU F 255 -45.48 -14.46 -7.96
CA LEU F 255 -46.14 -15.31 -6.97
C LEU F 255 -46.83 -14.50 -5.88
N GLU F 256 -48.14 -14.41 -5.97
CA GLU F 256 -48.94 -13.81 -4.90
C GLU F 256 -49.53 -14.91 -4.03
N LEU F 257 -48.78 -15.30 -3.00
CA LEU F 257 -49.17 -16.43 -2.17
C LEU F 257 -49.90 -15.96 -0.90
N GLY F 258 -50.00 -16.86 0.08
CA GLY F 258 -50.69 -16.54 1.32
C GLY F 258 -49.83 -15.81 2.31
N GLY F 259 -50.38 -15.58 3.50
CA GLY F 259 -49.65 -14.90 4.56
C GLY F 259 -50.13 -15.25 5.95
N LYS F 260 -49.43 -14.71 6.95
CA LYS F 260 -49.85 -14.82 8.33
C LYS F 260 -49.69 -13.44 8.96
N SER F 261 -50.42 -12.48 8.40
CA SER F 261 -50.25 -11.06 8.72
C SER F 261 -50.66 -10.73 10.15
N PRO F 262 -49.74 -10.10 10.90
CA PRO F 262 -49.99 -9.70 12.29
C PRO F 262 -50.60 -8.30 12.42
N GLN F 263 -51.43 -8.12 13.43
CA GLN F 263 -51.88 -6.80 13.84
C GLN F 263 -51.20 -6.46 15.16
N ILE F 264 -50.31 -5.47 15.13
CA ILE F 264 -49.52 -5.14 16.32
C ILE F 264 -50.14 -3.96 17.06
N VAL F 265 -50.63 -4.22 18.26
CA VAL F 265 -51.29 -3.19 19.06
C VAL F 265 -50.47 -2.84 20.29
N PHE F 266 -50.22 -1.55 20.49
CA PHE F 266 -49.49 -1.08 21.66
C PHE F 266 -50.43 -0.46 22.68
N ALA F 267 -49.92 -0.21 23.88
CA ALA F 267 -50.74 0.28 24.98
C ALA F 267 -51.29 1.69 24.75
N ASP F 268 -50.61 2.46 23.91
CA ASP F 268 -51.01 3.84 23.65
C ASP F 268 -51.94 3.96 22.44
N ALA F 269 -52.35 2.81 21.90
CA ALA F 269 -53.17 2.79 20.69
C ALA F 269 -54.62 3.14 20.96
N ASP F 270 -55.30 3.64 19.93
CA ASP F 270 -56.72 3.93 20.01
C ASP F 270 -57.51 2.64 19.81
N LEU F 271 -57.86 1.98 20.92
CA LEU F 271 -58.54 0.70 20.87
C LEU F 271 -59.95 0.83 20.28
N ASP F 272 -60.57 1.99 20.49
CA ASP F 272 -61.90 2.25 19.94
C ASP F 272 -61.87 2.26 18.41
N ALA F 273 -60.77 2.75 17.85
CA ALA F 273 -60.62 2.82 16.40
C ALA F 273 -60.08 1.51 15.85
N ALA F 274 -59.23 0.85 16.64
CA ALA F 274 -58.57 -0.36 16.20
C ALA F 274 -59.52 -1.56 16.16
N LEU F 275 -60.37 -1.67 17.18
CA LEU F 275 -61.23 -2.84 17.37
C LEU F 275 -62.04 -3.26 16.14
N PRO F 276 -62.77 -2.33 15.48
CA PRO F 276 -63.55 -2.79 14.34
C PRO F 276 -62.68 -3.26 13.17
N VAL F 277 -61.54 -2.60 12.99
CA VAL F 277 -60.61 -2.96 11.93
C VAL F 277 -59.98 -4.31 12.22
N LEU F 278 -59.66 -4.54 13.50
CA LEU F 278 -59.12 -5.83 13.93
C LEU F 278 -60.07 -6.97 13.58
N VAL F 279 -61.36 -6.73 13.80
CA VAL F 279 -62.39 -7.73 13.55
C VAL F 279 -62.59 -7.94 12.05
N SER F 280 -62.78 -6.84 11.32
CA SER F 280 -63.07 -6.91 9.90
CA SER F 280 -63.08 -6.92 9.89
C SER F 280 -61.92 -7.52 9.10
N ALA F 281 -60.69 -7.26 9.53
CA ALA F 281 -59.51 -7.72 8.80
C ALA F 281 -59.35 -9.24 8.81
N ILE F 282 -60.11 -9.93 9.66
CA ILE F 282 -60.04 -11.38 9.72
C ILE F 282 -61.41 -11.98 9.37
N VAL F 283 -62.46 -11.20 9.55
CA VAL F 283 -63.82 -11.68 9.29
C VAL F 283 -64.17 -11.56 7.81
N GLN F 284 -63.66 -10.51 7.17
CA GLN F 284 -63.93 -10.26 5.75
C GLN F 284 -63.68 -11.49 4.88
N ASN F 285 -64.66 -11.80 4.03
CA ASN F 285 -64.59 -12.93 3.11
C ASN F 285 -64.35 -14.25 3.85
N GLY F 286 -64.78 -14.31 5.11
CA GLY F 286 -64.62 -15.51 5.92
C GLY F 286 -63.18 -15.87 6.19
N GLY F 287 -62.32 -14.86 6.30
CA GLY F 287 -60.90 -15.07 6.55
C GLY F 287 -60.15 -15.64 5.35
N GLN F 288 -60.86 -15.85 4.26
CA GLN F 288 -60.28 -16.42 3.04
C GLN F 288 -59.58 -15.33 2.23
N THR F 289 -58.56 -14.74 2.84
CA THR F 289 -57.81 -13.65 2.24
C THR F 289 -56.34 -13.82 2.55
N CYS F 290 -55.50 -13.73 1.51
CA CYS F 290 -54.05 -13.90 1.66
C CYS F 290 -53.48 -12.94 2.71
N SER F 291 -54.00 -11.71 2.71
CA SER F 291 -53.46 -10.67 3.58
C SER F 291 -54.29 -10.45 4.84
N ALA F 292 -55.16 -11.42 5.16
CA ALA F 292 -56.00 -11.32 6.34
C ALA F 292 -55.17 -11.22 7.62
N GLY F 293 -55.62 -10.38 8.54
CA GLY F 293 -54.94 -10.24 9.82
C GLY F 293 -55.28 -11.38 10.76
N SER F 294 -54.57 -12.49 10.61
CA SER F 294 -54.88 -13.70 11.36
C SER F 294 -54.15 -13.73 12.71
N ARG F 295 -53.35 -12.71 12.97
CA ARG F 295 -52.64 -12.58 14.24
C ARG F 295 -52.82 -11.20 14.83
N VAL F 296 -53.13 -11.14 16.12
CA VAL F 296 -53.12 -9.86 16.81
C VAL F 296 -52.09 -9.93 17.95
N LEU F 297 -51.07 -9.10 17.83
CA LEU F 297 -50.00 -9.04 18.83
C LEU F 297 -50.20 -7.81 19.70
N ILE F 298 -50.42 -8.04 20.99
CA ILE F 298 -50.81 -6.95 21.89
C ILE F 298 -49.78 -6.74 23.00
N GLU F 299 -49.45 -5.48 23.25
CA GLU F 299 -48.58 -5.15 24.38
C GLU F 299 -49.25 -5.62 25.67
N ARG F 300 -48.45 -6.17 26.59
CA ARG F 300 -48.97 -6.80 27.80
C ARG F 300 -49.96 -5.95 28.58
N ALA F 301 -49.68 -4.65 28.66
CA ALA F 301 -50.50 -3.73 29.46
C ALA F 301 -51.96 -3.71 29.03
N VAL F 302 -52.21 -3.89 27.73
CA VAL F 302 -53.57 -3.84 27.21
C VAL F 302 -53.99 -5.17 26.60
N TYR F 303 -53.21 -6.22 26.86
CA TYR F 303 -53.50 -7.53 26.30
C TYR F 303 -54.86 -8.05 26.75
N GLU F 304 -55.05 -8.16 28.07
CA GLU F 304 -56.33 -8.65 28.61
C GLU F 304 -57.53 -7.75 28.26
N PRO F 305 -57.41 -6.42 28.40
CA PRO F 305 -58.57 -5.59 28.04
C PRO F 305 -58.99 -5.72 26.56
N LEU F 306 -58.03 -5.72 25.65
CA LEU F 306 -58.34 -5.81 24.22
C LEU F 306 -58.89 -7.20 23.87
N VAL F 307 -58.37 -8.23 24.51
CA VAL F 307 -58.86 -9.59 24.30
C VAL F 307 -60.33 -9.68 24.71
N GLU F 308 -60.67 -9.05 25.81
CA GLU F 308 -62.04 -9.06 26.32
C GLU F 308 -63.00 -8.36 25.35
N ARG F 309 -62.53 -7.26 24.75
CA ARG F 309 -63.35 -6.51 23.80
C ARG F 309 -63.47 -7.28 22.49
N LEU F 310 -62.38 -7.90 22.06
CA LEU F 310 -62.41 -8.75 20.87
C LEU F 310 -63.34 -9.94 21.08
N ALA F 311 -63.35 -10.47 22.30
CA ALA F 311 -64.20 -11.61 22.63
C ALA F 311 -65.67 -11.22 22.61
N THR F 312 -65.95 -9.99 23.04
CA THR F 312 -67.32 -9.47 23.01
C THR F 312 -67.74 -9.23 21.56
N ALA F 313 -66.84 -8.66 20.77
CA ALA F 313 -67.10 -8.39 19.36
C ALA F 313 -67.36 -9.68 18.60
N PHE F 314 -66.54 -10.70 18.85
CA PHE F 314 -66.66 -11.98 18.15
C PHE F 314 -67.95 -12.71 18.51
N ASN F 315 -68.37 -12.62 19.77
CA ASN F 315 -69.58 -13.30 20.23
C ASN F 315 -70.83 -12.76 19.54
N GLY F 316 -70.75 -11.51 19.07
CA GLY F 316 -71.88 -10.89 18.40
C GLY F 316 -71.87 -11.07 16.88
N LEU F 317 -70.89 -11.79 16.37
CA LEU F 317 -70.79 -12.03 14.93
C LEU F 317 -71.81 -13.06 14.48
N ARG F 318 -72.42 -12.82 13.32
CA ARG F 318 -73.45 -13.71 12.80
C ARG F 318 -73.10 -14.22 11.40
N VAL F 319 -73.18 -15.52 11.21
CA VAL F 319 -72.86 -16.15 9.95
C VAL F 319 -74.09 -16.80 9.34
N GLY F 320 -74.28 -16.60 8.04
CA GLY F 320 -75.40 -17.20 7.34
C GLY F 320 -75.23 -17.13 5.84
N PRO F 321 -76.29 -17.52 5.09
CA PRO F 321 -76.30 -17.48 3.63
C PRO F 321 -75.88 -16.13 3.06
N SER F 322 -75.34 -16.13 1.85
CA SER F 322 -74.87 -14.90 1.22
C SER F 322 -75.99 -13.89 1.04
N ARG F 323 -77.18 -14.38 0.69
CA ARG F 323 -78.34 -13.51 0.50
C ARG F 323 -78.76 -12.82 1.80
N ALA F 324 -78.47 -13.46 2.93
CA ALA F 324 -78.79 -12.89 4.23
C ALA F 324 -77.96 -11.64 4.50
N ASP F 325 -76.77 -11.59 3.88
CA ASP F 325 -75.88 -10.44 3.96
C ASP F 325 -75.54 -10.07 5.41
N LEU F 326 -75.06 -11.05 6.16
CA LEU F 326 -74.68 -10.83 7.55
C LEU F 326 -73.20 -10.47 7.67
N ASP F 327 -72.63 -10.69 8.85
CA ASP F 327 -71.22 -10.37 9.09
C ASP F 327 -70.31 -11.26 8.27
N CYS F 328 -70.76 -12.47 7.99
CA CYS F 328 -69.92 -13.46 7.33
C CYS F 328 -70.76 -14.50 6.60
N GLY F 329 -70.23 -15.05 5.52
CA GLY F 329 -70.91 -16.09 4.78
C GLY F 329 -70.28 -17.45 5.02
N PRO F 330 -70.58 -18.42 4.15
CA PRO F 330 -69.97 -19.75 4.23
C PRO F 330 -68.56 -19.75 3.67
N LEU F 331 -67.84 -20.85 3.87
CA LEU F 331 -66.55 -21.03 3.21
C LEU F 331 -66.80 -21.57 1.80
N ILE F 332 -65.75 -21.63 0.99
CA ILE F 332 -65.92 -21.93 -0.43
C ILE F 332 -66.36 -23.38 -0.68
N ASN F 333 -65.86 -24.32 0.12
CA ASN F 333 -66.22 -25.72 -0.06
C ASN F 333 -65.92 -26.58 1.18
N ALA F 334 -66.30 -27.85 1.13
CA ALA F 334 -66.15 -28.76 2.26
C ALA F 334 -64.70 -29.00 2.62
N LYS F 335 -63.84 -29.08 1.60
CA LYS F 335 -62.42 -29.30 1.81
C LYS F 335 -61.81 -28.18 2.67
N GLN F 336 -62.15 -26.94 2.32
CA GLN F 336 -61.66 -25.78 3.06
C GLN F 336 -62.26 -25.73 4.46
N GLN F 337 -63.54 -26.09 4.56
CA GLN F 337 -64.23 -26.12 5.83
C GLN F 337 -63.56 -27.11 6.77
N GLN F 338 -63.28 -28.31 6.25
CA GLN F 338 -62.61 -29.35 7.01
C GLN F 338 -61.22 -28.90 7.44
N ARG F 339 -60.54 -28.17 6.56
CA ARG F 339 -59.19 -27.71 6.85
C ARG F 339 -59.19 -26.73 8.03
N VAL F 340 -60.26 -25.95 8.15
CA VAL F 340 -60.40 -25.01 9.25
C VAL F 340 -60.69 -25.78 10.54
N TRP F 341 -61.57 -26.79 10.43
CA TRP F 341 -61.89 -27.66 11.55
C TRP F 341 -60.64 -28.32 12.13
N ASP F 342 -59.72 -28.70 11.24
CA ASP F 342 -58.46 -29.31 11.65
C ASP F 342 -57.65 -28.37 12.52
N PHE F 343 -57.51 -27.13 12.07
CA PHE F 343 -56.78 -26.11 12.85
C PHE F 343 -57.41 -25.90 14.21
N LEU F 344 -58.73 -25.76 14.23
CA LEU F 344 -59.47 -25.51 15.47
C LEU F 344 -59.32 -26.67 16.44
N SER F 345 -59.52 -27.88 15.95
CA SER F 345 -59.41 -29.08 16.78
C SER F 345 -57.99 -29.26 17.29
N ASP F 346 -57.02 -29.02 16.42
CA ASP F 346 -55.61 -29.14 16.79
C ASP F 346 -55.25 -28.18 17.90
N ALA F 347 -55.67 -26.93 17.74
CA ALA F 347 -55.39 -25.90 18.73
C ALA F 347 -56.05 -26.21 20.07
N GLN F 348 -57.29 -26.70 20.02
CA GLN F 348 -58.04 -27.04 21.23
C GLN F 348 -57.35 -28.14 22.02
N HIS F 349 -56.94 -29.20 21.32
CA HIS F 349 -56.32 -30.35 21.97
C HIS F 349 -54.97 -29.99 22.60
N ASP F 350 -54.32 -28.95 22.09
CA ASP F 350 -53.05 -28.50 22.63
C ASP F 350 -53.27 -27.54 23.80
N GLY F 351 -54.53 -27.33 24.17
CA GLY F 351 -54.86 -26.54 25.33
C GLY F 351 -55.00 -25.04 25.09
N ILE F 352 -55.01 -24.65 23.82
CA ILE F 352 -55.18 -23.25 23.46
C ILE F 352 -56.63 -22.85 23.68
N PRO F 353 -56.87 -21.91 24.61
CA PRO F 353 -58.23 -21.50 24.96
C PRO F 353 -58.91 -20.70 23.86
N MET F 354 -60.18 -20.98 23.59
CA MET F 354 -60.96 -20.16 22.68
C MET F 354 -61.69 -19.10 23.48
N ALA F 355 -61.29 -17.84 23.28
CA ALA F 355 -61.89 -16.73 24.00
C ALA F 355 -63.35 -16.53 23.62
N ALA F 356 -63.64 -16.64 22.33
CA ALA F 356 -64.99 -16.43 21.83
C ALA F 356 -65.16 -16.97 20.41
N HIS F 357 -66.41 -17.13 20.00
CA HIS F 357 -66.71 -17.55 18.64
C HIS F 357 -68.03 -16.94 18.18
N GLY F 358 -68.20 -16.84 16.86
CA GLY F 358 -69.40 -16.27 16.29
C GLY F 358 -70.58 -17.22 16.30
N GLN F 359 -71.63 -16.86 15.58
CA GLN F 359 -72.84 -17.67 15.54
C GLN F 359 -73.30 -17.95 14.11
N VAL F 360 -73.52 -19.21 13.79
CA VAL F 360 -74.14 -19.59 12.54
C VAL F 360 -75.65 -19.60 12.77
N VAL F 361 -76.39 -18.91 11.91
CA VAL F 361 -77.83 -18.81 12.06
C VAL F 361 -78.46 -20.20 11.92
N ALA F 362 -79.53 -20.44 12.68
CA ALA F 362 -80.17 -21.75 12.71
C ALA F 362 -80.77 -22.13 11.36
N ASP F 363 -81.24 -21.14 10.62
CA ASP F 363 -81.92 -21.41 9.34
C ASP F 363 -80.94 -21.57 8.19
N ALA F 364 -79.65 -21.47 8.48
CA ALA F 364 -78.62 -21.70 7.47
C ALA F 364 -78.61 -23.16 7.04
N PRO F 365 -78.70 -23.42 5.73
CA PRO F 365 -78.73 -24.77 5.16
C PRO F 365 -77.59 -25.66 5.66
N GLU F 366 -77.93 -26.88 6.09
CA GLU F 366 -76.96 -27.81 6.65
C GLU F 366 -75.95 -28.26 5.61
N SER F 367 -76.36 -28.28 4.34
CA SER F 367 -75.49 -28.71 3.25
C SER F 367 -74.53 -27.61 2.84
N GLY F 368 -74.66 -26.44 3.46
CA GLY F 368 -73.74 -25.35 3.25
C GLY F 368 -72.46 -25.54 4.03
N PHE F 369 -71.42 -24.80 3.67
CA PHE F 369 -70.12 -24.93 4.32
C PHE F 369 -69.88 -23.76 5.26
N TYR F 370 -70.54 -23.79 6.41
CA TYR F 370 -70.51 -22.67 7.35
C TYR F 370 -69.50 -22.86 8.47
N GLN F 371 -68.89 -21.74 8.89
CA GLN F 371 -67.91 -21.74 9.96
C GLN F 371 -67.92 -20.38 10.66
N ALA F 372 -68.24 -20.38 11.95
CA ALA F 372 -68.26 -19.14 12.72
C ALA F 372 -66.85 -18.66 13.00
N PRO F 373 -66.64 -17.33 12.99
CA PRO F 373 -65.35 -16.75 13.36
C PRO F 373 -64.94 -17.18 14.76
N ALA F 374 -63.64 -17.43 14.96
CA ALA F 374 -63.16 -17.92 16.24
C ALA F 374 -61.97 -17.11 16.74
N LEU F 375 -62.02 -16.76 18.03
CA LEU F 375 -60.94 -16.02 18.66
C LEU F 375 -60.21 -16.91 19.67
N LEU F 376 -58.91 -17.11 19.45
CA LEU F 376 -58.11 -17.92 20.36
C LEU F 376 -57.03 -17.07 21.03
N ARG F 377 -56.83 -17.28 22.32
CA ARG F 377 -55.90 -16.48 23.10
C ARG F 377 -54.73 -17.29 23.62
N ASP F 378 -53.70 -16.59 24.09
CA ASP F 378 -52.51 -17.22 24.67
C ASP F 378 -51.85 -18.19 23.69
N VAL F 379 -51.96 -17.89 22.40
CA VAL F 379 -51.45 -18.77 21.36
C VAL F 379 -49.93 -18.74 21.33
N PRO F 380 -49.30 -19.91 21.48
CA PRO F 380 -47.84 -20.01 21.39
C PRO F 380 -47.36 -19.56 20.01
N PRO F 381 -46.33 -18.70 19.98
CA PRO F 381 -45.77 -18.17 18.73
C PRO F 381 -45.28 -19.28 17.79
N SER F 382 -44.79 -20.37 18.38
CA SER F 382 -44.24 -21.46 17.59
C SER F 382 -45.31 -22.47 17.17
N HIS F 383 -46.51 -22.32 17.72
CA HIS F 383 -47.58 -23.26 17.45
C HIS F 383 -48.05 -23.17 16.00
N ARG F 384 -48.56 -24.29 15.49
CA ARG F 384 -49.03 -24.40 14.11
C ARG F 384 -50.06 -23.32 13.75
N LEU F 385 -50.94 -23.01 14.69
CA LEU F 385 -52.00 -22.03 14.46
C LEU F 385 -51.43 -20.64 14.24
N ALA F 386 -50.26 -20.38 14.80
CA ALA F 386 -49.63 -19.06 14.70
C ALA F 386 -48.54 -19.04 13.63
N GLN F 387 -48.30 -20.20 13.03
CA GLN F 387 -47.22 -20.34 12.04
C GLN F 387 -47.76 -20.67 10.66
N GLU F 388 -48.96 -21.23 10.59
CA GLU F 388 -49.55 -21.64 9.32
C GLU F 388 -50.80 -20.85 8.98
N GLU F 389 -51.04 -20.67 7.69
CA GLU F 389 -52.21 -19.96 7.21
C GLU F 389 -53.46 -20.84 7.30
N VAL F 390 -54.50 -20.33 7.96
CA VAL F 390 -55.71 -21.09 8.18
C VAL F 390 -56.68 -20.95 7.01
N PHE F 391 -56.74 -19.74 6.46
CA PHE F 391 -57.71 -19.38 5.42
C PHE F 391 -59.14 -19.60 5.91
N GLY F 392 -59.36 -19.26 7.17
CA GLY F 392 -60.69 -19.20 7.76
C GLY F 392 -60.76 -18.00 8.67
N PRO F 393 -61.94 -17.70 9.23
CA PRO F 393 -62.07 -16.53 10.09
C PRO F 393 -61.54 -16.78 11.50
N VAL F 394 -60.28 -17.16 11.59
CA VAL F 394 -59.66 -17.52 12.86
C VAL F 394 -58.57 -16.52 13.24
N LEU F 395 -58.73 -15.91 14.40
CA LEU F 395 -57.75 -14.93 14.88
C LEU F 395 -56.95 -15.48 16.05
N ALA F 396 -55.63 -15.35 15.98
CA ALA F 396 -54.75 -15.84 17.03
C ALA F 396 -54.19 -14.68 17.85
N ALA F 397 -54.49 -14.67 19.14
CA ALA F 397 -54.09 -13.58 20.02
C ALA F 397 -52.96 -13.97 20.95
N MET F 398 -51.98 -13.09 21.09
CA MET F 398 -50.87 -13.29 22.01
C MET F 398 -50.29 -11.95 22.44
N ARG F 399 -49.44 -11.96 23.46
CA ARG F 399 -48.89 -10.73 24.01
C ARG F 399 -47.40 -10.57 23.72
N PHE F 400 -46.92 -9.33 23.83
CA PHE F 400 -45.49 -9.06 23.74
C PHE F 400 -45.09 -8.01 24.77
N VAL F 401 -43.82 -8.02 25.17
CA VAL F 401 -43.36 -7.14 26.24
C VAL F 401 -42.85 -5.80 25.71
N ASP F 402 -42.20 -5.83 24.54
CA ASP F 402 -41.68 -4.59 23.94
C ASP F 402 -41.60 -4.68 22.42
N GLU F 403 -41.09 -3.61 21.80
CA GLU F 403 -40.98 -3.53 20.36
C GLU F 403 -40.14 -4.67 19.78
N ASP F 404 -39.03 -4.98 20.44
CA ASP F 404 -38.13 -6.02 19.98
C ASP F 404 -38.83 -7.38 19.86
N GLU F 405 -39.62 -7.74 20.86
CA GLU F 405 -40.36 -8.99 20.81
C GLU F 405 -41.48 -8.89 19.79
N ALA F 406 -42.09 -7.71 19.71
CA ALA F 406 -43.14 -7.46 18.72
C ALA F 406 -42.61 -7.69 17.31
N VAL F 407 -41.41 -7.21 17.05
CA VAL F 407 -40.76 -7.40 15.75
C VAL F 407 -40.40 -8.87 15.56
N ALA F 408 -39.85 -9.48 16.62
CA ALA F 408 -39.45 -10.87 16.58
C ALA F 408 -40.63 -11.79 16.28
N LEU F 409 -41.77 -11.50 16.91
CA LEU F 409 -42.97 -12.30 16.72
C LEU F 409 -43.60 -12.07 15.36
N ALA F 410 -43.59 -10.82 14.92
CA ALA F 410 -44.21 -10.45 13.64
C ALA F 410 -43.47 -11.08 12.46
N ASN F 411 -42.15 -11.16 12.56
CA ASN F 411 -41.33 -11.70 11.49
C ASN F 411 -40.97 -13.16 11.71
N GLY F 412 -41.61 -13.78 12.70
CA GLY F 412 -41.28 -15.14 13.11
C GLY F 412 -41.98 -16.26 12.36
N THR F 413 -42.68 -15.92 11.28
CA THR F 413 -43.35 -16.93 10.46
C THR F 413 -42.70 -16.97 9.08
N PRO F 414 -42.93 -18.04 8.31
CA PRO F 414 -42.40 -18.08 6.94
C PRO F 414 -43.02 -17.03 6.03
N TYR F 415 -44.09 -16.39 6.49
CA TYR F 415 -44.81 -15.43 5.66
C TYR F 415 -44.34 -14.00 5.89
N GLY F 416 -44.65 -13.13 4.94
CA GLY F 416 -44.30 -11.73 5.02
C GLY F 416 -45.06 -10.93 3.98
N LEU F 417 -46.36 -10.78 4.20
CA LEU F 417 -47.23 -10.15 3.21
C LEU F 417 -47.63 -8.74 3.62
N VAL F 418 -48.40 -8.66 4.69
CA VAL F 418 -48.92 -7.38 5.17
C VAL F 418 -48.72 -7.30 6.69
N ALA F 419 -48.61 -6.08 7.22
CA ALA F 419 -48.55 -5.90 8.66
C ALA F 419 -49.30 -4.64 9.08
N GLY F 420 -50.03 -4.75 10.18
CA GLY F 420 -50.73 -3.61 10.74
C GLY F 420 -50.10 -3.13 12.03
N ILE F 421 -49.93 -1.82 12.15
CA ILE F 421 -49.35 -1.23 13.35
C ILE F 421 -50.34 -0.26 13.99
N TRP F 422 -50.62 -0.47 15.26
CA TRP F 422 -51.54 0.40 15.99
C TRP F 422 -50.86 0.99 17.23
N THR F 423 -50.57 2.28 17.15
CA THR F 423 -49.91 3.00 18.23
C THR F 423 -49.95 4.50 17.92
N ARG F 424 -49.82 5.33 18.94
CA ARG F 424 -49.83 6.78 18.76
C ARG F 424 -48.41 7.35 18.64
N ASP F 425 -47.44 6.55 19.04
CA ASP F 425 -46.04 6.97 19.02
C ASP F 425 -45.53 7.07 17.59
N GLY F 426 -45.20 8.30 17.18
CA GLY F 426 -44.76 8.55 15.82
C GLY F 426 -43.49 7.84 15.40
N ALA F 427 -42.44 7.99 16.21
CA ALA F 427 -41.15 7.39 15.91
C ALA F 427 -41.26 5.86 15.88
N ARG F 428 -42.09 5.31 16.77
CA ARG F 428 -42.31 3.88 16.83
C ARG F 428 -42.96 3.35 15.56
N GLN F 429 -43.89 4.12 15.02
CA GLN F 429 -44.59 3.75 13.78
C GLN F 429 -43.63 3.54 12.61
N MET F 430 -42.74 4.51 12.40
CA MET F 430 -41.81 4.45 11.29
C MET F 430 -40.66 3.47 11.58
N ARG F 431 -40.33 3.34 12.86
CA ARG F 431 -39.26 2.44 13.27
C ARG F 431 -39.66 0.99 13.02
N LEU F 432 -40.88 0.64 13.39
CA LEU F 432 -41.39 -0.70 13.15
C LEU F 432 -41.62 -0.96 11.68
N ALA F 433 -42.10 0.06 10.97
CA ALA F 433 -42.39 -0.06 9.53
C ALA F 433 -41.15 -0.48 8.73
N ARG F 434 -39.98 -0.03 9.18
CA ARG F 434 -38.73 -0.39 8.53
C ARG F 434 -38.22 -1.78 8.93
N ARG F 435 -38.60 -2.22 10.13
CA ARG F 435 -38.10 -3.49 10.65
C ARG F 435 -38.96 -4.68 10.25
N LEU F 436 -40.23 -4.42 9.95
CA LEU F 436 -41.15 -5.49 9.60
C LEU F 436 -40.90 -6.03 8.20
N ARG F 437 -40.86 -7.35 8.08
CA ARG F 437 -40.73 -7.99 6.78
C ARG F 437 -42.11 -8.14 6.16
N ALA F 438 -42.48 -7.19 5.30
CA ALA F 438 -43.79 -7.19 4.67
C ALA F 438 -43.78 -6.34 3.41
N GLY F 439 -44.69 -6.66 2.49
CA GLY F 439 -44.84 -5.89 1.27
C GLY F 439 -45.63 -4.61 1.51
N GLN F 440 -46.52 -4.66 2.50
CA GLN F 440 -47.31 -3.51 2.88
C GLN F 440 -47.35 -3.34 4.39
N VAL F 441 -47.14 -2.11 4.85
CA VAL F 441 -47.23 -1.80 6.26
C VAL F 441 -48.26 -0.70 6.45
N PHE F 442 -49.28 -0.98 7.27
CA PHE F 442 -50.33 -0.02 7.52
C PHE F 442 -50.23 0.54 8.92
N ILE F 443 -50.26 1.87 9.01
CA ILE F 443 -50.16 2.58 10.28
C ILE F 443 -51.53 3.09 10.72
N ASN F 444 -52.04 2.54 11.82
CA ASN F 444 -53.35 2.91 12.35
C ASN F 444 -54.47 2.72 11.32
N ASN F 445 -54.32 1.69 10.50
CA ASN F 445 -55.36 1.23 9.59
C ASN F 445 -54.99 -0.16 9.10
N TYR F 446 -55.67 -0.65 8.07
CA TYR F 446 -55.38 -1.98 7.53
C TYR F 446 -56.01 -2.18 6.17
N GLY F 447 -55.25 -1.90 5.11
CA GLY F 447 -55.77 -2.01 3.75
C GLY F 447 -56.65 -0.83 3.39
N ALA F 448 -56.62 0.19 4.25
CA ALA F 448 -57.49 1.36 4.16
C ALA F 448 -59.00 0.90 4.08
N GLY F 449 -59.78 0.92 2.98
CA GLY F 449 -59.53 1.37 1.62
C GLY F 449 -59.59 0.28 0.57
N GLY F 450 -59.51 0.69 -0.69
CA GLY F 450 -59.46 -0.25 -1.79
C GLY F 450 -58.07 -0.82 -1.95
N GLY F 451 -57.08 0.05 -1.94
CA GLY F 451 -55.69 -0.37 -2.06
C GLY F 451 -55.28 -0.69 -3.48
N VAL F 452 -56.06 -0.19 -4.44
CA VAL F 452 -55.77 -0.41 -5.86
C VAL F 452 -54.43 0.23 -6.23
N GLU F 453 -54.21 1.44 -5.75
CA GLU F 453 -53.01 2.19 -6.09
C GLU F 453 -51.78 1.72 -5.30
N LEU F 454 -52.00 0.82 -4.34
CA LEU F 454 -50.93 0.38 -3.45
C LEU F 454 -50.34 -0.95 -3.90
N PRO F 455 -49.07 -0.92 -4.34
CA PRO F 455 -48.36 -2.14 -4.76
C PRO F 455 -48.42 -3.24 -3.71
N PHE F 456 -48.76 -4.45 -4.14
CA PHE F 456 -49.05 -5.56 -3.25
C PHE F 456 -48.18 -6.76 -3.58
N GLY F 457 -47.69 -7.44 -2.55
CA GLY F 457 -46.82 -8.59 -2.73
C GLY F 457 -46.11 -8.99 -1.46
N GLY F 458 -45.51 -10.18 -1.47
CA GLY F 458 -44.88 -10.68 -0.26
C GLY F 458 -43.39 -10.95 -0.33
N VAL F 459 -42.86 -11.39 0.81
CA VAL F 459 -41.49 -11.90 0.89
C VAL F 459 -41.56 -13.29 1.49
N GLY F 460 -40.48 -14.05 1.38
CA GLY F 460 -40.46 -15.42 1.90
C GLY F 460 -41.50 -16.31 1.25
N HIS F 461 -42.27 -17.01 2.07
CA HIS F 461 -43.27 -17.94 1.56
C HIS F 461 -44.56 -17.25 1.14
N SER F 462 -44.56 -15.92 1.18
CA SER F 462 -45.70 -15.15 0.67
C SER F 462 -45.52 -14.88 -0.82
N GLY F 463 -44.38 -15.29 -1.35
CA GLY F 463 -44.09 -15.14 -2.77
C GLY F 463 -43.16 -14.00 -3.09
N HIS F 464 -43.12 -13.60 -4.35
CA HIS F 464 -42.28 -12.50 -4.80
C HIS F 464 -42.93 -11.76 -5.95
N GLY F 465 -42.48 -10.55 -6.21
CA GLY F 465 -43.07 -9.72 -7.24
C GLY F 465 -44.16 -8.83 -6.69
N ARG F 466 -44.50 -7.78 -7.42
CA ARG F 466 -45.50 -6.83 -6.96
C ARG F 466 -46.60 -6.62 -8.00
N GLU F 467 -47.85 -6.65 -7.54
CA GLU F 467 -48.98 -6.25 -8.36
C GLU F 467 -49.77 -5.17 -7.62
N LYS F 468 -50.85 -4.69 -8.24
CA LYS F 468 -51.56 -3.47 -7.84
C LYS F 468 -50.67 -2.24 -8.04
N GLY F 469 -51.29 -1.06 -8.03
CA GLY F 469 -50.58 0.19 -8.19
C GLY F 469 -49.93 0.35 -9.55
N PHE F 470 -49.19 1.43 -9.73
CA PHE F 470 -48.48 1.68 -10.98
C PHE F 470 -47.34 0.68 -11.14
N GLU F 471 -46.79 0.25 -10.00
CA GLU F 471 -45.64 -0.66 -9.97
C GLU F 471 -45.88 -1.94 -10.77
N ALA F 472 -47.12 -2.39 -10.81
CA ALA F 472 -47.48 -3.65 -11.48
C ALA F 472 -47.10 -3.66 -12.94
N LEU F 473 -47.11 -2.49 -13.57
CA LEU F 473 -46.80 -2.37 -14.99
C LEU F 473 -45.35 -2.78 -15.30
N TYR F 474 -44.48 -2.64 -14.31
CA TYR F 474 -43.07 -3.03 -14.47
C TYR F 474 -42.93 -4.55 -14.48
N GLY F 475 -43.86 -5.23 -13.83
CA GLY F 475 -43.86 -6.68 -13.81
C GLY F 475 -44.47 -7.27 -15.08
N PHE F 476 -45.33 -6.49 -15.72
CA PHE F 476 -46.00 -6.92 -16.94
C PHE F 476 -45.31 -6.37 -18.19
N THR F 477 -44.15 -5.76 -18.01
CA THR F 477 -43.34 -5.30 -19.13
C THR F 477 -41.89 -5.75 -18.98
N ALA F 478 -41.12 -5.63 -20.05
CA ALA F 478 -39.70 -5.94 -20.03
C ALA F 478 -38.92 -4.83 -20.71
N LEU F 479 -37.73 -4.54 -20.19
CA LEU F 479 -36.96 -3.40 -20.66
C LEU F 479 -36.10 -3.73 -21.88
N LYS F 480 -36.33 -2.99 -22.97
CA LYS F 480 -35.48 -3.06 -24.15
C LYS F 480 -34.63 -1.80 -24.23
N THR F 481 -33.31 -1.98 -24.32
CA THR F 481 -32.40 -0.85 -24.40
C THR F 481 -31.87 -0.70 -25.83
N ILE F 482 -31.93 0.52 -26.35
CA ILE F 482 -31.47 0.78 -27.71
C ILE F 482 -30.32 1.79 -27.69
N ALA F 483 -29.15 1.34 -28.16
CA ALA F 483 -27.98 2.21 -28.21
C ALA F 483 -27.69 2.63 -29.64
N ILE F 484 -27.81 3.92 -29.91
CA ILE F 484 -27.63 4.44 -31.26
C ILE F 484 -26.27 5.11 -31.43
N ARG F 485 -25.44 4.57 -32.32
CA ARG F 485 -24.17 5.19 -32.68
C ARG F 485 -24.39 6.12 -33.86
N HIS F 486 -24.27 7.43 -33.61
CA HIS F 486 -24.57 8.41 -34.65
C HIS F 486 -23.47 9.45 -34.83
N GLY F 487 -22.55 9.52 -33.86
CA GLY F 487 -21.46 10.48 -33.93
C GLY F 487 -21.89 11.90 -33.60
N ALA G 12 -71.95 39.39 -21.38
CA ALA G 12 -70.68 40.04 -21.09
C ALA G 12 -70.43 40.07 -19.59
N LYS G 13 -70.14 38.91 -19.01
CA LYS G 13 -69.89 38.81 -17.58
C LYS G 13 -68.64 37.97 -17.29
N HIS G 14 -68.09 38.16 -16.09
CA HIS G 14 -66.99 37.34 -15.61
C HIS G 14 -67.54 36.03 -15.06
N PHE G 15 -66.67 35.04 -14.89
CA PHE G 15 -67.07 33.79 -14.25
C PHE G 15 -66.30 33.62 -12.94
N ILE G 16 -66.90 34.10 -11.85
CA ILE G 16 -66.24 34.11 -10.55
C ILE G 16 -67.04 33.30 -9.54
N ALA G 17 -66.36 32.38 -8.86
CA ALA G 17 -66.95 31.56 -7.81
C ALA G 17 -68.18 30.79 -8.30
N GLY G 18 -68.10 30.27 -9.52
CA GLY G 18 -69.17 29.47 -10.09
C GLY G 18 -70.39 30.25 -10.53
N GLU G 19 -70.28 31.57 -10.56
CA GLU G 19 -71.38 32.42 -10.99
C GLU G 19 -70.95 33.40 -12.07
N TRP G 20 -71.89 33.79 -12.92
CA TRP G 20 -71.62 34.81 -13.93
C TRP G 20 -71.84 36.18 -13.33
N THR G 21 -70.74 36.91 -13.15
CA THR G 21 -70.76 38.18 -12.44
C THR G 21 -70.48 39.37 -13.36
N LEU G 22 -71.25 40.43 -13.19
CA LEU G 22 -71.00 41.68 -13.91
C LEU G 22 -69.68 42.29 -13.47
N PRO G 23 -69.01 43.01 -14.38
CA PRO G 23 -67.78 43.71 -14.02
C PRO G 23 -68.05 44.81 -12.99
N ALA G 24 -67.07 45.10 -12.15
CA ALA G 24 -67.24 46.08 -11.08
C ALA G 24 -67.45 47.49 -11.64
N GLN G 25 -66.77 47.78 -12.75
CA GLN G 25 -66.81 49.13 -13.33
C GLN G 25 -67.80 49.21 -14.50
N LEU G 26 -68.55 48.14 -14.71
CA LEU G 26 -69.70 48.13 -15.62
C LEU G 26 -69.35 48.52 -17.07
N GLU G 27 -68.13 48.20 -17.51
CA GLU G 27 -67.72 48.49 -18.87
C GLU G 27 -67.58 47.20 -19.68
N THR G 28 -67.66 47.32 -21.01
CA THR G 28 -67.59 46.15 -21.88
C THR G 28 -66.56 46.32 -23.00
N ILE G 29 -66.26 45.22 -23.68
CA ILE G 29 -65.36 45.23 -24.83
C ILE G 29 -66.03 44.51 -25.99
N PRO G 30 -66.03 45.11 -27.19
CA PRO G 30 -66.64 44.49 -28.36
C PRO G 30 -65.92 43.22 -28.82
N VAL G 31 -66.69 42.21 -29.21
CA VAL G 31 -66.14 40.98 -29.76
C VAL G 31 -66.31 40.99 -31.27
N VAL G 32 -65.19 40.94 -32.00
CA VAL G 32 -65.22 41.12 -33.44
C VAL G 32 -64.95 39.83 -34.21
N ASP G 33 -65.80 39.55 -35.20
CA ASP G 33 -65.56 38.46 -36.14
C ASP G 33 -64.58 38.95 -37.20
N PRO G 34 -63.36 38.39 -37.20
CA PRO G 34 -62.30 38.84 -38.11
C PRO G 34 -62.57 38.49 -39.58
N SER G 35 -63.55 37.64 -39.83
CA SER G 35 -63.89 37.27 -41.20
C SER G 35 -64.60 38.41 -41.92
N ASP G 36 -65.21 39.31 -41.16
CA ASP G 36 -65.86 40.48 -41.73
C ASP G 36 -65.51 41.76 -40.96
N GLY G 37 -64.81 41.60 -39.85
CA GLY G 37 -64.41 42.73 -39.02
C GLY G 37 -65.56 43.40 -38.31
N GLN G 38 -66.65 42.65 -38.11
CA GLN G 38 -67.86 43.21 -37.53
C GLN G 38 -68.13 42.62 -36.15
N PRO G 39 -68.48 43.49 -35.19
CA PRO G 39 -68.80 43.05 -33.82
C PRO G 39 -70.08 42.23 -33.75
N PHE G 40 -70.09 41.19 -32.93
CA PHE G 40 -71.26 40.32 -32.80
C PHE G 40 -71.56 39.97 -31.35
N ALA G 41 -70.67 40.36 -30.45
CA ALA G 41 -70.84 40.08 -29.03
C ALA G 41 -70.03 41.05 -28.19
N THR G 42 -70.16 40.93 -26.86
CA THR G 42 -69.39 41.76 -25.95
C THR G 42 -68.85 40.93 -24.79
N ILE G 43 -67.73 41.37 -24.22
CA ILE G 43 -67.17 40.73 -23.04
C ILE G 43 -67.00 41.78 -21.95
N ALA G 44 -67.02 41.34 -20.70
CA ALA G 44 -66.84 42.24 -19.57
C ALA G 44 -65.43 42.83 -19.57
N ARG G 45 -65.35 44.15 -19.40
CA ARG G 45 -64.06 44.83 -19.32
C ARG G 45 -63.51 44.72 -17.90
N GLY G 46 -62.68 43.72 -17.67
CA GLY G 46 -62.18 43.42 -16.34
C GLY G 46 -61.13 44.38 -15.81
N THR G 47 -61.23 44.68 -14.52
CA THR G 47 -60.26 45.55 -13.85
C THR G 47 -59.76 44.89 -12.58
N ALA G 48 -58.94 45.60 -11.82
CA ALA G 48 -58.34 45.08 -10.60
C ALA G 48 -59.34 44.53 -9.56
N PRO G 49 -60.47 45.24 -9.33
CA PRO G 49 -61.44 44.65 -8.39
C PRO G 49 -61.99 43.28 -8.84
N ASP G 50 -62.13 43.09 -10.15
CA ASP G 50 -62.61 41.82 -10.69
C ASP G 50 -61.59 40.71 -10.42
N ILE G 51 -60.32 41.03 -10.65
CA ILE G 51 -59.24 40.09 -10.38
C ILE G 51 -59.20 39.75 -8.89
N GLU G 52 -59.41 40.76 -8.06
CA GLU G 52 -59.43 40.59 -6.61
C GLU G 52 -60.47 39.56 -6.18
N ARG G 53 -61.68 39.69 -6.72
CA ARG G 53 -62.76 38.74 -6.43
C ARG G 53 -62.42 37.35 -6.97
N ALA G 54 -61.72 37.31 -8.09
CA ALA G 54 -61.37 36.04 -8.74
C ALA G 54 -60.34 35.27 -7.92
N VAL G 55 -59.33 35.97 -7.43
CA VAL G 55 -58.28 35.36 -6.62
C VAL G 55 -58.87 34.89 -5.29
N ALA G 56 -59.74 35.71 -4.71
CA ALA G 56 -60.39 35.38 -3.45
C ALA G 56 -61.23 34.11 -3.59
N ALA G 57 -61.91 33.99 -4.73
CA ALA G 57 -62.75 32.82 -5.00
C ALA G 57 -61.88 31.57 -5.13
N ALA G 58 -60.77 31.70 -5.86
CA ALA G 58 -59.85 30.60 -6.06
C ALA G 58 -59.25 30.15 -4.74
N ARG G 59 -58.82 31.11 -3.92
CA ARG G 59 -58.21 30.82 -2.63
C ARG G 59 -59.16 30.05 -1.72
N ASP G 60 -60.42 30.48 -1.68
CA ASP G 60 -61.43 29.79 -0.88
C ASP G 60 -61.65 28.36 -1.38
N ALA G 61 -61.72 28.21 -2.70
CA ALA G 61 -61.92 26.90 -3.30
C ALA G 61 -60.74 25.99 -3.01
N PHE G 62 -59.53 26.51 -3.16
CA PHE G 62 -58.32 25.73 -2.89
C PHE G 62 -58.23 25.34 -1.42
N ALA G 63 -58.66 26.24 -0.54
CA ALA G 63 -58.65 25.96 0.89
C ALA G 63 -59.85 25.12 1.28
N GLY G 64 -60.83 25.05 0.38
CA GLY G 64 -62.07 24.35 0.66
C GLY G 64 -62.23 22.99 -0.02
N PRO G 65 -63.38 22.80 -0.68
CA PRO G 65 -63.79 21.52 -1.28
C PRO G 65 -62.86 21.00 -2.38
N TRP G 66 -62.37 21.88 -3.26
CA TRP G 66 -61.49 21.45 -4.35
C TRP G 66 -60.16 20.98 -3.80
N GLY G 67 -59.64 21.69 -2.80
CA GLY G 67 -58.39 21.31 -2.16
C GLY G 67 -58.53 20.09 -1.26
N ALA G 68 -59.77 19.80 -0.86
CA ALA G 68 -60.05 18.64 -0.03
C ALA G 68 -60.17 17.38 -0.88
N ALA G 69 -60.40 17.57 -2.17
CA ALA G 69 -60.56 16.45 -3.10
C ALA G 69 -59.25 15.70 -3.29
N SER G 70 -59.35 14.38 -3.41
CA SER G 70 -58.18 13.55 -3.69
C SER G 70 -57.78 13.73 -5.14
N ALA G 71 -56.57 13.25 -5.47
CA ALA G 71 -56.09 13.34 -6.84
C ALA G 71 -56.98 12.54 -7.79
N ALA G 72 -57.40 11.36 -7.34
CA ALA G 72 -58.28 10.51 -8.13
C ALA G 72 -59.63 11.19 -8.38
N GLU G 73 -60.12 11.90 -7.38
CA GLU G 73 -61.39 12.61 -7.51
C GLU G 73 -61.28 13.77 -8.48
N ARG G 74 -60.13 14.43 -8.49
CA ARG G 74 -59.87 15.53 -9.42
C ARG G 74 -59.81 14.99 -10.84
N GLY G 75 -59.23 13.80 -11.00
CA GLY G 75 -59.13 13.16 -12.29
C GLY G 75 -60.49 12.84 -12.89
N ARG G 76 -61.38 12.30 -12.07
CA ARG G 76 -62.72 11.95 -12.52
C ARG G 76 -63.47 13.19 -12.99
N VAL G 77 -63.21 14.31 -12.33
CA VAL G 77 -63.82 15.58 -12.73
C VAL G 77 -63.32 15.97 -14.11
N LEU G 78 -62.00 15.85 -14.31
CA LEU G 78 -61.40 16.18 -15.59
C LEU G 78 -61.89 15.25 -16.69
N MET G 79 -62.03 13.97 -16.37
CA MET G 79 -62.50 12.99 -17.33
C MET G 79 -63.93 13.28 -17.76
N ARG G 80 -64.77 13.67 -16.82
CA ARG G 80 -66.14 14.05 -17.13
C ARG G 80 -66.16 15.32 -17.98
N LEU G 81 -65.23 16.23 -17.71
CA LEU G 81 -65.11 17.45 -18.50
C LEU G 81 -64.67 17.13 -19.92
N SER G 82 -63.73 16.20 -20.05
CA SER G 82 -63.25 15.77 -21.35
C SER G 82 -64.39 15.24 -22.21
N ALA G 83 -65.27 14.44 -21.61
CA ALA G 83 -66.42 13.88 -22.30
C ALA G 83 -67.38 14.98 -22.73
N ARG G 84 -67.58 15.96 -21.86
CA ARG G 84 -68.46 17.08 -22.15
C ARG G 84 -67.91 17.92 -23.31
N VAL G 85 -66.60 18.02 -23.39
CA VAL G 85 -65.95 18.78 -24.46
C VAL G 85 -66.08 18.04 -25.78
N THR G 86 -65.82 16.74 -25.75
CA THR G 86 -65.93 15.89 -26.92
C THR G 86 -67.33 15.93 -27.50
N ASP G 87 -68.33 15.94 -26.61
CA ASP G 87 -69.72 15.97 -27.02
C ASP G 87 -70.14 17.37 -27.47
N SER G 88 -69.30 18.36 -27.19
CA SER G 88 -69.61 19.74 -27.55
C SER G 88 -68.62 20.29 -28.58
N ILE G 89 -68.01 19.41 -29.35
CA ILE G 89 -67.01 19.80 -30.34
C ILE G 89 -67.59 20.77 -31.37
N GLU G 90 -68.76 20.45 -31.91
CA GLU G 90 -69.38 21.29 -32.93
C GLU G 90 -69.73 22.68 -32.40
N GLU G 91 -70.25 22.73 -31.18
CA GLU G 91 -70.63 24.00 -30.56
C GLU G 91 -69.40 24.85 -30.24
N LEU G 92 -68.36 24.22 -29.71
CA LEU G 92 -67.14 24.93 -29.35
C LEU G 92 -66.38 25.39 -30.59
N ALA G 93 -66.38 24.55 -31.63
CA ALA G 93 -65.69 24.89 -32.87
C ALA G 93 -66.35 26.08 -33.56
N ALA G 94 -67.67 26.17 -33.46
CA ALA G 94 -68.42 27.26 -34.06
C ALA G 94 -68.07 28.59 -33.40
N ILE G 95 -67.95 28.57 -32.08
CA ILE G 95 -67.62 29.76 -31.31
C ILE G 95 -66.18 30.20 -31.57
N GLU G 96 -65.27 29.23 -31.52
CA GLU G 96 -63.84 29.50 -31.70
C GLU G 96 -63.53 30.03 -33.09
N ALA G 97 -64.13 29.41 -34.10
CA ALA G 97 -63.89 29.79 -35.49
C ALA G 97 -64.40 31.19 -35.79
N ARG G 98 -65.53 31.55 -35.19
CA ARG G 98 -66.13 32.87 -35.40
C ARG G 98 -65.33 33.94 -34.68
N ASP G 99 -64.69 33.56 -33.59
CA ASP G 99 -63.98 34.50 -32.74
C ASP G 99 -62.52 34.67 -33.18
N THR G 100 -61.89 33.58 -33.58
CA THR G 100 -60.47 33.60 -33.93
C THR G 100 -60.25 33.72 -35.43
N GLY G 101 -61.25 33.32 -36.21
CA GLY G 101 -61.18 33.42 -37.65
C GLY G 101 -60.66 32.18 -38.36
N LYS G 102 -60.19 31.20 -37.60
CA LYS G 102 -59.64 29.99 -38.19
C LYS G 102 -60.74 29.17 -38.84
N PRO G 103 -60.40 28.43 -39.92
CA PRO G 103 -61.35 27.53 -40.60
C PRO G 103 -61.99 26.53 -39.64
N LEU G 104 -63.20 26.07 -39.99
CA LEU G 104 -63.96 25.18 -39.12
C LEU G 104 -63.20 23.90 -38.80
N LYS G 105 -62.46 23.39 -39.79
CA LYS G 105 -61.67 22.17 -39.61
C LYS G 105 -60.64 22.32 -38.49
N GLN G 106 -59.97 23.46 -38.45
CA GLN G 106 -58.96 23.74 -37.44
C GLN G 106 -59.62 24.02 -36.08
N ALA G 107 -60.80 24.63 -36.13
CA ALA G 107 -61.55 24.90 -34.90
C ALA G 107 -62.06 23.59 -34.30
N ARG G 108 -62.40 22.64 -35.15
CA ARG G 108 -62.82 21.31 -34.70
C ARG G 108 -61.65 20.56 -34.10
N ALA G 109 -60.49 20.68 -34.75
CA ALA G 109 -59.27 20.04 -34.28
C ALA G 109 -58.85 20.60 -32.94
N ASP G 110 -59.09 21.90 -32.74
CA ASP G 110 -58.76 22.57 -31.48
C ASP G 110 -59.61 22.03 -30.34
N ALA G 111 -60.90 21.87 -30.60
CA ALA G 111 -61.84 21.39 -29.59
C ALA G 111 -61.54 19.95 -29.21
N ALA G 112 -61.18 19.14 -30.21
CA ALA G 112 -60.84 17.74 -29.99
C ALA G 112 -59.55 17.65 -29.17
N ALA G 113 -58.63 18.57 -29.41
CA ALA G 113 -57.38 18.63 -28.66
C ALA G 113 -57.63 19.04 -27.21
N LEU G 114 -58.58 19.96 -27.02
CA LEU G 114 -58.97 20.41 -25.70
C LEU G 114 -59.48 19.24 -24.86
N ALA G 115 -60.24 18.36 -25.49
CA ALA G 115 -60.77 17.18 -24.82
C ALA G 115 -59.66 16.19 -24.49
N ARG G 116 -58.67 16.13 -25.37
CA ARG G 116 -57.55 15.20 -25.18
C ARG G 116 -56.66 15.67 -24.03
N TYR G 117 -56.52 16.98 -23.89
CA TYR G 117 -55.76 17.53 -22.75
C TYR G 117 -56.38 17.09 -21.43
N PHE G 118 -57.70 17.25 -21.33
CA PHE G 118 -58.41 16.89 -20.11
C PHE G 118 -58.40 15.39 -19.88
N GLU G 119 -58.51 14.62 -20.96
CA GLU G 119 -58.48 13.16 -20.87
C GLU G 119 -57.12 12.67 -20.36
N PHE G 120 -56.05 13.22 -20.92
CA PHE G 120 -54.69 12.84 -20.56
C PHE G 120 -54.40 13.17 -19.10
N TYR G 121 -54.70 14.41 -18.70
CA TYR G 121 -54.39 14.87 -17.35
C TYR G 121 -55.33 14.27 -16.31
N ALA G 122 -56.49 13.80 -16.75
CA ALA G 122 -57.42 13.11 -15.86
C ALA G 122 -56.77 11.83 -15.34
N GLY G 123 -56.06 11.13 -16.21
CA GLY G 123 -55.40 9.90 -15.84
C GLY G 123 -54.03 10.12 -15.23
N ALA G 124 -53.55 11.37 -15.26
CA ALA G 124 -52.23 11.69 -14.75
C ALA G 124 -52.27 12.16 -13.30
N ALA G 125 -53.45 12.61 -12.86
CA ALA G 125 -53.62 13.24 -11.55
C ALA G 125 -53.12 12.38 -10.38
N ASP G 126 -53.66 11.17 -10.25
CA ASP G 126 -53.30 10.32 -9.11
C ASP G 126 -52.05 9.49 -9.38
N LYS G 127 -51.28 9.88 -10.39
CA LYS G 127 -50.06 9.16 -10.73
C LYS G 127 -48.86 10.11 -10.74
N LEU G 128 -49.07 11.32 -10.23
CA LEU G 128 -47.97 12.26 -10.01
C LEU G 128 -47.29 11.90 -8.70
N HIS G 129 -46.15 11.22 -8.79
CA HIS G 129 -45.50 10.66 -7.62
C HIS G 129 -44.36 11.53 -7.09
N GLY G 130 -44.22 11.58 -5.77
CA GLY G 130 -43.05 12.14 -5.15
C GLY G 130 -42.00 11.06 -4.96
N GLU G 131 -41.05 11.28 -4.06
CA GLU G 131 -39.98 10.31 -3.86
CA GLU G 131 -39.96 10.33 -3.85
C GLU G 131 -39.70 10.05 -2.38
N THR G 132 -38.95 8.99 -2.12
CA THR G 132 -38.39 8.74 -0.81
C THR G 132 -36.87 8.66 -1.01
N LEU G 133 -36.13 9.39 -0.20
CA LEU G 133 -34.71 9.57 -0.44
C LEU G 133 -33.86 8.83 0.58
N PRO G 134 -32.82 8.12 0.11
CA PRO G 134 -31.85 7.48 1.00
C PRO G 134 -31.17 8.52 1.87
N TYR G 135 -31.11 8.29 3.17
CA TYR G 135 -30.58 9.26 4.10
C TYR G 135 -29.91 8.56 5.28
N GLN G 136 -29.65 9.31 6.35
CA GLN G 136 -28.98 8.77 7.53
C GLN G 136 -29.80 7.66 8.18
N ALA G 137 -29.11 6.80 8.92
CA ALA G 137 -29.78 5.75 9.69
C ALA G 137 -30.69 6.39 10.74
N GLY G 138 -31.86 5.81 10.92
CA GLY G 138 -32.83 6.35 11.86
C GLY G 138 -33.67 7.46 11.27
N TYR G 139 -33.51 7.68 9.97
CA TYR G 139 -34.27 8.70 9.26
C TYR G 139 -35.12 8.11 8.14
N THR G 140 -36.28 8.71 7.90
CA THR G 140 -37.09 8.41 6.74
C THR G 140 -37.42 9.72 6.03
N VAL G 141 -37.00 9.85 4.78
CA VAL G 141 -37.21 11.08 4.04
C VAL G 141 -38.12 10.84 2.86
N LEU G 142 -39.24 11.57 2.82
CA LEU G 142 -40.16 11.50 1.70
C LEU G 142 -40.40 12.89 1.12
N THR G 143 -40.66 12.94 -0.18
CA THR G 143 -40.98 14.20 -0.85
C THR G 143 -42.38 14.14 -1.41
N VAL G 144 -43.09 15.27 -1.36
CA VAL G 144 -44.43 15.34 -1.90
C VAL G 144 -44.54 16.53 -2.85
N ARG G 145 -45.25 16.32 -3.96
CA ARG G 145 -45.40 17.35 -4.96
C ARG G 145 -46.77 18.02 -4.81
N GLU G 146 -46.79 19.15 -4.10
CA GLU G 146 -48.02 19.84 -3.78
C GLU G 146 -48.34 20.95 -4.77
N PRO G 147 -49.64 21.22 -4.98
CA PRO G 147 -50.03 22.35 -5.82
C PRO G 147 -49.52 23.67 -5.27
N HIS G 148 -49.28 24.64 -6.15
CA HIS G 148 -48.84 25.96 -5.73
C HIS G 148 -49.87 26.62 -4.83
N GLY G 149 -51.14 26.39 -5.13
CA GLY G 149 -52.23 27.03 -4.43
C GLY G 149 -53.19 27.66 -5.40
N VAL G 150 -52.93 28.92 -5.75
CA VAL G 150 -53.72 29.62 -6.75
C VAL G 150 -52.84 29.95 -7.95
N THR G 151 -53.19 29.39 -9.11
CA THR G 151 -52.44 29.63 -10.33
C THR G 151 -53.12 30.65 -11.22
N GLY G 152 -52.34 31.54 -11.82
CA GLY G 152 -52.86 32.51 -12.76
C GLY G 152 -52.51 32.17 -14.20
N HIS G 153 -53.47 32.29 -15.10
CA HIS G 153 -53.28 31.89 -16.48
C HIS G 153 -53.59 33.00 -17.48
N ILE G 154 -52.58 33.41 -18.23
CA ILE G 154 -52.77 34.36 -19.31
C ILE G 154 -52.82 33.60 -20.62
N VAL G 155 -53.99 33.61 -21.26
CA VAL G 155 -54.21 32.85 -22.48
C VAL G 155 -54.45 33.77 -23.66
N PRO G 156 -53.68 33.58 -24.75
CA PRO G 156 -53.77 34.42 -25.95
C PRO G 156 -54.92 34.08 -26.88
N TRP G 157 -54.97 34.75 -28.02
CA TRP G 157 -56.12 34.69 -28.91
C TRP G 157 -55.97 33.67 -30.04
N ASN G 158 -54.75 33.19 -30.26
CA ASN G 158 -54.48 32.33 -31.43
C ASN G 158 -54.96 30.90 -31.22
N TYR G 159 -54.88 30.40 -30.00
CA TYR G 159 -55.41 29.08 -29.66
C TYR G 159 -56.09 29.07 -28.30
N PRO G 160 -57.22 29.79 -28.17
CA PRO G 160 -57.89 29.90 -26.87
C PRO G 160 -58.14 28.56 -26.17
N MET G 161 -58.77 27.61 -26.86
CA MET G 161 -59.11 26.33 -26.25
C MET G 161 -57.89 25.46 -25.96
N GLN G 162 -57.00 25.32 -26.94
CA GLN G 162 -55.83 24.45 -26.79
C GLN G 162 -54.90 24.89 -25.65
N ILE G 163 -54.61 26.18 -25.60
CA ILE G 163 -53.72 26.74 -24.58
CA ILE G 163 -53.71 26.70 -24.58
C ILE G 163 -54.40 26.68 -23.22
N PHE G 164 -55.71 26.93 -23.20
CA PHE G 164 -56.49 26.82 -21.98
C PHE G 164 -56.42 25.39 -21.48
N GLY G 165 -56.51 24.45 -22.40
CA GLY G 165 -56.47 23.03 -22.06
C GLY G 165 -55.16 22.57 -21.46
N ARG G 166 -54.05 22.99 -22.06
CA ARG G 166 -52.74 22.58 -21.59
C ARG G 166 -52.40 23.25 -20.26
N SER G 167 -52.90 24.46 -20.06
CA SER G 167 -52.53 25.25 -18.89
C SER G 167 -53.44 24.94 -17.71
N VAL G 168 -54.74 25.17 -17.89
CA VAL G 168 -55.71 24.95 -16.83
C VAL G 168 -55.88 23.46 -16.54
N GLY G 169 -55.86 22.65 -17.60
CA GLY G 169 -55.98 21.21 -17.45
C GLY G 169 -54.88 20.60 -16.60
N ALA G 170 -53.64 21.05 -16.83
CA ALA G 170 -52.51 20.58 -16.04
C ALA G 170 -52.55 21.14 -14.62
N ALA G 171 -52.95 22.40 -14.50
CA ALA G 171 -53.02 23.07 -13.21
C ALA G 171 -54.07 22.44 -12.30
N LEU G 172 -55.24 22.16 -12.86
CA LEU G 172 -56.31 21.52 -12.11
C LEU G 172 -55.91 20.10 -11.69
N ALA G 173 -55.28 19.37 -12.61
CA ALA G 173 -54.84 18.00 -12.32
C ALA G 173 -53.84 17.99 -11.17
N ALA G 174 -53.05 19.06 -11.08
CA ALA G 174 -52.04 19.18 -10.04
C ALA G 174 -52.67 19.56 -8.69
N GLY G 175 -53.93 19.98 -8.73
CA GLY G 175 -54.65 20.32 -7.52
C GLY G 175 -54.74 21.80 -7.22
N ASN G 176 -54.46 22.63 -8.23
CA ASN G 176 -54.54 24.08 -8.07
C ASN G 176 -55.94 24.61 -8.33
N ALA G 177 -56.20 25.81 -7.83
CA ALA G 177 -57.38 26.58 -8.22
C ALA G 177 -56.92 27.64 -9.20
N CYS G 178 -57.76 28.00 -10.16
CA CYS G 178 -57.29 28.78 -11.30
C CYS G 178 -57.95 30.15 -11.47
N VAL G 179 -57.14 31.13 -11.83
CA VAL G 179 -57.62 32.44 -12.24
C VAL G 179 -57.13 32.69 -13.66
N VAL G 180 -58.07 32.80 -14.58
CA VAL G 180 -57.72 32.91 -16.00
C VAL G 180 -58.07 34.27 -16.58
N LYS G 181 -57.11 34.88 -17.25
CA LYS G 181 -57.34 36.12 -17.99
C LYS G 181 -57.11 35.84 -19.47
N PRO G 182 -58.17 35.44 -20.19
CA PRO G 182 -58.06 35.13 -21.61
C PRO G 182 -57.93 36.39 -22.46
N ALA G 183 -57.62 36.22 -23.75
CA ALA G 183 -57.31 37.35 -24.63
C ALA G 183 -58.57 38.12 -25.03
N GLU G 184 -58.44 39.44 -25.09
CA GLU G 184 -59.58 40.30 -25.43
C GLU G 184 -59.98 40.16 -26.90
N ASP G 185 -59.06 39.68 -27.74
CA ASP G 185 -59.33 39.52 -29.16
C ASP G 185 -60.10 38.23 -29.45
N ALA G 186 -60.05 37.28 -28.52
CA ALA G 186 -60.77 36.02 -28.67
C ALA G 186 -60.77 35.24 -27.35
N CYS G 187 -61.96 35.05 -26.77
CA CYS G 187 -62.05 34.34 -25.50
C CYS G 187 -63.44 33.76 -25.22
N LEU G 188 -64.35 33.86 -26.19
CA LEU G 188 -65.71 33.39 -25.98
C LEU G 188 -65.78 31.88 -25.77
N SER G 189 -64.91 31.15 -26.46
CA SER G 189 -64.88 29.69 -26.33
C SER G 189 -64.53 29.28 -24.91
N VAL G 190 -63.60 30.02 -24.29
CA VAL G 190 -63.13 29.72 -22.94
C VAL G 190 -64.26 29.84 -21.92
N LEU G 191 -65.13 30.83 -22.12
CA LEU G 191 -66.26 31.04 -21.22
C LEU G 191 -67.22 29.85 -21.24
N ARG G 192 -67.43 29.28 -22.42
CA ARG G 192 -68.33 28.13 -22.56
C ARG G 192 -67.73 26.90 -21.90
N VAL G 193 -66.42 26.73 -22.02
CA VAL G 193 -65.71 25.61 -21.41
C VAL G 193 -65.87 25.66 -19.89
N ALA G 194 -65.90 26.87 -19.34
CA ALA G 194 -66.09 27.06 -17.91
C ALA G 194 -67.44 26.49 -17.46
N GLU G 195 -68.46 26.67 -18.29
CA GLU G 195 -69.78 26.12 -18.00
C GLU G 195 -69.76 24.60 -18.00
N LEU G 196 -69.03 24.03 -18.96
CA LEU G 196 -68.90 22.58 -19.06
C LEU G 196 -68.16 22.02 -17.85
N ALA G 197 -67.22 22.79 -17.32
CA ALA G 197 -66.47 22.39 -16.14
C ALA G 197 -67.38 22.28 -14.93
N ALA G 198 -68.27 23.26 -14.78
CA ALA G 198 -69.26 23.26 -13.71
C ALA G 198 -70.18 22.05 -13.83
N GLU G 199 -70.61 21.77 -15.06
CA GLU G 199 -71.46 20.61 -15.32
C GLU G 199 -70.72 19.31 -14.99
N ALA G 200 -69.41 19.30 -15.20
CA ALA G 200 -68.59 18.13 -14.94
C ALA G 200 -68.41 17.89 -13.45
N GLY G 201 -68.76 18.90 -12.64
CA GLY G 201 -68.69 18.77 -11.19
C GLY G 201 -67.53 19.50 -10.56
N LEU G 202 -66.89 20.38 -11.33
CA LEU G 202 -65.81 21.20 -10.79
C LEU G 202 -66.36 22.22 -9.81
N PRO G 203 -65.91 22.16 -8.54
CA PRO G 203 -66.38 23.04 -7.46
C PRO G 203 -66.26 24.52 -7.82
N ALA G 204 -67.24 25.31 -7.39
CA ALA G 204 -67.24 26.75 -7.63
C ALA G 204 -65.99 27.39 -7.04
N GLY G 205 -65.31 28.21 -7.84
CA GLY G 205 -64.11 28.89 -7.40
C GLY G 205 -62.84 28.22 -7.90
N ALA G 206 -62.92 26.93 -8.20
CA ALA G 206 -61.77 26.19 -8.70
C ALA G 206 -61.32 26.74 -10.05
N LEU G 207 -62.26 27.27 -10.82
CA LEU G 207 -61.97 27.88 -12.10
C LEU G 207 -62.64 29.25 -12.21
N ASN G 208 -61.84 30.29 -12.38
CA ASN G 208 -62.36 31.65 -12.50
C ASN G 208 -61.87 32.30 -13.79
N ILE G 209 -62.78 32.91 -14.53
CA ILE G 209 -62.44 33.57 -15.79
C ILE G 209 -62.74 35.05 -15.71
N VAL G 210 -61.71 35.88 -15.89
CA VAL G 210 -61.87 37.32 -15.93
C VAL G 210 -61.45 37.85 -17.29
N THR G 211 -62.42 38.28 -18.09
CA THR G 211 -62.14 38.84 -19.41
C THR G 211 -61.68 40.29 -19.28
N GLY G 212 -61.00 40.80 -20.30
CA GLY G 212 -60.55 42.17 -20.29
C GLY G 212 -59.22 42.41 -20.99
N TYR G 213 -58.83 43.69 -21.08
CA TYR G 213 -57.58 44.07 -21.72
C TYR G 213 -56.39 43.56 -20.92
N GLY G 214 -55.29 43.28 -21.62
CA GLY G 214 -54.08 42.82 -20.97
C GLY G 214 -53.43 43.85 -20.07
N HIS G 215 -53.56 45.13 -20.44
CA HIS G 215 -52.96 46.20 -19.67
C HIS G 215 -53.84 46.60 -18.48
N GLU G 216 -55.00 45.96 -18.38
CA GLU G 216 -55.88 46.18 -17.24
C GLU G 216 -56.01 44.90 -16.41
N ALA G 217 -56.89 44.00 -16.84
CA ALA G 217 -57.12 42.75 -16.12
C ALA G 217 -55.88 41.87 -16.11
N GLY G 218 -55.16 41.87 -17.23
CA GLY G 218 -53.97 41.04 -17.36
C GLY G 218 -52.86 41.45 -16.42
N ALA G 219 -52.58 42.74 -16.36
CA ALA G 219 -51.54 43.26 -15.46
C ALA G 219 -51.97 43.13 -14.01
N ALA G 220 -53.26 43.28 -13.75
CA ALA G 220 -53.80 43.16 -12.40
C ALA G 220 -53.59 41.75 -11.87
N LEU G 221 -53.69 40.77 -12.75
CA LEU G 221 -53.43 39.38 -12.39
C LEU G 221 -51.96 39.21 -12.03
N ALA G 222 -51.08 39.76 -12.87
CA ALA G 222 -49.64 39.60 -12.70
C ALA G 222 -49.12 40.31 -11.45
N ARG G 223 -49.81 41.36 -11.04
CA ARG G 223 -49.41 42.13 -9.87
C ARG G 223 -49.99 41.58 -8.56
N HIS G 224 -51.00 40.71 -8.68
CA HIS G 224 -51.72 40.25 -7.50
C HIS G 224 -50.88 39.33 -6.62
N PRO G 225 -50.75 39.68 -5.34
CA PRO G 225 -49.94 38.92 -4.37
C PRO G 225 -50.60 37.64 -3.88
N GLY G 226 -51.86 37.44 -4.26
CA GLY G 226 -52.60 36.25 -3.88
C GLY G 226 -52.43 35.10 -4.85
N ILE G 227 -51.58 35.30 -5.85
CA ILE G 227 -51.28 34.30 -6.87
CA ILE G 227 -51.29 34.29 -6.84
C ILE G 227 -49.95 33.63 -6.52
N ASP G 228 -49.86 32.32 -6.72
CA ASP G 228 -48.66 31.58 -6.36
C ASP G 228 -47.82 31.16 -7.57
N HIS G 229 -48.44 31.13 -8.75
CA HIS G 229 -47.75 30.74 -9.97
C HIS G 229 -48.47 31.28 -11.19
N ILE G 230 -47.72 31.77 -12.16
CA ILE G 230 -48.32 32.34 -13.37
C ILE G 230 -47.88 31.57 -14.62
N SER G 231 -48.86 31.12 -15.39
CA SER G 231 -48.59 30.49 -16.67
C SER G 231 -48.89 31.48 -17.80
N PHE G 232 -47.85 31.90 -18.51
CA PHE G 232 -48.02 32.92 -19.55
C PHE G 232 -47.73 32.41 -20.95
N THR G 233 -48.58 32.79 -21.90
CA THR G 233 -48.31 32.56 -23.31
C THR G 233 -48.60 33.85 -24.07
N GLY G 234 -47.62 34.31 -24.85
CA GLY G 234 -47.78 35.55 -25.60
C GLY G 234 -46.47 36.10 -26.15
N SER G 235 -46.46 37.41 -26.39
CA SER G 235 -45.28 38.07 -26.95
C SER G 235 -44.17 38.19 -25.92
N PRO G 236 -42.91 38.20 -26.39
CA PRO G 236 -41.76 38.36 -25.49
C PRO G 236 -41.82 39.66 -24.69
N ALA G 237 -42.22 40.75 -25.33
CA ALA G 237 -42.31 42.04 -24.66
C ALA G 237 -43.29 42.01 -23.50
N THR G 238 -44.43 41.33 -23.70
CA THR G 238 -45.44 41.21 -22.67
C THR G 238 -45.00 40.21 -21.60
N GLY G 239 -44.38 39.11 -22.05
CA GLY G 239 -43.85 38.11 -21.14
C GLY G 239 -42.83 38.68 -20.19
N LYS G 240 -42.00 39.59 -20.71
CA LYS G 240 -41.02 40.31 -19.91
C LYS G 240 -41.70 41.11 -18.80
N LEU G 241 -42.73 41.86 -19.17
CA LEU G 241 -43.47 42.70 -18.23
C LEU G 241 -44.15 41.87 -17.14
N VAL G 242 -44.73 40.74 -17.53
CA VAL G 242 -45.43 39.87 -16.58
C VAL G 242 -44.46 39.32 -15.55
N THR G 243 -43.29 38.89 -16.03
CA THR G 243 -42.24 38.38 -15.14
C THR G 243 -41.84 39.43 -14.11
N GLN G 244 -41.60 40.65 -14.58
CA GLN G 244 -41.14 41.73 -13.74
C GLN G 244 -42.22 42.21 -12.76
N MET G 245 -43.48 42.13 -13.18
CA MET G 245 -44.58 42.48 -12.30
C MET G 245 -44.75 41.42 -11.21
N ALA G 246 -44.72 40.16 -11.60
CA ALA G 246 -44.91 39.06 -10.67
C ALA G 246 -43.73 38.93 -9.72
N ALA G 247 -42.57 39.45 -10.13
CA ALA G 247 -41.37 39.37 -9.32
C ALA G 247 -41.49 40.21 -8.04
N GLU G 248 -42.41 41.18 -8.06
CA GLU G 248 -42.66 42.02 -6.90
C GLU G 248 -43.20 41.20 -5.73
N ASN G 249 -43.88 40.11 -6.06
CA ASN G 249 -44.42 39.21 -5.05
C ASN G 249 -43.65 37.90 -5.03
N HIS G 250 -42.52 37.87 -5.75
CA HIS G 250 -41.69 36.68 -5.88
C HIS G 250 -42.47 35.50 -6.45
N VAL G 251 -43.35 35.79 -7.41
CA VAL G 251 -44.16 34.76 -8.04
C VAL G 251 -43.49 34.24 -9.31
N PRO G 252 -43.25 32.92 -9.37
CA PRO G 252 -42.65 32.28 -10.55
C PRO G 252 -43.55 32.35 -11.78
N VAL G 253 -42.95 32.51 -12.95
CA VAL G 253 -43.72 32.65 -14.20
C VAL G 253 -43.20 31.74 -15.29
N THR G 254 -44.09 30.92 -15.85
CA THR G 254 -43.76 30.13 -17.03
C THR G 254 -43.97 30.99 -18.28
N LEU G 255 -42.96 31.04 -19.13
CA LEU G 255 -43.02 31.85 -20.34
C LEU G 255 -43.08 31.00 -21.61
N GLU G 256 -44.24 30.98 -22.25
CA GLU G 256 -44.39 30.37 -23.55
C GLU G 256 -44.46 31.47 -24.61
N LEU G 257 -43.32 31.80 -25.18
CA LEU G 257 -43.23 32.95 -26.08
C LEU G 257 -43.23 32.53 -27.55
N GLY G 258 -42.85 33.46 -28.42
CA GLY G 258 -42.84 33.20 -29.84
C GLY G 258 -41.62 32.44 -30.32
N GLY G 259 -41.49 32.32 -31.64
CA GLY G 259 -40.37 31.59 -32.22
C GLY G 259 -40.15 31.86 -33.69
N LYS G 260 -39.01 31.40 -34.18
CA LYS G 260 -38.67 31.49 -35.61
C LYS G 260 -38.24 30.10 -36.07
N SER G 261 -39.10 29.13 -35.81
CA SER G 261 -38.77 27.72 -35.96
C SER G 261 -38.44 27.31 -37.39
N PRO G 262 -37.30 26.62 -37.58
CA PRO G 262 -36.81 26.22 -38.89
C PRO G 262 -37.22 24.81 -39.31
N GLN G 263 -37.42 24.62 -40.61
CA GLN G 263 -37.59 23.30 -41.20
C GLN G 263 -36.35 22.96 -42.00
N ILE G 264 -35.58 21.97 -41.56
CA ILE G 264 -34.32 21.64 -42.19
C ILE G 264 -34.48 20.46 -43.16
N VAL G 265 -34.32 20.74 -44.45
CA VAL G 265 -34.51 19.72 -45.47
C VAL G 265 -33.20 19.40 -46.18
N PHE G 266 -32.81 18.13 -46.15
CA PHE G 266 -31.58 17.69 -46.81
C PHE G 266 -31.86 17.06 -48.17
N ALA G 267 -30.79 16.81 -48.93
CA ALA G 267 -30.91 16.30 -50.29
C ALA G 267 -31.51 14.89 -50.35
N ASP G 268 -31.31 14.11 -49.28
CA ASP G 268 -31.78 12.73 -49.28
C ASP G 268 -33.16 12.60 -48.65
N ALA G 269 -33.84 13.73 -48.47
CA ALA G 269 -35.15 13.73 -47.83
C ALA G 269 -36.26 13.33 -48.80
N ASP G 270 -37.34 12.79 -48.25
CA ASP G 270 -38.53 12.47 -49.02
C ASP G 270 -39.34 13.76 -49.22
N LEU G 271 -39.12 14.42 -50.35
CA LEU G 271 -39.75 15.70 -50.63
C LEU G 271 -41.27 15.57 -50.76
N ASP G 272 -41.72 14.41 -51.26
CA ASP G 272 -43.15 14.15 -51.40
C ASP G 272 -43.84 14.17 -50.05
N ALA G 273 -43.15 13.72 -49.02
CA ALA G 273 -43.72 13.67 -47.67
C ALA G 273 -43.51 14.99 -46.94
N ALA G 274 -42.40 15.66 -47.22
CA ALA G 274 -42.06 16.91 -46.57
C ALA G 274 -42.98 18.05 -47.01
N LEU G 275 -43.22 18.12 -48.31
CA LEU G 275 -43.96 19.23 -48.93
C LEU G 275 -45.31 19.57 -48.27
N PRO G 276 -46.19 18.57 -48.04
CA PRO G 276 -47.46 18.94 -47.42
C PRO G 276 -47.29 19.43 -45.98
N VAL G 277 -46.28 18.91 -45.30
CA VAL G 277 -46.04 19.28 -43.91
C VAL G 277 -45.37 20.66 -43.85
N LEU G 278 -44.49 20.94 -44.80
CA LEU G 278 -43.84 22.24 -44.88
C LEU G 278 -44.86 23.36 -45.07
N VAL G 279 -45.86 23.10 -45.90
CA VAL G 279 -46.90 24.07 -46.19
C VAL G 279 -47.80 24.27 -44.99
N SER G 280 -48.34 23.18 -44.47
CA SER G 280 -49.31 23.24 -43.38
C SER G 280 -48.73 23.81 -42.09
N ALA G 281 -47.42 23.64 -41.90
CA ALA G 281 -46.77 24.11 -40.68
C ALA G 281 -46.75 25.63 -40.55
N ILE G 282 -46.92 26.32 -41.67
CA ILE G 282 -46.89 27.78 -41.68
C ILE G 282 -48.25 28.34 -42.08
N VAL G 283 -49.07 27.52 -42.73
CA VAL G 283 -50.38 27.96 -43.20
C VAL G 283 -51.41 27.84 -42.07
N GLN G 284 -51.23 26.84 -41.21
CA GLN G 284 -52.15 26.58 -40.11
C GLN G 284 -52.38 27.82 -39.23
N ASN G 285 -53.65 28.11 -39.00
CA ASN G 285 -54.07 29.25 -38.17
C ASN G 285 -53.50 30.56 -38.71
N GLY G 286 -53.36 30.65 -40.03
CA GLY G 286 -52.84 31.83 -40.67
C GLY G 286 -51.43 32.20 -40.24
N GLY G 287 -50.64 31.20 -39.87
CA GLY G 287 -49.28 31.43 -39.40
C GLY G 287 -49.20 31.97 -37.99
N GLN G 288 -50.37 32.28 -37.42
CA GLN G 288 -50.44 32.83 -36.07
C GLN G 288 -50.24 31.72 -35.05
N THR G 289 -49.05 31.14 -35.05
CA THR G 289 -48.69 30.05 -34.16
C THR G 289 -47.28 30.25 -33.67
N CYS G 290 -47.07 30.13 -32.36
CA CYS G 290 -45.76 30.33 -31.75
C CYS G 290 -44.69 29.42 -32.36
N SER G 291 -45.07 28.17 -32.63
CA SER G 291 -44.13 27.17 -33.11
C SER G 291 -44.23 26.94 -34.62
N ALA G 292 -44.79 27.91 -35.33
CA ALA G 292 -44.97 27.78 -36.78
C ALA G 292 -43.63 27.69 -37.50
N GLY G 293 -43.59 26.86 -38.54
CA GLY G 293 -42.39 26.72 -39.35
C GLY G 293 -42.21 27.87 -40.32
N SER G 294 -41.65 28.97 -39.82
CA SER G 294 -41.52 30.19 -40.60
C SER G 294 -40.24 30.22 -41.42
N ARG G 295 -39.36 29.25 -41.19
CA ARG G 295 -38.13 29.13 -41.96
C ARG G 295 -37.96 27.74 -42.53
N VAL G 296 -37.59 27.66 -43.80
CA VAL G 296 -37.24 26.38 -44.39
C VAL G 296 -35.81 26.47 -44.92
N LEU G 297 -34.93 25.66 -44.36
CA LEU G 297 -33.53 25.63 -44.76
C LEU G 297 -33.27 24.40 -45.62
N ILE G 298 -32.97 24.63 -46.90
CA ILE G 298 -32.83 23.54 -47.86
C ILE G 298 -31.39 23.38 -48.31
N GLU G 299 -30.90 22.14 -48.30
CA GLU G 299 -29.56 21.84 -48.81
C GLU G 299 -29.48 22.30 -50.27
N ARG G 300 -28.33 22.86 -50.65
CA ARG G 300 -28.16 23.51 -51.95
C ARG G 300 -28.60 22.64 -53.13
N ALA G 301 -28.34 21.35 -53.04
CA ALA G 301 -28.64 20.42 -54.12
C ALA G 301 -30.13 20.39 -54.47
N VAL G 302 -30.98 20.50 -53.46
CA VAL G 302 -32.42 20.44 -53.67
C VAL G 302 -33.10 21.76 -53.33
N TYR G 303 -32.31 22.83 -53.26
CA TYR G 303 -32.86 24.14 -52.94
C TYR G 303 -33.87 24.60 -54.01
N GLU G 304 -33.38 24.78 -55.23
CA GLU G 304 -34.24 25.23 -56.34
C GLU G 304 -35.42 24.29 -56.65
N PRO G 305 -35.20 22.96 -56.65
CA PRO G 305 -36.37 22.11 -56.88
C PRO G 305 -37.46 22.24 -55.81
N LEU G 306 -37.06 22.28 -54.53
CA LEU G 306 -38.03 22.33 -53.44
C LEU G 306 -38.75 23.69 -53.38
N VAL G 307 -38.01 24.76 -53.64
CA VAL G 307 -38.60 26.10 -53.69
C VAL G 307 -39.66 26.16 -54.78
N GLU G 308 -39.36 25.53 -55.92
CA GLU G 308 -40.31 25.47 -57.03
C GLU G 308 -41.57 24.71 -56.64
N ARG G 309 -41.39 23.61 -55.92
CA ARG G 309 -42.51 22.81 -55.44
C ARG G 309 -43.38 23.61 -54.48
N LEU G 310 -42.71 24.31 -53.54
CA LEU G 310 -43.41 25.12 -52.55
C LEU G 310 -44.18 26.26 -53.21
N ALA G 311 -43.57 26.86 -54.23
CA ALA G 311 -44.18 27.99 -54.94
C ALA G 311 -45.48 27.56 -55.62
N THR G 312 -45.46 26.38 -56.23
CA THR G 312 -46.66 25.83 -56.84
C THR G 312 -47.75 25.61 -55.80
N ALA G 313 -47.35 25.08 -54.64
CA ALA G 313 -48.29 24.80 -53.56
C ALA G 313 -48.86 26.09 -52.96
N PHE G 314 -48.00 27.06 -52.70
CA PHE G 314 -48.41 28.31 -52.10
C PHE G 314 -49.34 29.09 -53.04
N ASN G 315 -49.11 28.96 -54.34
CA ASN G 315 -49.92 29.62 -55.34
C ASN G 315 -51.34 29.06 -55.37
N GLY G 316 -51.48 27.80 -54.95
CA GLY G 316 -52.77 27.13 -54.98
C GLY G 316 -53.55 27.21 -53.69
N LEU G 317 -53.03 27.97 -52.72
CA LEU G 317 -53.70 28.12 -51.44
C LEU G 317 -54.89 29.06 -51.56
N ARG G 318 -55.98 28.72 -50.89
CA ARG G 318 -57.20 29.53 -50.94
C ARG G 318 -57.52 30.13 -49.58
N VAL G 319 -57.76 31.43 -49.55
CA VAL G 319 -58.07 32.14 -48.31
C VAL G 319 -59.46 32.74 -48.38
N GLY G 320 -60.25 32.52 -47.34
CA GLY G 320 -61.60 33.07 -47.27
C GLY G 320 -62.12 33.12 -45.86
N PRO G 321 -63.43 33.38 -45.71
CA PRO G 321 -64.09 33.40 -44.39
C PRO G 321 -63.93 32.07 -43.66
N SER G 322 -64.01 32.11 -42.33
CA SER G 322 -63.89 30.91 -41.52
C SER G 322 -64.95 29.87 -41.87
N ARG G 323 -66.14 30.35 -42.22
CA ARG G 323 -67.25 29.49 -42.60
C ARG G 323 -66.94 28.69 -43.86
N ALA G 324 -66.20 29.32 -44.77
CA ALA G 324 -65.87 28.69 -46.05
C ALA G 324 -64.98 27.46 -45.86
N ASP G 325 -64.27 27.42 -44.72
CA ASP G 325 -63.40 26.30 -44.37
C ASP G 325 -62.39 26.01 -45.47
N LEU G 326 -61.62 27.02 -45.85
CA LEU G 326 -60.61 26.89 -46.90
C LEU G 326 -59.26 26.53 -46.29
N ASP G 327 -58.19 26.81 -47.03
CA ASP G 327 -56.85 26.53 -46.55
C ASP G 327 -56.47 27.47 -45.41
N CYS G 328 -57.00 28.68 -45.45
CA CYS G 328 -56.63 29.70 -44.48
C CYS G 328 -57.74 30.72 -44.27
N GLY G 329 -57.90 31.18 -43.04
CA GLY G 329 -58.85 32.24 -42.72
C GLY G 329 -58.17 33.59 -42.67
N PRO G 330 -58.87 34.59 -42.12
CA PRO G 330 -58.28 35.92 -41.94
C PRO G 330 -57.38 35.98 -40.71
N LEU G 331 -56.62 37.06 -40.57
CA LEU G 331 -55.84 37.28 -39.36
C LEU G 331 -56.76 37.84 -38.28
N ILE G 332 -56.25 37.96 -37.06
CA ILE G 332 -57.11 38.22 -35.90
C ILE G 332 -57.67 39.65 -35.90
N ASN G 333 -56.90 40.62 -36.37
CA ASN G 333 -57.39 42.00 -36.41
C ASN G 333 -56.64 42.87 -37.41
N ALA G 334 -56.88 44.17 -37.36
CA ALA G 334 -56.25 45.12 -38.27
C ALA G 334 -54.80 45.40 -37.90
N LYS G 335 -54.52 45.41 -36.60
CA LYS G 335 -53.17 45.68 -36.10
C LYS G 335 -52.19 44.59 -36.53
N GLN G 336 -52.60 43.34 -36.40
CA GLN G 336 -51.76 42.22 -36.78
C GLN G 336 -51.64 42.13 -38.30
N GLN G 337 -52.70 42.50 -39.00
CA GLN G 337 -52.70 42.52 -40.46
C GLN G 337 -51.67 43.50 -40.99
N GLN G 338 -51.64 44.69 -40.38
CA GLN G 338 -50.70 45.74 -40.77
C GLN G 338 -49.26 45.31 -40.48
N ARG G 339 -49.06 44.63 -39.37
CA ARG G 339 -47.73 44.17 -38.96
C ARG G 339 -47.15 43.19 -39.97
N VAL G 340 -48.01 42.33 -40.52
CA VAL G 340 -47.58 41.38 -41.54
C VAL G 340 -47.30 42.12 -42.84
N TRP G 341 -48.12 43.11 -43.14
CA TRP G 341 -47.90 43.97 -44.31
C TRP G 341 -46.55 44.66 -44.26
N ASP G 342 -46.13 45.03 -43.06
CA ASP G 342 -44.87 45.74 -42.87
C ASP G 342 -43.66 44.84 -43.14
N PHE G 343 -43.76 43.58 -42.73
CA PHE G 343 -42.70 42.61 -43.01
C PHE G 343 -42.56 42.40 -44.52
N LEU G 344 -43.68 42.27 -45.20
CA LEU G 344 -43.69 42.01 -46.63
C LEU G 344 -43.24 43.22 -47.45
N SER G 345 -43.59 44.42 -46.99
CA SER G 345 -43.20 45.64 -47.69
C SER G 345 -41.71 45.93 -47.51
N ASP G 346 -41.20 45.67 -46.30
CA ASP G 346 -39.79 45.85 -46.02
C ASP G 346 -38.96 44.84 -46.79
N ALA G 347 -39.44 43.60 -46.85
CA ALA G 347 -38.76 42.54 -47.59
C ALA G 347 -38.72 42.87 -49.07
N GLN G 348 -39.82 43.40 -49.59
CA GLN G 348 -39.91 43.80 -50.99
C GLN G 348 -38.93 44.94 -51.29
N HIS G 349 -38.83 45.89 -50.36
CA HIS G 349 -37.96 47.04 -50.53
C HIS G 349 -36.48 46.64 -50.55
N ASP G 350 -36.15 45.59 -49.80
CA ASP G 350 -34.76 45.13 -49.71
C ASP G 350 -34.42 44.18 -50.85
N GLY G 351 -35.35 43.98 -51.77
CA GLY G 351 -35.12 43.14 -52.93
C GLY G 351 -35.22 41.66 -52.67
N ILE G 352 -36.00 41.29 -51.66
CA ILE G 352 -36.23 39.87 -51.36
C ILE G 352 -37.37 39.37 -52.25
N PRO G 353 -37.07 38.39 -53.11
CA PRO G 353 -38.06 37.86 -54.07
C PRO G 353 -39.17 37.07 -53.39
N MET G 354 -40.42 37.44 -53.67
CA MET G 354 -41.54 36.63 -53.25
C MET G 354 -41.82 35.57 -54.32
N ALA G 355 -41.51 34.32 -53.99
CA ALA G 355 -41.64 33.22 -54.95
C ALA G 355 -43.10 33.00 -55.36
N ALA G 356 -44.00 33.03 -54.37
CA ALA G 356 -45.42 32.83 -54.64
C ALA G 356 -46.26 33.31 -53.47
N HIS G 357 -47.55 33.53 -53.73
CA HIS G 357 -48.47 33.88 -52.66
C HIS G 357 -49.84 33.25 -52.90
N GLY G 358 -50.63 33.14 -51.83
CA GLY G 358 -51.94 32.53 -51.92
C GLY G 358 -52.98 33.40 -52.60
N GLN G 359 -54.23 32.97 -52.57
CA GLN G 359 -55.31 33.70 -53.22
C GLN G 359 -56.48 33.91 -52.28
N VAL G 360 -56.89 35.16 -52.13
CA VAL G 360 -58.08 35.49 -51.34
C VAL G 360 -59.29 35.43 -52.27
N VAL G 361 -60.30 34.66 -51.89
CA VAL G 361 -61.48 34.49 -52.73
C VAL G 361 -62.21 35.83 -52.90
N ALA G 362 -62.93 35.96 -54.01
CA ALA G 362 -63.55 37.22 -54.40
C ALA G 362 -64.66 37.67 -53.46
N ASP G 363 -65.45 36.71 -52.96
CA ASP G 363 -66.60 37.04 -52.13
C ASP G 363 -66.22 37.18 -50.65
N ALA G 364 -64.92 37.15 -50.37
CA ALA G 364 -64.44 37.39 -49.02
C ALA G 364 -64.64 38.85 -48.65
N PRO G 365 -65.27 39.11 -47.50
CA PRO G 365 -65.58 40.47 -47.01
C PRO G 365 -64.37 41.40 -47.00
N GLU G 366 -64.50 42.54 -47.68
CA GLU G 366 -63.41 43.51 -47.78
C GLU G 366 -63.03 44.08 -46.42
N SER G 367 -64.00 44.13 -45.51
CA SER G 367 -63.76 44.67 -44.17
C SER G 367 -63.09 43.62 -43.28
N GLY G 368 -62.89 42.42 -43.82
CA GLY G 368 -62.18 41.37 -43.11
C GLY G 368 -60.68 41.57 -43.16
N PHE G 369 -59.96 40.85 -42.30
CA PHE G 369 -58.51 40.99 -42.22
C PHE G 369 -57.80 39.82 -42.90
N TYR G 370 -57.96 39.73 -44.21
CA TYR G 370 -57.41 38.62 -44.98
C TYR G 370 -56.00 38.88 -45.48
N GLN G 371 -55.15 37.87 -45.36
CA GLN G 371 -53.78 37.94 -45.85
C GLN G 371 -53.39 36.60 -46.46
N ALA G 372 -53.03 36.62 -47.74
CA ALA G 372 -52.65 35.41 -48.45
C ALA G 372 -51.29 34.92 -47.98
N PRO G 373 -51.13 33.59 -47.88
CA PRO G 373 -49.84 33.00 -47.50
C PRO G 373 -48.74 33.36 -48.49
N ALA G 374 -47.59 33.79 -48.00
CA ALA G 374 -46.52 34.24 -48.89
C ALA G 374 -45.27 33.38 -48.76
N LEU G 375 -44.64 33.12 -49.89
CA LEU G 375 -43.38 32.37 -49.91
C LEU G 375 -42.26 33.23 -50.49
N LEU G 376 -41.29 33.58 -49.65
CA LEU G 376 -40.16 34.38 -50.10
C LEU G 376 -38.89 33.53 -50.13
N ARG G 377 -38.04 33.80 -51.11
CA ARG G 377 -36.83 33.01 -51.32
C ARG G 377 -35.57 33.86 -51.20
N ASP G 378 -34.43 33.20 -51.10
CA ASP G 378 -33.12 33.86 -51.04
C ASP G 378 -33.08 34.87 -49.89
N VAL G 379 -33.76 34.55 -48.80
CA VAL G 379 -33.84 35.45 -47.66
C VAL G 379 -32.52 35.45 -46.89
N PRO G 380 -31.91 36.64 -46.77
CA PRO G 380 -30.69 36.77 -45.96
C PRO G 380 -30.94 36.39 -44.52
N PRO G 381 -30.06 35.55 -43.95
CA PRO G 381 -30.19 35.07 -42.57
C PRO G 381 -30.28 36.20 -41.55
N SER G 382 -29.63 37.32 -41.84
CA SER G 382 -29.57 38.44 -40.90
C SER G 382 -30.75 39.39 -41.05
N HIS G 383 -31.50 39.25 -42.15
CA HIS G 383 -32.64 40.12 -42.41
C HIS G 383 -33.73 39.93 -41.36
N ARG G 384 -34.49 41.00 -41.08
CA ARG G 384 -35.54 40.97 -40.08
CA ARG G 384 -35.53 40.96 -40.08
C ARG G 384 -36.55 39.85 -40.36
N LEU G 385 -36.80 39.60 -41.64
CA LEU G 385 -37.74 38.56 -42.06
C LEU G 385 -37.31 37.18 -41.54
N ALA G 386 -36.01 36.98 -41.40
CA ALA G 386 -35.47 35.69 -40.99
C ALA G 386 -35.05 35.66 -39.52
N GLN G 387 -35.19 36.79 -38.84
CA GLN G 387 -34.73 36.90 -37.46
C GLN G 387 -35.89 37.07 -36.47
N GLU G 388 -36.98 37.68 -36.92
CA GLU G 388 -38.08 38.03 -36.01
C GLU G 388 -39.40 37.39 -36.42
N GLU G 389 -40.25 37.14 -35.44
CA GLU G 389 -41.53 36.47 -35.65
C GLU G 389 -42.53 37.36 -36.37
N VAL G 390 -43.13 36.83 -37.42
CA VAL G 390 -44.08 37.57 -38.24
C VAL G 390 -45.51 37.38 -37.73
N PHE G 391 -45.78 36.16 -37.23
CA PHE G 391 -47.12 35.74 -36.84
C PHE G 391 -48.09 35.93 -38.00
N GLY G 392 -47.62 35.55 -39.19
CA GLY G 392 -48.44 35.56 -40.39
C GLY G 392 -48.07 34.36 -41.26
N PRO G 393 -48.85 34.12 -42.32
CA PRO G 393 -48.57 32.97 -43.19
C PRO G 393 -47.40 33.25 -44.14
N VAL G 394 -46.22 33.49 -43.58
CA VAL G 394 -45.06 33.84 -44.39
C VAL G 394 -43.93 32.86 -44.16
N LEU G 395 -43.47 32.23 -45.24
CA LEU G 395 -42.38 31.26 -45.15
C LEU G 395 -41.11 31.80 -45.79
N ALA G 396 -40.03 31.85 -45.00
CA ALA G 396 -38.75 32.35 -45.49
C ALA G 396 -37.85 31.20 -45.92
N ALA G 397 -37.44 31.21 -47.18
CA ALA G 397 -36.63 30.13 -47.73
C ALA G 397 -35.19 30.57 -47.98
N MET G 398 -34.24 29.69 -47.67
CA MET G 398 -32.83 29.94 -47.91
C MET G 398 -32.09 28.61 -47.97
N ARG G 399 -30.83 28.64 -48.40
CA ARG G 399 -30.07 27.41 -48.58
C ARG G 399 -28.90 27.27 -47.61
N PHE G 400 -28.37 26.06 -47.50
CA PHE G 400 -27.18 25.79 -46.71
C PHE G 400 -26.33 24.73 -47.39
N VAL G 401 -25.03 24.72 -47.12
CA VAL G 401 -24.11 23.82 -47.82
C VAL G 401 -23.96 22.49 -47.09
N ASP G 402 -23.90 22.53 -45.76
CA ASP G 402 -23.72 21.31 -44.97
C ASP G 402 -24.40 21.38 -43.61
N GLU G 403 -24.18 20.36 -42.79
CA GLU G 403 -24.80 20.27 -41.48
C GLU G 403 -24.38 21.40 -40.55
N ASP G 404 -23.12 21.80 -40.63
CA ASP G 404 -22.60 22.88 -39.78
C ASP G 404 -23.32 24.19 -40.03
N GLU G 405 -23.59 24.51 -41.30
CA GLU G 405 -24.29 25.74 -41.64
C GLU G 405 -25.78 25.59 -41.35
N ALA G 406 -26.30 24.38 -41.51
CA ALA G 406 -27.69 24.09 -41.21
C ALA G 406 -27.99 24.41 -39.74
N VAL G 407 -27.09 23.97 -38.86
CA VAL G 407 -27.23 24.21 -37.43
C VAL G 407 -26.99 25.68 -37.10
N ALA G 408 -25.95 26.26 -37.71
CA ALA G 408 -25.62 27.66 -37.48
C ALA G 408 -26.78 28.58 -37.85
N LEU G 409 -27.40 28.32 -38.99
CA LEU G 409 -28.56 29.09 -39.43
C LEU G 409 -29.75 28.90 -38.48
N ALA G 410 -30.01 27.64 -38.12
CA ALA G 410 -31.16 27.30 -37.28
C ALA G 410 -31.06 27.93 -35.90
N ASN G 411 -29.87 27.89 -35.31
CA ASN G 411 -29.65 28.47 -33.99
C ASN G 411 -29.28 29.94 -34.07
N GLY G 412 -29.31 30.50 -35.28
CA GLY G 412 -28.85 31.87 -35.51
C GLY G 412 -29.84 32.98 -35.23
N THR G 413 -30.97 32.65 -34.60
CA THR G 413 -31.95 33.65 -34.22
C THR G 413 -32.08 33.65 -32.69
N PRO G 414 -32.64 34.73 -32.12
CA PRO G 414 -32.82 34.76 -30.66
C PRO G 414 -33.82 33.72 -30.15
N TYR G 415 -34.58 33.12 -31.06
CA TYR G 415 -35.62 32.17 -30.70
C TYR G 415 -35.11 30.74 -30.72
N GLY G 416 -35.85 29.85 -30.05
CA GLY G 416 -35.52 28.43 -30.01
C GLY G 416 -36.66 27.64 -29.40
N LEU G 417 -37.65 27.32 -30.23
CA LEU G 417 -38.85 26.67 -29.73
C LEU G 417 -38.97 25.23 -30.26
N VAL G 418 -39.14 25.10 -31.57
CA VAL G 418 -39.22 23.77 -32.18
CA VAL G 418 -39.31 23.81 -32.23
C VAL G 418 -38.40 23.73 -33.46
N ALA G 419 -37.95 22.54 -33.83
CA ALA G 419 -37.18 22.37 -35.05
C ALA G 419 -37.62 21.12 -35.81
N GLY G 420 -37.65 21.21 -37.13
CA GLY G 420 -38.01 20.08 -37.98
C GLY G 420 -36.85 19.60 -38.83
N ILE G 421 -36.62 18.29 -38.83
CA ILE G 421 -35.52 17.71 -39.59
C ILE G 421 -36.05 16.76 -40.66
N TRP G 422 -35.74 17.04 -41.92
CA TRP G 422 -36.15 16.17 -43.01
C TRP G 422 -34.95 15.56 -43.73
N THR G 423 -34.70 14.28 -43.47
CA THR G 423 -33.59 13.55 -44.07
C THR G 423 -33.76 12.05 -43.80
N ARG G 424 -33.14 11.23 -44.64
CA ARG G 424 -33.22 9.78 -44.47
C ARG G 424 -32.06 9.22 -43.65
N ASP G 425 -30.96 9.97 -43.59
CA ASP G 425 -29.79 9.55 -42.84
C ASP G 425 -30.08 9.54 -41.34
N GLY G 426 -30.07 8.35 -40.76
CA GLY G 426 -30.38 8.18 -39.35
C GLY G 426 -29.38 8.81 -38.39
N ALA G 427 -28.10 8.64 -38.68
CA ALA G 427 -27.05 9.22 -37.86
C ALA G 427 -27.15 10.74 -37.86
N ARG G 428 -27.44 11.29 -39.04
CA ARG G 428 -27.60 12.74 -39.20
C ARG G 428 -28.76 13.26 -38.36
N GLN G 429 -29.86 12.52 -38.35
CA GLN G 429 -31.06 12.89 -37.60
C GLN G 429 -30.76 13.12 -36.12
N MET G 430 -30.04 12.18 -35.50
CA MET G 430 -29.75 12.25 -34.08
C MET G 430 -28.62 13.25 -33.78
N ARG G 431 -27.69 13.41 -34.73
CA ARG G 431 -26.63 14.39 -34.59
C ARG G 431 -27.20 15.80 -34.50
N LEU G 432 -28.04 16.14 -35.48
CA LEU G 432 -28.64 17.47 -35.55
C LEU G 432 -29.55 17.74 -34.36
N ALA G 433 -30.34 16.75 -34.00
CA ALA G 433 -31.32 16.89 -32.93
C ALA G 433 -30.69 17.36 -31.62
N ARG G 434 -29.47 16.89 -31.35
CA ARG G 434 -28.78 17.25 -30.12
C ARG G 434 -27.99 18.55 -30.27
N ARG G 435 -27.85 19.03 -31.50
CA ARG G 435 -27.13 20.27 -31.77
C ARG G 435 -28.07 21.46 -31.85
N LEU G 436 -29.32 21.21 -32.25
CA LEU G 436 -30.30 22.28 -32.43
C LEU G 436 -30.79 22.82 -31.08
N ARG G 437 -31.04 24.13 -31.04
CA ARG G 437 -31.56 24.76 -29.84
CA ARG G 437 -31.57 24.78 -29.85
C ARG G 437 -33.09 24.85 -29.89
N ALA G 438 -33.75 23.86 -29.29
CA ALA G 438 -35.21 23.82 -29.28
C ALA G 438 -35.75 22.94 -28.16
N GLY G 439 -36.99 23.21 -27.76
CA GLY G 439 -37.67 22.38 -26.79
C GLY G 439 -38.14 21.09 -27.41
N GLN G 440 -38.57 21.17 -28.66
CA GLN G 440 -39.02 20.00 -29.40
C GLN G 440 -38.26 19.87 -30.71
N VAL G 441 -37.83 18.67 -31.04
CA VAL G 441 -37.25 18.39 -32.35
C VAL G 441 -38.05 17.29 -33.01
N PHE G 442 -38.52 17.56 -34.23
CA PHE G 442 -39.30 16.59 -34.98
C PHE G 442 -38.49 16.02 -36.14
N ILE G 443 -38.43 14.69 -36.22
CA ILE G 443 -37.68 14.03 -37.28
C ILE G 443 -38.63 13.48 -38.34
N ASN G 444 -38.48 13.98 -39.56
CA ASN G 444 -39.32 13.61 -40.69
C ASN G 444 -40.81 13.80 -40.39
N ASN G 445 -41.10 14.85 -39.61
CA ASN G 445 -42.45 15.30 -39.35
C ASN G 445 -42.36 16.69 -38.72
N TYR G 446 -43.49 17.24 -38.30
CA TYR G 446 -43.49 18.55 -37.67
C TYR G 446 -44.78 18.75 -36.88
N GLY G 447 -44.70 18.61 -35.56
CA GLY G 447 -45.88 18.66 -34.72
C GLY G 447 -46.83 17.55 -35.09
N ALA G 448 -46.56 16.36 -34.59
CA ALA G 448 -47.30 15.15 -34.98
C ALA G 448 -48.81 15.28 -34.75
N GLY G 449 -49.20 16.18 -33.85
CA GLY G 449 -50.60 16.43 -33.61
C GLY G 449 -51.27 15.38 -32.75
N GLY G 450 -51.86 15.81 -31.64
CA GLY G 450 -51.85 17.20 -31.25
C GLY G 450 -50.66 17.57 -30.38
N GLY G 451 -49.82 16.58 -30.09
CA GLY G 451 -48.65 16.79 -29.26
C GLY G 451 -48.98 17.04 -27.81
N VAL G 452 -50.10 16.48 -27.35
CA VAL G 452 -50.54 16.63 -25.97
C VAL G 452 -49.53 15.99 -25.02
N GLU G 453 -49.02 14.83 -25.40
CA GLU G 453 -48.07 14.10 -24.58
C GLU G 453 -46.66 14.67 -24.66
N LEU G 454 -46.46 15.61 -25.57
CA LEU G 454 -45.11 16.14 -25.84
C LEU G 454 -44.85 17.45 -25.12
N PRO G 455 -43.94 17.43 -24.13
CA PRO G 455 -43.55 18.63 -23.40
C PRO G 455 -43.11 19.76 -24.33
N PHE G 456 -43.63 20.95 -24.10
CA PHE G 456 -43.48 22.06 -25.03
C PHE G 456 -42.96 23.30 -24.33
N GLY G 457 -41.99 23.97 -24.96
CA GLY G 457 -41.39 25.16 -24.40
C GLY G 457 -40.14 25.54 -25.17
N GLY G 458 -39.58 26.70 -24.87
CA GLY G 458 -38.43 27.18 -25.61
C GLY G 458 -37.18 27.46 -24.80
N VAL G 459 -36.18 28.00 -25.49
CA VAL G 459 -34.99 28.55 -24.85
C VAL G 459 -34.81 29.95 -25.41
N GLY G 460 -33.96 30.74 -24.76
CA GLY G 460 -33.72 32.10 -25.20
C GLY G 460 -34.97 32.96 -25.16
N HIS G 461 -35.22 33.70 -26.23
CA HIS G 461 -36.37 34.60 -26.30
C HIS G 461 -37.67 33.86 -26.61
N SER G 462 -37.60 32.53 -26.69
CA SER G 462 -38.81 31.72 -26.85
C SER G 462 -39.38 31.40 -25.47
N GLY G 463 -38.73 31.88 -24.43
CA GLY G 463 -39.20 31.69 -23.07
C GLY G 463 -38.46 30.63 -22.29
N HIS G 464 -39.12 30.11 -21.26
CA HIS G 464 -38.55 29.06 -20.43
C HIS G 464 -39.65 28.34 -19.66
N GLY G 465 -39.39 27.09 -19.30
CA GLY G 465 -40.40 26.26 -18.67
C GLY G 465 -41.02 25.33 -19.69
N ARG G 466 -41.78 24.35 -19.22
CA ARG G 466 -42.40 23.37 -20.11
C ARG G 466 -43.85 23.11 -19.73
N GLU G 467 -44.73 23.14 -20.73
CA GLU G 467 -46.10 22.71 -20.54
C GLU G 467 -46.42 21.63 -21.58
N LYS G 468 -47.66 21.14 -21.55
CA LYS G 468 -48.04 19.90 -22.24
C LYS G 468 -47.29 18.71 -21.63
N GLY G 469 -47.73 17.51 -21.98
CA GLY G 469 -47.11 16.29 -21.48
C GLY G 469 -47.22 16.13 -19.97
N PHE G 470 -46.66 15.03 -19.46
CA PHE G 470 -46.67 14.78 -18.03
C PHE G 470 -45.77 15.77 -17.30
N GLU G 471 -44.74 16.23 -18.02
CA GLU G 471 -43.75 17.15 -17.47
C GLU G 471 -44.37 18.45 -16.94
N ALA G 472 -45.49 18.85 -17.52
CA ALA G 472 -46.14 20.11 -17.16
C ALA G 472 -46.55 20.12 -15.69
N LEU G 473 -46.86 18.95 -15.15
CA LEU G 473 -47.29 18.84 -13.76
C LEU G 473 -46.22 19.28 -12.78
N TYR G 474 -44.95 19.09 -13.14
CA TYR G 474 -43.83 19.48 -12.29
C TYR G 474 -43.75 21.00 -12.18
N GLY G 475 -44.24 21.70 -13.19
CA GLY G 475 -44.26 23.14 -13.18
C GLY G 475 -45.43 23.71 -12.40
N PHE G 476 -46.48 22.92 -12.26
CA PHE G 476 -47.66 23.34 -11.52
C PHE G 476 -47.70 22.77 -10.12
N THR G 477 -46.58 22.23 -9.67
CA THR G 477 -46.44 21.78 -8.29
C THR G 477 -45.12 22.26 -7.70
N ALA G 478 -45.03 22.26 -6.38
CA ALA G 478 -43.80 22.59 -5.68
C ALA G 478 -43.42 21.45 -4.75
N LEU G 479 -42.14 21.11 -4.74
CA LEU G 479 -41.67 19.97 -3.95
C LEU G 479 -41.51 20.32 -2.47
N LYS G 480 -42.15 19.55 -1.61
CA LYS G 480 -41.93 19.65 -0.18
C LYS G 480 -41.19 18.41 0.31
N THR G 481 -40.08 18.62 1.01
CA THR G 481 -39.29 17.52 1.54
C THR G 481 -39.55 17.32 3.02
N ILE G 482 -39.91 16.10 3.40
CA ILE G 482 -40.22 15.79 4.80
C ILE G 482 -39.19 14.82 5.37
N ALA G 483 -38.44 15.27 6.37
CA ALA G 483 -37.42 14.46 7.00
C ALA G 483 -37.84 14.02 8.40
N ILE G 484 -38.08 12.72 8.57
CA ILE G 484 -38.55 12.19 9.83
C ILE G 484 -37.43 11.53 10.63
N ARG G 485 -37.19 12.04 11.83
CA ARG G 485 -36.26 11.42 12.77
C ARG G 485 -37.01 10.43 13.65
N HIS G 486 -36.73 9.14 13.49
CA HIS G 486 -37.47 8.12 14.23
C HIS G 486 -36.57 7.10 14.90
N GLY G 487 -35.28 7.12 14.57
CA GLY G 487 -34.33 6.21 15.16
C GLY G 487 -34.48 4.78 14.66
N ALA H 12 -6.87 39.20 -5.22
CA ALA H 12 -6.26 40.29 -5.97
C ALA H 12 -6.73 40.29 -7.42
N LYS H 13 -7.13 39.13 -7.91
CA LYS H 13 -7.51 38.98 -9.30
C LYS H 13 -8.77 38.12 -9.47
N HIS H 14 -9.33 38.13 -10.66
CA HIS H 14 -10.45 37.26 -10.99
C HIS H 14 -9.92 35.90 -11.47
N PHE H 15 -10.81 34.92 -11.56
CA PHE H 15 -10.44 33.61 -12.10
C PHE H 15 -11.22 33.38 -13.39
N ILE H 16 -10.61 33.74 -14.51
CA ILE H 16 -11.28 33.67 -15.81
C ILE H 16 -10.47 32.82 -16.77
N ALA H 17 -11.14 31.90 -17.46
CA ALA H 17 -10.52 31.01 -18.44
C ALA H 17 -9.38 30.21 -17.83
N GLY H 18 -9.54 29.80 -16.57
CA GLY H 18 -8.58 28.94 -15.91
C GLY H 18 -7.31 29.61 -15.44
N GLU H 19 -7.27 30.94 -15.49
CA GLU H 19 -6.10 31.68 -15.03
C GLU H 19 -6.53 32.91 -14.25
N TRP H 20 -5.66 33.36 -13.34
CA TRP H 20 -5.96 34.52 -12.52
C TRP H 20 -5.66 35.81 -13.28
N THR H 21 -6.68 36.63 -13.46
CA THR H 21 -6.57 37.83 -14.29
C THR H 21 -6.99 39.09 -13.51
N LEU H 22 -6.19 40.14 -13.66
CA LEU H 22 -6.46 41.42 -13.01
C LEU H 22 -7.80 42.00 -13.43
N PRO H 23 -8.45 42.75 -12.52
CA PRO H 23 -9.67 43.47 -12.88
C PRO H 23 -9.39 44.48 -14.00
N ALA H 24 -10.34 44.62 -14.93
CA ALA H 24 -10.14 45.49 -16.09
C ALA H 24 -9.86 46.93 -15.68
N GLN H 25 -10.50 47.38 -14.60
CA GLN H 25 -10.33 48.76 -14.14
C GLN H 25 -9.35 48.84 -12.96
N LEU H 26 -8.68 47.72 -12.68
CA LEU H 26 -7.54 47.68 -11.77
C LEU H 26 -7.81 48.17 -10.35
N GLU H 27 -9.06 48.14 -9.91
CA GLU H 27 -9.38 48.55 -8.55
C GLU H 27 -9.70 47.34 -7.68
N THR H 28 -9.62 47.52 -6.36
CA THR H 28 -9.78 46.41 -5.44
C THR H 28 -10.79 46.69 -4.32
N ILE H 29 -11.15 45.63 -3.59
CA ILE H 29 -12.04 45.73 -2.45
C ILE H 29 -11.37 45.07 -1.24
N PRO H 30 -11.38 45.76 -0.09
CA PRO H 30 -10.74 45.23 1.13
C PRO H 30 -11.46 44.02 1.71
N VAL H 31 -10.70 43.09 2.29
CA VAL H 31 -11.28 41.93 2.96
C VAL H 31 -11.11 42.09 4.46
N VAL H 32 -12.23 42.07 5.19
CA VAL H 32 -12.21 42.36 6.62
C VAL H 32 -12.48 41.11 7.46
N ASP H 33 -11.68 40.93 8.50
CA ASP H 33 -11.90 39.88 9.48
C ASP H 33 -12.88 40.37 10.55
N PRO H 34 -14.08 39.80 10.59
CA PRO H 34 -15.13 40.21 11.52
C PRO H 34 -14.77 40.01 12.98
N SER H 35 -13.76 39.20 13.25
CA SER H 35 -13.32 38.95 14.62
C SER H 35 -12.66 40.19 15.24
N ASP H 36 -11.97 40.96 14.41
CA ASP H 36 -11.33 42.18 14.88
C ASP H 36 -11.77 43.40 14.07
N GLY H 37 -12.50 43.16 12.99
CA GLY H 37 -12.95 44.24 12.13
C GLY H 37 -11.82 44.95 11.41
N GLN H 38 -10.77 44.18 11.08
CA GLN H 38 -9.57 44.76 10.48
C GLN H 38 -9.20 44.05 9.18
N PRO H 39 -8.82 44.83 8.16
CA PRO H 39 -8.45 44.31 6.84
C PRO H 39 -7.18 43.45 6.87
N PHE H 40 -7.17 42.37 6.11
CA PHE H 40 -6.01 41.48 6.06
C PHE H 40 -5.71 41.02 4.64
N ALA H 41 -6.63 41.30 3.73
CA ALA H 41 -6.48 40.89 2.33
C ALA H 41 -7.28 41.81 1.42
N THR H 42 -7.29 41.49 0.13
CA THR H 42 -8.01 42.30 -0.84
C THR H 42 -8.52 41.45 -2.01
N ILE H 43 -9.61 41.88 -2.61
CA ILE H 43 -10.17 41.19 -3.77
C ILE H 43 -10.39 42.18 -4.91
N ALA H 44 -10.44 41.67 -6.13
CA ALA H 44 -10.63 42.50 -7.31
C ALA H 44 -12.02 43.15 -7.32
N ARG H 45 -12.08 44.40 -7.73
CA ARG H 45 -13.35 45.10 -7.90
C ARG H 45 -13.90 44.84 -9.30
N GLY H 46 -14.77 43.84 -9.40
CA GLY H 46 -15.29 43.42 -10.69
C GLY H 46 -16.30 44.34 -11.31
N THR H 47 -16.21 44.51 -12.63
CA THR H 47 -17.12 45.38 -13.36
C THR H 47 -17.64 44.66 -14.61
N ALA H 48 -18.47 45.35 -15.38
CA ALA H 48 -19.07 44.79 -16.60
C ALA H 48 -18.05 44.20 -17.59
N PRO H 49 -16.88 44.84 -17.76
CA PRO H 49 -15.92 44.16 -18.66
C PRO H 49 -15.39 42.82 -18.12
N ASP H 50 -15.31 42.68 -16.80
CA ASP H 50 -14.86 41.43 -16.20
C ASP H 50 -15.87 40.31 -16.42
N ILE H 51 -17.14 40.62 -16.21
CA ILE H 51 -18.23 39.68 -16.42
C ILE H 51 -18.24 39.21 -17.87
N GLU H 52 -18.06 40.15 -18.79
CA GLU H 52 -18.01 39.85 -20.23
C GLU H 52 -16.95 38.80 -20.54
N ARG H 53 -15.75 38.98 -19.99
N ARG H 53 -15.76 38.97 -19.98
CA ARG H 53 -14.66 38.02 -20.19
CA ARG H 53 -14.67 38.01 -20.21
C ARG H 53 -15.00 36.68 -19.58
C ARG H 53 -14.96 36.67 -19.56
N ALA H 54 -15.68 36.69 -18.45
CA ALA H 54 -16.06 35.46 -17.76
C ALA H 54 -17.11 34.68 -18.53
N VAL H 55 -18.12 35.40 -19.04
CA VAL H 55 -19.19 34.76 -19.81
C VAL H 55 -18.63 34.20 -21.11
N ALA H 56 -17.77 34.97 -21.77
CA ALA H 56 -17.14 34.53 -23.00
C ALA H 56 -16.30 33.27 -22.77
N ALA H 57 -15.63 33.23 -21.62
CA ALA H 57 -14.81 32.08 -21.26
C ALA H 57 -15.68 30.86 -20.97
N ALA H 58 -16.82 31.09 -20.32
CA ALA H 58 -17.76 30.02 -20.02
C ALA H 58 -18.36 29.46 -21.30
N ARG H 59 -18.75 30.37 -22.20
CA ARG H 59 -19.37 29.98 -23.47
C ARG H 59 -18.43 29.13 -24.31
N ASP H 60 -17.16 29.52 -24.37
CA ASP H 60 -16.16 28.75 -25.10
C ASP H 60 -15.96 27.37 -24.49
N ALA H 61 -15.93 27.31 -23.16
CA ALA H 61 -15.75 26.05 -22.45
C ALA H 61 -16.93 25.11 -22.69
N PHE H 62 -18.14 25.66 -22.63
CA PHE H 62 -19.35 24.87 -22.85
C PHE H 62 -19.44 24.38 -24.29
N ALA H 63 -19.05 25.25 -25.22
CA ALA H 63 -19.09 24.90 -26.65
C ALA H 63 -17.93 23.99 -27.03
N GLY H 64 -16.93 23.91 -26.15
CA GLY H 64 -15.73 23.15 -26.43
C GLY H 64 -15.49 21.95 -25.53
N PRO H 65 -14.33 21.93 -24.84
CA PRO H 65 -13.83 20.83 -24.03
C PRO H 65 -14.80 20.33 -22.95
N TRP H 66 -15.37 21.23 -22.16
CA TRP H 66 -16.25 20.84 -21.06
C TRP H 66 -17.55 20.26 -21.58
N GLY H 67 -18.17 20.93 -22.55
CA GLY H 67 -19.41 20.45 -23.14
C GLY H 67 -19.26 19.18 -23.96
N ALA H 68 -18.02 18.88 -24.36
CA ALA H 68 -17.74 17.68 -25.13
C ALA H 68 -17.59 16.47 -24.22
N ALA H 69 -17.30 16.73 -22.95
CA ALA H 69 -17.11 15.66 -21.97
C ALA H 69 -18.42 14.94 -21.68
N SER H 70 -18.35 13.63 -21.54
CA SER H 70 -19.53 12.84 -21.19
C SER H 70 -19.89 13.09 -19.74
N ALA H 71 -21.10 12.68 -19.35
CA ALA H 71 -21.57 12.86 -17.99
C ALA H 71 -20.68 12.13 -16.99
N ALA H 72 -20.31 10.89 -17.34
CA ALA H 72 -19.43 10.09 -16.49
C ALA H 72 -18.09 10.78 -16.27
N GLU H 73 -17.60 11.44 -17.31
CA GLU H 73 -16.34 12.16 -17.22
C GLU H 73 -16.46 13.39 -16.32
N ARG H 74 -17.59 14.07 -16.37
CA ARG H 74 -17.84 15.22 -15.51
C ARG H 74 -17.93 14.77 -14.05
N GLY H 75 -18.49 13.59 -13.84
CA GLY H 75 -18.59 13.01 -12.52
C GLY H 75 -17.24 12.74 -11.89
N ARG H 76 -16.31 12.24 -12.70
CA ARG H 76 -14.98 11.92 -12.21
C ARG H 76 -14.22 13.19 -11.82
N VAL H 77 -14.49 14.28 -12.53
CA VAL H 77 -13.89 15.57 -12.20
C VAL H 77 -14.40 16.04 -10.84
N LEU H 78 -15.71 15.96 -10.65
CA LEU H 78 -16.34 16.36 -9.40
C LEU H 78 -15.87 15.51 -8.23
N MET H 79 -15.72 14.21 -8.46
CA MET H 79 -15.26 13.29 -7.41
C MET H 79 -13.82 13.59 -7.03
N ARG H 80 -12.98 13.87 -8.02
CA ARG H 80 -11.60 14.28 -7.75
C ARG H 80 -11.58 15.60 -7.01
N LEU H 81 -12.50 16.49 -7.36
CA LEU H 81 -12.62 17.78 -6.70
C LEU H 81 -13.06 17.59 -5.24
N SER H 82 -13.97 16.66 -5.04
CA SER H 82 -14.44 16.31 -3.69
C SER H 82 -13.28 15.88 -2.79
N ALA H 83 -12.39 15.06 -3.34
CA ALA H 83 -11.25 14.56 -2.59
C ALA H 83 -10.28 15.69 -2.25
N ARG H 84 -10.10 16.62 -3.17
CA ARG H 84 -9.23 17.78 -2.95
C ARG H 84 -9.78 18.67 -1.84
N VAL H 85 -11.11 18.76 -1.75
CA VAL H 85 -11.75 19.54 -0.71
C VAL H 85 -11.58 18.85 0.64
N THR H 86 -11.70 17.53 0.63
CA THR H 86 -11.56 16.73 1.84
C THR H 86 -10.14 16.82 2.41
N ASP H 87 -9.15 16.93 1.52
CA ASP H 87 -7.77 17.08 1.96
C ASP H 87 -7.46 18.51 2.37
N SER H 88 -8.34 19.43 1.98
CA SER H 88 -8.12 20.85 2.27
C SER H 88 -9.12 21.37 3.30
N ILE H 89 -9.66 20.49 4.13
CA ILE H 89 -10.65 20.87 5.13
C ILE H 89 -10.12 21.94 6.07
N GLU H 90 -8.98 21.66 6.71
CA GLU H 90 -8.38 22.57 7.68
C GLU H 90 -8.00 23.90 7.04
N GLU H 91 -7.47 23.83 5.83
CA GLU H 91 -7.09 25.03 5.09
C GLU H 91 -8.31 25.89 4.76
N LEU H 92 -9.33 25.26 4.18
CA LEU H 92 -10.54 25.98 3.77
C LEU H 92 -11.31 26.51 4.98
N ALA H 93 -11.31 25.75 6.07
CA ALA H 93 -12.00 26.14 7.29
C ALA H 93 -11.35 27.38 7.90
N ALA H 94 -10.02 27.42 7.90
CA ALA H 94 -9.28 28.56 8.41
C ALA H 94 -9.62 29.82 7.62
N ILE H 95 -9.67 29.68 6.30
CA ILE H 95 -10.02 30.79 5.42
C ILE H 95 -11.45 31.24 5.68
N GLU H 96 -12.37 30.29 5.70
CA GLU H 96 -13.80 30.57 5.87
C GLU H 96 -14.08 31.22 7.23
N ALA H 97 -13.49 30.66 8.28
CA ALA H 97 -13.72 31.15 9.63
C ALA H 97 -13.20 32.58 9.81
N ARG H 98 -12.07 32.88 9.20
CA ARG H 98 -11.46 34.20 9.31
C ARG H 98 -12.25 35.23 8.51
N ASP H 99 -12.80 34.78 7.38
CA ASP H 99 -13.45 35.67 6.43
C ASP H 99 -14.93 35.90 6.77
N THR H 100 -15.59 34.89 7.30
CA THR H 100 -17.02 34.99 7.62
C THR H 100 -17.25 35.28 9.11
N GLY H 101 -16.32 34.82 9.95
CA GLY H 101 -16.42 35.04 11.38
C GLY H 101 -16.92 33.84 12.16
N LYS H 102 -17.45 32.85 11.47
CA LYS H 102 -18.00 31.66 12.12
C LYS H 102 -16.90 30.87 12.83
N PRO H 103 -17.25 30.20 13.94
CA PRO H 103 -16.29 29.37 14.68
C PRO H 103 -15.66 28.29 13.82
N LEU H 104 -14.44 27.87 14.17
CA LEU H 104 -13.70 26.89 13.39
C LEU H 104 -14.47 25.59 13.18
N LYS H 105 -15.27 25.21 14.18
CA LYS H 105 -16.03 23.97 14.12
C LYS H 105 -17.06 24.01 12.99
N GLN H 106 -17.73 25.14 12.84
CA GLN H 106 -18.73 25.31 11.80
C GLN H 106 -18.05 25.50 10.44
N ALA H 107 -16.90 26.16 10.43
CA ALA H 107 -16.14 26.37 9.21
C ALA H 107 -15.59 25.04 8.69
N ARG H 108 -15.29 24.14 9.62
CA ARG H 108 -14.81 22.81 9.26
C ARG H 108 -15.95 21.98 8.66
N ALA H 109 -17.13 22.11 9.27
CA ALA H 109 -18.31 21.38 8.80
C ALA H 109 -18.75 21.86 7.42
N ASP H 110 -18.60 23.16 7.17
CA ASP H 110 -18.92 23.75 5.88
C ASP H 110 -18.04 23.17 4.79
N ALA H 111 -16.76 23.03 5.10
CA ALA H 111 -15.80 22.47 4.16
C ALA H 111 -16.13 21.02 3.85
N ALA H 112 -16.53 20.27 4.88
CA ALA H 112 -16.92 18.87 4.69
C ALA H 112 -18.18 18.77 3.85
N ALA H 113 -19.12 19.67 4.10
CA ALA H 113 -20.37 19.70 3.34
C ALA H 113 -20.09 20.00 1.87
N LEU H 114 -19.13 20.89 1.64
CA LEU H 114 -18.69 21.21 0.29
C LEU H 114 -18.22 19.96 -0.45
N ALA H 115 -17.39 19.16 0.21
CA ALA H 115 -16.89 17.93 -0.38
C ALA H 115 -18.03 16.94 -0.61
N ARG H 116 -19.00 16.93 0.30
CA ARG H 116 -20.14 16.05 0.20
C ARG H 116 -21.02 16.43 -0.99
N TYR H 117 -21.15 17.73 -1.23
CA TYR H 117 -21.90 18.21 -2.40
C TYR H 117 -21.29 17.68 -3.69
N PHE H 118 -19.98 17.84 -3.82
CA PHE H 118 -19.27 17.40 -5.02
C PHE H 118 -19.27 15.89 -5.14
N GLU H 119 -19.21 15.20 -4.00
CA GLU H 119 -19.24 13.75 -3.98
C GLU H 119 -20.59 13.20 -4.44
N PHE H 120 -21.66 13.80 -3.93
CA PHE H 120 -23.01 13.38 -4.25
C PHE H 120 -23.33 13.61 -5.72
N TYR H 121 -23.02 14.81 -6.21
CA TYR H 121 -23.33 15.17 -7.59
C TYR H 121 -22.42 14.47 -8.58
N ALA H 122 -21.25 14.04 -8.12
CA ALA H 122 -20.33 13.29 -8.96
C ALA H 122 -20.98 11.99 -9.44
N GLY H 123 -21.67 11.32 -8.52
CA GLY H 123 -22.36 10.10 -8.85
C GLY H 123 -23.71 10.32 -9.50
N ALA H 124 -24.15 11.57 -9.52
CA ALA H 124 -25.46 11.91 -10.08
C ALA H 124 -25.38 12.23 -11.57
N ALA H 125 -24.22 12.68 -12.01
CA ALA H 125 -24.02 13.19 -13.38
C ALA H 125 -24.54 12.24 -14.46
N ASP H 126 -24.08 10.99 -14.45
CA ASP H 126 -24.44 10.06 -15.51
C ASP H 126 -25.74 9.32 -15.20
N LYS H 127 -26.47 9.77 -14.19
CA LYS H 127 -27.71 9.13 -13.79
C LYS H 127 -28.91 10.07 -13.89
N LEU H 128 -28.68 11.22 -14.50
CA LEU H 128 -29.77 12.15 -14.82
C LEU H 128 -30.47 11.66 -16.08
N HIS H 129 -31.58 10.95 -15.91
CA HIS H 129 -32.25 10.29 -17.03
C HIS H 129 -33.36 11.12 -17.63
N GLY H 130 -33.51 11.02 -18.95
CA GLY H 130 -34.68 11.56 -19.63
C GLY H 130 -35.74 10.47 -19.74
N GLU H 131 -36.70 10.63 -20.63
CA GLU H 131 -37.78 9.67 -20.75
C GLU H 131 -38.02 9.26 -22.20
N THR H 132 -38.73 8.14 -22.38
CA THR H 132 -39.34 7.81 -23.65
C THR H 132 -40.84 7.76 -23.42
N LEU H 133 -41.59 8.48 -24.25
CA LEU H 133 -43.01 8.69 -24.01
C LEU H 133 -43.89 7.91 -24.99
N PRO H 134 -44.91 7.23 -24.47
CA PRO H 134 -45.90 6.53 -25.30
C PRO H 134 -46.60 7.49 -26.25
N TYR H 135 -46.61 7.16 -27.53
CA TYR H 135 -47.20 8.04 -28.53
C TYR H 135 -47.87 7.24 -29.64
N GLN H 136 -48.16 7.90 -30.75
CA GLN H 136 -48.90 7.30 -31.86
C GLN H 136 -48.13 6.13 -32.47
N ALA H 137 -48.84 5.33 -33.27
CA ALA H 137 -48.23 4.20 -33.97
C ALA H 137 -47.21 4.68 -34.98
N GLY H 138 -46.08 3.98 -35.05
CA GLY H 138 -45.01 4.36 -35.96
C GLY H 138 -44.21 5.56 -35.50
N TYR H 139 -44.34 5.88 -34.22
CA TYR H 139 -43.63 7.01 -33.63
C TYR H 139 -42.73 6.59 -32.47
N THR H 140 -41.62 7.29 -32.31
CA THR H 140 -40.77 7.12 -31.14
C THR H 140 -40.49 8.49 -30.52
N VAL H 141 -40.89 8.65 -29.26
CA VAL H 141 -40.69 9.90 -28.56
C VAL H 141 -39.72 9.70 -27.40
N LEU H 142 -38.63 10.45 -27.41
CA LEU H 142 -37.68 10.42 -26.31
C LEU H 142 -37.38 11.84 -25.84
N THR H 143 -37.02 11.95 -24.57
CA THR H 143 -36.66 13.25 -24.00
C THR H 143 -35.25 13.21 -23.45
N VAL H 144 -34.54 14.32 -23.61
CA VAL H 144 -33.18 14.45 -23.10
C VAL H 144 -33.08 15.66 -22.20
N ARG H 145 -32.41 15.52 -21.06
CA ARG H 145 -32.24 16.63 -20.13
C ARG H 145 -30.89 17.30 -20.37
N GLU H 146 -30.93 18.41 -21.11
CA GLU H 146 -29.71 19.09 -21.54
C GLU H 146 -29.37 20.27 -20.64
N PRO H 147 -28.07 20.53 -20.46
CA PRO H 147 -27.63 21.71 -19.69
C PRO H 147 -28.13 23.00 -20.33
N HIS H 148 -28.36 24.02 -19.52
CA HIS H 148 -28.81 25.32 -20.02
C HIS H 148 -27.74 25.93 -20.93
N GLY H 149 -26.48 25.68 -20.60
CA GLY H 149 -25.36 26.27 -21.31
C GLY H 149 -24.41 26.98 -20.36
N VAL H 150 -24.61 28.28 -20.21
CA VAL H 150 -23.84 29.06 -19.24
C VAL H 150 -24.74 29.44 -18.07
N THR H 151 -24.35 29.03 -16.87
CA THR H 151 -25.12 29.35 -15.67
C THR H 151 -24.43 30.45 -14.86
N GLY H 152 -25.23 31.34 -14.30
CA GLY H 152 -24.72 32.39 -13.42
C GLY H 152 -25.05 32.07 -11.97
N HIS H 153 -24.13 32.40 -11.07
CA HIS H 153 -24.30 32.07 -9.67
C HIS H 153 -23.98 33.24 -8.76
N ILE H 154 -24.98 33.72 -8.03
CA ILE H 154 -24.80 34.75 -7.02
C ILE H 154 -24.73 34.08 -5.66
N VAL H 155 -23.56 34.12 -5.04
CA VAL H 155 -23.32 33.43 -3.78
C VAL H 155 -23.14 34.42 -2.64
N PRO H 156 -23.89 34.24 -1.55
CA PRO H 156 -23.87 35.15 -0.40
C PRO H 156 -22.66 34.95 0.51
N TRP H 157 -22.63 35.69 1.61
CA TRP H 157 -21.47 35.72 2.50
C TRP H 157 -21.60 34.80 3.71
N ASN H 158 -22.80 34.31 3.98
CA ASN H 158 -23.05 33.53 5.20
C ASN H 158 -22.58 32.09 5.10
N TYR H 159 -22.71 31.50 3.92
CA TYR H 159 -22.18 30.18 3.66
C TYR H 159 -21.54 30.11 2.28
N PRO H 160 -20.36 30.76 2.12
CA PRO H 160 -19.67 30.79 0.83
C PRO H 160 -19.44 29.40 0.24
N MET H 161 -18.81 28.51 0.98
CA MET H 161 -18.49 27.18 0.47
C MET H 161 -19.72 26.30 0.24
N GLN H 162 -20.59 26.21 1.25
CA GLN H 162 -21.74 25.32 1.17
C GLN H 162 -22.69 25.68 0.03
N ILE H 163 -22.94 26.96 -0.15
CA ILE H 163 -23.86 27.41 -1.19
C ILE H 163 -23.18 27.37 -2.56
N PHE H 164 -21.86 27.57 -2.58
CA PHE H 164 -21.08 27.35 -3.79
C PHE H 164 -21.19 25.88 -4.19
N GLY H 165 -21.11 25.00 -3.20
CA GLY H 165 -21.18 23.58 -3.42
C GLY H 165 -22.49 23.10 -4.03
N ARG H 166 -23.60 23.58 -3.50
CA ARG H 166 -24.91 23.15 -3.98
C ARG H 166 -25.21 23.76 -5.35
N SER H 167 -24.74 24.99 -5.57
CA SER H 167 -25.08 25.71 -6.79
C SER H 167 -24.21 25.27 -7.95
N VAL H 168 -22.89 25.43 -7.81
CA VAL H 168 -21.96 25.11 -8.87
C VAL H 168 -21.86 23.60 -9.06
N GLY H 169 -21.92 22.86 -7.97
CA GLY H 169 -21.84 21.41 -8.01
C GLY H 169 -22.90 20.77 -8.87
N ALA H 170 -24.15 21.19 -8.70
CA ALA H 170 -25.25 20.67 -9.49
C ALA H 170 -25.19 21.18 -10.92
N ALA H 171 -24.80 22.44 -11.09
CA ALA H 171 -24.69 23.04 -12.41
C ALA H 171 -23.62 22.35 -13.25
N LEU H 172 -22.48 22.04 -12.63
CA LEU H 172 -21.40 21.35 -13.32
C LEU H 172 -21.82 19.92 -13.67
N ALA H 173 -22.46 19.24 -12.71
CA ALA H 173 -22.94 17.88 -12.93
C ALA H 173 -23.95 17.83 -14.07
N ALA H 174 -24.73 18.89 -14.19
CA ALA H 174 -25.73 18.99 -15.25
C ALA H 174 -25.07 19.20 -16.61
N GLY H 175 -23.83 19.65 -16.59
CA GLY H 175 -23.07 19.87 -17.81
C GLY H 175 -22.89 21.34 -18.18
N ASN H 176 -23.24 22.23 -17.27
CA ASN H 176 -23.14 23.67 -17.53
C ASN H 176 -21.73 24.19 -17.29
N ALA H 177 -21.44 25.36 -17.85
CA ALA H 177 -20.25 26.13 -17.51
C ALA H 177 -20.70 27.25 -16.58
N CYS H 178 -19.85 27.61 -15.61
CA CYS H 178 -20.31 28.45 -14.51
C CYS H 178 -19.60 29.80 -14.41
N VAL H 179 -20.40 30.85 -14.23
CA VAL H 179 -19.89 32.17 -13.90
C VAL H 179 -20.41 32.52 -12.51
N VAL H 180 -19.50 32.71 -11.57
CA VAL H 180 -19.89 32.92 -10.18
C VAL H 180 -19.49 34.31 -9.69
N LYS H 181 -20.45 35.00 -9.08
CA LYS H 181 -20.18 36.28 -8.43
C LYS H 181 -20.41 36.11 -6.93
N PRO H 182 -19.36 35.73 -6.19
CA PRO H 182 -19.47 35.54 -4.75
C PRO H 182 -19.57 36.87 -4.00
N ALA H 183 -19.97 36.81 -2.74
CA ALA H 183 -20.23 38.02 -1.95
C ALA H 183 -18.95 38.78 -1.60
N GLU H 184 -19.03 40.10 -1.62
CA GLU H 184 -17.87 40.95 -1.36
C GLU H 184 -17.51 40.99 0.13
N ASP H 185 -18.40 40.51 0.98
CA ASP H 185 -18.11 40.48 2.42
C ASP H 185 -17.35 39.23 2.81
N ALA H 186 -17.46 38.18 1.98
CA ALA H 186 -16.75 36.93 2.22
C ALA H 186 -16.75 36.06 0.97
N CYS H 187 -15.56 35.83 0.40
CA CYS H 187 -15.46 35.03 -0.82
C CYS H 187 -14.06 34.46 -1.04
N LEU H 188 -13.22 34.53 -0.01
CA LEU H 188 -11.84 34.05 -0.14
C LEU H 188 -11.77 32.53 -0.27
N SER H 189 -12.59 31.82 0.50
CA SER H 189 -12.61 30.37 0.47
C SER H 189 -12.96 29.87 -0.93
N VAL H 190 -13.92 30.54 -1.56
CA VAL H 190 -14.42 30.17 -2.88
C VAL H 190 -13.31 30.29 -3.94
N LEU H 191 -12.42 31.26 -3.76
CA LEU H 191 -11.31 31.46 -4.69
C LEU H 191 -10.34 30.26 -4.69
N ARG H 192 -10.02 29.76 -3.50
CA ARG H 192 -9.14 28.60 -3.39
C ARG H 192 -9.80 27.36 -3.99
N VAL H 193 -11.11 27.24 -3.81
CA VAL H 193 -11.87 26.11 -4.34
C VAL H 193 -11.75 26.05 -5.87
N ALA H 194 -11.69 27.23 -6.50
CA ALA H 194 -11.51 27.31 -7.95
C ALA H 194 -10.17 26.70 -8.36
N GLU H 195 -9.16 26.87 -7.51
CA GLU H 195 -7.83 26.34 -7.78
C GLU H 195 -7.82 24.82 -7.66
N LEU H 196 -8.60 24.29 -6.72
CA LEU H 196 -8.70 22.85 -6.53
C LEU H 196 -9.41 22.19 -7.71
N ALA H 197 -10.36 22.89 -8.30
CA ALA H 197 -11.11 22.36 -9.44
C ALA H 197 -10.21 22.22 -10.66
N ALA H 198 -9.36 23.21 -10.88
CA ALA H 198 -8.39 23.16 -11.97
C ALA H 198 -7.44 21.98 -11.77
N GLU H 199 -7.09 21.73 -10.51
CA GLU H 199 -6.23 20.59 -10.16
C GLU H 199 -6.96 19.26 -10.41
N ALA H 200 -8.28 19.28 -10.21
CA ALA H 200 -9.10 18.07 -10.36
C ALA H 200 -9.29 17.70 -11.83
N GLY H 201 -8.88 18.60 -12.72
CA GLY H 201 -8.98 18.35 -14.15
C GLY H 201 -10.10 19.09 -14.85
N LEU H 202 -10.74 19.99 -14.13
CA LEU H 202 -11.82 20.80 -14.71
C LEU H 202 -11.23 21.74 -15.76
N PRO H 203 -11.74 21.65 -17.00
CA PRO H 203 -11.25 22.47 -18.12
C PRO H 203 -11.34 23.96 -17.83
N ALA H 204 -10.39 24.72 -18.37
CA ALA H 204 -10.36 26.16 -18.18
C ALA H 204 -11.60 26.81 -18.78
N GLY H 205 -12.28 27.64 -18.00
CA GLY H 205 -13.47 28.32 -18.46
C GLY H 205 -14.76 27.70 -17.96
N ALA H 206 -14.68 26.46 -17.52
CA ALA H 206 -15.86 25.76 -16.99
C ALA H 206 -16.30 26.38 -15.66
N LEU H 207 -15.34 26.91 -14.93
CA LEU H 207 -15.63 27.60 -13.67
C LEU H 207 -14.93 28.96 -13.64
N ASN H 208 -15.73 30.03 -13.65
CA ASN H 208 -15.19 31.38 -13.63
C ASN H 208 -15.70 32.13 -12.40
N ILE H 209 -14.79 32.85 -11.75
N ILE H 209 -14.80 32.85 -11.74
CA ILE H 209 -15.11 33.59 -10.54
CA ILE H 209 -15.17 33.59 -10.53
C ILE H 209 -14.80 35.08 -10.73
C ILE H 209 -14.80 35.06 -10.66
N VAL H 210 -15.82 35.91 -10.61
CA VAL H 210 -15.63 37.36 -10.69
C VAL H 210 -16.08 37.98 -9.37
N THR H 211 -15.11 38.46 -8.59
CA THR H 211 -15.42 39.10 -7.31
C THR H 211 -15.80 40.56 -7.52
N GLY H 212 -16.49 41.14 -6.54
CA GLY H 212 -16.89 42.53 -6.60
C GLY H 212 -18.20 42.82 -5.90
N TYR H 213 -18.61 44.08 -5.93
CA TYR H 213 -19.88 44.49 -5.31
C TYR H 213 -21.06 43.96 -6.11
N GLY H 214 -22.18 43.77 -5.42
CA GLY H 214 -23.40 43.32 -6.07
C GLY H 214 -23.96 44.30 -7.10
N HIS H 215 -23.83 45.59 -6.82
CA HIS H 215 -24.39 46.62 -7.69
C HIS H 215 -23.51 46.87 -8.91
N GLU H 216 -22.35 46.23 -8.94
CA GLU H 216 -21.45 46.31 -10.09
C GLU H 216 -21.32 44.96 -10.79
N ALA H 217 -20.52 44.08 -10.22
CA ALA H 217 -20.28 42.76 -10.81
C ALA H 217 -21.54 41.90 -10.80
N GLY H 218 -22.30 41.98 -9.71
CA GLY H 218 -23.54 41.21 -9.60
C GLY H 218 -24.60 41.66 -10.57
N ALA H 219 -24.77 42.97 -10.70
CA ALA H 219 -25.74 43.53 -11.63
C ALA H 219 -25.37 43.21 -13.07
N ALA H 220 -24.09 43.29 -13.40
CA ALA H 220 -23.62 43.01 -14.75
C ALA H 220 -23.85 41.55 -15.13
N LEU H 221 -23.75 40.67 -14.15
CA LEU H 221 -23.99 39.25 -14.38
C LEU H 221 -25.47 39.02 -14.66
N ALA H 222 -26.33 39.67 -13.88
CA ALA H 222 -27.77 39.54 -14.02
C ALA H 222 -28.27 40.14 -15.33
N ARG H 223 -27.56 41.15 -15.83
CA ARG H 223 -27.98 41.84 -17.05
C ARG H 223 -27.47 41.17 -18.32
N HIS H 224 -26.45 40.33 -18.17
CA HIS H 224 -25.76 39.77 -19.33
C HIS H 224 -26.65 38.80 -20.10
N PRO H 225 -26.78 39.03 -21.42
CA PRO H 225 -27.60 38.19 -22.31
C PRO H 225 -26.92 36.89 -22.73
N GLY H 226 -25.68 36.70 -22.30
CA GLY H 226 -24.94 35.49 -22.62
C GLY H 226 -25.12 34.39 -21.59
N ILE H 227 -25.93 34.66 -20.57
CA ILE H 227 -26.24 33.68 -19.52
C ILE H 227 -27.57 33.00 -19.82
N ASP H 228 -27.72 31.73 -19.39
CA ASP H 228 -28.90 30.93 -19.70
C ASP H 228 -29.63 30.54 -18.41
N HIS H 229 -28.89 30.23 -17.34
CA HIS H 229 -29.58 30.16 -16.07
C HIS H 229 -29.14 31.32 -15.14
N ILE H 230 -29.94 31.67 -14.14
CA ILE H 230 -29.36 32.31 -12.98
C ILE H 230 -29.80 31.64 -11.67
N SER H 231 -28.81 31.28 -10.86
CA SER H 231 -29.06 30.74 -9.53
C SER H 231 -28.74 31.75 -8.44
N PHE H 232 -29.78 32.31 -7.82
CA PHE H 232 -29.59 33.37 -6.84
C PHE H 232 -29.90 32.96 -5.40
N THR H 233 -29.00 33.34 -4.49
CA THR H 233 -29.24 33.22 -3.06
C THR H 233 -28.92 34.55 -2.38
N GLY H 234 -29.88 35.08 -1.63
CA GLY H 234 -29.70 36.35 -0.95
C GLY H 234 -31.00 36.97 -0.47
N SER H 235 -30.99 38.29 -0.30
CA SER H 235 -32.15 39.01 0.21
C SER H 235 -33.28 39.06 -0.82
N PRO H 236 -34.53 39.12 -0.35
CA PRO H 236 -35.70 39.25 -1.23
C PRO H 236 -35.62 40.45 -2.16
N ALA H 237 -35.21 41.59 -1.63
CA ALA H 237 -35.10 42.82 -2.41
C ALA H 237 -34.13 42.66 -3.57
N THR H 238 -32.98 42.06 -3.29
CA THR H 238 -31.95 41.87 -4.32
C THR H 238 -32.40 40.82 -5.31
N GLY H 239 -33.07 39.77 -4.81
CA GLY H 239 -33.61 38.73 -5.67
C GLY H 239 -34.65 39.27 -6.63
N LYS H 240 -35.41 40.27 -6.17
CA LYS H 240 -36.40 40.94 -7.00
C LYS H 240 -35.71 41.62 -8.18
N LEU H 241 -34.64 42.35 -7.89
CA LEU H 241 -33.87 43.04 -8.94
C LEU H 241 -33.27 42.07 -9.95
N VAL H 242 -32.63 41.01 -9.44
CA VAL H 242 -31.98 40.02 -10.29
C VAL H 242 -32.96 39.40 -11.27
N THR H 243 -34.14 39.05 -10.77
CA THR H 243 -35.19 38.48 -11.61
C THR H 243 -35.60 39.47 -12.69
N GLN H 244 -35.87 40.71 -12.29
CA GLN H 244 -36.30 41.74 -13.23
C GLN H 244 -35.20 42.12 -14.21
N MET H 245 -33.95 42.08 -13.75
CA MET H 245 -32.82 42.34 -14.63
C MET H 245 -32.70 41.24 -15.67
N ALA H 246 -32.73 39.99 -15.20
CA ALA H 246 -32.57 38.84 -16.08
C ALA H 246 -33.77 38.66 -17.00
N ALA H 247 -34.89 39.26 -16.63
CA ALA H 247 -36.11 39.17 -17.43
C ALA H 247 -35.93 39.84 -18.79
N GLU H 248 -35.00 40.79 -18.86
CA GLU H 248 -34.73 41.52 -20.10
C GLU H 248 -34.19 40.60 -21.19
N ASN H 249 -33.59 39.49 -20.78
CA ASN H 249 -33.08 38.51 -21.72
C ASN H 249 -33.85 37.20 -21.63
N HIS H 250 -34.97 37.25 -20.91
CA HIS H 250 -35.82 36.08 -20.69
C HIS H 250 -35.03 34.92 -20.06
N VAL H 251 -34.18 35.26 -19.11
CA VAL H 251 -33.36 34.29 -18.41
C VAL H 251 -34.02 33.87 -17.10
N PRO H 252 -34.33 32.57 -16.95
CA PRO H 252 -34.92 32.02 -15.74
C PRO H 252 -34.01 32.16 -14.52
N VAL H 253 -34.60 32.42 -13.35
CA VAL H 253 -33.82 32.66 -12.14
C VAL H 253 -34.36 31.87 -10.95
N THR H 254 -33.49 31.08 -10.32
CA THR H 254 -33.83 30.41 -9.07
C THR H 254 -33.60 31.37 -7.90
N LEU H 255 -34.60 31.49 -7.03
CA LEU H 255 -34.49 32.37 -5.87
C LEU H 255 -34.45 31.60 -4.56
N GLU H 256 -33.28 31.55 -3.93
CA GLU H 256 -33.15 31.04 -2.57
C GLU H 256 -33.06 32.21 -1.60
N LEU H 257 -34.20 32.64 -1.09
CA LEU H 257 -34.25 33.85 -0.27
C LEU H 257 -34.30 33.53 1.22
N GLY H 258 -34.49 34.56 2.04
CA GLY H 258 -34.52 34.40 3.48
C GLY H 258 -35.80 33.77 4.00
N GLY H 259 -35.93 33.70 5.32
CA GLY H 259 -37.11 33.10 5.92
C GLY H 259 -37.37 33.50 7.35
N LYS H 260 -38.46 32.97 7.90
CA LYS H 260 -38.83 33.16 9.29
C LYS H 260 -39.32 31.83 9.84
N SER H 261 -38.49 30.80 9.71
CA SER H 261 -38.88 29.42 9.97
C SER H 261 -39.23 29.17 11.44
N PRO H 262 -40.39 28.53 11.67
CA PRO H 262 -40.90 28.27 13.01
C PRO H 262 -40.52 26.89 13.56
N GLN H 263 -40.30 26.83 14.86
CA GLN H 263 -40.16 25.55 15.56
C GLN H 263 -41.45 25.30 16.34
N ILE H 264 -42.21 24.28 15.94
CA ILE H 264 -43.50 24.01 16.56
C ILE H 264 -43.36 22.89 17.58
N VAL H 265 -43.57 23.22 18.85
CA VAL H 265 -43.38 22.27 19.94
C VAL H 265 -44.70 22.02 20.67
N PHE H 266 -45.06 20.76 20.81
CA PHE H 266 -46.30 20.40 21.51
C PHE H 266 -46.01 19.90 22.92
N ALA H 267 -47.08 19.74 23.71
CA ALA H 267 -46.95 19.36 25.10
C ALA H 267 -46.49 17.91 25.28
N ASP H 268 -46.60 17.12 24.23
CA ASP H 268 -46.22 15.70 24.32
C ASP H 268 -44.81 15.47 23.76
N ALA H 269 -44.13 16.56 23.42
CA ALA H 269 -42.79 16.47 22.82
C ALA H 269 -41.72 16.13 23.84
N ASP H 270 -40.61 15.60 23.35
CA ASP H 270 -39.45 15.31 24.18
C ASP H 270 -38.60 16.58 24.28
N LEU H 271 -38.78 17.33 25.37
CA LEU H 271 -38.11 18.61 25.54
C LEU H 271 -36.61 18.45 25.70
N ASP H 272 -36.18 17.34 26.28
CA ASP H 272 -34.76 17.06 26.46
C ASP H 272 -34.04 16.94 25.13
N ALA H 273 -34.66 16.22 24.19
CA ALA H 273 -34.06 15.99 22.88
C ALA H 273 -34.27 17.19 21.95
N ALA H 274 -35.30 17.97 22.23
CA ALA H 274 -35.63 19.12 21.40
C ALA H 274 -34.76 20.33 21.75
N LEU H 275 -34.45 20.48 23.02
CA LEU H 275 -33.75 21.67 23.53
C LEU H 275 -32.44 22.02 22.80
N PRO H 276 -31.52 21.05 22.66
CA PRO H 276 -30.25 21.46 22.02
C PRO H 276 -30.40 21.77 20.54
N VAL H 277 -31.39 21.17 19.88
CA VAL H 277 -31.64 21.42 18.47
C VAL H 277 -32.29 22.79 18.30
N LEU H 278 -33.21 23.13 19.20
CA LEU H 278 -33.86 24.43 19.19
C LEU H 278 -32.84 25.55 19.37
N VAL H 279 -31.75 25.24 20.06
CA VAL H 279 -30.70 26.21 20.32
C VAL H 279 -29.78 26.34 19.11
N SER H 280 -29.28 25.21 18.62
CA SER H 280 -28.34 25.20 17.51
C SER H 280 -28.96 25.76 16.23
N ALA H 281 -30.28 25.65 16.10
CA ALA H 281 -30.97 26.08 14.90
C ALA H 281 -30.95 27.61 14.74
N ILE H 282 -30.77 28.32 15.85
CA ILE H 282 -30.78 29.77 15.84
C ILE H 282 -29.40 30.33 16.18
N VAL H 283 -28.56 29.50 16.79
CA VAL H 283 -27.24 29.94 17.22
C VAL H 283 -26.19 29.71 16.11
N GLN H 284 -26.42 28.70 15.29
CA GLN H 284 -25.48 28.38 14.20
C GLN H 284 -25.26 29.58 13.27
N ASN H 285 -23.99 29.88 13.02
CA ASN H 285 -23.59 30.99 12.15
C ASN H 285 -24.16 32.32 12.66
N GLY H 286 -24.38 32.40 13.98
CA GLY H 286 -24.93 33.59 14.58
C GLY H 286 -26.30 33.97 14.05
N GLY H 287 -27.11 32.96 13.74
CA GLY H 287 -28.44 33.20 13.21
C GLY H 287 -28.45 33.70 11.77
N GLN H 288 -27.26 33.86 11.20
CA GLN H 288 -27.14 34.33 9.83
C GLN H 288 -27.35 33.17 8.86
N THR H 289 -28.57 32.64 8.84
CA THR H 289 -28.93 31.51 8.00
C THR H 289 -30.35 31.70 7.48
N CYS H 290 -30.55 31.47 6.18
CA CYS H 290 -31.87 31.62 5.57
C CYS H 290 -32.91 30.75 6.27
N SER H 291 -32.51 29.52 6.60
CA SER H 291 -33.43 28.55 7.20
C SER H 291 -33.32 28.49 8.72
N ALA H 292 -32.86 29.58 9.33
CA ALA H 292 -32.71 29.64 10.78
C ALA H 292 -34.05 29.50 11.49
N GLY H 293 -34.09 28.70 12.54
CA GLY H 293 -35.28 28.57 13.36
C GLY H 293 -35.45 29.77 14.28
N SER H 294 -35.94 30.86 13.72
CA SER H 294 -36.02 32.13 14.44
C SER H 294 -37.29 32.26 15.27
N ARG H 295 -38.21 31.33 15.08
CA ARG H 295 -39.44 31.31 15.87
C ARG H 295 -39.64 29.95 16.53
N VAL H 296 -39.99 29.95 17.80
CA VAL H 296 -40.36 28.72 18.49
C VAL H 296 -41.80 28.85 18.99
N LEU H 297 -42.68 28.05 18.41
CA LEU H 297 -44.09 28.07 18.77
C LEU H 297 -44.40 26.91 19.72
N ILE H 298 -44.78 27.24 20.95
CA ILE H 298 -44.95 26.25 21.99
C ILE H 298 -46.40 26.12 22.44
N GLU H 299 -46.88 24.88 22.56
CA GLU H 299 -48.22 24.64 23.09
C GLU H 299 -48.29 25.17 24.52
N ARG H 300 -49.41 25.79 24.87
CA ARG H 300 -49.57 26.51 26.14
C ARG H 300 -49.15 25.72 27.38
N ALA H 301 -49.37 24.41 27.36
CA ALA H 301 -49.09 23.56 28.51
C ALA H 301 -47.60 23.54 28.87
N VAL H 302 -46.74 23.64 27.87
CA VAL H 302 -45.30 23.54 28.10
C VAL H 302 -44.57 24.82 27.67
N TYR H 303 -45.30 25.91 27.53
CA TYR H 303 -44.71 27.19 27.12
C TYR H 303 -43.67 27.65 28.14
N GLU H 304 -44.12 27.87 29.38
CA GLU H 304 -43.24 28.32 30.45
C GLU H 304 -42.11 27.33 30.78
N PRO H 305 -42.39 26.02 30.84
CA PRO H 305 -41.27 25.10 31.09
C PRO H 305 -40.20 25.13 30.00
N LEU H 306 -40.60 25.20 28.73
CA LEU H 306 -39.64 25.20 27.64
C LEU H 306 -38.89 26.52 27.53
N VAL H 307 -39.60 27.63 27.79
CA VAL H 307 -38.96 28.93 27.79
C VAL H 307 -37.88 28.98 28.86
N GLU H 308 -38.17 28.39 30.01
CA GLU H 308 -37.22 28.33 31.11
C GLU H 308 -35.97 27.54 30.72
N ARG H 309 -36.19 26.42 30.03
CA ARG H 309 -35.07 25.61 29.54
C ARG H 309 -34.28 26.35 28.47
N LEU H 310 -34.99 27.05 27.60
CA LEU H 310 -34.33 27.83 26.55
C LEU H 310 -33.51 28.96 27.15
N ALA H 311 -34.00 29.49 28.27
CA ALA H 311 -33.30 30.56 28.98
C ALA H 311 -32.00 30.03 29.58
N THR H 312 -32.05 28.80 30.09
CA THR H 312 -30.88 28.15 30.68
C THR H 312 -29.75 28.01 29.67
N ALA H 313 -30.08 27.48 28.49
CA ALA H 313 -29.10 27.24 27.45
C ALA H 313 -28.50 28.55 26.92
N PHE H 314 -29.34 29.55 26.74
CA PHE H 314 -28.90 30.84 26.21
C PHE H 314 -27.92 31.54 27.15
N ASN H 315 -28.16 31.43 28.44
CA ASN H 315 -27.32 32.08 29.45
C ASN H 315 -25.91 31.48 29.46
N GLY H 316 -25.77 30.25 28.98
CA GLY H 316 -24.49 29.58 28.96
C GLY H 316 -23.68 29.79 27.69
N LEU H 317 -24.33 30.34 26.66
CA LEU H 317 -23.66 30.57 25.38
C LEU H 317 -22.60 31.66 25.48
N ARG H 318 -21.47 31.42 24.84
CA ARG H 318 -20.35 32.37 24.86
C ARG H 318 -19.98 32.83 23.46
N VAL H 319 -19.81 34.14 23.31
CA VAL H 319 -19.42 34.73 22.04
C VAL H 319 -17.97 35.23 22.11
N GLY H 320 -17.18 34.88 21.11
CA GLY H 320 -15.81 35.32 21.05
C GLY H 320 -15.26 35.29 19.62
N PRO H 321 -13.95 35.54 19.47
CA PRO H 321 -13.29 35.50 18.17
C PRO H 321 -13.47 34.15 17.47
N SER H 322 -13.31 34.13 16.16
CA SER H 322 -13.49 32.90 15.38
C SER H 322 -12.49 31.83 15.80
N ARG H 323 -11.24 32.25 16.05
CA ARG H 323 -10.18 31.33 16.44
C ARG H 323 -10.46 30.69 17.80
N ALA H 324 -11.22 31.41 18.64
CA ALA H 324 -11.57 30.90 19.96
C ALA H 324 -12.49 29.68 19.85
N ASP H 325 -13.19 29.58 18.73
CA ASP H 325 -14.07 28.46 18.43
C ASP H 325 -15.07 28.21 19.57
N LEU H 326 -15.85 29.22 19.89
CA LEU H 326 -16.83 29.12 20.96
C LEU H 326 -18.21 28.78 20.40
N ASP H 327 -19.24 29.03 21.20
CA ASP H 327 -20.61 28.75 20.79
C ASP H 327 -21.02 29.60 19.59
N CYS H 328 -20.63 30.87 19.61
CA CYS H 328 -21.00 31.81 18.56
C CYS H 328 -19.88 32.79 18.27
N GLY H 329 -19.74 33.17 17.01
CA GLY H 329 -18.76 34.16 16.62
C GLY H 329 -19.37 35.52 16.38
N PRO H 330 -18.61 36.44 15.76
CA PRO H 330 -19.13 37.76 15.42
C PRO H 330 -20.04 37.73 14.19
N LEU H 331 -20.78 38.80 13.98
CA LEU H 331 -21.57 38.93 12.76
C LEU H 331 -20.65 39.39 11.63
N ILE H 332 -21.15 39.38 10.40
CA ILE H 332 -20.30 39.57 9.23
C ILE H 332 -19.71 40.98 9.15
N ASN H 333 -20.49 41.99 9.50
CA ASN H 333 -20.00 43.37 9.48
C ASN H 333 -20.81 44.27 10.41
N ALA H 334 -20.43 45.54 10.48
CA ALA H 334 -21.08 46.50 11.36
C ALA H 334 -22.51 46.78 10.93
N LYS H 335 -22.74 46.79 9.62
CA LYS H 335 -24.06 47.07 9.07
C LYS H 335 -25.09 46.02 9.52
N GLN H 336 -24.66 44.77 9.58
CA GLN H 336 -25.52 43.69 10.03
C GLN H 336 -25.65 43.69 11.55
N GLN H 337 -24.59 44.11 12.23
CA GLN H 337 -24.61 44.22 13.68
C GLN H 337 -25.60 45.30 14.09
N GLN H 338 -25.64 46.38 13.32
CA GLN H 338 -26.55 47.48 13.59
C GLN H 338 -27.99 47.05 13.32
N ARG H 339 -28.17 46.19 12.31
CA ARG H 339 -29.49 45.68 11.98
C ARG H 339 -30.07 44.86 13.12
N VAL H 340 -29.24 44.01 13.71
CA VAL H 340 -29.66 43.17 14.82
C VAL H 340 -29.89 44.03 16.06
N TRP H 341 -29.02 45.00 16.27
CA TRP H 341 -29.17 45.96 17.36
C TRP H 341 -30.51 46.69 17.27
N ASP H 342 -30.89 47.06 16.04
CA ASP H 342 -32.14 47.77 15.82
C ASP H 342 -33.35 46.91 16.16
N PHE H 343 -33.32 45.65 15.76
CA PHE H 343 -34.38 44.71 16.08
C PHE H 343 -34.55 44.55 17.58
N LEU H 344 -33.43 44.33 18.27
CA LEU H 344 -33.44 44.13 19.71
C LEU H 344 -33.86 45.39 20.45
N SER H 345 -33.43 46.54 19.95
CA SER H 345 -33.79 47.82 20.57
C SER H 345 -35.27 48.12 20.41
N ASP H 346 -35.81 47.85 19.23
CA ASP H 346 -37.22 48.08 18.95
C ASP H 346 -38.11 47.22 19.84
N ALA H 347 -37.77 45.93 19.95
CA ALA H 347 -38.54 45.00 20.76
C ALA H 347 -38.53 45.43 22.22
N GLN H 348 -37.37 45.87 22.70
CA GLN H 348 -37.22 46.34 24.07
C GLN H 348 -38.12 47.54 24.34
N HIS H 349 -38.30 48.38 23.31
CA HIS H 349 -39.15 49.55 23.43
C HIS H 349 -40.63 49.15 23.52
N ASP H 350 -41.00 48.11 22.77
CA ASP H 350 -42.39 47.68 22.71
C ASP H 350 -42.75 46.78 23.90
N GLY H 351 -41.81 46.61 24.83
CA GLY H 351 -42.07 45.85 26.03
C GLY H 351 -41.94 44.35 25.89
N ILE H 352 -41.29 43.91 24.81
CA ILE H 352 -41.03 42.49 24.61
C ILE H 352 -39.88 42.06 25.51
N PRO H 353 -40.17 41.21 26.50
CA PRO H 353 -39.17 40.81 27.50
C PRO H 353 -38.08 39.91 26.91
N MET H 354 -36.83 40.15 27.29
CA MET H 354 -35.74 39.27 26.92
C MET H 354 -35.53 38.23 28.01
N ALA H 355 -35.86 36.98 27.72
CA ALA H 355 -35.79 35.91 28.71
C ALA H 355 -34.35 35.63 29.12
N ALA H 356 -33.45 35.59 28.14
CA ALA H 356 -32.04 35.31 28.41
C ALA H 356 -31.17 35.73 27.24
N HIS H 357 -29.87 35.77 27.47
CA HIS H 357 -28.92 36.10 26.41
C HIS H 357 -27.53 35.53 26.71
N GLY H 358 -26.73 35.35 25.67
CA GLY H 358 -25.38 34.86 25.82
C GLY H 358 -24.44 35.94 26.33
N GLN H 359 -23.15 35.62 26.38
CA GLN H 359 -22.16 36.57 26.88
C GLN H 359 -20.97 36.66 25.93
N VAL H 360 -20.59 37.88 25.58
CA VAL H 360 -19.40 38.12 24.79
C VAL H 360 -18.19 38.12 25.72
N VAL H 361 -17.23 37.24 25.44
CA VAL H 361 -16.06 37.07 26.29
C VAL H 361 -15.27 38.37 26.42
N ALA H 362 -14.48 38.48 27.48
CA ALA H 362 -13.79 39.72 27.81
C ALA H 362 -12.70 40.08 26.80
N ASP H 363 -11.93 39.08 26.38
CA ASP H 363 -10.79 39.33 25.51
C ASP H 363 -11.20 39.52 24.05
N ALA H 364 -12.50 39.53 23.79
CA ALA H 364 -13.02 39.76 22.45
C ALA H 364 -12.75 41.20 22.01
N PRO H 365 -12.16 41.36 20.82
CA PRO H 365 -11.83 42.68 20.26
C PRO H 365 -13.03 43.62 20.16
N GLU H 366 -12.86 44.85 20.65
CA GLU H 366 -13.94 45.83 20.65
C GLU H 366 -14.28 46.28 19.23
N SER H 367 -13.29 46.27 18.35
CA SER H 367 -13.48 46.69 16.97
C SER H 367 -14.22 45.63 16.17
N GLY H 368 -14.32 44.42 16.74
CA GLY H 368 -15.07 43.35 16.12
C GLY H 368 -16.56 43.56 16.24
N PHE H 369 -17.34 42.81 15.48
CA PHE H 369 -18.80 42.97 15.46
C PHE H 369 -19.48 41.80 16.16
N TYR H 370 -19.38 41.78 17.49
CA TYR H 370 -19.92 40.67 18.27
C TYR H 370 -21.34 40.94 18.75
N GLN H 371 -22.13 39.89 18.84
CA GLN H 371 -23.51 39.98 19.28
C GLN H 371 -23.94 38.68 19.97
N ALA H 372 -24.27 38.78 21.25
CA ALA H 372 -24.68 37.61 22.03
C ALA H 372 -26.07 37.14 21.59
N PRO H 373 -26.26 35.82 21.53
CA PRO H 373 -27.57 35.24 21.21
C PRO H 373 -28.62 35.70 22.19
N ALA H 374 -29.77 36.15 21.69
CA ALA H 374 -30.82 36.69 22.56
C ALA H 374 -32.10 35.89 22.45
N LEU H 375 -32.72 35.62 23.59
CA LEU H 375 -33.99 34.90 23.64
C LEU H 375 -35.11 35.80 24.13
N LEU H 376 -36.04 36.12 23.25
CA LEU H 376 -37.18 36.96 23.61
C LEU H 376 -38.46 36.15 23.67
N ARG H 377 -39.28 36.44 24.67
CA ARG H 377 -40.50 35.67 24.92
C ARG H 377 -41.75 36.52 24.75
N ASP H 378 -42.91 35.85 24.75
CA ASP H 378 -44.21 36.52 24.64
C ASP H 378 -44.27 37.43 23.43
N VAL H 379 -43.65 37.02 22.34
CA VAL H 379 -43.55 37.85 21.14
C VAL H 379 -44.86 37.85 20.37
N PRO H 380 -45.44 39.04 20.16
CA PRO H 380 -46.65 39.17 19.34
C PRO H 380 -46.40 38.69 17.92
N PRO H 381 -47.29 37.86 17.38
CA PRO H 381 -47.11 37.31 16.03
C PRO H 381 -47.07 38.37 14.94
N SER H 382 -47.76 39.50 15.17
CA SER H 382 -47.82 40.56 14.17
C SER H 382 -46.65 41.53 14.31
N HIS H 383 -45.90 41.42 15.39
CA HIS H 383 -44.77 42.30 15.63
C HIS H 383 -43.67 42.07 14.60
N ARG H 384 -42.94 43.13 14.24
CA ARG H 384 -41.90 43.07 13.23
C ARG H 384 -40.87 41.98 13.52
N LEU H 385 -40.56 41.79 14.80
CA LEU H 385 -39.59 40.80 15.23
C LEU H 385 -40.02 39.38 14.86
N ALA H 386 -41.34 39.16 14.84
CA ALA H 386 -41.89 37.84 14.55
C ALA H 386 -42.36 37.72 13.10
N GLN H 387 -42.24 38.80 12.34
CA GLN H 387 -42.72 38.84 10.97
C GLN H 387 -41.60 38.97 9.95
N GLU H 388 -40.52 39.62 10.35
CA GLU H 388 -39.42 39.89 9.42
C GLU H 388 -38.14 39.17 9.84
N GLU H 389 -37.34 38.79 8.85
CA GLU H 389 -36.09 38.09 9.10
C GLU H 389 -35.06 39.01 9.75
N VAL H 390 -34.39 38.51 10.78
CA VAL H 390 -33.44 39.32 11.54
C VAL H 390 -32.01 39.09 11.06
N PHE H 391 -31.72 37.84 10.70
CA PHE H 391 -30.38 37.39 10.35
C PHE H 391 -29.42 37.67 11.51
N GLY H 392 -29.86 37.32 12.71
CA GLY H 392 -29.06 37.39 13.90
C GLY H 392 -29.43 36.26 14.84
N PRO H 393 -28.68 36.09 15.93
CA PRO H 393 -28.96 35.01 16.87
C PRO H 393 -30.10 35.38 17.83
N VAL H 394 -31.26 35.69 17.27
CA VAL H 394 -32.40 36.13 18.06
C VAL H 394 -33.58 35.19 17.89
N LEU H 395 -34.02 34.59 19.00
CA LEU H 395 -35.13 33.65 18.96
C LEU H 395 -36.40 34.27 19.54
N ALA H 396 -37.50 34.17 18.79
CA ALA H 396 -38.77 34.72 19.23
C ALA H 396 -39.71 33.60 19.68
N ALA H 397 -40.15 33.67 20.92
CA ALA H 397 -41.03 32.64 21.48
C ALA H 397 -42.45 33.15 21.67
N MET H 398 -43.41 32.27 21.42
CA MET H 398 -44.83 32.58 21.62
C MET H 398 -45.61 31.29 21.76
N ARG H 399 -46.88 31.39 22.16
CA ARG H 399 -47.68 30.20 22.45
C ARG H 399 -48.86 30.02 21.49
N PHE H 400 -49.35 28.79 21.40
CA PHE H 400 -50.57 28.49 20.64
C PHE H 400 -51.46 27.54 21.45
N VAL H 401 -52.74 27.52 21.13
CA VAL H 401 -53.71 26.72 21.88
C VAL H 401 -53.89 25.32 21.27
N ASP H 402 -53.90 25.25 19.94
CA ASP H 402 -54.10 23.97 19.26
C ASP H 402 -53.36 23.93 17.92
N GLU H 403 -53.60 22.87 17.16
CA GLU H 403 -52.96 22.70 15.86
C GLU H 403 -53.36 23.81 14.90
N ASP H 404 -54.62 24.22 14.94
CA ASP H 404 -55.13 25.23 14.03
C ASP H 404 -54.40 26.57 14.19
N GLU H 405 -54.16 26.97 15.43
CA GLU H 405 -53.44 28.21 15.67
C GLU H 405 -51.96 28.04 15.36
N ALA H 406 -51.44 26.85 15.63
CA ALA H 406 -50.05 26.54 15.32
C ALA H 406 -49.79 26.69 13.82
N VAL H 407 -50.72 26.19 13.01
CA VAL H 407 -50.62 26.32 11.56
C VAL H 407 -50.75 27.79 11.15
N ALA H 408 -51.72 28.48 11.75
CA ALA H 408 -51.97 29.88 11.45
C ALA H 408 -50.75 30.75 11.73
N LEU H 409 -50.11 30.51 12.87
CA LEU H 409 -48.90 31.25 13.24
C LEU H 409 -47.73 30.91 12.32
N ALA H 410 -47.56 29.62 12.05
CA ALA H 410 -46.46 29.14 11.22
C ALA H 410 -46.54 29.71 9.80
N ASN H 411 -47.73 29.72 9.22
CA ASN H 411 -47.92 30.24 7.88
C ASN H 411 -48.29 31.72 7.89
N GLY H 412 -48.21 32.34 9.07
CA GLY H 412 -48.66 33.72 9.25
C GLY H 412 -47.67 34.79 8.86
N THR H 413 -46.51 34.39 8.35
CA THR H 413 -45.51 35.34 7.88
C THR H 413 -45.41 35.22 6.36
N PRO H 414 -44.85 36.24 5.69
CA PRO H 414 -44.71 36.15 4.23
C PRO H 414 -43.75 35.05 3.79
N TYR H 415 -43.00 34.49 4.72
CA TYR H 415 -41.96 33.51 4.41
C TYR H 415 -42.48 32.07 4.47
N GLY H 416 -41.72 31.16 3.88
CA GLY H 416 -42.05 29.74 3.89
C GLY H 416 -40.89 28.92 3.39
N LEU H 417 -39.86 28.77 4.22
CA LEU H 417 -38.66 28.07 3.81
C LEU H 417 -38.59 26.66 4.40
N VAL H 418 -38.39 26.57 5.71
CA VAL H 418 -38.40 25.28 6.39
C VAL H 418 -39.27 25.36 7.64
N ALA H 419 -39.50 24.20 8.26
CA ALA H 419 -40.29 24.14 9.49
C ALA H 419 -39.95 22.88 10.27
N GLY H 420 -39.91 23.00 11.60
CA GLY H 420 -39.67 21.86 12.46
C GLY H 420 -40.89 21.52 13.31
N ILE H 421 -41.19 20.24 13.42
CA ILE H 421 -42.31 19.78 14.22
C ILE H 421 -41.82 18.90 15.36
N TRP H 422 -42.22 19.24 16.58
CA TRP H 422 -41.81 18.47 17.75
C TRP H 422 -43.03 17.98 18.52
N THR H 423 -43.35 16.70 18.35
CA THR H 423 -44.50 16.07 19.01
C THR H 423 -44.36 14.55 18.96
N ARG H 424 -44.99 13.87 19.91
CA ARG H 424 -44.90 12.42 19.99
CA ARG H 424 -44.92 12.41 20.01
C ARG H 424 -45.94 11.76 19.09
N ASP H 425 -47.06 12.43 18.88
CA ASP H 425 -48.17 11.90 18.09
C ASP H 425 -47.82 11.79 16.60
N GLY H 426 -47.86 10.57 16.08
CA GLY H 426 -47.52 10.32 14.70
C GLY H 426 -48.47 10.92 13.67
N ALA H 427 -49.76 10.75 13.92
CA ALA H 427 -50.79 11.29 13.03
C ALA H 427 -50.66 12.82 12.92
N ARG H 428 -50.44 13.47 14.04
CA ARG H 428 -50.27 14.91 14.08
C ARG H 428 -49.05 15.36 13.28
N GLN H 429 -47.98 14.57 13.36
CA GLN H 429 -46.74 14.87 12.65
C GLN H 429 -46.97 15.02 11.16
N MET H 430 -47.56 14.01 10.54
CA MET H 430 -47.79 14.03 9.10
C MET H 430 -48.91 14.99 8.74
N ARG H 431 -49.88 15.14 9.62
CA ARG H 431 -51.01 16.03 9.40
C ARG H 431 -50.55 17.47 9.27
N LEU H 432 -49.73 17.92 10.23
CA LEU H 432 -49.18 19.27 10.20
C LEU H 432 -48.25 19.48 9.01
N ALA H 433 -47.42 18.47 8.73
CA ALA H 433 -46.46 18.54 7.65
C ALA H 433 -47.13 18.86 6.31
N ARG H 434 -48.34 18.33 6.13
CA ARG H 434 -49.11 18.62 4.92
C ARG H 434 -49.60 20.07 4.93
N ARG H 435 -49.97 20.56 6.10
CA ARG H 435 -50.57 21.90 6.23
C ARG H 435 -49.52 23.01 6.22
N LEU H 436 -48.31 22.70 6.67
CA LEU H 436 -47.26 23.70 6.75
C LEU H 436 -46.78 24.11 5.35
N ARG H 437 -46.56 25.41 5.16
CA ARG H 437 -46.06 25.91 3.89
C ARG H 437 -44.56 26.12 3.96
N ALA H 438 -43.82 25.14 3.49
CA ALA H 438 -42.36 25.18 3.48
C ALA H 438 -41.81 24.17 2.47
N GLY H 439 -40.59 24.39 2.02
CA GLY H 439 -39.93 23.45 1.14
C GLY H 439 -39.48 22.22 1.88
N GLN H 440 -39.17 22.40 3.17
CA GLN H 440 -38.71 21.31 4.02
C GLN H 440 -39.46 21.28 5.35
N VAL H 441 -39.91 20.10 5.74
CA VAL H 441 -40.52 19.90 7.05
C VAL H 441 -39.73 18.85 7.81
N PHE H 442 -39.26 19.22 9.00
CA PHE H 442 -38.47 18.31 9.82
C PHE H 442 -39.28 17.78 11.01
N ILE H 443 -39.29 16.46 11.17
CA ILE H 443 -40.02 15.81 12.24
C ILE H 443 -39.07 15.35 13.34
N ASN H 444 -39.19 15.96 14.51
CA ASN H 444 -38.36 15.66 15.67
C ASN H 444 -36.87 15.79 15.35
N ASN H 445 -36.56 16.75 14.48
CA ASN H 445 -35.18 17.11 14.15
C ASN H 445 -35.19 18.46 13.43
N TYR H 446 -34.06 18.83 12.85
CA TYR H 446 -33.98 20.08 12.09
C TYR H 446 -32.82 20.04 11.09
N GLY H 447 -32.63 18.90 10.45
CA GLY H 447 -31.57 18.73 9.47
C GLY H 447 -30.22 18.39 10.09
N GLY H 450 -26.57 17.00 7.49
CA GLY H 450 -25.99 17.68 6.34
C GLY H 450 -27.03 18.35 5.46
N GLY H 451 -27.98 17.54 4.98
CA GLY H 451 -29.07 18.06 4.16
C GLY H 451 -28.74 18.17 2.67
N VAL H 452 -27.61 17.60 2.28
CA VAL H 452 -27.16 17.64 0.89
C VAL H 452 -28.16 16.93 -0.02
N GLU H 453 -28.71 15.82 0.46
CA GLU H 453 -29.64 15.01 -0.32
C GLU H 453 -31.06 15.58 -0.31
N LEU H 454 -31.29 16.58 0.51
CA LEU H 454 -32.64 17.11 0.72
C LEU H 454 -32.89 18.38 -0.08
N PRO H 455 -33.74 18.28 -1.11
CA PRO H 455 -34.12 19.44 -1.94
C PRO H 455 -34.58 20.61 -1.11
N PHE H 456 -33.99 21.78 -1.36
CA PHE H 456 -34.15 22.95 -0.50
C PHE H 456 -34.68 24.13 -1.31
N GLY H 457 -35.65 24.84 -0.75
CA GLY H 457 -36.27 25.96 -1.43
C GLY H 457 -37.51 26.46 -0.69
N GLY H 458 -37.97 27.64 -1.06
CA GLY H 458 -39.09 28.24 -0.36
C GLY H 458 -40.33 28.51 -1.19
N VAL H 459 -41.38 28.97 -0.51
CA VAL H 459 -42.57 29.49 -1.16
C VAL H 459 -42.74 30.93 -0.70
N GLY H 460 -43.59 31.68 -1.39
CA GLY H 460 -43.82 33.07 -1.05
C GLY H 460 -42.57 33.92 -1.16
N HIS H 461 -42.29 34.70 -0.13
CA HIS H 461 -41.15 35.61 -0.14
C HIS H 461 -39.84 34.91 0.21
N SER H 462 -39.89 33.60 0.36
CA SER H 462 -38.68 32.80 0.55
C SER H 462 -38.10 32.39 -0.81
N GLY H 463 -38.76 32.84 -1.87
CA GLY H 463 -38.30 32.57 -3.23
C GLY H 463 -39.04 31.44 -3.92
N HIS H 464 -38.41 30.87 -4.95
CA HIS H 464 -38.98 29.73 -5.65
C HIS H 464 -37.89 28.90 -6.31
N GLY H 465 -38.20 27.65 -6.61
CA GLY H 465 -37.22 26.73 -7.15
C GLY H 465 -36.63 25.85 -6.06
N ARG H 466 -35.87 24.84 -6.47
CA ARG H 466 -35.28 23.90 -5.53
C ARG H 466 -33.84 23.57 -5.89
N GLU H 467 -32.93 23.74 -4.93
CA GLU H 467 -31.56 23.27 -5.09
C GLU H 467 -31.28 22.23 -4.00
N LYS H 468 -30.05 21.74 -3.97
CA LYS H 468 -29.66 20.55 -3.20
C LYS H 468 -30.36 19.30 -3.73
N GLY H 469 -29.85 18.13 -3.31
CA GLY H 469 -30.45 16.86 -3.71
C GLY H 469 -30.39 16.60 -5.20
N PHE H 470 -30.98 15.48 -5.62
CA PHE H 470 -31.02 15.12 -7.03
C PHE H 470 -31.93 16.07 -7.80
N GLU H 471 -32.96 16.57 -7.11
CA GLU H 471 -33.96 17.47 -7.68
C GLU H 471 -33.34 18.72 -8.30
N ALA H 472 -32.19 19.14 -7.79
CA ALA H 472 -31.53 20.35 -8.26
C ALA H 472 -31.15 20.27 -9.73
N LEU H 473 -30.77 19.08 -10.19
CA LEU H 473 -30.37 18.86 -11.57
C LEU H 473 -31.45 19.24 -12.57
N TYR H 474 -32.72 19.11 -12.17
CA TYR H 474 -33.82 19.46 -13.04
C TYR H 474 -33.86 20.96 -13.27
N GLY H 475 -33.56 21.73 -12.23
CA GLY H 475 -33.52 23.18 -12.35
C GLY H 475 -32.35 23.67 -13.18
N PHE H 476 -31.30 22.88 -13.25
CA PHE H 476 -30.09 23.24 -13.99
C PHE H 476 -30.07 22.64 -15.38
N THR H 477 -31.18 22.03 -15.79
CA THR H 477 -31.29 21.49 -17.14
C THR H 477 -32.61 21.93 -17.79
N ALA H 478 -32.69 21.74 -19.11
CA ALA H 478 -33.92 22.01 -19.86
C ALA H 478 -34.28 20.79 -20.67
N LEU H 479 -35.57 20.47 -20.73
CA LEU H 479 -36.03 19.27 -21.40
C LEU H 479 -36.18 19.48 -22.90
N LYS H 480 -35.54 18.62 -23.68
CA LYS H 480 -35.74 18.57 -25.12
C LYS H 480 -36.48 17.30 -25.49
N THR H 481 -37.56 17.45 -26.27
CA THR H 481 -38.34 16.30 -26.70
C THR H 481 -38.08 16.00 -28.17
N ILE H 482 -37.74 14.76 -28.47
CA ILE H 482 -37.47 14.34 -29.84
C ILE H 482 -38.55 13.38 -30.32
N ALA H 483 -39.27 13.79 -31.35
CA ALA H 483 -40.34 12.97 -31.91
C ALA H 483 -39.96 12.42 -33.27
N ILE H 484 -39.84 11.11 -33.36
CA ILE H 484 -39.39 10.46 -34.59
C ILE H 484 -40.55 9.73 -35.28
N ARG H 485 -40.78 10.08 -36.55
CA ARG H 485 -41.74 9.35 -37.37
C ARG H 485 -41.01 8.34 -38.23
N HIS H 486 -41.27 7.05 -38.00
CA HIS H 486 -40.56 6.00 -38.70
C HIS H 486 -41.50 4.94 -39.29
N GLY H 487 -42.75 4.94 -38.81
CA GLY H 487 -43.72 3.98 -39.30
C GLY H 487 -43.57 2.60 -38.68
C1 EDO I . 52.68 -47.29 1.83
O1 EDO I . 51.38 -46.70 1.64
C2 EDO I . 53.32 -47.55 0.47
O2 EDO I . 54.59 -48.17 0.66
MG MG J . 30.59 -31.76 4.98
CA CA K . 49.45 -37.29 -17.73
MG MG L . 45.67 -33.13 16.47
C1 EDO M . 12.58 -10.73 21.40
O1 EDO M . 12.70 -10.73 22.83
C2 EDO M . 13.80 -11.39 20.79
O2 EDO M . 13.90 -12.74 21.24
C1 EDO N . 22.38 -16.18 6.04
O1 EDO N . 22.89 -16.11 4.70
C2 EDO N . 21.19 -17.12 6.08
O2 EDO N . 21.59 -18.42 5.62
CA CA O . 26.10 -39.71 38.46
C1 EDO P . 29.82 25.36 21.09
O1 EDO P . 30.14 26.35 22.07
C2 EDO P . 29.29 24.11 21.79
O2 EDO P . 27.95 24.34 22.26
C1 EDO Q . 39.74 13.57 14.25
O1 EDO Q . 38.80 14.37 14.96
C2 EDO Q . 39.86 14.05 12.82
O2 EDO Q . 40.29 15.42 12.81
MG MG R . 44.57 17.45 28.60
CA CA S . 11.56 22.28 24.81
CA CA T . 64.71 29.50 33.56
CA CA U . 68.42 21.54 3.37
MG MG V . -35.85 -17.85 3.71
CA CA W . -8.91 -22.27 -15.58
C1 EDO X . -67.62 -29.46 -1.49
O1 EDO X . -67.77 -28.37 -2.39
C2 EDO X . -66.35 -30.25 -1.83
O2 EDO X . -65.20 -29.43 -1.61
C1 EDO Y . -34.21 -11.56 18.95
O1 EDO Y . -34.86 -10.29 19.01
C2 EDO Y . -35.16 -12.61 18.39
O2 EDO Y . -35.51 -12.26 17.04
C1 EDO Z . -51.05 9.14 -28.94
O1 EDO Z . -51.87 10.26 -29.30
C2 EDO Z . -51.85 7.84 -29.09
O2 EDO Z . -52.16 7.61 -30.46
CA CA AA . -50.96 -30.59 17.90
CA CA BA . -68.93 -21.87 -6.69
C1 EDO CA . -38.16 30.86 -13.40
O1 EDO CA . -37.39 31.97 -12.95
C2 EDO CA . -39.45 30.77 -12.60
O2 EDO CA . -40.19 31.98 -12.76
C1 EDO DA . -74.14 39.66 -24.19
O1 EDO DA . -74.69 40.95 -24.48
C2 EDO DA . -73.68 38.99 -25.48
O2 EDO DA . -72.62 39.73 -26.07
C1 EDO EA . -47.78 31.89 -0.21
O1 EDO EA . -48.47 33.14 -0.11
C2 EDO EA . -48.73 30.75 0.11
O2 EDO EA . -49.79 30.71 -0.86
C1 EDO FA . -54.13 44.68 -9.10
O1 EDO FA . -53.70 43.45 -8.51
C2 EDO FA . -52.91 45.46 -9.58
O2 EDO FA . -53.33 46.46 -10.52
C1 EDO GA . -50.50 39.79 -50.89
O1 EDO GA . -49.59 39.07 -50.04
C2 EDO GA . -51.89 39.20 -50.77
O2 EDO GA . -52.39 39.39 -49.44
CA CA HA . -62.46 37.97 -32.17
CA CA IA . -42.40 32.71 -4.27
C1 EDO JA . -46.22 32.61 3.08
O1 EDO JA . -45.44 31.96 2.07
C2 EDO JA . -46.72 31.59 4.09
O2 EDO JA . -47.75 30.79 3.49
C1 EDO KA . -1.99 46.13 -14.52
O1 EDO KA . -0.90 46.58 -13.70
C2 EDO KA . -1.81 46.64 -15.95
O2 EDO KA . -2.92 46.22 -16.74
C1 EDO LA . -15.59 7.36 -19.89
O1 EDO LA . -16.68 6.45 -19.63
C2 EDO LA . -15.75 7.96 -21.28
O2 EDO LA . -17.01 8.63 -21.39
C1 EDO MA . -27.91 26.14 3.90
O1 EDO MA . -29.16 25.90 3.24
C2 EDO MA . -26.84 26.49 2.88
O2 EDO MA . -26.67 25.40 1.96
CA CA NA . -14.81 39.11 5.42
#